data_5UX5
#
_entry.id   5UX5
#
_cell.length_a   84.959
_cell.length_b   116.360
_cell.length_c   140.734
_cell.angle_alpha   71.480
_cell.angle_beta   89.680
_cell.angle_gamma   83.420
#
_symmetry.space_group_name_H-M   'P 1'
#
loop_
_entity.id
_entity.type
_entity.pdbx_description
1 polymer 'BIFUNCTIONAL PROTEIN Proline utilization A (PutA)'
2 non-polymer 'FLAVIN-ADENINE DINUCLEOTIDE'
3 non-polymer NICOTINAMIDE-ADENINE-DINUCLEOTIDE
4 non-polymer 'SULFATE ION'
#
_entity_poly.entity_id   1
_entity_poly.type   'polypeptide(L)'
_entity_poly.pdbx_seq_one_letter_code
;GHMQEGEQLMSYINRDLENLQERIIARANEWLAAEQKSAKSKETEQLAAMVHDPSGVEFTMRFVDRVARPQDNQVAAREL
TKLTDTELPGFIGPIDRALVNTGAKMAKFVPNFIMPAARTRLRQMVSHLVLDAEGKALNKLLDESKAKGYRLNVNLLGEA
VLGDGEANNRLTRTMELLKNPRVDYVSIKATSVVAQLNPWDIDGNTELLKERLRPLYRLALQRSPHPFINLDMEEYKDLH
VTIRLFEELLMEEEFLGLEAGIVLQAYLPDSFQALQQLADFAKRRAAAGGAKIKIRLVKGANLSMEKVDAELHGWYPAPY
ATKEEVDANFLRMMDYILRPEHENVRVGIASHNLFSVASAYELSVERGVETQLDVEMLQGMAPAQAEAVRQAVGTVILYT
PVVHAEDFDVAVSYLVRRLEENGAPENFLYALFGGDLTEQEARFRESVAQRWKVAEDSRRLSTPETFNASDSDPALLSTL
EWARTLEDPQPKWRLITDVEEVDKTVAGLLKSPRLDIAERTALLQRAADELENIRQDLLGVMTHEAGKTIAEADPEVSEA
IDFARYYARCANALNTPGHSKFTPHNLVVVASPWNFPVAIPLGGVFASLAAGAKAILKPAPEVRRCAEVALTALRKAGIG
EDLVQLMHTDEADAGRRLMSHPDVDAIILTGASETASLFRGWKPEMNIHAETSGKNAIIVTPSADPDLAVADVYKSAFGH
AGQKCSAASLVILVGDVGRFTDQLIDATRTLRVGYGHELSTTMNGLISPPGEKLHRGLTTLETGESWLVKPEKLNDEGTL
WSPGIRDNVRPGSWFHTHECFGPVLGIMHAESLEQAIEWQNSTGFGLTGGIHSLDEDEVELWKEKVEVGNAYINRGITGA
IVQRQPFGGWKNSSVGVGAKAGGPNYVAQLGTWEDIESDVPSVSLPPAYRELANTEFLKRAAALDEIAWRTEFGVEQDFT
GLRCESNVFRYRPLETLYVVGDDEEQFNRLKLAALRTGTELRKLETHEWFPPHSRIRAIGDAPVPTTIYEWAALNGSVVI
DGPVLADGRRELLHFLKEQAVSTTNHRFGYIKEETS
;
_entity_poly.pdbx_strand_id   A,B,C,D
#
# COMPACT_ATOMS: atom_id res chain seq x y z
N LEU A 9 23.06 19.31 -37.62
CA LEU A 9 23.92 18.54 -38.54
C LEU A 9 25.29 19.22 -38.79
N MET A 10 26.34 18.51 -38.42
CA MET A 10 27.66 19.11 -38.30
C MET A 10 28.55 18.64 -39.42
N SER A 11 28.98 19.58 -40.26
CA SER A 11 29.84 19.34 -41.42
C SER A 11 31.28 18.98 -41.04
N TYR A 12 31.67 19.09 -39.77
CA TYR A 12 32.99 18.63 -39.40
C TYR A 12 33.09 17.10 -39.27
N ILE A 13 31.96 16.39 -39.08
CA ILE A 13 32.01 14.94 -38.96
C ILE A 13 32.34 14.30 -40.31
N ASN A 14 33.14 13.23 -40.26
CA ASN A 14 33.57 12.51 -41.45
C ASN A 14 34.12 11.15 -41.00
N ARG A 15 34.60 10.37 -41.97
CA ARG A 15 35.06 9.01 -41.68
C ARG A 15 36.55 8.81 -41.95
N ASP A 16 37.37 9.86 -41.97
CA ASP A 16 38.79 9.67 -42.23
C ASP A 16 39.43 8.76 -41.18
N LEU A 17 39.17 9.03 -39.90
CA LEU A 17 39.71 8.18 -38.84
C LEU A 17 39.28 6.71 -39.01
N GLU A 18 38.00 6.47 -39.30
CA GLU A 18 37.57 5.09 -39.56
C GLU A 18 38.38 4.45 -40.69
N ASN A 19 38.68 5.19 -41.75
CA ASN A 19 39.41 4.60 -42.86
C ASN A 19 40.88 4.42 -42.52
N LEU A 20 41.47 5.31 -41.73
CA LEU A 20 42.88 5.23 -41.42
C LEU A 20 43.18 4.31 -40.25
N GLN A 21 42.14 3.73 -39.65
CA GLN A 21 42.27 3.06 -38.36
C GLN A 21 43.37 2.00 -38.35
N GLU A 22 43.47 1.21 -39.42
CA GLU A 22 44.45 0.14 -39.43
C GLU A 22 45.83 0.58 -39.88
N ARG A 23 45.93 1.57 -40.76
CA ARG A 23 47.26 2.13 -41.01
C ARG A 23 47.75 2.90 -39.79
N ILE A 24 46.82 3.41 -38.96
CA ILE A 24 47.21 4.06 -37.72
C ILE A 24 47.75 3.04 -36.72
N ILE A 25 47.05 1.91 -36.56
CA ILE A 25 47.49 0.91 -35.60
C ILE A 25 48.84 0.33 -36.03
N ALA A 26 49.00 0.10 -37.33
CA ALA A 26 50.31 -0.33 -37.81
C ALA A 26 51.36 0.71 -37.49
N ARG A 27 51.01 1.99 -37.62
CA ARG A 27 51.98 3.05 -37.37
C ARG A 27 52.39 3.09 -35.91
N ALA A 28 51.43 2.95 -35.00
CA ALA A 28 51.74 2.93 -33.59
C ALA A 28 52.63 1.74 -33.24
N ASN A 29 52.32 0.57 -33.81
CA ASN A 29 53.12 -0.62 -33.55
C ASN A 29 54.52 -0.43 -34.07
N GLU A 30 54.65 0.25 -35.21
CA GLU A 30 55.97 0.47 -35.79
C GLU A 30 56.82 1.36 -34.89
N TRP A 31 56.23 2.40 -34.34
CA TRP A 31 57.04 3.31 -33.52
C TRP A 31 57.41 2.67 -32.20
N LEU A 32 56.59 1.76 -31.68
CA LEU A 32 56.87 1.09 -30.40
C LEU A 32 57.87 -0.05 -30.58
N ALA A 33 58.36 -0.26 -31.79
CA ALA A 33 59.26 -1.35 -32.15
C ALA A 33 60.72 -0.94 -32.01
N ALA A 34 61.10 0.22 -32.53
CA ALA A 34 62.47 0.69 -32.37
C ALA A 34 62.57 1.59 -31.13
N ARG A 121 63.39 6.06 -6.19
CA ARG A 121 62.85 5.29 -7.31
C ARG A 121 62.69 6.15 -8.55
N LEU A 122 61.55 6.84 -8.64
CA LEU A 122 61.26 7.73 -9.76
C LEU A 122 61.81 9.14 -9.54
N ARG A 123 61.89 9.58 -8.27
CA ARG A 123 62.44 10.91 -7.99
C ARG A 123 63.88 11.06 -8.45
N GLN A 124 64.61 9.95 -8.65
CA GLN A 124 65.95 10.05 -9.23
C GLN A 124 65.88 10.56 -10.68
N MET A 125 64.87 10.10 -11.43
CA MET A 125 64.73 10.50 -12.82
C MET A 125 64.36 11.97 -12.95
N VAL A 126 63.22 12.37 -12.32
CA VAL A 126 62.80 13.77 -12.37
C VAL A 126 63.90 14.68 -11.83
N SER A 127 64.68 14.21 -10.83
CA SER A 127 65.74 15.06 -10.26
C SER A 127 66.78 15.42 -11.30
N HIS A 128 67.17 14.48 -12.15
CA HIS A 128 68.18 14.78 -13.17
C HIS A 128 67.58 15.47 -14.40
N LEU A 129 66.25 15.60 -14.49
CA LEU A 129 65.59 16.29 -15.61
C LEU A 129 65.20 17.74 -15.32
N VAL A 130 65.25 18.20 -14.06
CA VAL A 130 65.02 19.61 -13.75
C VAL A 130 66.36 20.34 -13.74
N LEU A 131 66.44 21.45 -14.48
CA LEU A 131 67.71 22.14 -14.71
C LEU A 131 67.67 23.54 -14.15
N ASP A 132 68.87 24.10 -13.92
CA ASP A 132 69.00 25.46 -13.39
C ASP A 132 68.69 26.47 -14.49
N ALA A 133 67.70 27.33 -14.25
CA ALA A 133 67.29 28.33 -15.25
C ALA A 133 68.45 29.22 -15.68
N GLU A 134 69.52 29.26 -14.90
CA GLU A 134 70.67 30.11 -15.17
C GLU A 134 71.95 29.32 -15.43
N GLY A 135 71.96 28.02 -15.16
CA GLY A 135 73.15 27.21 -15.34
C GLY A 135 73.49 26.93 -16.79
N LYS A 136 74.70 26.40 -16.99
CA LYS A 136 75.17 26.06 -18.32
C LYS A 136 74.51 24.78 -18.85
N ALA A 137 74.09 23.88 -17.93
CA ALA A 137 73.49 22.61 -18.33
C ALA A 137 72.35 22.82 -19.32
N LEU A 138 71.53 23.84 -19.08
CA LEU A 138 70.40 24.13 -19.96
C LEU A 138 70.88 24.58 -21.35
N ASN A 139 71.87 25.48 -21.40
CA ASN A 139 72.31 25.95 -22.71
C ASN A 139 72.93 24.81 -23.51
N LYS A 140 73.60 23.88 -22.82
CA LYS A 140 74.16 22.71 -23.51
C LYS A 140 73.04 21.83 -24.05
N LEU A 141 71.96 21.67 -23.28
CA LEU A 141 70.86 20.83 -23.72
C LEU A 141 70.09 21.50 -24.85
N LEU A 142 70.03 22.83 -24.87
CA LEU A 142 69.39 23.50 -26.01
C LEU A 142 70.21 23.30 -27.29
N ASP A 143 71.54 23.40 -27.19
CA ASP A 143 72.41 23.15 -28.34
C ASP A 143 72.33 21.71 -28.81
N GLU A 144 72.46 20.77 -27.87
CA GLU A 144 72.47 19.36 -28.25
C GLU A 144 71.14 18.92 -28.84
N SER A 145 70.02 19.41 -28.30
CA SER A 145 68.75 18.97 -28.86
C SER A 145 68.42 19.71 -30.15
N LYS A 146 68.80 20.98 -30.28
CA LYS A 146 68.64 21.68 -31.56
C LYS A 146 69.43 20.98 -32.64
N ALA A 147 70.59 20.44 -32.28
CA ALA A 147 71.39 19.75 -33.26
C ALA A 147 70.75 18.44 -33.67
N LYS A 148 70.03 17.78 -32.76
CA LYS A 148 69.34 16.52 -33.07
C LYS A 148 67.97 16.75 -33.67
N GLY A 149 67.61 18.01 -33.93
CA GLY A 149 66.35 18.31 -34.58
C GLY A 149 65.16 18.47 -33.66
N TYR A 150 65.38 18.87 -32.41
CA TYR A 150 64.31 19.10 -31.46
C TYR A 150 64.29 20.56 -31.03
N ARG A 151 63.13 21.03 -30.57
CA ARG A 151 63.00 22.32 -29.91
C ARG A 151 62.51 22.06 -28.48
N LEU A 152 62.87 22.94 -27.54
CA LEU A 152 62.61 22.73 -26.11
C LEU A 152 61.52 23.67 -25.59
N ASN A 153 60.54 23.12 -24.89
CA ASN A 153 59.56 23.94 -24.17
C ASN A 153 60.14 24.19 -22.78
N VAL A 154 60.63 25.40 -22.56
CA VAL A 154 61.22 25.74 -21.26
C VAL A 154 60.11 26.26 -20.35
N ASN A 155 59.97 25.61 -19.21
CA ASN A 155 58.89 25.88 -18.25
C ASN A 155 59.51 26.10 -16.88
N LEU A 156 59.25 27.25 -16.28
CA LEU A 156 59.86 27.61 -15.01
C LEU A 156 58.99 27.12 -13.85
N LEU A 157 59.55 26.24 -13.03
CA LEU A 157 58.88 25.76 -11.83
C LEU A 157 59.41 26.49 -10.59
N GLY A 158 58.74 26.31 -9.46
CA GLY A 158 59.28 26.89 -8.25
C GLY A 158 58.28 26.93 -7.11
N GLU A 159 58.57 27.81 -6.15
CA GLU A 159 57.78 27.99 -4.94
C GLU A 159 56.32 28.26 -5.28
N ALA A 160 55.41 27.77 -4.44
CA ALA A 160 53.99 27.98 -4.68
C ALA A 160 53.70 29.47 -4.81
N VAL A 161 52.89 29.83 -5.80
CA VAL A 161 52.60 31.23 -6.10
C VAL A 161 51.39 31.63 -5.26
N LEU A 162 51.66 32.02 -4.01
CA LEU A 162 50.66 32.48 -3.07
C LEU A 162 50.58 34.00 -2.96
N GLY A 163 51.60 34.74 -3.41
CA GLY A 163 51.58 36.19 -3.31
C GLY A 163 52.14 36.87 -4.55
N ASP A 164 52.02 38.19 -4.57
CA ASP A 164 52.53 38.94 -5.73
C ASP A 164 54.05 38.88 -5.83
N GLY A 165 54.74 38.66 -4.70
CA GLY A 165 56.19 38.57 -4.70
C GLY A 165 56.68 37.42 -5.54
N GLU A 166 56.23 36.20 -5.24
CA GLU A 166 56.63 35.06 -6.04
C GLU A 166 56.04 35.12 -7.43
N ALA A 167 54.87 35.73 -7.60
CA ALA A 167 54.30 35.85 -8.94
C ALA A 167 55.18 36.70 -9.85
N ASN A 168 55.73 37.77 -9.29
CA ASN A 168 56.65 38.58 -10.06
C ASN A 168 57.91 37.80 -10.40
N ASN A 169 58.30 36.87 -9.52
CA ASN A 169 59.47 36.04 -9.77
C ASN A 169 59.29 35.16 -10.99
N ARG A 170 58.19 34.38 -11.05
CA ARG A 170 57.94 33.55 -12.21
C ARG A 170 57.99 34.36 -13.49
N LEU A 171 57.34 35.54 -13.48
CA LEU A 171 57.25 36.36 -14.69
C LEU A 171 58.61 36.92 -15.07
N THR A 172 59.28 37.61 -14.16
CA THR A 172 60.53 38.26 -14.54
C THR A 172 61.57 37.21 -14.93
N ARG A 173 61.56 36.07 -14.25
CA ARG A 173 62.54 35.03 -14.56
C ARG A 173 62.24 34.35 -15.90
N THR A 174 60.95 34.21 -16.24
CA THR A 174 60.57 33.72 -17.57
C THR A 174 60.96 34.72 -18.64
N MET A 175 60.79 36.02 -18.33
CA MET A 175 61.26 37.07 -19.22
C MET A 175 62.75 36.95 -19.48
N GLU A 176 63.53 36.60 -18.45
CA GLU A 176 64.98 36.47 -18.64
C GLU A 176 65.32 35.33 -19.60
N LEU A 177 64.59 34.21 -19.53
CA LEU A 177 64.85 33.09 -20.43
C LEU A 177 64.49 33.44 -21.87
N LEU A 178 63.43 34.23 -22.07
CA LEU A 178 63.07 34.70 -23.41
C LEU A 178 64.09 35.71 -23.96
N LYS A 179 64.95 36.27 -23.11
CA LYS A 179 66.13 37.01 -23.57
C LYS A 179 67.26 36.09 -23.99
N ASN A 180 67.20 34.80 -23.69
CA ASN A 180 68.26 33.88 -24.10
C ASN A 180 68.02 33.46 -25.55
N PRO A 181 68.96 33.72 -26.46
CA PRO A 181 68.70 33.44 -27.88
C PRO A 181 68.59 31.96 -28.21
N ARG A 182 69.14 31.06 -27.41
CA ARG A 182 68.97 29.65 -27.71
C ARG A 182 67.55 29.18 -27.43
N VAL A 183 66.78 29.95 -26.67
CA VAL A 183 65.47 29.54 -26.19
C VAL A 183 64.42 29.94 -27.21
N ASP A 184 63.67 28.94 -27.71
CA ASP A 184 62.64 29.14 -28.72
C ASP A 184 61.23 29.21 -28.15
N TYR A 185 61.01 28.73 -26.95
CA TYR A 185 59.66 28.39 -26.52
C TYR A 185 59.61 28.40 -25.01
N VAL A 186 58.80 29.30 -24.45
CA VAL A 186 58.54 29.29 -23.02
C VAL A 186 57.05 29.10 -22.82
N SER A 187 56.68 28.48 -21.71
CA SER A 187 55.27 28.37 -21.39
C SER A 187 55.10 28.71 -19.92
N ILE A 188 53.98 29.39 -19.61
CA ILE A 188 53.70 29.94 -18.29
C ILE A 188 52.18 29.90 -18.07
N LYS A 189 51.76 29.94 -16.79
CA LYS A 189 50.35 29.91 -16.41
C LYS A 189 49.92 31.25 -15.83
N ALA A 190 48.66 31.59 -16.09
CA ALA A 190 48.04 32.78 -15.52
C ALA A 190 48.22 32.82 -14.01
N THR A 191 48.02 31.69 -13.35
CA THR A 191 48.15 31.73 -11.90
C THR A 191 49.59 31.86 -11.44
N SER A 192 50.57 31.72 -12.33
CA SER A 192 51.92 32.09 -11.96
C SER A 192 52.18 33.58 -12.16
N VAL A 193 51.35 34.25 -12.95
CA VAL A 193 51.55 35.67 -13.24
C VAL A 193 50.76 36.55 -12.27
N VAL A 194 49.60 36.08 -11.82
CA VAL A 194 48.80 36.74 -10.80
C VAL A 194 48.56 35.72 -9.67
N ALA A 195 49.07 36.02 -8.48
CA ALA A 195 48.75 35.12 -7.39
C ALA A 195 47.36 35.42 -6.87
N GLN A 196 46.75 34.40 -6.23
CA GLN A 196 45.42 34.49 -5.63
C GLN A 196 44.37 34.97 -6.64
N LEU A 197 44.43 34.42 -7.85
CA LEU A 197 43.46 34.77 -8.90
C LEU A 197 42.03 34.69 -8.40
N ASN A 198 41.38 35.84 -8.27
CA ASN A 198 40.02 35.92 -7.75
C ASN A 198 38.98 35.44 -8.77
N PRO A 199 38.32 34.30 -8.54
CA PRO A 199 37.42 33.75 -9.56
C PRO A 199 36.18 34.57 -9.81
N TRP A 200 35.89 35.60 -9.02
CA TRP A 200 34.68 36.38 -9.23
C TRP A 200 34.91 37.63 -10.07
N ASP A 201 36.16 37.95 -10.39
CA ASP A 201 36.49 39.19 -11.09
C ASP A 201 37.23 38.83 -12.36
N ILE A 202 36.49 38.34 -13.36
CA ILE A 202 37.15 37.94 -14.60
C ILE A 202 37.66 39.16 -15.35
N ASP A 203 36.90 40.28 -15.34
CA ASP A 203 37.29 41.51 -16.05
C ASP A 203 38.58 42.06 -15.48
N GLY A 204 38.66 42.13 -14.15
CA GLY A 204 39.84 42.67 -13.50
C GLY A 204 41.03 41.74 -13.61
N ASN A 205 40.79 40.44 -13.49
CA ASN A 205 41.89 39.50 -13.66
C ASN A 205 42.47 39.59 -15.05
N THR A 206 41.62 39.76 -16.07
CA THR A 206 42.09 39.88 -17.45
C THR A 206 42.99 41.08 -17.62
N GLU A 207 42.57 42.25 -17.09
CA GLU A 207 43.34 43.47 -17.24
C GLU A 207 44.65 43.37 -16.50
N LEU A 208 44.64 42.73 -15.33
CA LEU A 208 45.88 42.59 -14.58
C LEU A 208 46.84 41.69 -15.33
N LEU A 209 46.35 40.59 -15.89
CA LEU A 209 47.22 39.66 -16.61
C LEU A 209 47.81 40.30 -17.86
N LYS A 210 47.00 41.07 -18.60
CA LYS A 210 47.51 41.75 -19.77
C LYS A 210 48.52 42.81 -19.37
N GLU A 211 48.22 43.58 -18.32
CA GLU A 211 49.15 44.59 -17.85
C GLU A 211 50.49 43.98 -17.47
N ARG A 212 50.48 42.78 -16.90
CA ARG A 212 51.71 42.16 -16.45
C ARG A 212 52.43 41.38 -17.55
N LEU A 213 51.71 40.82 -18.53
CA LEU A 213 52.33 39.94 -19.51
C LEU A 213 52.84 40.66 -20.76
N ARG A 214 52.39 41.90 -21.03
CA ARG A 214 52.86 42.62 -22.22
C ARG A 214 54.37 42.76 -22.29
N PRO A 215 55.10 43.10 -21.21
CA PRO A 215 56.57 43.09 -21.34
C PRO A 215 57.11 41.77 -21.81
N LEU A 216 56.50 40.65 -21.39
CA LEU A 216 56.97 39.33 -21.82
C LEU A 216 56.75 39.09 -23.31
N TYR A 217 55.60 39.50 -23.83
CA TYR A 217 55.31 39.28 -25.25
C TYR A 217 56.12 40.23 -26.12
N ARG A 218 56.40 41.43 -25.65
CA ARG A 218 57.27 42.34 -26.36
C ARG A 218 58.64 41.71 -26.56
N LEU A 219 59.12 40.99 -25.53
CA LEU A 219 60.42 40.33 -25.66
C LEU A 219 60.44 39.34 -26.80
N ALA A 220 59.30 38.71 -27.09
CA ALA A 220 59.19 37.80 -28.23
C ALA A 220 59.09 38.54 -29.56
N LEU A 221 58.70 39.81 -29.55
CA LEU A 221 58.70 40.64 -30.76
C LEU A 221 60.07 41.23 -31.07
N GLN A 222 60.96 41.34 -30.08
CA GLN A 222 62.27 41.95 -30.31
C GLN A 222 63.25 40.98 -30.96
N ARG A 223 62.90 39.71 -31.10
CA ARG A 223 63.76 38.74 -31.79
C ARG A 223 63.07 38.26 -33.05
N SER A 224 63.89 38.00 -34.08
CA SER A 224 63.41 37.36 -35.31
C SER A 224 64.31 36.19 -35.76
N PRO A 225 63.72 35.00 -35.90
CA PRO A 225 62.28 34.86 -35.68
C PRO A 225 61.81 34.97 -34.21
N HIS A 226 60.55 35.41 -34.10
CA HIS A 226 59.88 35.53 -32.82
C HIS A 226 59.90 34.20 -32.09
N PRO A 227 60.37 34.16 -30.85
CA PRO A 227 60.16 32.98 -30.02
C PRO A 227 58.70 32.86 -29.60
N PHE A 228 58.36 31.69 -29.04
CA PHE A 228 56.99 31.24 -28.81
C PHE A 228 56.63 31.23 -27.33
N ILE A 229 55.49 31.86 -27.00
CA ILE A 229 54.95 31.90 -25.65
C ILE A 229 53.67 31.08 -25.61
N ASN A 230 53.60 30.13 -24.68
CA ASN A 230 52.43 29.31 -24.51
C ASN A 230 51.81 29.57 -23.14
N LEU A 231 50.49 29.74 -23.12
CA LEU A 231 49.75 29.90 -21.89
C LEU A 231 49.26 28.52 -21.47
N ASP A 232 49.76 28.03 -20.34
CA ASP A 232 49.35 26.72 -19.82
C ASP A 232 48.03 26.84 -19.06
N MET A 233 47.40 25.69 -18.86
CA MET A 233 46.16 25.58 -18.08
C MET A 233 46.23 24.36 -17.19
N GLU A 234 45.94 24.55 -15.91
CA GLU A 234 45.86 23.45 -14.97
C GLU A 234 44.43 23.20 -14.49
N GLU A 235 43.80 24.19 -13.88
CA GLU A 235 42.51 24.06 -13.22
C GLU A 235 41.36 24.61 -14.06
N TYR A 236 40.15 24.08 -13.85
CA TYR A 236 38.98 24.54 -14.59
C TYR A 236 38.75 26.06 -14.45
N LYS A 237 39.11 26.65 -13.30
CA LYS A 237 38.93 28.08 -13.09
C LYS A 237 39.85 28.92 -13.99
N ASP A 238 40.92 28.32 -14.51
CA ASP A 238 41.80 28.98 -15.45
C ASP A 238 41.20 29.14 -16.84
N LEU A 239 40.09 28.46 -17.13
CA LEU A 239 39.72 28.20 -18.50
C LEU A 239 39.31 29.47 -19.24
N HIS A 240 38.28 30.15 -18.75
CA HIS A 240 37.79 31.29 -19.52
C HIS A 240 38.69 32.51 -19.41
N VAL A 241 39.30 32.76 -18.25
CA VAL A 241 40.17 33.91 -18.11
C VAL A 241 41.37 33.79 -19.02
N THR A 242 41.90 32.57 -19.19
CA THR A 242 43.08 32.38 -20.02
C THR A 242 42.75 32.53 -21.50
N ILE A 243 41.64 31.93 -21.97
CA ILE A 243 41.21 32.12 -23.35
C ILE A 243 40.97 33.59 -23.61
N ARG A 244 40.34 34.27 -22.66
CA ARG A 244 40.09 35.70 -22.83
C ARG A 244 41.38 36.49 -22.83
N LEU A 245 42.30 36.12 -21.95
CA LEU A 245 43.60 36.77 -21.95
C LEU A 245 44.27 36.60 -23.31
N PHE A 246 44.27 35.36 -23.82
CA PHE A 246 44.89 35.03 -25.10
C PHE A 246 44.30 35.88 -26.24
N GLU A 247 42.97 35.92 -26.34
CA GLU A 247 42.34 36.55 -27.51
C GLU A 247 42.40 38.07 -27.46
N GLU A 248 42.22 38.65 -26.28
CA GLU A 248 42.34 40.10 -26.22
C GLU A 248 43.77 40.53 -26.53
N LEU A 249 44.76 39.86 -25.92
CA LEU A 249 46.13 40.31 -26.05
C LEU A 249 46.62 40.19 -27.49
N LEU A 250 46.27 39.09 -28.16
CA LEU A 250 46.76 38.84 -29.49
C LEU A 250 46.07 39.67 -30.57
N MET A 251 45.03 40.45 -30.24
CA MET A 251 44.42 41.34 -31.22
C MET A 251 44.89 42.78 -31.06
N GLU A 252 45.62 43.10 -30.00
CA GLU A 252 46.19 44.43 -29.85
C GLU A 252 47.13 44.73 -31.00
N GLU A 253 47.14 45.99 -31.47
CA GLU A 253 47.92 46.33 -32.64
C GLU A 253 49.37 45.87 -32.49
N GLU A 254 49.90 46.06 -31.30
CA GLU A 254 51.30 45.73 -31.04
C GLU A 254 51.58 44.25 -31.32
N PHE A 255 50.65 43.36 -30.99
CA PHE A 255 50.91 41.92 -31.02
C PHE A 255 50.21 41.21 -32.15
N LEU A 256 49.67 41.95 -33.12
CA LEU A 256 48.80 41.33 -34.12
C LEU A 256 49.55 40.30 -34.95
N GLY A 257 50.86 40.45 -35.12
CA GLY A 257 51.59 39.50 -35.94
C GLY A 257 52.43 38.48 -35.21
N LEU A 258 52.15 38.24 -33.92
CA LEU A 258 52.92 37.33 -33.10
C LEU A 258 52.20 35.99 -33.01
N GLU A 259 52.89 34.93 -33.42
CA GLU A 259 52.40 33.57 -33.27
C GLU A 259 52.60 33.12 -31.83
N ALA A 260 51.51 32.80 -31.15
CA ALA A 260 51.51 32.39 -29.76
C ALA A 260 50.46 31.30 -29.54
N GLY A 261 50.53 30.64 -28.39
CA GLY A 261 49.82 29.40 -28.18
C GLY A 261 49.10 29.33 -26.86
N ILE A 262 48.20 28.36 -26.77
CA ILE A 262 47.37 28.14 -25.59
C ILE A 262 47.03 26.66 -25.55
N VAL A 263 46.83 26.14 -24.33
CA VAL A 263 46.55 24.72 -24.07
C VAL A 263 45.05 24.50 -23.96
N LEU A 264 44.55 23.42 -24.54
CA LEU A 264 43.22 22.91 -24.20
C LEU A 264 43.36 21.50 -23.63
N GLN A 265 42.67 21.25 -22.53
CA GLN A 265 42.65 19.93 -21.90
C GLN A 265 41.45 19.16 -22.45
N ALA A 266 41.72 18.09 -23.20
CA ALA A 266 40.66 17.29 -23.80
C ALA A 266 39.78 16.57 -22.78
N TYR A 267 40.22 16.40 -21.52
CA TYR A 267 39.29 15.75 -20.61
C TYR A 267 38.16 16.68 -20.17
N LEU A 268 38.18 17.94 -20.56
CA LEU A 268 37.04 18.81 -20.34
C LEU A 268 36.11 18.72 -21.53
N PRO A 269 34.91 18.20 -21.37
CA PRO A 269 34.00 18.15 -22.52
C PRO A 269 33.80 19.53 -23.16
N ASP A 270 33.71 20.58 -22.37
CA ASP A 270 33.47 21.90 -22.94
C ASP A 270 34.71 22.51 -23.59
N SER A 271 35.85 21.81 -23.60
CA SER A 271 36.98 22.28 -24.38
C SER A 271 36.78 22.05 -25.87
N PHE A 272 35.86 21.17 -26.26
CA PHE A 272 35.50 21.10 -27.66
C PHE A 272 34.82 22.40 -28.10
N GLN A 273 33.98 22.97 -27.24
CA GLN A 273 33.41 24.27 -27.57
C GLN A 273 34.48 25.36 -27.57
N ALA A 274 35.42 25.30 -26.62
CA ALA A 274 36.52 26.25 -26.60
C ALA A 274 37.33 26.18 -27.90
N LEU A 275 37.54 24.97 -28.41
CA LEU A 275 38.30 24.82 -29.65
C LEU A 275 37.57 25.47 -30.82
N GLN A 276 36.27 25.26 -30.93
CA GLN A 276 35.52 25.87 -32.01
C GLN A 276 35.59 27.39 -31.94
N GLN A 277 35.47 27.94 -30.73
CA GLN A 277 35.52 29.38 -30.62
C GLN A 277 36.91 29.90 -30.97
N LEU A 278 37.96 29.19 -30.52
CA LEU A 278 39.31 29.59 -30.87
C LEU A 278 39.58 29.45 -32.37
N ALA A 279 38.99 28.44 -33.02
CA ALA A 279 39.19 28.27 -34.45
C ALA A 279 38.55 29.42 -35.22
N ASP A 280 37.36 29.85 -34.77
CA ASP A 280 36.76 31.02 -35.41
C ASP A 280 37.60 32.25 -35.13
N PHE A 281 38.09 32.39 -33.88
CA PHE A 281 38.94 33.53 -33.52
C PHE A 281 40.15 33.63 -34.44
N ALA A 282 40.78 32.50 -34.74
CA ALA A 282 41.91 32.50 -35.65
C ALA A 282 41.51 32.96 -37.06
N LYS A 283 40.28 32.68 -37.49
CA LYS A 283 39.84 33.18 -38.78
C LYS A 283 39.62 34.69 -38.75
N ARG A 284 39.02 35.17 -37.66
CA ARG A 284 38.85 36.60 -37.46
C ARG A 284 40.21 37.31 -37.41
N ARG A 285 41.21 36.69 -36.76
CA ARG A 285 42.52 37.31 -36.65
C ARG A 285 43.21 37.38 -37.99
N ALA A 286 43.28 36.26 -38.70
CA ALA A 286 43.90 36.24 -40.02
C ALA A 286 43.28 37.29 -40.91
N ALA A 287 41.96 37.40 -40.90
CA ALA A 287 41.29 38.42 -41.68
C ALA A 287 41.79 39.82 -41.32
N ALA A 288 42.11 40.06 -40.05
CA ALA A 288 42.64 41.39 -39.69
C ALA A 288 44.13 41.57 -40.06
N GLY A 289 44.73 40.63 -40.81
CA GLY A 289 46.14 40.62 -41.12
C GLY A 289 47.03 40.00 -40.05
N GLY A 290 46.48 39.30 -39.09
CA GLY A 290 47.25 38.78 -37.98
C GLY A 290 47.82 37.41 -38.26
N ALA A 291 48.69 36.98 -37.35
CA ALA A 291 49.38 35.70 -37.45
C ALA A 291 48.56 34.57 -36.86
N LYS A 292 49.02 33.35 -37.12
CA LYS A 292 48.34 32.15 -36.65
C LYS A 292 48.38 32.05 -35.13
N ILE A 293 47.51 31.18 -34.60
CA ILE A 293 47.60 30.74 -33.22
C ILE A 293 48.00 29.28 -33.23
N LYS A 294 48.36 28.77 -32.06
CA LYS A 294 48.66 27.35 -31.90
C LYS A 294 47.98 26.84 -30.64
N ILE A 295 47.31 25.70 -30.76
CA ILE A 295 46.70 25.04 -29.62
C ILE A 295 47.52 23.81 -29.29
N ARG A 296 47.94 23.71 -28.05
CA ARG A 296 48.54 22.49 -27.54
C ARG A 296 47.41 21.63 -26.97
N LEU A 297 47.19 20.47 -27.58
CA LEU A 297 46.18 19.53 -27.12
C LEU A 297 46.81 18.61 -26.08
N VAL A 298 46.27 18.63 -24.86
CA VAL A 298 46.68 17.73 -23.79
C VAL A 298 45.42 16.98 -23.32
N LYS A 299 45.64 15.85 -22.64
CA LYS A 299 44.44 15.18 -22.11
C LYS A 299 44.00 15.80 -20.78
N GLY A 300 44.96 16.19 -19.94
CA GLY A 300 44.66 16.87 -18.68
C GLY A 300 45.38 16.26 -17.48
N ALA A 301 46.02 17.08 -16.65
CA ALA A 301 46.87 16.55 -15.58
C ALA A 301 46.31 16.78 -14.17
N ASN A 302 45.11 17.31 -14.03
CA ASN A 302 44.62 17.76 -12.74
C ASN A 302 43.34 17.02 -12.31
N LEU A 303 43.19 15.75 -12.71
CA LEU A 303 41.95 15.03 -12.43
C LEU A 303 41.72 14.84 -10.92
N SER A 304 42.76 14.49 -10.17
CA SER A 304 42.64 14.30 -8.73
C SER A 304 42.05 15.54 -8.06
N MET A 305 42.74 16.68 -8.16
CA MET A 305 42.21 17.87 -7.50
C MET A 305 40.91 18.35 -8.12
N GLU A 306 40.64 17.98 -9.38
CA GLU A 306 39.35 18.36 -9.97
C GLU A 306 38.20 17.59 -9.34
N LYS A 307 38.44 16.33 -8.94
CA LYS A 307 37.38 15.57 -8.30
C LYS A 307 37.20 15.99 -6.85
N VAL A 308 38.30 16.30 -6.15
CA VAL A 308 38.20 16.85 -4.79
C VAL A 308 37.41 18.15 -4.80
N ASP A 309 37.76 19.08 -5.69
CA ASP A 309 37.06 20.37 -5.78
C ASP A 309 35.55 20.16 -5.93
N ALA A 310 35.16 19.18 -6.76
CA ALA A 310 33.75 18.86 -6.96
C ALA A 310 33.12 18.26 -5.71
N GLU A 311 33.72 17.21 -5.14
CA GLU A 311 33.07 16.55 -4.01
C GLU A 311 32.89 17.49 -2.83
N LEU A 312 33.85 18.40 -2.60
CA LEU A 312 33.73 19.37 -1.50
C LEU A 312 32.53 20.29 -1.68
N HIS A 313 32.27 20.73 -2.90
CA HIS A 313 31.25 21.74 -3.18
C HIS A 313 29.90 21.16 -3.58
N GLY A 314 29.82 19.85 -3.79
CA GLY A 314 28.61 19.28 -4.31
C GLY A 314 28.42 19.53 -5.79
N TRP A 315 29.49 19.53 -6.56
CA TRP A 315 29.44 19.76 -7.99
C TRP A 315 29.88 18.50 -8.70
N TYR A 316 29.55 18.42 -10.00
CA TYR A 316 30.18 17.39 -10.82
C TYR A 316 31.63 17.78 -11.07
N PRO A 317 32.51 16.80 -11.16
CA PRO A 317 33.86 17.07 -11.64
C PRO A 317 33.79 17.70 -13.03
N ALA A 318 34.67 18.65 -13.29
CA ALA A 318 34.73 19.24 -14.62
C ALA A 318 35.17 18.24 -15.71
N PRO A 319 36.09 17.31 -15.47
CA PRO A 319 36.47 16.36 -16.52
C PRO A 319 35.45 15.25 -16.69
N TYR A 320 35.63 14.50 -17.77
CA TYR A 320 34.79 13.37 -18.06
C TYR A 320 34.89 12.37 -16.94
N ALA A 321 33.87 11.50 -16.84
CA ALA A 321 33.83 10.48 -15.79
C ALA A 321 34.76 9.30 -16.07
N THR A 322 35.04 9.00 -17.34
CA THR A 322 35.87 7.86 -17.72
C THR A 322 37.00 8.31 -18.65
N LYS A 323 38.13 7.58 -18.60
CA LYS A 323 39.23 7.84 -19.53
C LYS A 323 38.86 7.52 -20.98
N GLU A 324 37.92 6.61 -21.22
CA GLU A 324 37.48 6.38 -22.60
C GLU A 324 36.91 7.65 -23.22
N GLU A 325 36.17 8.44 -22.44
CA GLU A 325 35.63 9.68 -22.98
C GLU A 325 36.77 10.66 -23.32
N VAL A 326 37.81 10.63 -22.52
CA VAL A 326 38.95 11.51 -22.74
C VAL A 326 39.66 11.14 -24.02
N ASP A 327 39.97 9.86 -24.17
CA ASP A 327 40.60 9.40 -25.40
C ASP A 327 39.75 9.75 -26.61
N ALA A 328 38.43 9.66 -26.46
CA ALA A 328 37.51 9.95 -27.55
C ALA A 328 37.54 11.43 -27.92
N ASN A 329 37.42 12.30 -26.91
CA ASN A 329 37.42 13.74 -27.18
C ASN A 329 38.77 14.20 -27.70
N PHE A 330 39.86 13.57 -27.26
CA PHE A 330 41.16 13.88 -27.81
C PHE A 330 41.16 13.64 -29.32
N LEU A 331 40.54 12.54 -29.76
CA LEU A 331 40.45 12.28 -31.19
C LEU A 331 39.46 13.23 -31.86
N ARG A 332 38.37 13.60 -31.18
CA ARG A 332 37.42 14.53 -31.80
C ARG A 332 38.06 15.90 -32.03
N MET A 333 38.80 16.41 -31.04
CA MET A 333 39.39 17.73 -31.21
C MET A 333 40.46 17.73 -32.28
N MET A 334 41.28 16.68 -32.31
CA MET A 334 42.26 16.51 -33.38
C MET A 334 41.58 16.49 -34.74
N ASP A 335 40.55 15.67 -34.88
CA ASP A 335 39.79 15.52 -36.11
C ASP A 335 39.30 16.87 -36.63
N TYR A 336 38.78 17.70 -35.73
CA TYR A 336 38.13 18.95 -36.15
C TYR A 336 39.16 19.95 -36.66
N ILE A 337 40.32 20.01 -36.03
CA ILE A 337 41.20 21.16 -36.16
C ILE A 337 42.22 20.93 -37.26
N LEU A 338 42.57 19.66 -37.52
CA LEU A 338 43.54 19.30 -38.56
C LEU A 338 42.88 19.19 -39.94
N ARG A 339 42.47 20.35 -40.45
CA ARG A 339 41.82 20.52 -41.74
C ARG A 339 42.40 21.73 -42.42
N PRO A 340 42.24 21.85 -43.74
CA PRO A 340 42.61 23.10 -44.40
C PRO A 340 41.72 24.25 -44.00
N GLU A 341 40.46 23.98 -43.65
CA GLU A 341 39.57 25.03 -43.17
C GLU A 341 40.20 25.83 -42.02
N HIS A 342 41.01 25.17 -41.18
CA HIS A 342 41.63 25.81 -40.03
C HIS A 342 43.13 25.94 -40.17
N GLU A 343 43.60 26.35 -41.34
CA GLU A 343 45.03 26.59 -41.55
C GLU A 343 45.62 27.57 -40.54
N ASN A 344 44.81 28.43 -39.93
CA ASN A 344 45.35 29.43 -39.03
C ASN A 344 45.54 28.93 -37.61
N VAL A 345 45.15 27.70 -37.31
CA VAL A 345 45.33 27.08 -36.01
C VAL A 345 46.32 25.95 -36.19
N ARG A 346 47.59 26.19 -35.84
CA ARG A 346 48.54 25.11 -35.71
C ARG A 346 48.22 24.32 -34.45
N VAL A 347 48.73 23.08 -34.39
CA VAL A 347 48.34 22.13 -33.36
C VAL A 347 49.56 21.42 -32.79
N GLY A 348 49.73 21.51 -31.48
CA GLY A 348 50.67 20.62 -30.80
C GLY A 348 49.93 19.48 -30.12
N ILE A 349 50.10 18.26 -30.62
CA ILE A 349 49.58 17.08 -29.95
C ILE A 349 50.56 16.73 -28.83
N ALA A 350 50.09 16.80 -27.59
CA ALA A 350 50.94 16.56 -26.42
C ALA A 350 50.48 15.24 -25.80
N SER A 351 51.10 14.14 -26.23
CA SER A 351 50.73 12.83 -25.73
C SER A 351 51.90 11.87 -25.93
N HIS A 352 52.10 10.97 -24.96
CA HIS A 352 53.00 9.83 -25.15
C HIS A 352 52.25 8.58 -25.59
N ASN A 353 50.93 8.68 -25.74
CA ASN A 353 50.12 7.60 -26.30
C ASN A 353 50.38 7.52 -27.80
N LEU A 354 51.05 6.45 -28.23
CA LEU A 354 51.48 6.36 -29.62
C LEU A 354 50.29 6.28 -30.58
N PHE A 355 49.17 5.74 -30.12
CA PHE A 355 47.98 5.67 -30.97
C PHE A 355 47.43 7.07 -31.21
N SER A 356 47.31 7.88 -30.14
CA SER A 356 46.87 9.26 -30.29
C SER A 356 47.79 10.03 -31.22
N VAL A 357 49.10 9.80 -31.12
CA VAL A 357 50.01 10.55 -31.97
C VAL A 357 49.95 10.04 -33.40
N ALA A 358 49.91 8.71 -33.58
CA ALA A 358 49.80 8.16 -34.94
C ALA A 358 48.55 8.64 -35.64
N SER A 359 47.47 8.90 -34.90
CA SER A 359 46.25 9.42 -35.51
C SER A 359 46.49 10.81 -36.08
N ALA A 360 47.03 11.70 -35.26
CA ALA A 360 47.31 13.04 -35.75
C ALA A 360 48.27 12.99 -36.94
N TYR A 361 49.28 12.11 -36.87
CA TYR A 361 50.22 12.00 -37.97
C TYR A 361 49.50 11.65 -39.26
N GLU A 362 48.73 10.55 -39.21
CA GLU A 362 48.05 10.04 -40.40
C GLU A 362 46.95 10.97 -40.88
N LEU A 363 46.25 11.63 -39.96
CA LEU A 363 45.29 12.64 -40.40
C LEU A 363 46.00 13.76 -41.17
N SER A 364 47.15 14.23 -40.65
CA SER A 364 47.86 15.34 -41.30
C SER A 364 48.31 14.96 -42.71
N VAL A 365 48.78 13.73 -42.88
CA VAL A 365 49.23 13.29 -44.18
C VAL A 365 48.05 13.12 -45.13
N GLU A 366 46.95 12.49 -44.69
CA GLU A 366 45.81 12.27 -45.58
C GLU A 366 45.20 13.57 -46.06
N ARG A 367 45.27 14.60 -45.24
CA ARG A 367 44.57 15.85 -45.51
C ARG A 367 45.50 16.93 -45.98
N GLY A 368 46.81 16.68 -46.01
CA GLY A 368 47.77 17.65 -46.48
C GLY A 368 47.99 18.84 -45.57
N VAL A 369 47.88 18.65 -44.25
CA VAL A 369 48.07 19.74 -43.29
C VAL A 369 49.28 19.48 -42.39
N GLU A 370 50.31 18.79 -42.93
CA GLU A 370 51.51 18.45 -42.16
C GLU A 370 52.18 19.67 -41.54
N THR A 371 52.05 20.83 -42.15
CA THR A 371 52.66 22.04 -41.61
C THR A 371 51.85 22.68 -40.48
N GLN A 372 50.79 22.02 -40.03
CA GLN A 372 50.11 22.47 -38.82
C GLN A 372 50.33 21.53 -37.65
N LEU A 373 51.12 20.47 -37.81
CA LEU A 373 51.25 19.45 -36.79
C LEU A 373 52.65 19.46 -36.22
N ASP A 374 52.75 19.85 -34.96
CA ASP A 374 53.91 19.59 -34.12
C ASP A 374 53.47 18.55 -33.11
N VAL A 375 54.40 17.73 -32.61
CA VAL A 375 54.15 16.78 -31.53
C VAL A 375 54.97 17.21 -30.32
N GLU A 376 54.32 17.33 -29.17
CA GLU A 376 54.98 17.77 -27.95
C GLU A 376 55.04 16.62 -26.96
N MET A 377 56.23 16.36 -26.40
CA MET A 377 56.52 15.20 -25.56
C MET A 377 57.34 15.63 -24.33
N LEU A 378 57.61 14.66 -23.46
CA LEU A 378 58.37 14.90 -22.23
C LEU A 378 59.86 14.65 -22.46
N GLN A 379 60.66 15.68 -22.21
CA GLN A 379 62.08 15.62 -22.51
C GLN A 379 62.73 14.51 -21.70
N GLY A 380 63.29 13.53 -22.39
CA GLY A 380 64.01 12.46 -21.76
C GLY A 380 63.19 11.25 -21.45
N MET A 381 61.86 11.34 -21.51
CA MET A 381 61.04 10.18 -21.15
C MET A 381 61.27 8.99 -22.09
N ALA A 382 60.82 9.09 -23.34
CA ALA A 382 60.84 7.97 -24.28
C ALA A 382 61.65 8.31 -25.53
N PRO A 383 62.98 8.34 -25.40
CA PRO A 383 63.79 8.83 -26.53
C PRO A 383 63.64 8.01 -27.80
N ALA A 384 63.71 6.68 -27.71
CA ALA A 384 63.60 5.86 -28.92
C ALA A 384 62.30 6.15 -29.67
N GLN A 385 61.19 6.25 -28.93
CA GLN A 385 59.91 6.61 -29.53
C GLN A 385 59.95 7.98 -30.17
N ALA A 386 60.38 9.01 -29.41
CA ALA A 386 60.34 10.37 -29.91
C ALA A 386 61.17 10.55 -31.17
N GLU A 387 62.24 9.77 -31.34
CA GLU A 387 63.04 9.90 -32.55
C GLU A 387 62.33 9.27 -33.75
N ALA A 388 61.68 8.12 -33.54
CA ALA A 388 60.81 7.59 -34.58
C ALA A 388 59.75 8.63 -34.98
N VAL A 389 59.14 9.25 -33.98
CA VAL A 389 58.11 10.25 -34.24
C VAL A 389 58.71 11.42 -35.01
N ARG A 390 59.89 11.88 -34.59
CA ARG A 390 60.50 13.05 -35.24
C ARG A 390 60.66 12.82 -36.73
N GLN A 391 61.19 11.66 -37.12
CA GLN A 391 61.38 11.38 -38.54
C GLN A 391 60.06 11.45 -39.33
N ALA A 392 58.93 11.15 -38.69
CA ALA A 392 57.66 11.24 -39.41
C ALA A 392 57.13 12.66 -39.41
N VAL A 393 56.98 13.25 -38.22
CA VAL A 393 56.26 14.51 -38.09
C VAL A 393 57.10 15.75 -38.31
N GLY A 394 58.43 15.65 -38.25
CA GLY A 394 59.31 16.81 -38.34
C GLY A 394 59.59 17.56 -37.04
N THR A 395 58.61 18.27 -36.52
CA THR A 395 58.77 19.11 -35.33
C THR A 395 58.37 18.32 -34.08
N VAL A 396 59.31 18.17 -33.15
CA VAL A 396 58.99 17.58 -31.86
C VAL A 396 59.52 18.54 -30.78
N ILE A 397 58.64 18.93 -29.87
CA ILE A 397 58.96 19.94 -28.87
C ILE A 397 58.96 19.28 -27.51
N LEU A 398 60.12 19.26 -26.87
CA LEU A 398 60.29 18.54 -25.61
C LEU A 398 60.06 19.44 -24.41
N TYR A 399 59.16 19.00 -23.52
CA TYR A 399 58.92 19.73 -22.27
C TYR A 399 60.20 19.75 -21.45
N THR A 400 60.70 20.93 -21.15
CA THR A 400 61.94 21.05 -20.38
C THR A 400 61.71 21.89 -19.12
N PRO A 401 61.65 21.27 -17.94
CA PRO A 401 61.42 22.03 -16.70
C PRO A 401 62.72 22.66 -16.21
N VAL A 402 62.63 23.92 -15.80
CA VAL A 402 63.76 24.61 -15.22
C VAL A 402 63.31 25.32 -13.94
N VAL A 403 64.29 25.69 -13.12
CA VAL A 403 64.00 26.19 -11.79
C VAL A 403 65.09 27.13 -11.30
N HIS A 404 64.72 28.03 -10.39
CA HIS A 404 65.69 28.77 -9.61
C HIS A 404 66.30 27.85 -8.55
N ALA A 405 67.59 28.09 -8.24
CA ALA A 405 68.38 27.13 -7.47
C ALA A 405 67.71 26.72 -6.15
N GLU A 406 67.25 27.70 -5.36
CA GLU A 406 66.65 27.37 -4.06
C GLU A 406 65.38 26.55 -4.21
N ASP A 407 64.69 26.69 -5.33
CA ASP A 407 63.40 26.06 -5.48
C ASP A 407 63.50 24.64 -6.02
N PHE A 408 64.71 24.07 -6.06
CA PHE A 408 64.92 22.80 -6.72
C PHE A 408 64.08 21.67 -6.11
N ASP A 409 64.34 21.32 -4.85
CA ASP A 409 63.61 20.21 -4.22
C ASP A 409 62.10 20.46 -4.22
N VAL A 410 61.67 21.72 -4.09
CA VAL A 410 60.26 22.04 -4.20
C VAL A 410 59.72 21.63 -5.57
N ALA A 411 60.45 22.00 -6.63
CA ALA A 411 59.95 21.78 -7.98
C ALA A 411 59.97 20.31 -8.36
N VAL A 412 60.89 19.52 -7.78
CA VAL A 412 60.91 18.10 -8.11
C VAL A 412 59.68 17.40 -7.55
N SER A 413 59.14 17.88 -6.42
CA SER A 413 57.98 17.23 -5.82
C SER A 413 56.72 17.48 -6.64
N TYR A 414 56.49 18.74 -7.04
CA TYR A 414 55.46 19.05 -8.04
C TYR A 414 55.56 18.10 -9.22
N LEU A 415 56.75 17.88 -9.72
CA LEU A 415 56.90 17.07 -10.92
C LEU A 415 56.61 15.60 -10.65
N VAL A 416 56.94 15.11 -9.45
CA VAL A 416 56.71 13.70 -9.14
C VAL A 416 55.21 13.39 -9.15
N ARG A 417 54.38 14.24 -8.54
CA ARG A 417 52.93 14.04 -8.56
C ARG A 417 52.40 14.01 -10.00
N ARG A 418 52.73 15.04 -10.80
CA ARG A 418 52.25 15.10 -12.18
C ARG A 418 52.65 13.87 -12.97
N LEU A 419 53.91 13.41 -12.82
CA LEU A 419 54.35 12.25 -13.58
C LEU A 419 53.74 10.94 -13.07
N GLU A 420 53.34 10.87 -11.79
CA GLU A 420 52.76 9.64 -11.24
C GLU A 420 51.30 9.47 -11.66
N GLU A 421 50.45 10.40 -11.23
CA GLU A 421 49.01 10.34 -11.49
C GLU A 421 48.67 10.19 -12.98
N ASN A 422 49.58 10.51 -13.90
CA ASN A 422 49.24 10.53 -15.33
C ASN A 422 50.29 9.82 -16.22
N LEU A 437 50.07 -5.31 -25.79
CA LEU A 437 49.73 -4.06 -26.48
C LEU A 437 48.49 -4.22 -27.38
N THR A 438 47.79 -5.36 -27.24
CA THR A 438 46.60 -5.65 -28.04
C THR A 438 45.32 -5.10 -27.41
N GLU A 439 45.25 -5.04 -26.07
CA GLU A 439 44.18 -4.30 -25.40
C GLU A 439 44.39 -2.79 -25.48
N GLN A 440 45.59 -2.33 -25.83
CA GLN A 440 45.74 -0.94 -26.19
C GLN A 440 45.11 -0.66 -27.56
N GLU A 441 45.37 -1.53 -28.56
CA GLU A 441 44.77 -1.34 -29.89
C GLU A 441 43.25 -1.42 -29.84
N ALA A 442 42.71 -2.18 -28.89
CA ALA A 442 41.25 -2.28 -28.78
C ALA A 442 40.63 -1.05 -28.12
N ARG A 443 41.25 -0.51 -27.05
CA ARG A 443 40.72 0.71 -26.45
C ARG A 443 40.76 1.87 -27.42
N PHE A 444 41.73 1.87 -28.35
CA PHE A 444 41.81 2.92 -29.36
C PHE A 444 40.68 2.81 -30.37
N ARG A 445 40.45 1.59 -30.90
CA ARG A 445 39.32 1.36 -31.78
C ARG A 445 38.03 1.93 -31.20
N GLU A 446 37.80 1.69 -29.91
CA GLU A 446 36.57 2.15 -29.29
C GLU A 446 36.52 3.67 -29.22
N SER A 447 37.67 4.32 -28.96
CA SER A 447 37.65 5.78 -28.89
C SER A 447 37.40 6.40 -30.25
N VAL A 448 37.80 5.72 -31.33
CA VAL A 448 37.48 6.20 -32.67
C VAL A 448 35.98 6.22 -32.91
N ALA A 449 35.27 5.19 -32.41
CA ALA A 449 33.83 5.11 -32.58
C ALA A 449 33.08 6.12 -31.70
N GLN A 450 33.58 6.43 -30.49
CA GLN A 450 32.85 7.34 -29.62
C GLN A 450 33.18 8.81 -29.86
N ARG A 451 34.19 9.08 -30.70
CA ARG A 451 34.70 10.43 -30.97
C ARG A 451 33.63 11.51 -31.08
N TRP A 452 32.58 11.28 -31.88
CA TRP A 452 31.56 12.32 -32.08
C TRP A 452 30.41 12.24 -31.10
N LYS A 453 30.35 11.18 -30.31
CA LYS A 453 29.21 10.91 -29.45
C LYS A 453 29.41 11.38 -28.01
N VAL A 454 30.64 11.61 -27.59
CA VAL A 454 30.92 12.08 -26.23
C VAL A 454 30.33 13.48 -26.04
N ALA A 455 30.08 13.82 -24.77
CA ALA A 455 29.38 15.07 -24.52
C ALA A 455 30.26 16.25 -24.89
N GLU A 456 29.63 17.41 -25.01
CA GLU A 456 30.37 18.64 -25.22
C GLU A 456 29.96 19.78 -24.31
N ASP A 457 28.84 19.68 -23.59
CA ASP A 457 28.50 20.69 -22.60
C ASP A 457 29.44 20.60 -21.41
N SER A 458 29.48 21.67 -20.62
CA SER A 458 30.27 21.66 -19.39
C SER A 458 29.54 20.88 -18.27
N ARG A 459 30.25 19.94 -17.65
CA ARG A 459 29.68 19.18 -16.55
C ARG A 459 29.17 20.08 -15.42
N ARG A 460 29.71 21.30 -15.29
CA ARG A 460 29.32 22.20 -14.23
C ARG A 460 27.99 22.90 -14.52
N LEU A 461 27.35 22.62 -15.65
CA LEU A 461 26.14 23.35 -16.01
C LEU A 461 24.96 22.98 -15.12
N SER A 462 24.99 21.82 -14.46
CA SER A 462 24.01 21.46 -13.46
C SER A 462 24.73 20.73 -12.34
N THR A 463 23.96 20.29 -11.35
CA THR A 463 24.58 19.81 -10.12
C THR A 463 23.99 18.46 -9.71
N PRO A 464 24.81 17.63 -9.08
CA PRO A 464 24.28 16.35 -8.58
C PRO A 464 23.36 16.60 -7.39
N GLU A 465 22.52 15.61 -7.10
CA GLU A 465 21.71 15.66 -5.88
C GLU A 465 22.59 15.38 -4.68
N THR A 466 22.60 16.32 -3.75
CA THR A 466 23.40 16.23 -2.53
C THR A 466 22.50 16.67 -1.39
N PHE A 467 22.87 16.32 -0.16
CA PHE A 467 22.11 16.86 0.95
C PHE A 467 22.43 18.35 1.20
N ASN A 468 23.71 18.69 1.38
CA ASN A 468 24.07 20.10 1.54
C ASN A 468 23.82 20.87 0.26
N ALA A 469 23.22 22.05 0.40
CA ALA A 469 23.01 22.93 -0.76
C ALA A 469 24.35 23.34 -1.37
N SER A 470 24.43 23.33 -2.71
CA SER A 470 25.71 23.62 -3.36
C SER A 470 25.89 25.11 -3.59
N ASP A 471 27.12 25.58 -3.43
CA ASP A 471 27.46 26.98 -3.61
C ASP A 471 27.41 27.39 -5.08
N SER A 472 27.40 28.71 -5.28
CA SER A 472 27.47 29.27 -6.62
C SER A 472 28.84 28.96 -7.24
N ASP A 473 28.86 28.61 -8.54
CA ASP A 473 30.08 28.20 -9.21
C ASP A 473 30.61 29.33 -10.11
N PRO A 474 31.64 30.08 -9.71
CA PRO A 474 32.17 31.14 -10.58
C PRO A 474 32.98 30.62 -11.75
N ALA A 475 33.11 29.29 -11.92
CA ALA A 475 33.69 28.76 -13.15
C ALA A 475 32.71 28.85 -14.32
N LEU A 476 31.42 28.95 -14.05
CA LEU A 476 30.45 29.18 -15.12
C LEU A 476 30.38 30.67 -15.46
N LEU A 477 30.39 31.01 -16.75
CA LEU A 477 30.22 32.40 -17.14
C LEU A 477 28.83 32.92 -16.82
N SER A 478 27.81 32.06 -16.84
CA SER A 478 26.49 32.56 -16.44
C SER A 478 26.47 33.00 -14.98
N THR A 479 27.30 32.38 -14.13
CA THR A 479 27.44 32.78 -12.73
C THR A 479 28.10 34.14 -12.62
N LEU A 480 29.25 34.31 -13.29
CA LEU A 480 29.94 35.60 -13.35
C LEU A 480 29.07 36.69 -13.97
N GLU A 481 28.03 36.31 -14.71
CA GLU A 481 27.19 37.33 -15.31
C GLU A 481 26.25 37.94 -14.28
N TRP A 482 25.57 37.10 -13.47
CA TRP A 482 24.68 37.67 -12.45
C TRP A 482 25.45 38.24 -11.27
N ALA A 483 26.71 37.81 -11.06
CA ALA A 483 27.54 38.43 -10.04
C ALA A 483 27.83 39.90 -10.36
N ARG A 484 27.93 40.25 -11.65
CA ARG A 484 28.11 41.64 -12.04
C ARG A 484 26.88 42.48 -11.74
N THR A 485 25.67 41.91 -11.84
CA THR A 485 24.42 42.66 -11.75
C THR A 485 23.78 42.67 -10.36
N LEU A 486 24.55 42.43 -9.30
CA LEU A 486 23.94 42.36 -7.97
C LEU A 486 23.38 43.72 -7.53
N GLU A 487 22.28 43.68 -6.79
CA GLU A 487 21.59 44.91 -6.40
C GLU A 487 21.91 45.29 -4.96
N ASP A 488 21.41 46.46 -4.53
CA ASP A 488 21.65 47.02 -3.20
C ASP A 488 20.28 47.25 -2.54
N PRO A 489 19.63 46.18 -2.08
CA PRO A 489 18.24 46.32 -1.64
C PRO A 489 18.14 47.17 -0.38
N GLN A 490 17.10 47.99 -0.35
CA GLN A 490 16.87 48.94 0.74
C GLN A 490 15.46 48.77 1.29
N PRO A 491 15.17 47.61 1.89
CA PRO A 491 13.84 47.40 2.46
C PRO A 491 13.61 48.29 3.66
N LYS A 492 12.35 48.71 3.83
CA LYS A 492 12.03 49.47 5.02
C LYS A 492 11.97 48.56 6.26
N TRP A 493 12.30 49.12 7.41
CA TRP A 493 12.18 48.45 8.70
C TRP A 493 11.81 49.48 9.77
N ARG A 494 11.18 49.00 10.85
CA ARG A 494 10.71 49.84 11.93
C ARG A 494 11.41 49.50 13.25
N LEU A 495 11.64 50.52 14.08
CA LEU A 495 12.26 50.31 15.38
C LEU A 495 11.21 50.19 16.48
N ILE A 496 11.34 49.16 17.31
CA ILE A 496 10.43 48.96 18.42
C ILE A 496 11.04 49.59 19.66
N THR A 497 10.33 50.53 20.30
CA THR A 497 10.83 51.16 21.51
C THR A 497 9.85 51.10 22.67
N ASP A 498 8.58 50.77 22.42
CA ASP A 498 7.54 50.75 23.44
C ASP A 498 7.43 49.34 24.04
N VAL A 499 7.68 49.23 25.35
CA VAL A 499 7.60 47.93 26.00
C VAL A 499 6.23 47.30 25.79
N GLU A 500 5.18 48.13 25.66
CA GLU A 500 3.85 47.58 25.48
C GLU A 500 3.66 46.97 24.11
N GLU A 501 4.47 47.37 23.13
CA GLU A 501 4.44 46.66 21.87
C GLU A 501 5.16 45.31 21.96
N VAL A 502 6.23 45.23 22.75
CA VAL A 502 6.86 43.93 22.96
C VAL A 502 5.88 42.99 23.62
N ASP A 503 5.19 43.50 24.65
CA ASP A 503 4.20 42.68 25.34
C ASP A 503 3.08 42.27 24.41
N LYS A 504 2.57 43.19 23.60
CA LYS A 504 1.46 42.84 22.69
C LYS A 504 1.90 41.76 21.70
N THR A 505 3.09 41.92 21.11
CA THR A 505 3.57 40.99 20.12
C THR A 505 3.90 39.62 20.70
N VAL A 506 4.54 39.58 21.87
CA VAL A 506 4.87 38.30 22.52
C VAL A 506 3.60 37.49 22.80
N ALA A 507 2.61 38.11 23.46
CA ALA A 507 1.37 37.41 23.75
C ALA A 507 0.66 36.97 22.48
N GLY A 508 0.73 37.78 21.41
CA GLY A 508 0.07 37.41 20.17
C GLY A 508 0.64 36.13 19.57
N LEU A 509 1.97 35.97 19.66
CA LEU A 509 2.59 34.74 19.17
C LEU A 509 2.18 33.52 19.98
N LEU A 510 2.07 33.67 21.31
CA LEU A 510 1.71 32.52 22.14
C LEU A 510 0.35 31.99 21.81
N LYS A 511 -0.53 32.84 21.30
CA LYS A 511 -1.90 32.44 21.04
C LYS A 511 -2.02 31.45 19.88
N SER A 512 -1.10 31.48 18.92
CA SER A 512 -1.17 30.55 17.79
C SER A 512 -0.95 29.11 18.27
N PRO A 513 -1.77 28.16 17.83
CA PRO A 513 -1.57 26.77 18.27
C PRO A 513 -0.37 26.13 17.61
N ARG A 514 0.19 25.13 18.28
CA ARG A 514 1.35 24.42 17.75
C ARG A 514 0.98 23.71 16.46
N LEU A 515 1.87 23.81 15.47
CA LEU A 515 1.77 23.00 14.25
C LEU A 515 2.37 21.62 14.50
N ASP A 516 1.84 20.61 13.80
CA ASP A 516 2.41 19.28 13.99
C ASP A 516 3.67 19.11 13.12
N ILE A 517 4.36 17.96 13.30
CA ILE A 517 5.68 17.80 12.73
C ILE A 517 5.63 17.81 11.20
N ALA A 518 4.58 17.22 10.62
CA ALA A 518 4.46 17.25 9.17
C ALA A 518 4.37 18.67 8.64
N GLU A 519 3.56 19.52 9.29
CA GLU A 519 3.40 20.90 8.86
C GLU A 519 4.70 21.70 9.00
N ARG A 520 5.36 21.59 10.14
CA ARG A 520 6.64 22.25 10.32
C ARG A 520 7.64 21.80 9.27
N THR A 521 7.70 20.49 9.04
CA THR A 521 8.65 19.94 8.09
C THR A 521 8.42 20.49 6.70
N ALA A 522 7.15 20.60 6.30
CA ALA A 522 6.81 21.12 4.98
C ALA A 522 7.15 22.59 4.87
N LEU A 523 6.90 23.36 5.93
CA LEU A 523 7.25 24.77 5.91
C LEU A 523 8.76 24.95 5.82
N LEU A 524 9.53 24.18 6.59
CA LEU A 524 10.97 24.35 6.55
C LEU A 524 11.52 24.01 5.16
N GLN A 525 11.03 22.93 4.56
CA GLN A 525 11.53 22.52 3.26
C GLN A 525 11.19 23.57 2.22
N ARG A 526 10.00 24.15 2.34
CA ARG A 526 9.62 25.23 1.45
C ARG A 526 10.46 26.47 1.70
N ALA A 527 10.77 26.73 2.99
CA ALA A 527 11.63 27.86 3.33
C ALA A 527 12.99 27.72 2.69
N ALA A 528 13.51 26.50 2.63
CA ALA A 528 14.80 26.30 1.99
C ALA A 528 14.69 26.51 0.47
N ASP A 529 13.61 26.05 -0.15
CA ASP A 529 13.42 26.31 -1.58
C ASP A 529 13.37 27.80 -1.86
N GLU A 530 12.63 28.56 -1.03
CA GLU A 530 12.47 30.00 -1.25
C GLU A 530 13.73 30.77 -0.94
N LEU A 531 14.51 30.34 0.04
CA LEU A 531 15.79 31.00 0.26
C LEU A 531 16.65 30.89 -0.99
N GLU A 532 16.67 29.72 -1.62
CA GLU A 532 17.46 29.52 -2.84
C GLU A 532 17.04 30.48 -3.95
N ASN A 533 15.73 30.72 -4.10
CA ASN A 533 15.21 31.60 -5.13
C ASN A 533 15.67 33.05 -4.97
N ILE A 534 15.89 33.49 -3.74
CA ILE A 534 16.39 34.83 -3.49
C ILE A 534 17.87 34.84 -3.11
N ARG A 535 18.63 33.79 -3.50
CA ARG A 535 20.05 33.79 -3.21
C ARG A 535 20.71 35.07 -3.71
N GLN A 536 20.28 35.57 -4.88
CA GLN A 536 20.92 36.76 -5.39
C GLN A 536 20.45 38.02 -4.69
N ASP A 537 19.19 38.07 -4.28
CA ASP A 537 18.77 39.16 -3.40
C ASP A 537 19.54 39.12 -2.08
N LEU A 538 19.75 37.93 -1.51
CA LEU A 538 20.50 37.89 -0.26
C LEU A 538 21.92 38.36 -0.49
N LEU A 539 22.55 37.93 -1.58
CA LEU A 539 23.90 38.38 -1.89
C LEU A 539 23.95 39.90 -2.02
N GLY A 540 22.96 40.48 -2.71
CA GLY A 540 22.90 41.92 -2.83
C GLY A 540 22.94 42.64 -1.51
N VAL A 541 22.09 42.22 -0.56
CA VAL A 541 22.05 42.95 0.71
C VAL A 541 23.25 42.61 1.59
N MET A 542 23.78 41.38 1.50
CA MET A 542 24.91 41.01 2.33
C MET A 542 26.18 41.71 1.89
N THR A 543 26.35 41.97 0.58
CA THR A 543 27.58 42.60 0.10
C THR A 543 27.57 44.12 0.30
N HIS A 544 26.40 44.73 0.50
CA HIS A 544 26.31 46.16 0.79
C HIS A 544 26.14 46.42 2.29
N GLU A 545 25.01 46.00 2.88
CA GLU A 545 24.76 46.34 4.28
C GLU A 545 25.77 45.65 5.19
N ALA A 546 26.02 44.37 4.98
CA ALA A 546 26.98 43.65 5.83
C ALA A 546 28.43 43.82 5.37
N GLY A 547 28.68 44.25 4.13
CA GLY A 547 30.04 44.47 3.69
C GLY A 547 30.86 43.23 3.42
N LYS A 548 30.22 42.09 3.15
CA LYS A 548 30.91 40.84 2.85
C LYS A 548 31.18 40.71 1.35
N THR A 549 32.25 40.01 1.00
CA THR A 549 32.45 39.63 -0.39
C THR A 549 31.49 38.50 -0.76
N ILE A 550 31.29 38.33 -2.07
CA ILE A 550 30.53 37.18 -2.55
C ILE A 550 31.16 35.88 -2.05
N ALA A 551 32.49 35.78 -2.07
CA ALA A 551 33.12 34.53 -1.71
C ALA A 551 32.81 34.17 -0.26
N GLU A 552 32.54 35.17 0.58
CA GLU A 552 32.17 34.93 1.96
C GLU A 552 30.66 34.85 2.14
N ALA A 553 29.89 35.68 1.43
CA ALA A 553 28.45 35.69 1.65
C ALA A 553 27.75 34.47 1.02
N ASP A 554 28.20 34.01 -0.16
CA ASP A 554 27.53 32.92 -0.86
C ASP A 554 27.47 31.60 -0.09
N PRO A 555 28.55 31.09 0.53
CA PRO A 555 28.38 29.87 1.36
C PRO A 555 27.45 30.08 2.52
N GLU A 556 27.29 31.32 2.98
CA GLU A 556 26.41 31.61 4.10
C GLU A 556 24.96 31.40 3.72
N VAL A 557 24.60 31.74 2.47
CA VAL A 557 23.26 31.47 1.98
C VAL A 557 23.06 29.96 1.91
N SER A 558 24.10 29.22 1.55
CA SER A 558 23.99 27.77 1.56
C SER A 558 23.77 27.26 2.97
N GLU A 559 24.49 27.82 3.95
CA GLU A 559 24.31 27.43 5.34
C GLU A 559 22.87 27.68 5.77
N ALA A 560 22.31 28.83 5.37
CA ALA A 560 20.94 29.14 5.79
C ALA A 560 19.96 28.15 5.16
N ILE A 561 20.19 27.75 3.92
CA ILE A 561 19.33 26.74 3.33
C ILE A 561 19.53 25.38 4.02
N ASP A 562 20.79 25.01 4.27
CA ASP A 562 21.06 23.74 4.94
C ASP A 562 20.42 23.67 6.31
N PHE A 563 20.44 24.76 7.10
CA PHE A 563 19.80 24.70 8.41
C PHE A 563 18.33 24.30 8.29
N ALA A 564 17.62 24.86 7.31
CA ALA A 564 16.20 24.52 7.17
C ALA A 564 16.01 23.03 6.88
N ARG A 565 16.80 22.48 5.96
CA ARG A 565 16.63 21.07 5.61
C ARG A 565 17.12 20.15 6.72
N TYR A 566 18.28 20.46 7.31
CA TYR A 566 18.82 19.63 8.38
C TYR A 566 17.88 19.61 9.59
N TYR A 567 17.44 20.79 10.06
CA TYR A 567 16.60 20.81 11.25
C TYR A 567 15.23 20.23 10.96
N ALA A 568 14.79 20.28 9.70
CA ALA A 568 13.57 19.55 9.32
C ALA A 568 13.73 18.05 9.57
N ARG A 569 14.84 17.47 9.08
CA ARG A 569 15.10 16.05 9.35
C ARG A 569 15.20 15.79 10.84
N CYS A 570 15.84 16.68 11.59
CA CYS A 570 15.98 16.48 13.04
C CYS A 570 14.63 16.46 13.71
N ALA A 571 13.72 17.31 13.25
CA ALA A 571 12.40 17.38 13.88
C ALA A 571 11.70 16.04 13.79
N ASN A 572 11.80 15.38 12.63
CA ASN A 572 11.28 14.02 12.55
C ASN A 572 12.01 13.07 13.50
N ALA A 573 13.31 13.24 13.66
CA ALA A 573 14.00 12.38 14.60
C ALA A 573 13.58 12.57 16.06
N LEU A 574 12.80 13.62 16.40
CA LEU A 574 12.35 13.77 17.79
C LEU A 574 11.35 12.68 18.19
N ASN A 575 10.51 12.25 17.26
CA ASN A 575 9.48 11.26 17.54
C ASN A 575 9.98 9.84 17.37
N THR A 576 11.28 9.67 17.20
CA THR A 576 11.87 8.35 17.04
C THR A 576 11.50 7.50 18.26
N PRO A 577 11.19 6.22 18.08
CA PRO A 577 10.74 5.43 19.23
C PRO A 577 11.87 5.22 20.21
N GLY A 578 11.55 5.35 21.49
CA GLY A 578 12.57 5.37 22.51
C GLY A 578 11.96 5.44 23.88
N HIS A 579 12.73 5.95 24.83
CA HIS A 579 12.39 5.84 26.24
C HIS A 579 12.12 7.18 26.91
N SER A 580 12.06 8.27 26.14
CA SER A 580 11.75 9.61 26.65
C SER A 580 10.86 10.33 25.64
N LYS A 581 10.15 11.35 26.12
CA LYS A 581 9.24 12.11 25.28
C LYS A 581 9.59 13.59 25.37
N PHE A 582 9.59 14.24 24.21
CA PHE A 582 9.99 15.64 24.10
C PHE A 582 8.76 16.55 24.10
N THR A 583 8.85 17.66 24.81
CA THR A 583 7.81 18.68 24.81
C THR A 583 8.45 20.01 24.47
N PRO A 584 8.14 20.61 23.33
CA PRO A 584 8.80 21.86 22.93
C PRO A 584 8.42 23.04 23.80
N HIS A 585 9.35 23.99 23.87
CA HIS A 585 9.08 25.35 24.29
C HIS A 585 7.93 25.96 23.49
N ASN A 586 7.29 26.99 24.01
CA ASN A 586 6.30 27.73 23.24
C ASN A 586 6.91 28.85 22.40
N LEU A 587 7.97 29.50 22.89
CA LEU A 587 8.51 30.71 22.28
C LEU A 587 10.02 30.77 22.51
N VAL A 588 10.78 30.93 21.43
CA VAL A 588 12.21 31.17 21.52
C VAL A 588 12.53 32.52 20.90
N VAL A 589 13.46 33.26 21.54
CA VAL A 589 13.97 34.51 20.98
C VAL A 589 15.36 34.27 20.41
N VAL A 590 15.59 34.74 19.18
CA VAL A 590 16.87 34.60 18.50
C VAL A 590 17.50 35.98 18.35
N ALA A 591 18.55 36.23 19.12
CA ALA A 591 19.32 37.47 19.07
C ALA A 591 20.60 37.19 18.29
N SER A 592 20.71 37.73 17.10
CA SER A 592 21.72 37.34 16.12
C SER A 592 22.76 38.44 15.94
N PRO A 593 23.95 38.10 15.42
CA PRO A 593 25.01 39.11 15.25
C PRO A 593 25.02 39.69 13.85
N TRP A 594 26.08 40.45 13.49
CA TRP A 594 26.18 41.08 12.18
C TRP A 594 27.14 40.37 11.23
N ASN A 595 28.07 39.56 11.73
CA ASN A 595 29.11 39.01 10.87
C ASN A 595 28.59 37.90 9.97
N PHE A 596 27.55 37.19 10.41
CA PHE A 596 26.85 36.19 9.60
C PHE A 596 25.37 36.52 9.61
N PRO A 597 24.97 37.58 8.89
CA PRO A 597 23.65 38.15 9.08
C PRO A 597 22.50 37.43 8.41
N VAL A 598 22.69 36.30 7.75
CA VAL A 598 21.57 35.54 7.21
C VAL A 598 21.49 34.13 7.81
N ALA A 599 22.60 33.41 7.85
CA ALA A 599 22.56 32.03 8.32
C ALA A 599 22.34 31.94 9.84
N ILE A 600 23.01 32.78 10.62
CA ILE A 600 22.85 32.63 12.05
C ILE A 600 21.45 33.06 12.50
N PRO A 601 20.92 34.22 12.10
CA PRO A 601 19.52 34.50 12.48
C PRO A 601 18.58 33.42 11.98
N LEU A 602 18.70 33.03 10.72
CA LEU A 602 17.77 32.01 10.22
C LEU A 602 17.98 30.66 10.88
N GLY A 603 19.21 30.34 11.26
CA GLY A 603 19.45 29.02 11.82
C GLY A 603 18.72 28.84 13.12
N GLY A 604 18.73 29.87 13.96
CA GLY A 604 18.00 29.81 15.21
C GLY A 604 16.49 29.80 15.03
N VAL A 605 15.99 30.58 14.06
CA VAL A 605 14.57 30.54 13.74
C VAL A 605 14.17 29.15 13.23
N PHE A 606 14.93 28.58 12.30
CA PHE A 606 14.59 27.24 11.82
C PHE A 606 14.64 26.19 12.94
N ALA A 607 15.62 26.31 13.85
CA ALA A 607 15.73 25.33 14.93
C ALA A 607 14.54 25.39 15.88
N SER A 608 14.07 26.61 16.18
CA SER A 608 12.89 26.79 17.03
C SER A 608 11.66 26.21 16.37
N LEU A 609 11.46 26.52 15.08
CA LEU A 609 10.30 25.98 14.37
C LEU A 609 10.33 24.46 14.34
N ALA A 610 11.48 23.88 13.96
CA ALA A 610 11.61 22.43 13.97
C ALA A 610 11.27 21.82 15.33
N ALA A 611 11.64 22.50 16.41
CA ALA A 611 11.35 21.94 17.73
C ALA A 611 9.88 22.01 18.05
N GLY A 612 9.17 22.97 17.45
CA GLY A 612 7.77 23.14 17.81
C GLY A 612 7.41 24.47 18.44
N ALA A 613 8.36 25.39 18.52
CA ALA A 613 8.14 26.68 19.14
C ALA A 613 7.84 27.75 18.09
N LYS A 614 7.27 28.86 18.56
CA LYS A 614 7.29 30.11 17.81
C LYS A 614 8.62 30.82 18.02
N ALA A 615 9.02 31.65 17.06
CA ALA A 615 10.31 32.33 17.17
C ALA A 615 10.17 33.83 16.96
N ILE A 616 10.88 34.58 17.79
CA ILE A 616 11.11 36.01 17.57
C ILE A 616 12.55 36.18 17.14
N LEU A 617 12.73 36.78 15.96
CA LEU A 617 14.05 37.15 15.46
C LEU A 617 14.31 38.60 15.81
N LYS A 618 15.35 38.85 16.60
CA LYS A 618 15.82 40.20 16.90
C LYS A 618 17.23 40.35 16.32
N PRO A 619 17.39 40.93 15.14
CA PRO A 619 18.70 40.94 14.50
C PRO A 619 19.60 42.07 14.98
N ALA A 620 20.91 41.86 14.79
CA ALA A 620 21.88 42.86 15.21
C ALA A 620 21.62 44.16 14.46
N PRO A 621 21.71 45.30 15.13
CA PRO A 621 21.28 46.56 14.49
C PRO A 621 22.08 46.95 13.24
N GLU A 622 23.31 46.46 13.07
CA GLU A 622 24.07 46.77 11.86
C GLU A 622 23.48 46.12 10.62
N VAL A 623 22.65 45.08 10.76
CA VAL A 623 22.27 44.30 9.57
C VAL A 623 20.77 44.10 9.50
N ARG A 624 20.02 45.17 9.76
CA ARG A 624 18.56 45.04 9.83
C ARG A 624 17.97 44.79 8.45
N ARG A 625 18.59 45.29 7.39
CA ARG A 625 18.04 45.00 6.07
C ARG A 625 18.27 43.55 5.68
N CYS A 626 19.36 42.95 6.16
CA CYS A 626 19.60 41.52 5.91
C CYS A 626 18.47 40.65 6.46
N ALA A 627 18.08 40.89 7.71
CA ALA A 627 16.94 40.17 8.27
C ALA A 627 15.68 40.41 7.45
N GLU A 628 15.47 41.65 6.99
CA GLU A 628 14.25 41.92 6.24
C GLU A 628 14.22 41.16 4.92
N VAL A 629 15.33 41.15 4.18
CA VAL A 629 15.37 40.45 2.90
C VAL A 629 15.17 38.95 3.13
N ALA A 630 15.84 38.39 4.16
CA ALA A 630 15.65 36.98 4.49
C ALA A 630 14.20 36.70 4.88
N LEU A 631 13.56 37.63 5.62
CA LEU A 631 12.21 37.35 6.07
C LEU A 631 11.25 37.13 4.91
N THR A 632 11.49 37.77 3.75
CA THR A 632 10.56 37.63 2.64
C THR A 632 10.50 36.19 2.13
N ALA A 633 11.59 35.41 2.30
CA ALA A 633 11.58 34.01 1.91
C ALA A 633 10.68 33.19 2.85
N LEU A 634 10.83 33.40 4.17
CA LEU A 634 9.99 32.69 5.13
C LEU A 634 8.52 32.97 4.83
N ARG A 635 8.22 34.21 4.47
CA ARG A 635 6.83 34.58 4.19
C ARG A 635 6.35 33.90 2.92
N LYS A 636 7.15 33.93 1.85
CA LYS A 636 6.77 33.21 0.65
C LYS A 636 6.55 31.73 0.95
N ALA A 637 7.30 31.19 1.91
CA ALA A 637 7.22 29.77 2.25
C ALA A 637 5.99 29.39 3.04
N GLY A 638 5.23 30.36 3.54
CA GLY A 638 4.09 30.08 4.38
C GLY A 638 4.34 30.30 5.86
N ILE A 639 5.53 30.74 6.24
CA ILE A 639 5.85 30.99 7.64
C ILE A 639 5.43 32.42 7.93
N GLY A 640 4.20 32.58 8.43
CA GLY A 640 3.60 33.90 8.59
C GLY A 640 3.82 34.51 9.96
N GLU A 641 3.11 35.62 10.21
CA GLU A 641 3.30 36.34 11.46
C GLU A 641 2.77 35.61 12.69
N ASP A 642 1.99 34.54 12.52
CA ASP A 642 1.60 33.68 13.64
C ASP A 642 2.66 32.66 13.99
N LEU A 643 3.78 32.64 13.29
CA LEU A 643 4.81 31.64 13.49
C LEU A 643 6.16 32.25 13.84
N VAL A 644 6.59 33.21 13.05
CA VAL A 644 7.85 33.91 13.24
C VAL A 644 7.59 35.40 13.18
N GLN A 645 8.20 36.13 14.10
CA GLN A 645 7.99 37.57 14.20
C GLN A 645 9.35 38.27 14.30
N LEU A 646 9.56 39.26 13.43
CA LEU A 646 10.82 40.00 13.35
C LEU A 646 10.65 41.29 14.14
N MET A 647 11.47 41.47 15.18
CA MET A 647 11.30 42.59 16.10
C MET A 647 12.60 43.37 16.20
N HIS A 648 12.64 44.55 15.58
CA HIS A 648 13.79 45.45 15.70
C HIS A 648 13.68 46.27 16.98
N THR A 649 13.83 45.59 18.12
CA THR A 649 13.85 46.30 19.38
C THR A 649 15.17 47.04 19.53
N ASP A 650 15.12 48.13 20.28
CA ASP A 650 16.33 48.81 20.68
C ASP A 650 17.07 47.94 21.70
N GLU A 651 18.16 48.47 22.23
CA GLU A 651 18.91 47.89 23.32
C GLU A 651 18.69 48.68 24.61
N ALA A 652 17.54 49.32 24.72
CA ALA A 652 17.10 49.99 25.95
C ALA A 652 15.90 49.23 26.51
N ASP A 653 14.84 49.90 26.97
CA ASP A 653 13.77 49.21 27.71
C ASP A 653 13.11 48.10 26.89
N ALA A 654 12.79 48.36 25.63
CA ALA A 654 12.07 47.36 24.82
C ALA A 654 12.93 46.12 24.56
N GLY A 655 14.22 46.28 24.28
CA GLY A 655 15.07 45.12 24.11
C GLY A 655 15.19 44.31 25.39
N ARG A 656 15.42 45.01 26.51
CA ARG A 656 15.53 44.32 27.79
C ARG A 656 14.22 43.62 28.14
N ARG A 657 13.11 44.28 27.85
CA ARG A 657 11.81 43.67 28.08
C ARG A 657 11.65 42.42 27.21
N LEU A 658 12.17 42.44 25.99
CA LEU A 658 12.08 41.24 25.16
C LEU A 658 12.96 40.12 25.72
N MET A 659 14.21 40.42 26.07
CA MET A 659 15.09 39.34 26.50
C MET A 659 14.74 38.81 27.87
N SER A 660 14.15 39.65 28.74
CA SER A 660 13.81 39.20 30.09
C SER A 660 12.37 38.70 30.18
N HIS A 661 11.67 38.61 29.07
CA HIS A 661 10.23 38.47 29.14
C HIS A 661 9.82 37.16 29.83
N PRO A 662 8.85 37.20 30.74
CA PRO A 662 8.50 35.96 31.49
C PRO A 662 8.04 34.82 30.60
N ASP A 663 7.52 35.10 29.40
CA ASP A 663 6.99 34.06 28.51
C ASP A 663 7.95 33.67 27.39
N VAL A 664 9.22 34.06 27.48
CA VAL A 664 10.21 33.58 26.53
C VAL A 664 10.91 32.37 27.15
N ASP A 665 10.82 31.21 26.49
CA ASP A 665 11.34 30.00 27.09
C ASP A 665 12.83 29.83 26.87
N ALA A 666 13.37 30.41 25.80
CA ALA A 666 14.81 30.35 25.62
C ALA A 666 15.27 31.46 24.72
N ILE A 667 16.52 31.85 24.91
CA ILE A 667 17.21 32.77 24.02
C ILE A 667 18.31 32.00 23.34
N ILE A 668 18.35 32.06 22.01
CA ILE A 668 19.49 31.66 21.21
C ILE A 668 20.25 32.92 20.85
N LEU A 669 21.49 33.04 21.33
CA LEU A 669 22.28 34.26 21.23
C LEU A 669 23.65 33.95 20.64
N THR A 670 24.11 34.83 19.75
CA THR A 670 25.46 34.77 19.19
C THR A 670 26.05 36.16 19.32
N GLY A 671 27.08 36.30 20.12
CA GLY A 671 27.64 37.62 20.38
C GLY A 671 28.68 37.57 21.47
N ALA A 672 28.74 38.62 22.24
CA ALA A 672 29.77 38.72 23.26
C ALA A 672 29.36 37.96 24.51
N SER A 673 30.32 37.28 25.14
CA SER A 673 29.99 36.62 26.39
C SER A 673 29.56 37.62 27.46
N GLU A 674 29.96 38.89 27.35
CA GLU A 674 29.46 39.92 28.25
C GLU A 674 27.96 40.16 28.05
N THR A 675 27.50 40.01 26.81
CA THR A 675 26.08 40.13 26.52
C THR A 675 25.29 38.98 27.11
N ALA A 676 25.83 37.76 27.05
CA ALA A 676 25.15 36.63 27.65
C ALA A 676 25.01 36.81 29.15
N SER A 677 26.07 37.27 29.84
CA SER A 677 25.96 37.52 31.28
C SER A 677 24.96 38.64 31.56
N LEU A 678 24.92 39.65 30.69
CA LEU A 678 23.98 40.74 30.85
C LEU A 678 22.55 40.22 30.84
N PHE A 679 22.17 39.53 29.76
CA PHE A 679 20.81 39.01 29.63
C PHE A 679 20.45 38.15 30.82
N ARG A 680 21.33 37.21 31.18
CA ARG A 680 21.00 36.27 32.23
C ARG A 680 20.86 36.97 33.57
N GLY A 681 21.66 38.01 33.81
CA GLY A 681 21.47 38.81 35.02
C GLY A 681 20.05 39.30 35.20
N TRP A 682 19.36 39.60 34.10
CA TRP A 682 17.97 40.08 34.15
C TRP A 682 16.97 38.98 34.48
N LYS A 683 17.36 37.71 34.34
CA LYS A 683 16.47 36.57 34.63
C LYS A 683 17.33 35.33 34.77
N PRO A 684 18.01 35.17 35.93
CA PRO A 684 19.08 34.15 36.02
C PRO A 684 18.62 32.71 35.81
N GLU A 685 17.33 32.41 35.88
CA GLU A 685 16.92 31.02 35.66
C GLU A 685 16.69 30.70 34.19
N MET A 686 16.95 31.64 33.29
CA MET A 686 16.54 31.50 31.90
C MET A 686 17.35 30.42 31.18
N ASN A 687 16.69 29.74 30.28
CA ASN A 687 17.34 28.92 29.28
C ASN A 687 17.98 29.81 28.22
N ILE A 688 19.30 29.71 28.08
CA ILE A 688 20.01 30.46 27.07
C ILE A 688 21.02 29.52 26.44
N HIS A 689 21.09 29.53 25.12
CA HIS A 689 22.10 28.78 24.37
C HIS A 689 22.91 29.78 23.56
N ALA A 690 24.16 30.01 23.94
CA ALA A 690 24.93 31.12 23.38
C ALA A 690 26.25 30.63 22.79
N GLU A 691 26.55 31.10 21.59
CA GLU A 691 27.84 30.95 20.94
C GLU A 691 28.52 32.31 21.03
N THR A 692 29.72 32.37 21.62
CA THR A 692 30.31 33.62 22.10
C THR A 692 31.80 33.75 21.77
N SER A 693 32.15 33.64 20.49
CA SER A 693 33.47 33.98 19.96
C SER A 693 34.55 33.01 20.43
N GLY A 694 35.76 33.15 19.88
CA GLY A 694 36.85 32.24 20.19
C GLY A 694 38.18 32.89 19.85
N LYS A 695 39.24 32.31 20.41
CA LYS A 695 40.63 32.72 20.20
C LYS A 695 41.35 31.49 19.66
N ASN A 696 41.37 31.36 18.35
CA ASN A 696 41.64 30.09 17.69
C ASN A 696 43.02 30.12 17.04
N ALA A 697 43.70 28.98 17.10
CA ALA A 697 45.06 28.85 16.63
C ALA A 697 45.15 27.71 15.63
N ILE A 698 46.14 27.80 14.75
CA ILE A 698 46.55 26.68 13.89
C ILE A 698 48.00 26.38 14.20
N ILE A 699 48.28 25.14 14.60
CA ILE A 699 49.64 24.68 14.83
C ILE A 699 50.25 24.16 13.53
N VAL A 700 51.47 24.60 13.24
CA VAL A 700 52.23 24.21 12.06
C VAL A 700 53.56 23.65 12.56
N THR A 701 53.78 22.37 12.32
CA THR A 701 54.99 21.67 12.71
C THR A 701 55.88 21.47 11.49
N PRO A 702 57.17 21.20 11.69
CA PRO A 702 58.07 21.05 10.53
C PRO A 702 57.63 19.98 9.54
N SER A 703 56.80 19.02 9.95
CA SER A 703 56.31 17.95 9.07
C SER A 703 55.13 18.38 8.20
N ALA A 704 54.82 19.66 8.14
CA ALA A 704 53.70 20.16 7.38
C ALA A 704 54.12 20.52 5.98
N ASP A 705 53.15 20.53 5.09
CA ASP A 705 53.32 21.14 3.79
C ASP A 705 53.24 22.64 4.02
N PRO A 706 54.36 23.35 3.91
CA PRO A 706 54.34 24.78 4.24
C PRO A 706 53.39 25.57 3.39
N ASP A 707 53.25 25.22 2.11
CA ASP A 707 52.41 26.00 1.22
C ASP A 707 50.93 25.79 1.51
N LEU A 708 50.52 24.53 1.63
CA LEU A 708 49.14 24.29 2.05
C LEU A 708 48.87 24.92 3.42
N ALA A 709 49.85 24.89 4.32
CA ALA A 709 49.64 25.53 5.62
C ALA A 709 49.44 27.03 5.48
N VAL A 710 50.29 27.68 4.68
CA VAL A 710 50.16 29.14 4.48
C VAL A 710 48.79 29.49 3.91
N ALA A 711 48.37 28.77 2.86
CA ALA A 711 47.05 29.04 2.28
C ALA A 711 45.93 28.87 3.31
N ASP A 712 46.01 27.86 4.17
CA ASP A 712 44.93 27.71 5.13
C ASP A 712 45.08 28.68 6.28
N VAL A 713 46.31 29.01 6.68
CA VAL A 713 46.45 30.01 7.75
C VAL A 713 45.96 31.36 7.29
N TYR A 714 46.36 31.82 6.10
CA TYR A 714 46.01 33.19 5.75
C TYR A 714 44.54 33.31 5.40
N LYS A 715 43.97 32.30 4.75
CA LYS A 715 42.53 32.35 4.49
C LYS A 715 41.71 32.26 5.77
N SER A 716 42.19 31.55 6.80
CA SER A 716 41.45 31.45 8.07
C SER A 716 41.59 32.70 8.92
N ALA A 717 42.72 33.41 8.78
CA ALA A 717 42.95 34.62 9.53
C ALA A 717 42.16 35.79 8.99
N PHE A 718 41.96 35.83 7.66
CA PHE A 718 41.61 37.05 6.98
C PHE A 718 40.30 37.02 6.21
N GLY A 719 39.64 35.87 6.07
CA GLY A 719 38.31 35.87 5.50
C GLY A 719 37.38 36.75 6.33
N HIS A 720 36.53 37.51 5.65
CA HIS A 720 35.64 38.48 6.32
C HIS A 720 36.44 39.35 7.29
N ALA A 721 37.68 39.69 6.87
CA ALA A 721 38.58 40.57 7.61
C ALA A 721 38.85 40.09 9.03
N GLY A 722 38.81 38.78 9.27
CA GLY A 722 38.97 38.22 10.60
C GLY A 722 37.77 38.34 11.52
N GLN A 723 36.59 38.69 10.99
CA GLN A 723 35.41 38.99 11.81
C GLN A 723 34.57 37.73 12.00
N LYS A 724 35.22 36.68 12.51
CA LYS A 724 34.57 35.40 12.67
C LYS A 724 34.91 34.85 14.04
N CYS A 725 33.88 34.29 14.70
CA CYS A 725 34.12 33.54 15.93
C CYS A 725 35.19 32.46 15.72
N SER A 726 35.31 31.94 14.51
CA SER A 726 36.23 30.85 14.20
C SER A 726 37.56 31.29 13.62
N ALA A 727 37.75 32.58 13.41
CA ALA A 727 38.93 33.08 12.68
C ALA A 727 40.21 32.58 13.32
N ALA A 728 41.24 32.40 12.49
CA ALA A 728 42.56 32.02 12.98
C ALA A 728 43.30 33.29 13.38
N SER A 729 43.41 33.52 14.68
CA SER A 729 44.06 34.68 15.23
C SER A 729 45.50 34.38 15.56
N LEU A 730 45.82 33.12 15.72
CA LEU A 730 47.14 32.69 16.12
C LEU A 730 47.56 31.56 15.19
N VAL A 731 48.82 31.60 14.77
CA VAL A 731 49.52 30.47 14.19
C VAL A 731 50.72 30.18 15.11
N ILE A 732 50.83 28.93 15.55
CA ILE A 732 51.87 28.50 16.48
C ILE A 732 52.77 27.55 15.70
N LEU A 733 54.01 27.96 15.47
CA LEU A 733 54.97 27.18 14.71
C LEU A 733 55.88 26.42 15.67
N VAL A 734 56.04 25.12 15.43
CA VAL A 734 56.96 24.31 16.22
C VAL A 734 58.30 24.26 15.52
N GLY A 735 59.36 24.63 16.24
CA GLY A 735 60.68 24.60 15.63
C GLY A 735 60.75 25.53 14.43
N ASP A 736 61.45 25.06 13.40
CA ASP A 736 61.71 25.82 12.18
C ASP A 736 60.84 25.28 11.05
N VAL A 737 60.05 26.15 10.44
CA VAL A 737 59.11 25.73 9.41
C VAL A 737 59.50 26.24 8.02
N GLY A 738 60.76 26.58 7.83
CA GLY A 738 61.27 26.84 6.48
C GLY A 738 60.55 27.95 5.72
N ARG A 739 60.03 27.61 4.55
CA ARG A 739 59.50 28.67 3.70
C ARG A 739 58.20 29.28 4.23
N PHE A 740 57.63 28.72 5.30
CA PHE A 740 56.30 29.12 5.77
C PHE A 740 56.17 30.62 5.95
N THR A 741 57.04 31.22 6.77
CA THR A 741 56.84 32.61 7.15
C THR A 741 56.99 33.54 5.96
N ASP A 742 58.03 33.34 5.14
CA ASP A 742 58.18 34.15 3.94
C ASP A 742 56.90 34.09 3.09
N GLN A 743 56.41 32.87 2.84
CA GLN A 743 55.23 32.70 1.98
C GLN A 743 53.98 33.33 2.61
N LEU A 744 53.79 33.15 3.92
CA LEU A 744 52.67 33.78 4.60
C LEU A 744 52.72 35.29 4.45
N ILE A 745 53.90 35.87 4.60
CA ILE A 745 54.06 37.31 4.43
C ILE A 745 53.67 37.71 3.00
N ASP A 746 54.20 36.99 2.00
CA ASP A 746 53.90 37.30 0.60
C ASP A 746 52.39 37.20 0.34
N ALA A 747 51.76 36.15 0.82
CA ALA A 747 50.33 35.98 0.59
C ALA A 747 49.52 37.08 1.28
N THR A 748 49.94 37.52 2.47
CA THR A 748 49.16 38.53 3.19
C THR A 748 49.27 39.90 2.52
N ARG A 749 50.48 40.31 2.15
CA ARG A 749 50.63 41.55 1.41
C ARG A 749 49.84 41.55 0.10
N THR A 750 49.49 40.37 -0.44
CA THR A 750 48.78 40.29 -1.72
C THR A 750 47.25 40.44 -1.62
N LEU A 751 46.65 40.25 -0.45
CA LEU A 751 45.20 40.43 -0.34
C LEU A 751 44.76 41.82 -0.78
N ARG A 752 43.68 41.87 -1.57
CA ARG A 752 43.11 43.12 -2.06
C ARG A 752 42.07 43.61 -1.04
N VAL A 753 42.35 44.71 -0.36
CA VAL A 753 41.46 45.28 0.64
C VAL A 753 40.51 46.25 -0.06
N GLY A 754 39.22 46.13 0.24
CA GLY A 754 38.20 46.97 -0.34
C GLY A 754 36.84 46.56 0.17
N TYR A 755 35.82 47.28 -0.30
CA TYR A 755 34.44 47.01 0.11
C TYR A 755 33.97 45.66 -0.43
N GLY A 756 33.02 45.05 0.28
CA GLY A 756 32.54 43.74 -0.14
C GLY A 756 31.81 43.76 -1.47
N HIS A 757 31.26 44.91 -1.86
CA HIS A 757 30.48 45.01 -3.09
C HIS A 757 31.35 45.24 -4.32
N GLU A 758 32.67 45.21 -4.17
CA GLU A 758 33.61 45.32 -5.29
C GLU A 758 34.17 43.94 -5.62
N LEU A 759 33.84 43.44 -6.81
CA LEU A 759 34.21 42.07 -7.20
C LEU A 759 35.69 41.75 -6.98
N SER A 760 36.57 42.75 -7.10
CA SER A 760 38.00 42.50 -7.00
C SER A 760 38.47 42.33 -5.58
N THR A 761 37.68 42.80 -4.60
CA THR A 761 38.00 42.63 -3.17
C THR A 761 38.19 41.16 -2.82
N THR A 762 39.32 40.87 -2.17
CA THR A 762 39.57 39.57 -1.59
C THR A 762 39.70 39.61 -0.07
N MET A 763 39.77 40.80 0.53
CA MET A 763 39.54 40.98 1.97
C MET A 763 38.70 42.23 2.16
N ASN A 764 37.47 42.05 2.66
CA ASN A 764 36.51 43.13 2.77
C ASN A 764 36.85 44.06 3.95
N GLY A 765 35.99 45.08 4.14
CA GLY A 765 36.16 46.04 5.20
C GLY A 765 35.48 45.58 6.49
N LEU A 766 35.56 46.43 7.50
CA LEU A 766 34.94 46.12 8.78
C LEU A 766 33.52 46.64 8.80
N ILE A 767 32.75 46.11 9.76
CA ILE A 767 31.34 46.45 9.89
C ILE A 767 31.16 47.87 10.41
N SER A 768 32.19 48.42 11.05
CA SER A 768 32.25 49.74 11.65
C SER A 768 33.67 49.94 12.16
N PRO A 769 34.09 51.18 12.40
CA PRO A 769 35.49 51.42 12.78
C PRO A 769 35.85 50.67 14.06
N PRO A 770 37.13 50.38 14.26
CA PRO A 770 37.54 49.56 15.42
C PRO A 770 37.12 50.17 16.74
N GLY A 771 36.71 49.32 17.67
CA GLY A 771 36.58 49.70 19.07
C GLY A 771 37.92 49.60 19.81
N GLU A 772 37.87 49.83 21.12
CA GLU A 772 39.09 49.81 21.90
C GLU A 772 39.89 48.53 21.66
N LYS A 773 39.25 47.37 21.81
CA LYS A 773 39.93 46.08 21.66
C LYS A 773 40.60 45.94 20.30
N LEU A 774 39.86 46.18 19.22
CA LEU A 774 40.42 45.91 17.89
C LEU A 774 41.42 46.99 17.47
N HIS A 775 41.13 48.25 17.79
CA HIS A 775 42.10 49.29 17.50
C HIS A 775 43.44 48.99 18.18
N ARG A 776 43.40 48.44 19.38
CA ARG A 776 44.65 48.06 20.03
C ARG A 776 45.34 46.96 19.23
N GLY A 777 44.56 45.95 18.80
CA GLY A 777 45.13 44.88 18.00
C GLY A 777 45.74 45.36 16.70
N LEU A 778 45.17 46.40 16.10
CA LEU A 778 45.65 46.92 14.82
C LEU A 778 46.88 47.82 14.92
N THR A 779 47.05 48.60 16.01
CA THR A 779 48.00 49.71 16.03
C THR A 779 49.17 49.54 17.00
N THR A 780 48.98 48.80 18.09
CA THR A 780 49.93 48.75 19.18
C THR A 780 50.46 47.33 19.36
N LEU A 781 51.75 47.22 19.68
CA LEU A 781 52.43 45.96 19.95
C LEU A 781 52.61 45.75 21.46
N GLU A 782 52.85 44.50 21.86
CA GLU A 782 53.32 44.22 23.21
C GLU A 782 54.82 43.95 23.16
N THR A 783 55.42 43.90 24.34
CA THR A 783 56.87 43.85 24.48
C THR A 783 57.46 42.65 23.76
N GLY A 784 58.62 42.87 23.14
CA GLY A 784 59.32 41.84 22.38
C GLY A 784 58.75 41.53 21.02
N GLU A 785 57.54 42.02 20.72
CA GLU A 785 56.83 41.72 19.47
C GLU A 785 57.25 42.69 18.37
N SER A 786 56.99 42.31 17.13
CA SER A 786 57.25 43.18 15.98
C SER A 786 56.18 42.93 14.94
N TRP A 787 55.93 43.93 14.08
CA TRP A 787 55.04 43.74 12.94
C TRP A 787 55.84 43.16 11.78
N LEU A 788 55.49 41.94 11.36
CA LEU A 788 55.97 41.43 10.07
C LEU A 788 55.23 42.09 8.93
N VAL A 789 53.95 42.37 9.12
CA VAL A 789 53.15 43.19 8.23
C VAL A 789 52.30 44.05 9.16
N LYS A 790 52.38 45.42 9.00
CA LYS A 790 51.67 46.32 9.93
C LYS A 790 50.37 46.80 9.30
N PRO A 791 49.24 46.68 9.99
CA PRO A 791 47.97 47.09 9.39
C PRO A 791 48.00 48.56 9.06
N GLU A 792 47.30 48.95 8.00
CA GLU A 792 47.18 50.36 7.64
C GLU A 792 45.72 50.75 7.55
N LYS A 793 45.42 51.97 8.00
CA LYS A 793 44.08 52.52 7.83
C LYS A 793 43.96 53.07 6.41
N LEU A 794 42.98 52.61 5.64
CA LEU A 794 42.96 52.88 4.21
C LEU A 794 41.86 53.85 3.78
N ASN A 795 40.97 54.29 4.67
CA ASN A 795 39.98 55.28 4.30
C ASN A 795 39.66 56.10 5.54
N ASP A 796 39.04 57.27 5.32
CA ASP A 796 38.81 58.16 6.47
C ASP A 796 37.93 57.50 7.52
N GLU A 797 36.85 56.84 7.11
CA GLU A 797 35.90 56.29 8.07
C GLU A 797 36.55 55.29 9.02
N GLY A 798 37.65 54.66 8.62
CA GLY A 798 38.29 53.65 9.47
C GLY A 798 37.72 52.25 9.33
N THR A 799 36.97 51.97 8.27
CA THR A 799 36.42 50.65 8.07
C THR A 799 37.30 49.76 7.21
N LEU A 800 38.13 50.34 6.35
CA LEU A 800 39.02 49.58 5.49
C LEU A 800 40.41 49.58 6.13
N TRP A 801 40.84 48.41 6.63
CA TRP A 801 42.15 48.22 7.24
C TRP A 801 42.88 47.09 6.52
N SER A 802 44.14 47.34 6.17
CA SER A 802 44.97 46.29 5.59
C SER A 802 45.35 45.30 6.70
N PRO A 803 45.63 44.04 6.35
CA PRO A 803 45.91 43.04 7.40
C PRO A 803 47.28 43.25 8.00
N GLY A 804 47.45 42.70 9.21
CA GLY A 804 48.73 42.75 9.88
C GLY A 804 49.12 41.40 10.47
N ILE A 805 50.40 41.23 10.76
CA ILE A 805 50.92 40.00 11.37
C ILE A 805 51.93 40.38 12.46
N ARG A 806 51.59 40.06 13.73
CA ARG A 806 52.53 40.14 14.86
C ARG A 806 53.37 38.88 14.96
N ASP A 807 54.65 39.08 15.28
CA ASP A 807 55.60 38.01 15.54
C ASP A 807 56.00 37.99 17.03
N ASN A 808 56.34 36.80 17.52
CA ASN A 808 56.82 36.60 18.90
C ASN A 808 55.74 36.91 19.94
N VAL A 809 54.49 36.57 19.62
CA VAL A 809 53.40 36.68 20.59
C VAL A 809 53.62 35.64 21.68
N ARG A 810 53.74 36.11 22.99
CA ARG A 810 54.16 35.16 23.99
C ARG A 810 52.96 34.61 24.77
N PRO A 811 53.05 33.41 25.35
CA PRO A 811 51.91 32.85 26.10
C PRO A 811 51.54 33.68 27.31
N GLY A 812 50.25 34.03 27.40
CA GLY A 812 49.78 34.85 28.49
C GLY A 812 49.86 36.34 28.21
N SER A 813 50.49 36.73 27.10
CA SER A 813 50.46 38.10 26.63
C SER A 813 49.03 38.51 26.28
N TRP A 814 48.84 39.82 26.08
CA TRP A 814 47.50 40.33 25.81
C TRP A 814 46.91 39.73 24.54
N PHE A 815 47.70 39.70 23.44
CA PHE A 815 47.14 39.23 22.17
C PHE A 815 46.87 37.72 22.16
N HIS A 816 47.51 36.98 23.06
CA HIS A 816 47.25 35.54 23.18
C HIS A 816 45.86 35.26 23.75
N THR A 817 45.32 36.15 24.58
CA THR A 817 44.12 35.86 25.37
C THR A 817 42.97 36.82 25.10
N HIS A 818 43.01 37.61 24.02
CA HIS A 818 41.96 38.58 23.70
C HIS A 818 41.61 38.48 22.22
N GLU A 819 40.36 38.12 21.92
CA GLU A 819 39.90 38.06 20.53
C GLU A 819 39.59 39.47 20.07
N CYS A 820 40.34 39.94 19.04
CA CYS A 820 40.13 41.26 18.47
C CYS A 820 39.08 41.32 17.37
N PHE A 821 38.73 40.20 16.76
CA PHE A 821 37.67 40.20 15.75
C PHE A 821 38.00 41.15 14.59
N GLY A 822 39.22 41.02 14.08
CA GLY A 822 39.68 41.86 13.00
C GLY A 822 40.84 41.23 12.24
N PRO A 823 41.41 41.97 11.36
CA PRO A 823 42.41 41.41 10.42
C PRO A 823 43.83 41.40 10.99
N VAL A 824 44.02 40.69 12.10
CA VAL A 824 45.29 40.62 12.81
C VAL A 824 45.58 39.17 13.16
N LEU A 825 46.75 38.69 12.75
CA LEU A 825 47.23 37.36 13.02
C LEU A 825 48.49 37.47 13.84
N GLY A 826 48.63 36.63 14.85
CA GLY A 826 49.83 36.60 15.69
C GLY A 826 50.56 35.28 15.53
N ILE A 827 51.88 35.33 15.49
CA ILE A 827 52.72 34.14 15.39
C ILE A 827 53.36 33.89 16.73
N MET A 828 53.22 32.67 17.23
CA MET A 828 53.92 32.22 18.42
C MET A 828 54.94 31.17 18.00
N HIS A 829 56.10 31.18 18.65
CA HIS A 829 57.15 30.21 18.35
C HIS A 829 57.27 29.26 19.54
N ALA A 830 56.93 28.00 19.32
CA ALA A 830 56.95 26.99 20.38
C ALA A 830 58.09 26.01 20.18
N GLU A 831 58.62 25.49 21.28
CA GLU A 831 59.74 24.56 21.25
C GLU A 831 59.34 23.14 20.90
N SER A 832 58.05 22.78 21.05
CA SER A 832 57.63 21.40 20.80
C SER A 832 56.13 21.38 20.56
N LEU A 833 55.67 20.30 19.91
CA LEU A 833 54.24 20.12 19.75
C LEU A 833 53.52 20.12 21.10
N GLU A 834 54.11 19.46 22.11
CA GLU A 834 53.45 19.40 23.41
C GLU A 834 53.26 20.79 24.00
N GLN A 835 54.26 21.66 23.85
CA GLN A 835 54.11 23.02 24.34
C GLN A 835 53.09 23.80 23.51
N ALA A 836 53.16 23.69 22.18
CA ALA A 836 52.21 24.39 21.31
C ALA A 836 50.78 24.00 21.66
N ILE A 837 50.55 22.73 22.01
CA ILE A 837 49.21 22.31 22.41
C ILE A 837 48.83 22.93 23.73
N GLU A 838 49.79 23.05 24.67
CA GLU A 838 49.50 23.78 25.90
C GLU A 838 49.07 25.20 25.58
N TRP A 839 49.75 25.86 24.66
CA TRP A 839 49.43 27.25 24.35
C TRP A 839 48.08 27.37 23.67
N GLN A 840 47.76 26.47 22.74
CA GLN A 840 46.46 26.49 22.07
C GLN A 840 45.30 26.31 23.06
N ASN A 841 45.56 25.62 24.17
CA ASN A 841 44.51 25.26 25.13
C ASN A 841 44.30 26.30 26.23
N SER A 842 45.16 27.33 26.33
CA SER A 842 45.15 28.29 27.42
C SER A 842 44.75 29.71 26.99
N THR A 843 43.96 29.84 25.93
CA THR A 843 43.42 31.12 25.51
C THR A 843 42.21 31.55 26.34
N GLY A 844 41.61 30.62 27.09
CA GLY A 844 40.35 30.86 27.74
C GLY A 844 39.18 30.44 26.91
N PHE A 845 39.39 30.22 25.62
CA PHE A 845 38.36 29.82 24.69
C PHE A 845 38.60 28.40 24.18
N GLY A 846 37.57 27.82 23.57
CA GLY A 846 37.76 26.54 22.93
C GLY A 846 36.81 26.29 21.78
N LEU A 847 36.79 27.19 20.80
CA LEU A 847 35.86 27.10 19.67
C LEU A 847 36.47 26.30 18.51
N THR A 848 37.35 26.90 17.69
CA THR A 848 37.97 26.15 16.61
C THR A 848 39.48 26.06 16.83
N GLY A 849 40.09 25.12 16.11
CA GLY A 849 41.52 24.90 16.19
C GLY A 849 41.99 23.89 15.15
N GLY A 850 43.21 24.04 14.66
CA GLY A 850 43.70 23.17 13.62
C GLY A 850 45.17 22.87 13.81
N ILE A 851 45.59 21.79 13.16
CA ILE A 851 47.01 21.46 13.08
C ILE A 851 47.34 21.18 11.62
N HIS A 852 48.55 21.55 11.24
CA HIS A 852 49.06 21.19 9.93
C HIS A 852 50.27 20.31 10.15
N SER A 853 50.14 19.04 9.77
CA SER A 853 51.25 18.10 9.89
C SER A 853 50.94 16.86 9.08
N LEU A 854 51.91 16.39 8.30
CA LEU A 854 51.79 15.14 7.56
C LEU A 854 52.30 13.94 8.35
N ASP A 855 52.70 14.17 9.60
CA ASP A 855 53.17 13.13 10.48
C ASP A 855 51.98 12.58 11.26
N GLU A 856 51.74 11.27 11.16
CA GLU A 856 50.52 10.69 11.72
C GLU A 856 50.54 10.70 13.26
N ASP A 857 51.71 10.48 13.88
CA ASP A 857 51.75 10.45 15.35
C ASP A 857 51.44 11.82 15.94
N GLU A 858 51.93 12.88 15.30
CA GLU A 858 51.63 14.22 15.75
C GLU A 858 50.14 14.48 15.66
N VAL A 859 49.54 14.06 14.56
CA VAL A 859 48.12 14.26 14.38
C VAL A 859 47.33 13.49 15.41
N GLU A 860 47.77 12.28 15.75
CA GLU A 860 47.00 11.49 16.69
C GLU A 860 47.09 12.10 18.09
N LEU A 861 48.28 12.50 18.49
CA LEU A 861 48.42 13.22 19.75
C LEU A 861 47.54 14.48 19.75
N TRP A 862 47.60 15.26 18.67
CA TRP A 862 46.81 16.49 18.61
C TRP A 862 45.30 16.20 18.69
N LYS A 863 44.81 15.17 17.96
CA LYS A 863 43.37 14.85 18.04
C LYS A 863 42.95 14.55 19.47
N GLU A 864 43.84 13.94 20.25
CA GLU A 864 43.45 13.54 21.59
C GLU A 864 43.63 14.68 22.58
N LYS A 865 44.62 15.55 22.38
CA LYS A 865 44.93 16.51 23.43
C LYS A 865 44.31 17.89 23.21
N VAL A 866 43.84 18.22 22.00
CA VAL A 866 43.39 19.60 21.76
C VAL A 866 41.99 19.76 22.30
N GLU A 867 41.73 20.93 22.88
CA GLU A 867 40.53 21.22 23.64
C GLU A 867 39.72 22.29 22.94
N VAL A 868 39.13 21.92 21.80
CA VAL A 868 38.29 22.79 20.99
C VAL A 868 37.06 22.01 20.54
N GLY A 869 35.99 22.72 20.26
CA GLY A 869 34.80 22.02 19.82
C GLY A 869 34.94 21.57 18.38
N ASN A 870 35.56 22.41 17.54
CA ASN A 870 35.77 22.13 16.12
C ASN A 870 37.27 22.04 15.83
N ALA A 871 37.74 20.80 15.64
CA ALA A 871 39.11 20.51 15.25
C ALA A 871 39.22 20.21 13.75
N TYR A 872 40.29 20.69 13.12
CA TYR A 872 40.55 20.51 11.70
C TYR A 872 41.98 20.06 11.53
N ILE A 873 42.21 19.20 10.55
CA ILE A 873 43.55 18.65 10.34
C ILE A 873 43.93 18.90 8.90
N ASN A 874 45.01 19.65 8.70
CA ASN A 874 45.52 19.97 7.37
C ASN A 874 44.45 20.60 6.48
N ARG A 875 43.70 21.55 7.03
CA ARG A 875 42.80 22.38 6.24
C ARG A 875 42.48 23.62 7.07
N GLY A 876 41.71 24.54 6.48
CA GLY A 876 41.29 25.73 7.20
C GLY A 876 40.37 25.40 8.35
N ILE A 877 40.31 26.32 9.32
CA ILE A 877 39.49 26.16 10.51
C ILE A 877 38.19 26.97 10.46
N THR A 878 37.87 27.55 9.31
CA THR A 878 36.61 28.27 9.11
C THR A 878 35.80 27.57 8.03
N GLY A 879 34.56 28.01 7.83
CA GLY A 879 33.72 27.44 6.79
C GLY A 879 32.95 26.20 7.16
N ALA A 880 32.52 26.08 8.41
CA ALA A 880 31.88 24.86 8.87
C ALA A 880 30.60 24.65 8.11
N ILE A 881 30.42 23.44 7.60
CA ILE A 881 29.26 23.11 6.79
C ILE A 881 28.33 22.22 7.61
N VAL A 882 27.05 22.57 7.61
CA VAL A 882 25.99 21.89 8.34
C VAL A 882 26.16 20.38 8.20
N GLN A 883 26.08 19.69 9.33
CA GLN A 883 26.18 18.25 9.43
C GLN A 883 27.56 17.69 9.13
N ARG A 884 28.30 18.30 8.20
CA ARG A 884 29.69 17.91 8.00
C ARG A 884 30.54 18.26 9.21
N GLN A 885 30.47 19.52 9.63
CA GLN A 885 31.18 20.03 10.81
C GLN A 885 30.14 20.77 11.64
N PRO A 886 29.38 20.05 12.46
CA PRO A 886 28.52 20.73 13.43
C PRO A 886 29.33 21.70 14.26
N PHE A 887 28.78 22.88 14.51
CA PHE A 887 29.59 24.00 15.01
C PHE A 887 29.19 24.38 16.44
N GLY A 888 30.21 24.55 17.30
CA GLY A 888 30.01 24.97 18.67
C GLY A 888 31.24 24.75 19.53
N GLY A 889 31.42 25.55 20.58
CA GLY A 889 32.67 25.59 21.30
C GLY A 889 32.59 25.08 22.74
N TRP A 890 33.76 25.00 23.36
CA TRP A 890 33.92 24.70 24.77
C TRP A 890 34.35 25.97 25.50
N LYS A 891 34.41 25.89 26.83
CA LYS A 891 34.99 26.94 27.70
C LYS A 891 34.27 28.27 27.50
N ASN A 892 34.97 29.38 27.30
CA ASN A 892 34.29 30.66 27.18
C ASN A 892 33.60 30.84 25.84
N SER A 893 33.73 29.86 24.93
CA SER A 893 33.12 30.02 23.62
C SER A 893 31.64 29.71 23.63
N SER A 894 31.13 29.05 24.67
CA SER A 894 29.74 28.62 24.69
C SER A 894 29.12 28.92 26.05
N VAL A 895 27.83 29.21 26.04
CA VAL A 895 27.00 29.25 27.24
C VAL A 895 25.85 28.29 27.05
N GLY A 896 25.64 27.40 28.03
CA GLY A 896 24.53 26.47 28.03
C GLY A 896 24.99 25.03 28.05
N VAL A 897 24.01 24.13 27.92
CA VAL A 897 24.33 22.71 27.79
C VAL A 897 25.16 22.45 26.54
N GLY A 898 24.96 23.23 25.49
CA GLY A 898 25.96 23.27 24.44
C GLY A 898 25.92 22.28 23.28
N ALA A 899 24.75 21.89 22.79
CA ALA A 899 24.77 21.09 21.56
C ALA A 899 25.22 21.99 20.42
N LYS A 900 25.83 21.37 19.42
CA LYS A 900 26.33 22.10 18.27
C LYS A 900 25.21 22.44 17.30
N ALA A 901 25.18 23.69 16.87
CA ALA A 901 24.34 24.05 15.73
C ALA A 901 24.81 23.27 14.53
N GLY A 902 23.84 22.85 13.72
CA GLY A 902 24.13 21.95 12.62
C GLY A 902 24.56 20.57 13.04
N GLY A 903 24.23 20.15 14.26
CA GLY A 903 24.46 18.79 14.72
C GLY A 903 23.15 18.21 15.20
N PRO A 904 23.12 16.91 15.50
CA PRO A 904 21.85 16.22 15.71
C PRO A 904 21.15 16.51 17.05
N ASN A 905 21.78 17.18 18.00
CA ASN A 905 21.19 17.38 19.31
C ASN A 905 20.67 18.78 19.54
N TYR A 906 20.80 19.66 18.55
CA TYR A 906 20.52 21.08 18.71
C TYR A 906 19.02 21.34 18.87
N VAL A 907 18.21 20.91 17.90
CA VAL A 907 16.77 21.05 18.03
C VAL A 907 16.28 20.52 19.38
N ALA A 908 16.77 19.33 19.78
CA ALA A 908 16.28 18.69 20.99
C ALA A 908 16.52 19.51 22.28
N GLN A 909 17.33 20.57 22.25
CA GLN A 909 17.49 21.43 23.42
C GLN A 909 16.31 22.38 23.60
N LEU A 910 15.52 22.61 22.56
CA LEU A 910 14.53 23.67 22.62
C LEU A 910 13.22 23.17 23.21
N GLY A 911 13.36 22.52 24.35
CA GLY A 911 12.22 21.97 25.04
C GLY A 911 12.67 21.23 26.27
N THR A 912 11.84 20.30 26.72
CA THR A 912 12.14 19.53 27.91
C THR A 912 11.81 18.08 27.64
N TRP A 913 12.56 17.18 28.28
CA TRP A 913 12.37 15.74 28.12
C TRP A 913 11.90 15.10 29.43
N GLU A 914 11.10 14.05 29.31
CA GLU A 914 10.62 13.30 30.46
C GLU A 914 10.74 11.80 30.19
N ASP A 915 11.04 11.04 31.24
CA ASP A 915 10.96 9.59 31.11
C ASP A 915 9.52 9.15 30.81
N ILE A 916 9.39 8.10 29.99
CA ILE A 916 8.11 7.44 29.76
C ILE A 916 8.22 5.97 30.14
N GLU A 917 7.07 5.32 30.26
CA GLU A 917 7.04 3.88 30.49
C GLU A 917 7.35 3.15 29.19
N SER A 918 8.28 2.22 29.26
CA SER A 918 8.67 1.48 28.06
C SER A 918 9.30 0.18 28.52
N ASP A 919 9.38 -0.77 27.60
CA ASP A 919 10.05 -2.00 27.93
C ASP A 919 11.47 -1.92 27.40
N VAL A 920 12.43 -2.18 28.27
CA VAL A 920 13.84 -2.16 27.95
C VAL A 920 14.22 -3.48 27.28
N PRO A 921 15.01 -3.46 26.21
CA PRO A 921 15.46 -4.71 25.60
C PRO A 921 16.52 -5.38 26.47
N SER A 922 16.79 -6.64 26.15
CA SER A 922 17.84 -7.37 26.85
C SER A 922 19.21 -6.94 26.31
N VAL A 923 20.00 -6.22 27.14
CA VAL A 923 21.38 -5.89 26.82
C VAL A 923 22.22 -6.19 28.05
N SER A 924 23.44 -6.69 27.83
CA SER A 924 24.34 -7.02 28.92
C SER A 924 24.91 -5.76 29.56
N LEU A 925 25.15 -5.85 30.88
CA LEU A 925 25.77 -4.79 31.65
C LEU A 925 27.06 -5.29 32.28
N PRO A 926 28.12 -4.48 32.28
CA PRO A 926 29.28 -4.81 33.11
C PRO A 926 28.91 -4.73 34.58
N PRO A 927 29.52 -5.55 35.43
CA PRO A 927 28.99 -5.70 36.80
C PRO A 927 29.19 -4.47 37.68
N ALA A 928 30.20 -3.63 37.40
CA ALA A 928 30.39 -2.41 38.20
C ALA A 928 29.15 -1.54 38.15
N TYR A 929 28.44 -1.54 37.03
CA TYR A 929 27.24 -0.73 36.95
C TYR A 929 26.13 -1.36 37.77
N ARG A 930 25.99 -2.69 37.70
CA ARG A 930 24.88 -3.31 38.40
C ARG A 930 25.05 -3.19 39.91
N GLU A 931 26.31 -3.13 40.38
CA GLU A 931 26.57 -2.87 41.80
C GLU A 931 25.95 -1.56 42.26
N LEU A 932 25.90 -0.55 41.39
CA LEU A 932 25.29 0.74 41.72
C LEU A 932 23.79 0.72 41.55
N ALA A 933 23.28 -0.08 40.62
CA ALA A 933 21.87 -0.03 40.24
C ALA A 933 21.11 -0.95 41.19
N ASN A 934 20.63 -0.36 42.30
CA ASN A 934 19.91 -1.05 43.35
C ASN A 934 18.44 -0.64 43.44
N THR A 935 17.89 -0.03 42.39
CA THR A 935 16.49 0.34 42.33
C THR A 935 15.93 -0.04 40.97
N GLU A 936 14.59 -0.19 40.91
CA GLU A 936 13.90 -0.21 39.63
C GLU A 936 14.43 0.92 38.76
N PHE A 937 14.38 2.14 39.29
CA PHE A 937 14.80 3.31 38.53
C PHE A 937 16.27 3.23 38.15
N LEU A 938 17.13 2.81 39.08
CA LEU A 938 18.55 2.80 38.77
C LEU A 938 18.91 1.68 37.80
N LYS A 939 18.24 0.55 37.88
CA LYS A 939 18.48 -0.48 36.87
C LYS A 939 18.02 0.00 35.49
N ARG A 940 16.93 0.73 35.46
CA ARG A 940 16.43 1.22 34.18
C ARG A 940 17.40 2.24 33.58
N ALA A 941 18.00 3.09 34.42
CA ALA A 941 18.99 4.05 33.96
C ALA A 941 20.31 3.39 33.59
N ALA A 942 20.68 2.31 34.28
CA ALA A 942 21.90 1.60 33.90
C ALA A 942 21.78 0.99 32.51
N ALA A 943 20.60 0.42 32.20
CA ALA A 943 20.43 -0.25 30.92
C ALA A 943 20.35 0.73 29.78
N LEU A 944 19.62 1.83 29.98
CA LEU A 944 19.44 2.82 28.93
C LEU A 944 20.75 3.56 28.64
N ASP A 945 21.62 3.73 29.65
CA ASP A 945 22.95 4.25 29.40
C ASP A 945 23.73 3.33 28.47
N GLU A 946 23.67 2.03 28.73
CA GLU A 946 24.36 1.08 27.86
C GLU A 946 23.87 1.21 26.42
N ILE A 947 22.54 1.24 26.21
CA ILE A 947 22.00 1.29 24.86
C ILE A 947 22.36 2.61 24.18
N ALA A 948 22.24 3.71 24.90
CA ALA A 948 22.64 4.99 24.34
C ALA A 948 24.12 5.00 24.01
N TRP A 949 24.94 4.38 24.86
CA TRP A 949 26.36 4.35 24.57
C TRP A 949 26.65 3.53 23.31
N ARG A 950 25.96 2.40 23.14
CA ARG A 950 26.14 1.59 21.94
C ARG A 950 25.62 2.30 20.68
N THR A 951 24.53 3.06 20.80
CA THR A 951 23.87 3.63 19.64
C THR A 951 24.58 4.87 19.13
N GLU A 952 24.95 5.76 20.06
CA GLU A 952 25.38 7.12 19.76
C GLU A 952 26.73 7.46 20.42
N PHE A 953 26.76 7.50 21.76
CA PHE A 953 27.80 8.24 22.46
C PHE A 953 29.18 7.60 22.32
N GLY A 954 29.26 6.30 22.19
CA GLY A 954 30.52 5.59 22.06
C GLY A 954 31.00 5.47 20.65
N VAL A 955 30.33 6.08 19.68
CA VAL A 955 30.67 5.95 18.27
C VAL A 955 31.23 7.27 17.74
N GLU A 956 32.29 7.15 16.93
CA GLU A 956 32.73 8.24 16.07
C GLU A 956 31.97 8.12 14.75
N GLN A 957 31.17 9.12 14.42
CA GLN A 957 30.18 9.05 13.35
C GLN A 957 30.48 10.06 12.25
N ASP A 958 30.77 9.55 11.06
CA ASP A 958 30.94 10.40 9.87
C ASP A 958 29.64 10.33 9.08
N PHE A 959 28.79 11.34 9.23
CA PHE A 959 27.48 11.34 8.56
C PHE A 959 27.57 11.59 7.05
N THR A 960 28.58 12.32 6.57
CA THR A 960 28.50 12.73 5.17
C THR A 960 29.28 11.81 4.25
N GLY A 961 30.32 11.17 4.76
CA GLY A 961 30.97 10.10 4.04
C GLY A 961 31.73 10.48 2.79
N LEU A 962 32.24 11.71 2.71
CA LEU A 962 33.03 12.17 1.56
C LEU A 962 34.30 11.34 1.41
N ARG A 963 34.75 11.15 0.16
CA ARG A 963 36.03 10.47 -0.05
C ARG A 963 37.20 11.35 0.43
N CYS A 964 37.23 12.63 0.05
CA CYS A 964 38.45 13.41 0.22
C CYS A 964 38.59 14.02 1.62
N GLU A 965 37.55 13.95 2.45
CA GLU A 965 37.59 14.61 3.74
C GLU A 965 36.82 13.78 4.76
N SER A 966 37.51 13.34 5.80
CA SER A 966 36.88 12.68 6.93
C SER A 966 36.22 13.72 7.84
N ASN A 967 34.93 13.57 8.08
CA ASN A 967 34.20 14.50 8.93
C ASN A 967 33.49 13.71 10.05
N VAL A 968 34.07 13.76 11.26
CA VAL A 968 33.69 12.91 12.39
C VAL A 968 32.91 13.70 13.44
N PHE A 969 31.85 13.10 13.97
CA PHE A 969 31.04 13.67 15.04
C PHE A 969 31.14 12.72 16.24
N ARG A 970 31.69 13.21 17.34
CA ARG A 970 31.96 12.35 18.46
C ARG A 970 31.69 13.09 19.75
N TYR A 971 31.58 12.31 20.83
CA TYR A 971 31.38 12.86 22.15
C TYR A 971 32.65 12.69 22.96
N ARG A 972 33.06 13.75 23.66
CA ARG A 972 34.21 13.72 24.57
C ARG A 972 33.76 13.83 26.02
N PRO A 973 34.48 13.24 26.97
CA PRO A 973 34.00 13.25 28.36
C PRO A 973 34.13 14.64 28.95
N LEU A 974 33.05 15.07 29.64
CA LEU A 974 33.12 16.22 30.54
C LEU A 974 33.89 15.85 31.79
N GLU A 975 34.93 16.63 32.12
CA GLU A 975 35.85 16.27 33.21
C GLU A 975 35.19 16.34 34.59
N THR A 976 34.50 17.45 34.88
CA THR A 976 33.94 17.69 36.20
C THR A 976 32.51 18.17 36.07
N LEU A 977 31.61 17.55 36.84
CA LEU A 977 30.22 17.96 36.98
C LEU A 977 29.92 18.31 38.43
N TYR A 978 29.33 19.47 38.65
CA TYR A 978 28.92 19.90 39.98
C TYR A 978 27.47 19.51 40.23
N VAL A 979 27.18 19.09 41.46
CA VAL A 979 25.87 18.56 41.83
C VAL A 979 25.32 19.38 42.99
N VAL A 980 24.08 19.85 42.86
CA VAL A 980 23.43 20.65 43.88
C VAL A 980 22.17 19.93 44.37
N GLY A 981 22.07 19.76 45.68
CA GLY A 981 20.91 19.13 46.27
C GLY A 981 21.28 17.80 46.90
N ASP A 982 20.32 17.25 47.64
CA ASP A 982 20.55 15.98 48.35
C ASP A 982 19.44 15.00 48.00
N ASP A 983 19.82 13.90 47.37
CA ASP A 983 18.92 12.82 47.02
C ASP A 983 19.76 11.63 46.63
N GLU A 984 19.85 10.63 47.51
CA GLU A 984 20.82 9.56 47.30
C GLU A 984 20.54 8.80 46.01
N GLU A 985 19.26 8.51 45.73
CA GLU A 985 18.98 7.71 44.55
C GLU A 985 19.40 8.45 43.29
N GLN A 986 19.02 9.73 43.16
CA GLN A 986 19.40 10.50 41.97
C GLN A 986 20.91 10.70 41.91
N PHE A 987 21.55 10.94 43.07
CA PHE A 987 23.00 11.00 43.07
C PHE A 987 23.63 9.69 42.57
N ASN A 988 23.02 8.54 42.87
CA ASN A 988 23.53 7.28 42.34
C ASN A 988 23.33 7.19 40.83
N ARG A 989 22.19 7.70 40.35
CA ARG A 989 21.99 7.74 38.91
C ARG A 989 23.11 8.54 38.24
N LEU A 990 23.56 9.64 38.88
CA LEU A 990 24.69 10.38 38.35
C LEU A 990 26.01 9.64 38.52
N LYS A 991 26.15 8.78 39.53
CA LYS A 991 27.39 8.01 39.66
C LYS A 991 27.50 6.96 38.55
N LEU A 992 26.36 6.34 38.19
CA LEU A 992 26.28 5.46 37.03
C LEU A 992 26.78 6.14 35.76
N ALA A 993 26.26 7.33 35.47
CA ALA A 993 26.71 8.11 34.32
C ALA A 993 28.20 8.44 34.42
N ALA A 994 28.66 8.84 35.61
CA ALA A 994 30.05 9.27 35.74
C ALA A 994 31.02 8.10 35.63
N LEU A 995 30.60 6.92 36.08
CA LEU A 995 31.45 5.74 35.97
C LEU A 995 31.71 5.40 34.51
N ARG A 996 30.79 5.75 33.63
CA ARG A 996 30.86 5.39 32.22
C ARG A 996 31.62 6.43 31.41
N THR A 997 31.52 7.71 31.76
CA THR A 997 32.21 8.75 31.02
C THR A 997 33.54 9.13 31.64
N GLY A 998 33.77 8.75 32.89
CA GLY A 998 34.95 9.18 33.62
C GLY A 998 34.86 10.53 34.30
N THR A 999 33.70 11.18 34.26
CA THR A 999 33.52 12.48 34.87
C THR A 999 33.67 12.39 36.39
N GLU A 1000 34.16 13.48 36.98
CA GLU A 1000 34.25 13.64 38.42
C GLU A 1000 33.02 14.39 38.87
N LEU A 1001 32.33 13.87 39.89
CA LEU A 1001 31.23 14.57 40.53
C LEU A 1001 31.76 15.35 41.73
N ARG A 1002 31.37 16.62 41.84
CA ARG A 1002 31.70 17.46 42.99
C ARG A 1002 30.42 18.01 43.58
N LYS A 1003 30.16 17.71 44.86
CA LYS A 1003 29.02 18.27 45.57
C LYS A 1003 29.27 19.74 45.84
N LEU A 1004 28.21 20.55 45.72
CA LEU A 1004 28.33 22.00 45.73
C LEU A 1004 27.28 22.57 46.67
N GLU A 1005 27.70 23.48 47.55
CA GLU A 1005 26.81 24.14 48.49
C GLU A 1005 26.48 25.55 48.01
N THR A 1006 25.56 26.20 48.71
CA THR A 1006 25.33 27.63 48.47
C THR A 1006 26.56 28.40 48.92
N HIS A 1007 26.92 29.42 48.13
CA HIS A 1007 28.06 30.28 48.38
C HIS A 1007 29.40 29.59 48.18
N GLU A 1008 29.41 28.27 47.91
CA GLU A 1008 30.65 27.66 47.45
C GLU A 1008 30.93 28.06 46.00
N TRP A 1009 32.14 28.55 45.75
CA TRP A 1009 32.58 28.97 44.43
C TRP A 1009 32.70 27.79 43.47
N PHE A 1010 32.59 28.09 42.17
CA PHE A 1010 32.80 27.12 41.11
C PHE A 1010 33.35 27.86 39.90
N PRO A 1011 34.13 27.21 39.04
CA PRO A 1011 34.88 27.92 38.00
C PRO A 1011 33.97 28.44 36.92
N PRO A 1012 34.44 29.39 36.10
CA PRO A 1012 33.64 29.78 34.93
C PRO A 1012 33.38 28.60 34.00
N HIS A 1013 32.20 28.60 33.40
CA HIS A 1013 31.75 27.63 32.39
C HIS A 1013 31.52 26.23 32.94
N SER A 1014 31.26 26.13 34.25
CA SER A 1014 30.93 24.86 34.85
C SER A 1014 29.51 24.43 34.46
N ARG A 1015 29.27 23.13 34.59
CA ARG A 1015 27.93 22.57 34.50
C ARG A 1015 27.52 22.12 35.89
N ILE A 1016 26.33 22.51 36.32
CA ILE A 1016 25.86 22.22 37.68
C ILE A 1016 24.55 21.46 37.54
N ARG A 1017 24.55 20.20 38.02
CA ARG A 1017 23.37 19.35 37.97
C ARG A 1017 22.56 19.48 39.25
N ALA A 1018 21.26 19.71 39.11
CA ALA A 1018 20.35 19.84 40.24
C ALA A 1018 19.71 18.49 40.53
N ILE A 1019 19.81 18.06 41.80
CA ILE A 1019 19.13 16.85 42.22
C ILE A 1019 18.25 17.18 43.42
N GLY A 1020 17.14 16.44 43.54
CA GLY A 1020 16.28 16.58 44.70
C GLY A 1020 15.06 17.45 44.41
N ASP A 1021 14.25 17.62 45.47
CA ASP A 1021 12.97 18.32 45.42
C ASP A 1021 13.08 19.78 45.79
N ALA A 1022 14.20 20.20 46.33
CA ALA A 1022 14.34 21.59 46.71
C ALA A 1022 14.65 22.44 45.48
N PRO A 1023 14.27 23.72 45.50
CA PRO A 1023 14.72 24.62 44.44
C PRO A 1023 16.24 24.73 44.49
N VAL A 1024 16.82 25.12 43.36
CA VAL A 1024 18.22 25.50 43.44
C VAL A 1024 18.32 26.83 44.17
N PRO A 1025 19.24 27.00 45.10
CA PRO A 1025 19.38 28.32 45.74
C PRO A 1025 19.71 29.40 44.71
N THR A 1026 19.03 30.55 44.85
CA THR A 1026 19.12 31.62 43.84
C THR A 1026 20.55 32.06 43.61
N THR A 1027 21.35 32.12 44.68
CA THR A 1027 22.70 32.62 44.55
C THR A 1027 23.51 31.80 43.55
N ILE A 1028 23.25 30.50 43.45
CA ILE A 1028 23.98 29.70 42.47
C ILE A 1028 23.62 30.11 41.06
N TYR A 1029 22.32 30.33 40.79
CA TYR A 1029 21.92 30.84 39.48
C TYR A 1029 22.59 32.18 39.18
N GLU A 1030 22.61 33.10 40.16
CA GLU A 1030 23.18 34.43 39.94
C GLU A 1030 24.67 34.36 39.68
N TRP A 1031 25.34 33.44 40.34
CA TRP A 1031 26.77 33.31 40.11
C TRP A 1031 27.03 32.68 38.76
N ALA A 1032 26.23 31.67 38.39
CA ALA A 1032 26.36 31.04 37.09
C ALA A 1032 26.18 32.04 35.96
N ALA A 1033 25.27 33.01 36.14
CA ALA A 1033 25.04 34.01 35.10
C ALA A 1033 26.23 34.93 34.94
N LEU A 1034 26.97 35.18 36.03
CA LEU A 1034 28.16 36.03 35.96
C LEU A 1034 29.31 35.33 35.27
N ASN A 1035 29.54 34.05 35.54
CA ASN A 1035 30.70 33.38 34.97
C ASN A 1035 30.36 32.36 33.89
N GLY A 1036 29.16 32.45 33.30
CA GLY A 1036 28.78 31.62 32.16
C GLY A 1036 28.65 30.12 32.39
N SER A 1037 28.39 29.69 33.63
CA SER A 1037 28.08 28.30 33.91
C SER A 1037 26.59 28.03 33.64
N VAL A 1038 26.19 26.77 33.72
CA VAL A 1038 24.83 26.38 33.42
C VAL A 1038 24.29 25.45 34.50
N VAL A 1039 23.17 25.83 35.09
CA VAL A 1039 22.52 25.05 36.11
C VAL A 1039 21.51 24.16 35.38
N ILE A 1040 21.77 22.84 35.35
CA ILE A 1040 20.89 21.86 34.71
C ILE A 1040 19.85 21.45 35.74
N ASP A 1041 18.65 21.99 35.63
CA ASP A 1041 17.70 21.91 36.75
C ASP A 1041 16.44 21.13 36.41
N GLY A 1042 16.41 20.41 35.30
CA GLY A 1042 15.30 19.51 35.02
C GLY A 1042 15.40 18.24 35.84
N PRO A 1043 14.33 17.43 35.77
CA PRO A 1043 14.35 16.14 36.47
C PRO A 1043 15.46 15.24 35.93
N VAL A 1044 16.00 14.42 36.83
CA VAL A 1044 17.00 13.44 36.44
C VAL A 1044 16.32 12.34 35.65
N LEU A 1045 16.76 12.11 34.42
CA LEU A 1045 16.11 11.14 33.54
C LEU A 1045 16.80 9.79 33.62
N ALA A 1046 15.97 8.75 33.64
CA ALA A 1046 16.49 7.40 33.49
C ALA A 1046 17.11 7.23 32.12
N ASP A 1047 16.50 7.85 31.10
CA ASP A 1047 16.94 7.67 29.72
C ASP A 1047 18.29 8.35 29.52
N GLY A 1048 19.35 7.53 29.45
CA GLY A 1048 20.68 8.08 29.20
C GLY A 1048 20.82 8.75 27.85
N ARG A 1049 19.98 8.37 26.87
CA ARG A 1049 20.01 9.07 25.59
C ARG A 1049 19.84 10.56 25.80
N ARG A 1050 19.14 10.97 26.86
CA ARG A 1050 19.05 12.37 27.24
C ARG A 1050 20.00 12.76 28.35
N GLU A 1051 20.04 12.00 29.45
CA GLU A 1051 20.78 12.43 30.63
C GLU A 1051 22.28 12.43 30.38
N LEU A 1052 22.79 11.49 29.58
CA LEU A 1052 24.23 11.42 29.37
C LEU A 1052 24.78 12.64 28.61
N LEU A 1053 23.93 13.44 27.98
CA LEU A 1053 24.46 14.63 27.29
C LEU A 1053 25.09 15.58 28.30
N HIS A 1054 24.59 15.58 29.54
CA HIS A 1054 25.14 16.40 30.61
C HIS A 1054 26.55 15.97 31.00
N PHE A 1055 27.00 14.80 30.56
CA PHE A 1055 28.31 14.28 30.92
C PHE A 1055 29.29 14.31 29.76
N LEU A 1056 28.92 14.92 28.63
CA LEU A 1056 29.67 14.83 27.37
C LEU A 1056 29.77 16.19 26.68
N LYS A 1057 30.88 16.39 26.00
CA LYS A 1057 31.10 17.56 25.17
C LYS A 1057 31.15 17.12 23.71
N GLU A 1058 30.25 17.66 22.89
CA GLU A 1058 30.24 17.29 21.49
C GLU A 1058 31.48 17.86 20.80
N GLN A 1059 31.96 17.13 19.77
CA GLN A 1059 33.13 17.58 19.02
C GLN A 1059 33.12 17.08 17.57
N ALA A 1060 33.46 17.99 16.64
CA ALA A 1060 33.63 17.65 15.23
C ALA A 1060 35.11 17.65 14.87
N VAL A 1061 35.59 16.56 14.25
CA VAL A 1061 36.98 16.45 13.82
C VAL A 1061 36.99 16.26 12.31
N SER A 1062 37.50 17.26 11.59
CA SER A 1062 37.52 17.28 10.14
C SER A 1062 38.96 17.17 9.67
N THR A 1063 39.26 16.12 8.89
CA THR A 1063 40.62 15.79 8.43
C THR A 1063 40.68 15.61 6.91
N THR A 1064 41.56 16.36 6.26
CA THR A 1064 41.82 16.14 4.85
C THR A 1064 42.34 14.72 4.68
N ASN A 1065 41.82 14.00 3.67
CA ASN A 1065 42.13 12.59 3.47
C ASN A 1065 43.17 12.35 2.38
N HIS A 1066 43.39 13.32 1.52
CA HIS A 1066 44.16 13.16 0.31
C HIS A 1066 45.47 13.93 0.41
N ARG A 1067 46.45 13.53 -0.41
CA ARG A 1067 47.71 14.24 -0.60
C ARG A 1067 47.74 14.74 -2.04
N PHE A 1068 47.30 15.98 -2.27
CA PHE A 1068 47.13 16.50 -3.63
C PHE A 1068 46.25 15.60 -4.45
N GLY A 1069 45.18 15.08 -3.83
CA GLY A 1069 44.18 14.29 -4.51
C GLY A 1069 44.32 12.78 -4.32
N TYR A 1070 45.51 12.28 -3.97
CA TYR A 1070 45.71 10.84 -3.89
C TYR A 1070 45.22 10.32 -2.54
N ILE A 1071 44.38 9.29 -2.57
CA ILE A 1071 43.75 8.74 -1.35
C ILE A 1071 43.59 7.21 -1.42
N LEU B 9 22.64 -17.73 77.18
CA LEU B 9 23.78 -17.34 78.04
C LEU B 9 24.80 -18.48 78.15
N MET B 10 25.88 -18.32 77.39
CA MET B 10 26.84 -19.40 77.15
C MET B 10 27.95 -19.36 78.18
N SER B 11 28.07 -20.43 78.97
CA SER B 11 29.00 -20.53 80.09
C SER B 11 30.47 -20.67 79.67
N TYR B 12 30.76 -20.90 78.39
CA TYR B 12 32.14 -20.92 77.93
C TYR B 12 32.75 -19.54 77.76
N ILE B 13 31.95 -18.48 77.63
CA ILE B 13 32.49 -17.14 77.44
C ILE B 13 33.16 -16.65 78.73
N ASN B 14 34.27 -15.95 78.57
CA ASN B 14 35.06 -15.46 79.69
C ASN B 14 35.92 -14.30 79.20
N ARG B 15 36.74 -13.77 80.10
CA ARG B 15 37.58 -12.63 79.78
C ARG B 15 39.08 -12.95 79.87
N ASP B 16 39.44 -14.24 79.78
CA ASP B 16 40.85 -14.64 79.88
C ASP B 16 41.69 -14.01 78.78
N LEU B 17 41.25 -14.12 77.53
CA LEU B 17 42.05 -13.55 76.44
C LEU B 17 42.26 -12.06 76.64
N GLU B 18 41.18 -11.35 76.97
CA GLU B 18 41.25 -9.91 77.19
C GLU B 18 42.33 -9.56 78.21
N ASN B 19 42.42 -10.35 79.29
CA ASN B 19 43.40 -10.08 80.33
C ASN B 19 44.82 -10.44 79.89
N LEU B 20 44.97 -11.46 79.06
CA LEU B 20 46.28 -11.88 78.56
C LEU B 20 46.71 -11.13 77.31
N GLN B 21 45.86 -10.21 76.82
CA GLN B 21 46.07 -9.58 75.52
C GLN B 21 47.47 -8.96 75.43
N GLU B 22 47.91 -8.33 76.52
CA GLU B 22 49.18 -7.61 76.53
C GLU B 22 50.35 -8.57 76.53
N ARG B 23 50.38 -9.51 77.48
CA ARG B 23 51.48 -10.47 77.56
C ARG B 23 51.51 -11.36 76.32
N ILE B 24 50.37 -11.61 75.69
CA ILE B 24 50.35 -12.36 74.45
C ILE B 24 51.07 -11.57 73.36
N ILE B 25 50.70 -10.29 73.19
CA ILE B 25 51.35 -9.44 72.19
C ILE B 25 52.85 -9.38 72.44
N ALA B 26 53.24 -9.06 73.68
CA ALA B 26 54.64 -9.03 74.06
C ALA B 26 55.35 -10.33 73.73
N ARG B 27 54.64 -11.47 73.86
CA ARG B 27 55.24 -12.75 73.51
C ARG B 27 55.46 -12.85 72.01
N ALA B 28 54.48 -12.45 71.21
CA ALA B 28 54.61 -12.55 69.77
C ALA B 28 55.75 -11.69 69.25
N ASN B 29 56.08 -10.61 69.94
CA ASN B 29 57.20 -9.79 69.50
C ASN B 29 58.53 -10.44 69.83
N GLU B 30 58.65 -11.01 71.03
CA GLU B 30 59.83 -11.79 71.40
C GLU B 30 60.12 -12.86 70.35
N TRP B 31 59.08 -13.53 69.86
CA TRP B 31 59.30 -14.62 68.93
C TRP B 31 59.73 -14.13 67.54
N LEU B 32 59.43 -12.89 67.17
CA LEU B 32 59.99 -12.35 65.93
C LEU B 32 61.47 -12.05 66.10
N ALA B 33 61.87 -11.52 67.24
CA ALA B 33 63.28 -11.32 67.56
C ALA B 33 63.97 -12.63 67.94
N ARG B 121 60.81 -19.14 40.44
CA ARG B 121 60.65 -18.08 41.44
C ARG B 121 60.68 -18.68 42.85
N LEU B 122 59.50 -18.71 43.49
CA LEU B 122 59.32 -19.34 44.80
C LEU B 122 59.12 -20.85 44.70
N ARG B 123 58.95 -21.39 43.49
CA ARG B 123 58.96 -22.83 43.28
C ARG B 123 60.34 -23.44 43.53
N GLN B 124 61.41 -22.61 43.55
CA GLN B 124 62.74 -23.11 43.87
C GLN B 124 62.82 -23.62 45.30
N MET B 125 62.16 -22.94 46.24
CA MET B 125 62.19 -23.36 47.65
C MET B 125 61.23 -24.52 47.92
N VAL B 126 60.03 -24.49 47.30
CA VAL B 126 59.07 -25.57 47.49
C VAL B 126 59.59 -26.88 46.92
N SER B 127 60.33 -26.82 45.81
CA SER B 127 60.87 -28.03 45.21
C SER B 127 61.92 -28.69 46.11
N HIS B 128 62.58 -27.91 46.98
CA HIS B 128 63.51 -28.50 47.94
C HIS B 128 62.80 -29.13 49.13
N LEU B 129 61.56 -28.71 49.42
CA LEU B 129 60.80 -29.26 50.55
C LEU B 129 60.21 -30.63 50.26
N VAL B 130 59.92 -30.95 48.98
CA VAL B 130 59.23 -32.18 48.60
C VAL B 130 60.25 -33.31 48.45
N LEU B 131 60.03 -34.41 49.17
CA LEU B 131 60.94 -35.53 49.27
C LEU B 131 60.34 -36.79 48.68
N ASP B 132 61.21 -37.77 48.45
CA ASP B 132 60.80 -39.08 47.96
C ASP B 132 60.26 -39.90 49.12
N ALA B 133 59.02 -40.38 49.00
CA ALA B 133 58.42 -41.20 50.04
C ALA B 133 59.17 -42.50 50.26
N GLU B 134 60.04 -42.89 49.31
CA GLU B 134 60.96 -44.00 49.48
C GLU B 134 62.42 -43.57 49.45
N GLY B 135 62.71 -42.28 49.24
CA GLY B 135 64.08 -41.84 49.13
C GLY B 135 64.81 -41.88 50.45
N LYS B 136 66.13 -41.72 50.37
CA LYS B 136 66.93 -41.75 51.59
C LYS B 136 66.78 -40.46 52.38
N ALA B 137 66.51 -39.35 51.69
CA ALA B 137 66.39 -38.05 52.35
C ALA B 137 65.35 -38.06 53.46
N LEU B 138 64.23 -38.75 53.23
CA LEU B 138 63.14 -38.76 54.21
C LEU B 138 63.59 -39.39 55.53
N ASN B 139 64.22 -40.57 55.47
CA ASN B 139 64.68 -41.19 56.71
C ASN B 139 65.77 -40.37 57.38
N LYS B 140 66.61 -39.70 56.57
CA LYS B 140 67.61 -38.79 57.11
C LYS B 140 66.96 -37.55 57.71
N LEU B 141 65.88 -37.05 57.10
CA LEU B 141 65.25 -35.86 57.66
C LEU B 141 64.50 -36.18 58.95
N LEU B 142 63.97 -37.41 59.08
CA LEU B 142 63.31 -37.78 60.33
C LEU B 142 64.28 -37.88 61.49
N ASP B 143 65.52 -38.33 61.24
CA ASP B 143 66.49 -38.48 62.32
C ASP B 143 67.02 -37.12 62.75
N GLU B 144 67.36 -36.25 61.80
CA GLU B 144 67.87 -34.92 62.14
C GLU B 144 66.85 -34.14 62.96
N SER B 145 65.57 -34.26 62.61
CA SER B 145 64.52 -33.50 63.28
C SER B 145 64.13 -34.12 64.61
N LYS B 146 64.01 -35.45 64.68
CA LYS B 146 63.76 -36.10 65.97
C LYS B 146 64.86 -35.77 66.96
N ALA B 147 66.10 -35.73 66.48
CA ALA B 147 67.23 -35.39 67.34
C ALA B 147 67.20 -33.92 67.72
N LYS B 148 66.64 -33.08 66.87
CA LYS B 148 66.49 -31.67 67.18
C LYS B 148 65.21 -31.37 67.95
N GLY B 149 64.46 -32.40 68.33
CA GLY B 149 63.28 -32.21 69.16
C GLY B 149 61.98 -31.94 68.43
N TYR B 150 61.81 -32.44 67.22
CA TYR B 150 60.61 -32.21 66.43
C TYR B 150 60.02 -33.55 65.98
N ARG B 151 58.71 -33.53 65.72
CA ARG B 151 58.03 -34.64 65.05
C ARG B 151 57.59 -34.17 63.67
N LEU B 152 57.52 -35.11 62.74
CA LEU B 152 57.24 -34.80 61.33
C LEU B 152 55.87 -35.32 60.91
N ASN B 153 55.10 -34.46 60.25
CA ASN B 153 53.83 -34.85 59.62
C ASN B 153 54.11 -35.20 58.15
N VAL B 154 54.19 -36.49 57.86
CA VAL B 154 54.44 -36.98 56.52
C VAL B 154 53.11 -37.01 55.77
N ASN B 155 53.03 -36.31 54.63
CA ASN B 155 51.81 -36.22 53.86
C ASN B 155 52.12 -36.58 52.41
N LEU B 156 51.40 -37.55 51.87
CA LEU B 156 51.68 -38.06 50.55
C LEU B 156 50.91 -37.26 49.51
N LEU B 157 51.64 -36.57 48.66
CA LEU B 157 51.06 -35.84 47.53
C LEU B 157 51.23 -36.66 46.25
N GLY B 158 50.55 -36.24 45.18
CA GLY B 158 50.75 -36.92 43.90
C GLY B 158 49.65 -36.62 42.91
N GLU B 159 49.53 -37.54 41.94
CA GLU B 159 48.54 -37.43 40.86
C GLU B 159 47.15 -37.21 41.43
N ALA B 160 46.37 -36.38 40.76
CA ALA B 160 45.02 -36.11 41.26
C ALA B 160 44.24 -37.41 41.35
N VAL B 161 43.53 -37.57 42.46
CA VAL B 161 42.78 -38.80 42.68
C VAL B 161 41.46 -38.68 41.93
N LEU B 162 41.47 -39.15 40.68
CA LEU B 162 40.30 -39.19 39.83
C LEU B 162 39.69 -40.59 39.74
N GLY B 163 40.45 -41.64 40.11
CA GLY B 163 39.95 -43.00 40.04
C GLY B 163 40.41 -43.85 41.22
N ASP B 164 39.84 -45.06 41.30
CA ASP B 164 40.20 -45.98 42.39
C ASP B 164 41.64 -46.45 42.30
N GLY B 165 42.22 -46.43 41.11
CA GLY B 165 43.60 -46.81 40.92
C GLY B 165 44.48 -45.89 41.73
N GLU B 166 44.42 -44.59 41.43
CA GLU B 166 45.27 -43.65 42.15
C GLU B 166 44.89 -43.55 43.63
N ALA B 167 43.60 -43.74 43.97
CA ALA B 167 43.20 -43.72 45.37
C ALA B 167 43.85 -44.86 46.15
N ASN B 168 43.93 -46.04 45.53
CA ASN B 168 44.59 -47.16 46.18
C ASN B 168 46.08 -46.90 46.35
N ASN B 169 46.69 -46.13 45.43
CA ASN B 169 48.09 -45.77 45.60
C ASN B 169 48.29 -44.93 46.85
N ARG B 170 47.54 -43.84 46.99
CA ARG B 170 47.65 -43.00 48.17
C ARG B 170 47.50 -43.82 49.44
N LEU B 171 46.53 -44.74 49.46
CA LEU B 171 46.24 -45.49 50.66
C LEU B 171 47.37 -46.44 51.01
N THR B 172 47.76 -47.29 50.05
CA THR B 172 48.77 -48.30 50.34
C THR B 172 50.14 -47.66 50.56
N ARG B 173 50.47 -46.59 49.82
CA ARG B 173 51.76 -45.91 49.99
C ARG B 173 51.85 -45.14 51.29
N THR B 174 50.72 -44.61 51.77
CA THR B 174 50.65 -44.10 53.14
C THR B 174 50.83 -45.23 54.14
N MET B 175 50.25 -46.39 53.84
CA MET B 175 50.47 -47.58 54.68
C MET B 175 51.94 -47.96 54.72
N GLU B 176 52.65 -47.86 53.59
CA GLU B 176 54.07 -48.19 53.58
C GLU B 176 54.87 -47.22 54.45
N LEU B 177 54.50 -45.93 54.44
CA LEU B 177 55.17 -44.99 55.31
C LEU B 177 54.91 -45.31 56.77
N LEU B 178 53.72 -45.82 57.09
CA LEU B 178 53.40 -46.16 58.46
C LEU B 178 54.13 -47.42 58.95
N LYS B 179 54.62 -48.27 58.04
CA LYS B 179 55.49 -49.38 58.42
C LYS B 179 56.94 -48.92 58.59
N ASN B 180 57.26 -47.69 58.22
CA ASN B 180 58.59 -47.12 58.42
C ASN B 180 58.74 -46.73 59.88
N PRO B 181 59.68 -47.30 60.62
CA PRO B 181 59.74 -47.07 62.07
C PRO B 181 60.19 -45.68 62.50
N ARG B 182 60.73 -44.88 61.59
CA ARG B 182 61.10 -43.51 61.94
C ARG B 182 59.92 -42.54 61.84
N VAL B 183 58.82 -42.93 61.19
CA VAL B 183 57.69 -42.05 60.93
C VAL B 183 56.68 -42.17 62.08
N ASP B 184 56.35 -41.01 62.68
CA ASP B 184 55.45 -40.94 63.83
C ASP B 184 54.07 -40.37 63.53
N TYR B 185 53.85 -39.82 62.34
CA TYR B 185 52.65 -39.04 62.08
C TYR B 185 52.43 -39.00 60.58
N VAL B 186 51.31 -39.57 60.12
CA VAL B 186 50.88 -39.44 58.73
C VAL B 186 49.54 -38.75 58.70
N SER B 187 49.26 -38.04 57.60
CA SER B 187 47.95 -37.42 57.44
C SER B 187 47.42 -37.68 56.03
N ILE B 188 46.11 -37.93 55.93
CA ILE B 188 45.47 -38.31 54.68
C ILE B 188 44.02 -37.78 54.67
N LYS B 189 43.44 -37.65 53.47
CA LYS B 189 42.10 -37.11 53.26
C LYS B 189 41.14 -38.19 52.80
N ALA B 190 39.86 -38.01 53.12
CA ALA B 190 38.84 -38.92 52.61
C ALA B 190 38.91 -39.03 51.09
N THR B 191 39.07 -37.90 50.38
CA THR B 191 39.09 -37.90 48.92
C THR B 191 40.39 -38.45 48.32
N SER B 192 41.43 -38.67 49.12
CA SER B 192 42.58 -39.46 48.65
C SER B 192 42.34 -40.95 48.83
N VAL B 193 41.41 -41.33 49.70
CA VAL B 193 41.11 -42.73 49.95
C VAL B 193 39.99 -43.22 49.05
N VAL B 194 39.03 -42.34 48.74
CA VAL B 194 37.91 -42.67 47.86
C VAL B 194 37.85 -41.62 46.76
N ALA B 195 37.98 -42.05 45.51
CA ALA B 195 37.81 -41.14 44.40
C ALA B 195 36.34 -40.92 44.11
N GLN B 196 36.04 -39.79 43.47
CA GLN B 196 34.69 -39.45 43.03
C GLN B 196 33.67 -39.56 44.17
N LEU B 197 34.07 -39.09 45.35
CA LEU B 197 33.22 -39.07 46.53
C LEU B 197 31.86 -38.49 46.18
N ASN B 198 30.85 -39.35 46.17
CA ASN B 198 29.52 -38.95 45.77
C ASN B 198 28.86 -38.12 46.87
N PRO B 199 28.67 -36.81 46.68
CA PRO B 199 28.15 -35.99 47.77
C PRO B 199 26.72 -36.30 48.16
N TRP B 200 26.03 -37.15 47.41
CA TRP B 200 24.65 -37.48 47.76
C TRP B 200 24.51 -38.76 48.57
N ASP B 201 25.59 -39.50 48.81
CA ASP B 201 25.52 -40.78 49.50
C ASP B 201 26.46 -40.77 50.71
N ILE B 202 26.04 -40.12 51.79
CA ILE B 202 26.90 -40.03 52.96
C ILE B 202 26.97 -41.38 53.68
N ASP B 203 25.88 -42.17 53.68
CA ASP B 203 25.95 -43.50 54.29
C ASP B 203 26.92 -44.41 53.54
N GLY B 204 26.84 -44.42 52.21
CA GLY B 204 27.72 -45.27 51.43
C GLY B 204 29.17 -44.81 51.46
N ASN B 205 29.39 -43.49 51.39
CA ASN B 205 30.75 -42.96 51.48
C ASN B 205 31.41 -43.30 52.82
N THR B 206 30.65 -43.21 53.91
CA THR B 206 31.18 -43.53 55.22
C THR B 206 31.62 -44.99 55.30
N GLU B 207 30.76 -45.91 54.88
CA GLU B 207 31.08 -47.32 55.04
C GLU B 207 32.23 -47.71 54.13
N LEU B 208 32.27 -47.15 52.93
CA LEU B 208 33.34 -47.48 52.00
C LEU B 208 34.66 -46.93 52.53
N LEU B 209 34.66 -45.68 53.03
CA LEU B 209 35.89 -45.10 53.59
C LEU B 209 36.38 -45.88 54.81
N LYS B 210 35.46 -46.33 55.67
CA LYS B 210 35.85 -47.12 56.83
C LYS B 210 36.42 -48.46 56.40
N GLU B 211 35.75 -49.12 55.44
CA GLU B 211 36.21 -50.40 54.93
C GLU B 211 37.62 -50.32 54.35
N ARG B 212 37.96 -49.19 53.70
CA ARG B 212 39.28 -49.08 53.10
C ARG B 212 40.34 -48.61 54.10
N LEU B 213 39.95 -47.86 55.14
CA LEU B 213 40.89 -47.24 56.07
C LEU B 213 41.21 -48.11 57.29
N ARG B 214 40.39 -49.09 57.64
CA ARG B 214 40.71 -49.95 58.78
C ARG B 214 42.11 -50.57 58.69
N PRO B 215 42.58 -51.08 57.54
CA PRO B 215 43.98 -51.55 57.47
C PRO B 215 45.03 -50.51 57.83
N LEU B 216 44.84 -49.24 57.46
CA LEU B 216 45.85 -48.23 57.80
C LEU B 216 45.86 -47.97 59.30
N TYR B 217 44.68 -47.91 59.93
CA TYR B 217 44.62 -47.68 61.37
C TYR B 217 45.14 -48.88 62.13
N ARG B 218 44.97 -50.09 61.58
CA ARG B 218 45.55 -51.29 62.18
C ARG B 218 47.07 -51.17 62.24
N LEU B 219 47.70 -50.64 61.18
CA LEU B 219 49.16 -50.52 61.17
C LEU B 219 49.68 -49.68 62.33
N ALA B 220 48.85 -48.75 62.85
CA ALA B 220 49.21 -47.95 64.01
C ALA B 220 49.05 -48.71 65.33
N LEU B 221 48.25 -49.77 65.37
CA LEU B 221 48.13 -50.60 66.57
C LEU B 221 49.24 -51.63 66.70
N GLN B 222 49.86 -52.02 65.59
CA GLN B 222 50.92 -53.03 65.61
C GLN B 222 52.26 -52.45 66.06
N ARG B 223 52.35 -51.14 66.24
CA ARG B 223 53.55 -50.46 66.71
C ARG B 223 53.31 -49.84 68.09
N SER B 224 54.35 -49.86 68.93
CA SER B 224 54.29 -49.14 70.20
C SER B 224 55.55 -48.29 70.39
N PRO B 225 55.37 -46.98 70.63
CA PRO B 225 54.08 -46.30 70.77
C PRO B 225 53.31 -46.14 69.46
N HIS B 226 51.99 -46.05 69.58
CA HIS B 226 51.15 -45.88 68.41
C HIS B 226 51.53 -44.61 67.66
N PRO B 227 51.78 -44.67 66.36
CA PRO B 227 51.89 -43.46 65.55
C PRO B 227 50.51 -42.81 65.39
N PHE B 228 50.52 -41.61 64.80
CA PHE B 228 49.36 -40.74 64.75
C PHE B 228 48.83 -40.66 63.32
N ILE B 229 47.52 -40.91 63.16
CA ILE B 229 46.85 -40.74 61.87
C ILE B 229 45.88 -39.58 61.98
N ASN B 230 46.05 -38.61 61.08
CA ASN B 230 45.22 -37.42 61.04
C ASN B 230 44.46 -37.38 59.72
N LEU B 231 43.17 -37.08 59.80
CA LEU B 231 42.32 -36.92 58.61
C LEU B 231 42.32 -35.46 58.19
N ASP B 232 42.82 -35.17 57.00
CA ASP B 232 42.80 -33.78 56.53
C ASP B 232 41.44 -33.44 55.94
N MET B 233 41.20 -32.14 55.80
CA MET B 233 39.96 -31.63 55.21
C MET B 233 40.31 -30.47 54.28
N GLU B 234 39.81 -30.52 53.05
CA GLU B 234 40.02 -29.45 52.09
C GLU B 234 38.73 -28.73 51.76
N GLU B 235 37.74 -29.44 51.21
CA GLU B 235 36.54 -28.82 50.68
C GLU B 235 35.40 -28.91 51.67
N TYR B 236 34.47 -27.95 51.58
CA TYR B 236 33.33 -27.94 52.50
C TYR B 236 32.57 -29.25 52.47
N LYS B 237 32.50 -29.90 51.31
CA LYS B 237 31.81 -31.18 51.17
C LYS B 237 32.45 -32.31 52.01
N ASP B 238 33.72 -32.16 52.35
CA ASP B 238 34.39 -33.16 53.19
C ASP B 238 33.95 -33.10 54.64
N LEU B 239 33.21 -32.07 55.05
CA LEU B 239 33.12 -31.78 56.48
C LEU B 239 32.40 -32.90 57.23
N HIS B 240 31.15 -33.20 56.87
CA HIS B 240 30.34 -34.13 57.66
C HIS B 240 30.78 -35.59 57.48
N VAL B 241 31.14 -36.00 56.26
CA VAL B 241 31.56 -37.39 56.08
C VAL B 241 32.83 -37.65 56.86
N THR B 242 33.73 -36.68 56.91
CA THR B 242 35.00 -36.91 57.59
C THR B 242 34.79 -37.00 59.11
N ILE B 243 33.97 -36.13 59.69
CA ILE B 243 33.69 -36.23 61.12
C ILE B 243 33.04 -37.58 61.43
N ARG B 244 32.10 -38.02 60.58
CA ARG B 244 31.40 -39.26 60.83
C ARG B 244 32.34 -40.46 60.74
N LEU B 245 33.20 -40.48 59.73
CA LEU B 245 34.21 -41.53 59.60
C LEU B 245 35.13 -41.54 60.83
N PHE B 246 35.58 -40.38 61.26
CA PHE B 246 36.41 -40.26 62.45
C PHE B 246 35.70 -40.83 63.66
N GLU B 247 34.44 -40.43 63.88
CA GLU B 247 33.76 -40.82 65.11
C GLU B 247 33.31 -42.29 65.08
N GLU B 248 32.85 -42.78 63.93
CA GLU B 248 32.45 -44.18 63.86
C GLU B 248 33.65 -45.12 63.98
N LEU B 249 34.75 -44.80 63.29
CA LEU B 249 35.91 -45.68 63.28
C LEU B 249 36.56 -45.76 64.66
N LEU B 250 36.62 -44.64 65.38
CA LEU B 250 37.32 -44.60 66.66
C LEU B 250 36.51 -45.17 67.81
N MET B 251 35.24 -45.50 67.60
CA MET B 251 34.45 -46.14 68.66
C MET B 251 34.35 -47.65 68.49
N GLU B 252 34.85 -48.20 67.38
CA GLU B 252 34.90 -49.64 67.20
C GLU B 252 35.81 -50.27 68.23
N GLU B 253 35.42 -51.45 68.74
CA GLU B 253 36.19 -52.09 69.81
C GLU B 253 37.66 -52.18 69.42
N GLU B 254 37.94 -52.46 68.14
CA GLU B 254 39.29 -52.68 67.67
C GLU B 254 40.17 -51.45 67.87
N PHE B 255 39.64 -50.24 67.65
CA PHE B 255 40.44 -49.01 67.61
C PHE B 255 40.25 -48.11 68.83
N LEU B 256 39.58 -48.60 69.89
CA LEU B 256 39.08 -47.75 70.96
C LEU B 256 40.20 -47.08 71.77
N GLY B 257 41.40 -47.66 71.79
CA GLY B 257 42.48 -47.06 72.53
C GLY B 257 43.48 -46.32 71.66
N LEU B 258 43.05 -45.90 70.47
CA LEU B 258 43.92 -45.28 69.49
C LEU B 258 43.74 -43.77 69.50
N GLU B 259 44.83 -43.05 69.76
CA GLU B 259 44.87 -41.60 69.65
C GLU B 259 45.04 -41.21 68.18
N ALA B 260 44.05 -40.52 67.62
CA ALA B 260 44.03 -40.16 66.20
C ALA B 260 43.43 -38.76 66.06
N GLY B 261 43.59 -38.17 64.88
CA GLY B 261 43.35 -36.75 64.72
C GLY B 261 42.47 -36.40 63.54
N ILE B 262 41.99 -35.15 63.57
CA ILE B 262 41.11 -34.62 62.54
C ILE B 262 41.28 -33.10 62.50
N VAL B 263 41.03 -32.53 61.31
CA VAL B 263 41.18 -31.10 61.06
C VAL B 263 39.82 -30.45 61.19
N LEU B 264 39.79 -29.25 61.77
CA LEU B 264 38.68 -28.32 61.62
C LEU B 264 39.23 -27.03 61.00
N GLN B 265 38.54 -26.49 59.99
CA GLN B 265 38.95 -25.25 59.35
C GLN B 265 38.17 -24.10 60.00
N ALA B 266 38.88 -23.24 60.73
CA ALA B 266 38.21 -22.13 61.42
C ALA B 266 37.59 -21.10 60.46
N TYR B 267 37.92 -21.11 59.16
CA TYR B 267 37.26 -20.12 58.31
C TYR B 267 35.81 -20.51 58.00
N LEU B 268 35.40 -21.72 58.39
CA LEU B 268 34.00 -22.14 58.33
C LEU B 268 33.28 -21.78 59.63
N PRO B 269 32.28 -20.90 59.62
CA PRO B 269 31.57 -20.61 60.87
C PRO B 269 31.02 -21.85 61.55
N ASP B 270 30.48 -22.80 60.79
CA ASP B 270 29.90 -23.98 61.43
C ASP B 270 30.96 -24.97 61.90
N SER B 271 32.24 -24.65 61.75
CA SER B 271 33.23 -25.51 62.39
C SER B 271 33.27 -25.27 63.90
N PHE B 272 32.74 -24.15 64.39
CA PHE B 272 32.61 -24.00 65.83
C PHE B 272 31.57 -24.98 66.37
N GLN B 273 30.46 -25.17 65.65
CA GLN B 273 29.49 -26.16 66.10
C GLN B 273 30.09 -27.57 66.04
N ALA B 274 30.87 -27.86 64.99
CA ALA B 274 31.56 -29.14 64.92
C ALA B 274 32.49 -29.34 66.11
N LEU B 275 33.19 -28.29 66.54
CA LEU B 275 34.10 -28.43 67.66
C LEU B 275 33.37 -28.80 68.94
N GLN B 276 32.20 -28.21 69.17
CA GLN B 276 31.40 -28.57 70.33
C GLN B 276 30.95 -30.02 70.26
N GLN B 277 30.54 -30.49 69.07
CA GLN B 277 30.06 -31.86 68.96
C GLN B 277 31.20 -32.85 69.19
N LEU B 278 32.37 -32.57 68.63
CA LEU B 278 33.54 -33.41 68.88
C LEU B 278 33.98 -33.34 70.33
N ALA B 279 33.75 -32.21 71.00
CA ALA B 279 34.13 -32.08 72.40
C ALA B 279 33.28 -33.01 73.27
N ASP B 280 31.98 -33.10 72.97
CA ASP B 280 31.14 -34.07 73.65
C ASP B 280 31.54 -35.49 73.26
N PHE B 281 31.85 -35.70 71.98
CA PHE B 281 32.27 -37.03 71.51
C PHE B 281 33.47 -37.54 72.30
N ALA B 282 34.47 -36.68 72.51
CA ALA B 282 35.65 -37.08 73.26
C ALA B 282 35.31 -37.43 74.68
N LYS B 283 34.30 -36.77 75.26
CA LYS B 283 33.82 -37.14 76.58
C LYS B 283 33.10 -38.48 76.53
N ARG B 284 32.29 -38.71 75.48
CA ARG B 284 31.63 -40.00 75.32
C ARG B 284 32.65 -41.12 75.15
N ARG B 285 33.71 -40.86 74.38
CA ARG B 285 34.70 -41.91 74.13
C ARG B 285 35.45 -42.24 75.41
N ALA B 286 35.97 -41.22 76.09
CA ALA B 286 36.66 -41.41 77.36
C ALA B 286 35.78 -42.14 78.37
N ALA B 287 34.49 -41.79 78.42
CA ALA B 287 33.58 -42.47 79.32
C ALA B 287 33.61 -43.98 79.08
N ALA B 288 33.67 -44.39 77.82
CA ALA B 288 33.71 -45.80 77.42
C ALA B 288 35.07 -46.45 77.61
N GLY B 289 36.00 -45.79 78.29
CA GLY B 289 37.34 -46.32 78.40
C GLY B 289 38.24 -46.04 77.23
N GLY B 290 37.89 -45.06 76.38
CA GLY B 290 38.64 -44.80 75.17
C GLY B 290 39.76 -43.80 75.35
N ALA B 291 40.57 -43.68 74.31
CA ALA B 291 41.73 -42.81 74.24
C ALA B 291 41.33 -41.40 73.81
N LYS B 292 42.30 -40.48 73.87
CA LYS B 292 42.10 -39.09 73.49
C LYS B 292 41.89 -38.96 71.98
N ILE B 293 41.30 -37.84 71.55
CA ILE B 293 41.32 -37.42 70.14
C ILE B 293 42.17 -36.16 70.04
N LYS B 294 42.49 -35.78 68.79
CA LYS B 294 43.20 -34.53 68.57
C LYS B 294 42.58 -33.78 67.40
N ILE B 295 42.29 -32.51 67.62
CA ILE B 295 41.79 -31.65 66.57
C ILE B 295 42.92 -30.71 66.17
N ARG B 296 43.23 -30.69 64.88
CA ARG B 296 44.14 -29.70 64.33
C ARG B 296 43.33 -28.48 63.91
N LEU B 297 43.57 -27.36 64.57
CA LEU B 297 42.95 -26.11 64.19
C LEU B 297 43.80 -25.46 63.11
N VAL B 298 43.20 -25.26 61.93
CA VAL B 298 43.79 -24.52 60.82
C VAL B 298 42.83 -23.40 60.46
N LYS B 299 43.35 -22.40 59.75
CA LYS B 299 42.40 -21.37 59.32
C LYS B 299 41.66 -21.78 58.04
N GLY B 300 42.34 -22.43 57.09
CA GLY B 300 41.72 -22.94 55.88
C GLY B 300 42.47 -22.58 54.61
N ALA B 301 42.67 -23.54 53.71
CA ALA B 301 43.54 -23.34 52.55
C ALA B 301 42.80 -23.31 51.21
N ASN B 302 41.48 -23.33 51.18
CA ASN B 302 40.74 -23.52 49.94
C ASN B 302 39.79 -22.37 49.66
N LEU B 303 40.13 -21.15 50.13
CA LEU B 303 39.19 -20.04 50.01
C LEU B 303 38.85 -19.72 48.55
N SER B 304 39.85 -19.77 47.65
CA SER B 304 39.59 -19.52 46.23
C SER B 304 38.52 -20.43 45.66
N MET B 305 38.79 -21.75 45.66
CA MET B 305 37.84 -22.69 45.06
C MET B 305 36.52 -22.72 45.82
N GLU B 306 36.52 -22.30 47.08
CA GLU B 306 35.25 -22.21 47.78
C GLU B 306 34.40 -21.09 47.22
N LYS B 307 35.04 -20.00 46.79
CA LYS B 307 34.27 -18.88 46.26
C LYS B 307 33.81 -19.16 44.84
N VAL B 308 34.66 -19.86 44.06
CA VAL B 308 34.25 -20.28 42.72
C VAL B 308 33.01 -21.14 42.81
N ASP B 309 33.08 -22.22 43.61
CA ASP B 309 31.95 -23.14 43.79
C ASP B 309 30.68 -22.39 44.17
N ALA B 310 30.81 -21.40 45.06
CA ALA B 310 29.66 -20.62 45.47
C ALA B 310 29.08 -19.85 44.30
N GLU B 311 29.93 -19.10 43.57
CA GLU B 311 29.43 -18.22 42.53
C GLU B 311 28.77 -19.01 41.39
N LEU B 312 29.27 -20.21 41.11
CA LEU B 312 28.69 -21.03 40.06
C LEU B 312 27.27 -21.50 40.41
N HIS B 313 27.04 -21.90 41.67
CA HIS B 313 25.77 -22.51 42.05
C HIS B 313 24.76 -21.51 42.60
N GLY B 314 25.14 -20.26 42.81
CA GLY B 314 24.25 -19.35 43.49
C GLY B 314 24.16 -19.58 44.99
N TRP B 315 25.27 -19.93 45.61
CA TRP B 315 25.33 -20.16 47.04
C TRP B 315 26.24 -19.11 47.66
N TYR B 316 26.15 -18.94 48.97
CA TYR B 316 27.18 -18.18 49.65
C TYR B 316 28.44 -19.04 49.72
N PRO B 317 29.61 -18.42 49.70
CA PRO B 317 30.81 -19.18 50.06
C PRO B 317 30.64 -19.79 51.43
N ALA B 318 31.08 -21.04 51.60
CA ALA B 318 31.03 -21.64 52.92
C ALA B 318 31.89 -20.91 53.94
N PRO B 319 33.06 -20.38 53.60
CA PRO B 319 33.86 -19.64 54.58
C PRO B 319 33.31 -18.25 54.85
N TYR B 320 33.88 -17.64 55.88
CA TYR B 320 33.53 -16.28 56.28
C TYR B 320 33.80 -15.30 55.15
N ALA B 321 33.11 -14.16 55.21
CA ALA B 321 33.31 -13.14 54.18
C ALA B 321 34.61 -12.36 54.36
N THR B 322 35.08 -12.17 55.59
CA THR B 322 36.27 -11.38 55.85
C THR B 322 37.28 -12.19 56.66
N LYS B 323 38.57 -11.90 56.46
CA LYS B 323 39.62 -12.54 57.26
C LYS B 323 39.54 -12.14 58.74
N GLU B 324 39.00 -10.96 59.06
CA GLU B 324 38.81 -10.61 60.46
C GLU B 324 37.95 -11.64 61.17
N GLU B 325 36.89 -12.11 60.51
CA GLU B 325 36.02 -13.08 61.15
C GLU B 325 36.77 -14.38 61.43
N VAL B 326 37.61 -14.81 60.49
CA VAL B 326 38.33 -16.06 60.68
C VAL B 326 39.30 -15.95 61.84
N ASP B 327 40.14 -14.92 61.83
CA ASP B 327 41.05 -14.76 62.96
C ASP B 327 40.30 -14.76 64.28
N ALA B 328 39.08 -14.20 64.29
CA ALA B 328 38.25 -14.22 65.49
C ALA B 328 37.78 -15.64 65.83
N ASN B 329 37.22 -16.36 64.85
CA ASN B 329 36.75 -17.71 65.13
C ASN B 329 37.92 -18.64 65.46
N PHE B 330 39.08 -18.39 64.88
CA PHE B 330 40.28 -19.16 65.25
C PHE B 330 40.54 -19.06 66.75
N LEU B 331 40.40 -17.85 67.31
CA LEU B 331 40.56 -17.70 68.76
C LEU B 331 39.36 -18.26 69.51
N ARG B 332 38.15 -18.11 68.97
CA ARG B 332 36.98 -18.63 69.68
C ARG B 332 37.09 -20.14 69.84
N MET B 333 37.52 -20.84 68.79
CA MET B 333 37.70 -22.28 68.90
C MET B 333 38.86 -22.59 69.83
N MET B 334 39.92 -21.79 69.74
CA MET B 334 41.03 -21.91 70.68
C MET B 334 40.57 -21.69 72.12
N ASP B 335 39.86 -20.58 72.37
CA ASP B 335 39.35 -20.28 73.71
C ASP B 335 38.47 -21.41 74.25
N TYR B 336 37.60 -21.97 73.39
CA TYR B 336 36.62 -22.95 73.84
C TYR B 336 37.28 -24.25 74.27
N ILE B 337 38.27 -24.72 73.52
CA ILE B 337 38.70 -26.11 73.65
C ILE B 337 39.88 -26.27 74.63
N LEU B 338 40.69 -25.23 74.83
CA LEU B 338 41.85 -25.26 75.73
C LEU B 338 41.42 -24.98 77.17
N ARG B 339 40.76 -25.97 77.77
CA ARG B 339 40.25 -25.89 79.12
C ARG B 339 40.51 -27.20 79.83
N PRO B 340 40.41 -27.23 81.14
CA PRO B 340 40.44 -28.52 81.84
C PRO B 340 39.22 -29.37 81.51
N GLU B 341 38.10 -28.72 81.21
CA GLU B 341 36.86 -29.42 80.87
C GLU B 341 37.07 -30.41 79.72
N HIS B 342 37.93 -30.07 78.76
CA HIS B 342 38.15 -30.88 77.56
C HIS B 342 39.54 -31.50 77.55
N GLU B 343 39.94 -32.10 78.67
CA GLU B 343 41.22 -32.79 78.74
C GLU B 343 41.35 -33.87 77.68
N ASN B 344 40.23 -34.38 77.16
CA ASN B 344 40.25 -35.49 76.21
C ASN B 344 40.43 -35.04 74.76
N VAL B 345 40.49 -33.74 74.51
CA VAL B 345 40.70 -33.21 73.18
C VAL B 345 42.05 -32.52 73.21
N ARG B 346 43.10 -33.24 72.80
CA ARG B 346 44.34 -32.52 72.51
C ARG B 346 44.12 -31.61 71.30
N VAL B 347 44.97 -30.59 71.19
CA VAL B 347 44.78 -29.54 70.18
C VAL B 347 46.11 -29.22 69.53
N GLY B 348 46.15 -29.30 68.20
CA GLY B 348 47.26 -28.77 67.45
C GLY B 348 46.89 -27.45 66.81
N ILE B 349 47.49 -26.35 67.28
CA ILE B 349 47.34 -25.05 66.62
C ILE B 349 48.32 -24.98 65.46
N ALA B 350 47.79 -24.88 64.24
CA ALA B 350 48.60 -24.94 63.02
C ALA B 350 48.55 -23.58 62.32
N SER B 351 49.47 -22.70 62.68
CA SER B 351 49.45 -21.33 62.17
C SER B 351 50.86 -20.76 62.24
N HIS B 352 51.24 -19.99 61.21
CA HIS B 352 52.46 -19.20 61.22
C HIS B 352 52.23 -17.76 61.68
N ASN B 353 50.98 -17.39 61.97
CA ASN B 353 50.66 -16.13 62.61
C ASN B 353 51.07 -16.21 64.07
N LEU B 354 52.15 -15.52 64.44
CA LEU B 354 52.69 -15.68 65.79
C LEU B 354 51.73 -15.20 66.87
N PHE B 355 50.82 -14.26 66.55
CA PHE B 355 49.84 -13.82 67.54
C PHE B 355 48.86 -14.94 67.87
N SER B 356 48.37 -15.66 66.85
CA SER B 356 47.52 -16.82 67.10
C SER B 356 48.22 -17.87 67.96
N VAL B 357 49.50 -18.14 67.68
CA VAL B 357 50.17 -19.21 68.42
C VAL B 357 50.47 -18.77 69.85
N ALA B 358 50.97 -17.55 70.03
CA ALA B 358 51.20 -17.05 71.38
C ALA B 358 49.91 -17.04 72.20
N SER B 359 48.76 -16.84 71.55
CA SER B 359 47.48 -16.89 72.26
C SER B 359 47.21 -18.27 72.82
N ALA B 360 47.32 -19.30 71.98
CA ALA B 360 47.10 -20.65 72.48
C ALA B 360 48.07 -20.97 73.61
N TYR B 361 49.34 -20.55 73.46
CA TYR B 361 50.33 -20.81 74.49
C TYR B 361 49.92 -20.19 75.82
N GLU B 362 49.65 -18.88 75.81
CA GLU B 362 49.40 -18.17 77.05
C GLU B 362 48.13 -18.69 77.74
N LEU B 363 47.10 -19.01 76.95
CA LEU B 363 45.92 -19.64 77.52
C LEU B 363 46.27 -20.97 78.18
N SER B 364 47.10 -21.78 77.52
CA SER B 364 47.45 -23.08 78.08
C SER B 364 48.19 -22.93 79.41
N VAL B 365 49.09 -21.95 79.51
CA VAL B 365 49.82 -21.76 80.76
C VAL B 365 48.91 -21.24 81.86
N GLU B 366 48.05 -20.26 81.52
CA GLU B 366 47.13 -19.69 82.50
C GLU B 366 46.12 -20.72 82.99
N ARG B 367 45.79 -21.73 82.16
CA ARG B 367 44.77 -22.70 82.51
C ARG B 367 45.32 -24.07 82.89
N GLY B 368 46.63 -24.30 82.71
CA GLY B 368 47.22 -25.57 83.08
C GLY B 368 46.94 -26.75 82.16
N VAL B 369 46.88 -26.50 80.85
CA VAL B 369 46.55 -27.55 79.90
C VAL B 369 47.67 -27.68 78.87
N GLU B 370 48.91 -27.42 79.32
CA GLU B 370 50.08 -27.39 78.42
C GLU B 370 50.29 -28.70 77.68
N THR B 371 49.86 -29.81 78.28
CA THR B 371 49.99 -31.14 77.71
C THR B 371 48.96 -31.44 76.63
N GLN B 372 48.02 -30.55 76.40
CA GLN B 372 47.04 -30.69 75.33
C GLN B 372 47.32 -29.78 74.15
N LEU B 373 48.45 -29.06 74.18
CA LEU B 373 48.80 -28.09 73.14
C LEU B 373 50.05 -28.58 72.40
N ASP B 374 49.88 -28.88 71.11
CA ASP B 374 50.96 -28.97 70.14
C ASP B 374 50.84 -27.80 69.19
N VAL B 375 51.97 -27.35 68.64
CA VAL B 375 52.00 -26.34 67.60
C VAL B 375 52.49 -27.03 66.34
N GLU B 376 51.73 -26.90 65.27
CA GLU B 376 52.07 -27.52 64.01
C GLU B 376 52.41 -26.43 63.01
N MET B 377 53.56 -26.57 62.34
CA MET B 377 54.07 -25.54 61.42
C MET B 377 54.55 -26.18 60.13
N LEU B 378 54.96 -25.35 59.18
CA LEU B 378 55.44 -25.82 57.89
C LEU B 378 56.93 -26.06 57.95
N GLN B 379 57.36 -27.29 57.68
CA GLN B 379 58.75 -27.67 57.84
C GLN B 379 59.63 -26.81 56.95
N GLY B 380 60.52 -26.05 57.57
CA GLY B 380 61.46 -25.25 56.82
C GLY B 380 61.03 -23.83 56.50
N MET B 381 59.75 -23.48 56.69
CA MET B 381 59.36 -22.12 56.33
C MET B 381 60.12 -21.08 57.16
N ALA B 382 59.78 -20.94 58.45
CA ALA B 382 60.39 -19.91 59.30
C ALA B 382 61.01 -20.60 60.51
N PRO B 383 62.15 -21.28 60.32
CA PRO B 383 62.68 -22.12 61.41
C PRO B 383 63.05 -21.34 62.66
N ALA B 384 63.59 -20.13 62.50
CA ALA B 384 63.95 -19.32 63.66
C ALA B 384 62.75 -19.05 64.54
N GLN B 385 61.61 -18.67 63.93
CA GLN B 385 60.37 -18.55 64.68
C GLN B 385 59.97 -19.88 65.28
N ALA B 386 59.98 -20.94 64.47
CA ALA B 386 59.54 -22.25 64.91
C ALA B 386 60.37 -22.77 66.07
N GLU B 387 61.63 -22.37 66.17
CA GLU B 387 62.47 -22.82 67.29
C GLU B 387 62.14 -22.08 68.58
N ALA B 388 61.86 -20.79 68.51
CA ALA B 388 61.38 -20.07 69.69
C ALA B 388 60.12 -20.71 70.24
N VAL B 389 59.16 -21.02 69.35
CA VAL B 389 57.91 -21.66 69.75
C VAL B 389 58.17 -22.97 70.45
N ARG B 390 59.14 -23.75 69.96
CA ARG B 390 59.35 -25.10 70.47
C ARG B 390 59.77 -25.07 71.93
N GLN B 391 60.76 -24.24 72.25
CA GLN B 391 61.25 -24.10 73.62
C GLN B 391 60.15 -23.70 74.59
N ALA B 392 59.13 -22.98 74.07
CA ALA B 392 57.98 -22.58 74.88
C ALA B 392 56.93 -23.69 74.95
N VAL B 393 56.54 -24.24 73.80
CA VAL B 393 55.38 -25.13 73.73
C VAL B 393 55.74 -26.61 73.83
N GLY B 394 57.01 -26.97 73.71
CA GLY B 394 57.44 -28.36 73.88
C GLY B 394 57.40 -29.25 72.66
N THR B 395 56.21 -29.46 72.08
CA THR B 395 56.05 -30.27 70.87
C THR B 395 55.71 -29.37 69.68
N VAL B 396 56.49 -29.49 68.60
CA VAL B 396 56.18 -28.85 67.34
C VAL B 396 56.27 -29.90 66.25
N ILE B 397 55.21 -30.02 65.47
CA ILE B 397 55.08 -31.05 64.43
C ILE B 397 55.17 -30.34 63.09
N LEU B 398 56.22 -30.64 62.34
CA LEU B 398 56.47 -29.93 61.09
C LEU B 398 55.87 -30.68 59.89
N TYR B 399 55.04 -29.97 59.14
CA TYR B 399 54.45 -30.53 57.92
C TYR B 399 55.53 -30.87 56.91
N THR B 400 55.62 -32.16 56.55
CA THR B 400 56.61 -32.65 55.62
C THR B 400 55.96 -33.36 54.44
N PRO B 401 55.92 -32.74 53.26
CA PRO B 401 55.30 -33.39 52.08
C PRO B 401 56.24 -34.37 51.38
N VAL B 402 55.68 -35.52 50.98
CA VAL B 402 56.39 -36.53 50.22
C VAL B 402 55.54 -36.96 49.04
N VAL B 403 56.19 -37.63 48.09
CA VAL B 403 55.58 -38.00 46.82
C VAL B 403 56.26 -39.27 46.30
N HIS B 404 55.53 -40.04 45.50
CA HIS B 404 56.17 -41.12 44.76
C HIS B 404 56.99 -40.53 43.62
N ALA B 405 58.15 -41.14 43.34
CA ALA B 405 59.12 -40.53 42.44
C ALA B 405 58.50 -40.18 41.09
N GLU B 406 57.51 -40.97 40.65
CA GLU B 406 56.91 -40.79 39.33
C GLU B 406 56.29 -39.40 39.13
N ASP B 407 55.94 -38.69 40.20
CA ASP B 407 55.07 -37.52 40.09
C ASP B 407 55.59 -36.35 40.91
N PHE B 408 56.89 -36.08 40.82
CA PHE B 408 57.44 -34.94 41.54
C PHE B 408 56.79 -33.63 41.11
N ASP B 409 56.83 -33.34 39.80
CA ASP B 409 56.34 -32.05 39.33
C ASP B 409 54.90 -31.79 39.74
N VAL B 410 54.06 -32.84 39.76
CA VAL B 410 52.63 -32.65 40.03
C VAL B 410 52.40 -32.22 41.46
N ALA B 411 53.16 -32.82 42.40
CA ALA B 411 52.98 -32.50 43.81
C ALA B 411 53.47 -31.11 44.17
N VAL B 412 54.51 -30.62 43.49
CA VAL B 412 55.09 -29.33 43.85
C VAL B 412 54.23 -28.19 43.34
N SER B 413 53.61 -28.35 42.17
CA SER B 413 52.66 -27.36 41.70
C SER B 413 51.45 -27.29 42.65
N TYR B 414 51.00 -28.46 43.11
CA TYR B 414 49.95 -28.52 44.13
C TYR B 414 50.32 -27.63 45.31
N LEU B 415 51.44 -27.94 45.98
CA LEU B 415 51.86 -27.18 47.15
C LEU B 415 52.22 -25.73 46.82
N VAL B 416 52.53 -25.42 45.55
CA VAL B 416 52.90 -24.05 45.19
C VAL B 416 51.69 -23.12 45.31
N ARG B 417 50.58 -23.49 44.66
CA ARG B 417 49.37 -22.67 44.75
C ARG B 417 48.95 -22.46 46.21
N ARG B 418 49.06 -23.50 47.03
CA ARG B 418 48.63 -23.42 48.43
C ARG B 418 49.47 -22.43 49.22
N LEU B 419 50.79 -22.40 48.98
CA LEU B 419 51.64 -21.41 49.65
C LEU B 419 51.48 -20.02 49.02
N GLU B 420 51.23 -19.96 47.70
CA GLU B 420 50.98 -18.67 47.05
C GLU B 420 49.81 -17.94 47.71
N GLU B 421 48.62 -18.56 47.67
CA GLU B 421 47.41 -17.96 48.22
C GLU B 421 47.61 -17.57 49.69
N ASN B 422 47.80 -18.56 50.55
CA ASN B 422 47.82 -18.34 51.99
C ASN B 422 49.22 -18.03 52.56
N LEU B 437 55.68 -4.31 61.99
CA LEU B 437 54.57 -5.19 62.34
C LEU B 437 53.51 -4.43 63.12
N THR B 438 53.53 -3.10 62.97
CA THR B 438 52.76 -2.23 63.87
C THR B 438 51.27 -2.52 63.80
N GLU B 439 50.70 -2.57 62.60
CA GLU B 439 49.26 -2.76 62.45
C GLU B 439 48.82 -4.22 62.53
N GLN B 440 49.75 -5.18 62.51
CA GLN B 440 49.36 -6.56 62.79
C GLN B 440 48.91 -6.72 64.25
N GLU B 441 49.57 -6.00 65.17
CA GLU B 441 49.18 -6.06 66.58
C GLU B 441 47.77 -5.54 66.81
N ALA B 442 47.35 -4.52 66.06
CA ALA B 442 46.00 -4.00 66.23
C ALA B 442 44.94 -4.93 65.63
N ARG B 443 45.29 -5.68 64.58
CA ARG B 443 44.37 -6.67 64.03
C ARG B 443 44.12 -7.81 65.01
N PHE B 444 45.17 -8.30 65.66
CA PHE B 444 44.99 -9.32 66.69
C PHE B 444 44.08 -8.83 67.80
N ARG B 445 44.26 -7.58 68.24
CA ARG B 445 43.40 -7.00 69.26
C ARG B 445 41.93 -7.03 68.84
N GLU B 446 41.65 -6.62 67.60
CA GLU B 446 40.27 -6.64 67.11
C GLU B 446 39.74 -8.07 67.04
N SER B 447 40.59 -9.02 66.63
CA SER B 447 40.10 -10.39 66.56
C SER B 447 39.84 -10.97 67.95
N VAL B 448 40.42 -10.40 69.01
CA VAL B 448 40.08 -10.80 70.39
C VAL B 448 38.67 -10.33 70.75
N ALA B 449 38.30 -9.10 70.36
CA ALA B 449 37.01 -8.52 70.71
C ALA B 449 35.85 -9.19 69.99
N GLN B 450 36.04 -9.66 68.75
CA GLN B 450 34.96 -10.28 68.00
C GLN B 450 34.82 -11.79 68.26
N ARG B 451 35.74 -12.38 69.02
CA ARG B 451 35.78 -13.82 69.27
C ARG B 451 34.40 -14.46 69.51
N TRP B 452 33.57 -13.89 70.39
CA TRP B 452 32.28 -14.48 70.68
C TRP B 452 31.17 -13.96 69.79
N LYS B 453 31.45 -12.93 68.99
CA LYS B 453 30.42 -12.27 68.20
C LYS B 453 30.33 -12.77 66.77
N VAL B 454 31.37 -13.42 66.24
CA VAL B 454 31.28 -13.93 64.88
C VAL B 454 30.25 -15.05 64.83
N ALA B 455 29.68 -15.24 63.63
CA ALA B 455 28.56 -16.16 63.44
C ALA B 455 28.99 -17.62 63.62
N GLU B 456 28.01 -18.49 63.78
CA GLU B 456 28.32 -19.90 63.90
C GLU B 456 27.47 -20.81 63.04
N ASP B 457 26.37 -20.34 62.47
CA ASP B 457 25.60 -21.18 61.56
C ASP B 457 26.36 -21.37 60.25
N SER B 458 25.95 -22.38 59.49
CA SER B 458 26.54 -22.58 58.18
C SER B 458 26.07 -21.52 57.19
N ARG B 459 27.02 -20.89 56.49
CA ARG B 459 26.64 -19.93 55.47
C ARG B 459 25.72 -20.52 54.41
N ARG B 460 25.72 -21.85 54.22
CA ARG B 460 24.90 -22.51 53.22
C ARG B 460 23.44 -22.69 53.64
N LEU B 461 23.05 -22.25 54.85
CA LEU B 461 21.68 -22.46 55.29
C LEU B 461 20.69 -21.59 54.54
N SER B 462 21.15 -20.52 53.93
CA SER B 462 20.31 -19.79 53.00
C SER B 462 21.16 -19.41 51.81
N THR B 463 20.55 -18.72 50.86
CA THR B 463 21.13 -18.46 49.56
C THR B 463 21.03 -16.98 49.21
N PRO B 464 21.95 -16.46 48.40
CA PRO B 464 21.83 -15.08 47.95
C PRO B 464 20.69 -14.94 46.96
N GLU B 465 20.26 -13.70 46.73
CA GLU B 465 19.33 -13.45 45.63
C GLU B 465 20.08 -13.55 44.31
N THR B 466 19.63 -14.45 43.45
CA THR B 466 20.21 -14.61 42.12
C THR B 466 19.07 -14.75 41.15
N PHE B 467 19.37 -14.49 39.88
CA PHE B 467 18.34 -14.68 38.88
C PHE B 467 18.09 -16.16 38.60
N ASN B 468 19.14 -16.94 38.39
CA ASN B 468 19.02 -18.37 38.18
C ASN B 468 18.67 -19.11 39.48
N ALA B 469 17.71 -20.04 39.40
CA ALA B 469 17.39 -20.83 40.57
C ALA B 469 18.61 -21.64 41.00
N SER B 470 18.88 -21.67 42.31
CA SER B 470 20.09 -22.33 42.76
C SER B 470 19.78 -23.80 43.05
N ASP B 471 20.74 -24.68 42.74
CA ASP B 471 20.49 -26.11 42.92
C ASP B 471 20.49 -26.49 44.41
N SER B 472 20.01 -27.71 44.65
CA SER B 472 20.03 -28.29 45.98
C SER B 472 21.47 -28.50 46.43
N ASP B 473 21.74 -28.22 47.70
CA ASP B 473 23.10 -28.24 48.23
C ASP B 473 23.31 -29.49 49.08
N PRO B 474 23.99 -30.52 48.56
CA PRO B 474 24.18 -31.75 49.36
C PRO B 474 25.20 -31.61 50.48
N ALA B 475 25.78 -30.42 50.65
CA ALA B 475 26.63 -30.13 51.81
C ALA B 475 25.81 -29.87 53.08
N LEU B 476 24.54 -29.54 52.93
CA LEU B 476 23.66 -29.44 54.08
C LEU B 476 23.16 -30.84 54.43
N LEU B 477 23.19 -31.17 55.72
CA LEU B 477 22.65 -32.46 56.13
C LEU B 477 21.15 -32.50 55.93
N SER B 478 20.45 -31.36 56.04
CA SER B 478 19.02 -31.37 55.80
C SER B 478 18.67 -31.74 54.36
N THR B 479 19.57 -31.43 53.40
CA THR B 479 19.41 -31.87 52.02
C THR B 479 19.62 -33.37 51.87
N LEU B 480 20.71 -33.89 52.43
CA LEU B 480 20.93 -35.34 52.38
C LEU B 480 19.80 -36.11 53.06
N GLU B 481 19.02 -35.46 53.93
CA GLU B 481 17.93 -36.13 54.62
C GLU B 481 16.68 -36.21 53.75
N TRP B 482 16.30 -35.12 53.07
CA TRP B 482 15.13 -35.28 52.21
C TRP B 482 15.46 -36.07 50.95
N ALA B 483 16.75 -36.18 50.60
CA ALA B 483 17.17 -37.03 49.49
C ALA B 483 16.92 -38.52 49.77
N ARG B 484 17.02 -38.96 51.03
CA ARG B 484 16.71 -40.34 51.37
C ARG B 484 15.24 -40.65 51.23
N THR B 485 14.38 -39.69 51.51
CA THR B 485 12.94 -39.90 51.60
C THR B 485 12.22 -39.62 50.28
N LEU B 486 12.92 -39.67 49.14
CA LEU B 486 12.30 -39.39 47.84
C LEU B 486 11.30 -40.46 47.47
N GLU B 487 10.19 -40.06 46.87
CA GLU B 487 9.11 -40.98 46.58
C GLU B 487 9.17 -41.40 45.11
N ASP B 488 8.25 -42.28 44.71
CA ASP B 488 8.17 -42.78 43.33
C ASP B 488 6.77 -42.53 42.81
N PRO B 489 6.49 -41.30 42.35
CA PRO B 489 5.11 -40.94 41.97
C PRO B 489 4.62 -41.72 40.77
N GLN B 490 3.35 -42.13 40.82
CA GLN B 490 2.70 -42.94 39.78
C GLN B 490 1.37 -42.29 39.38
N PRO B 491 1.39 -41.08 38.81
CA PRO B 491 0.13 -40.43 38.43
C PRO B 491 -0.53 -41.16 37.29
N LYS B 492 -1.86 -41.11 37.26
CA LYS B 492 -2.57 -41.70 36.12
C LYS B 492 -2.40 -40.79 34.89
N TRP B 493 -2.40 -41.43 33.72
CA TRP B 493 -2.35 -40.69 32.47
C TRP B 493 -3.16 -41.43 31.42
N ARG B 494 -3.75 -40.68 30.49
CA ARG B 494 -4.63 -41.23 29.46
C ARG B 494 -3.99 -41.15 28.09
N LEU B 495 -4.13 -42.21 27.30
CA LEU B 495 -3.60 -42.26 25.94
C LEU B 495 -4.65 -41.83 24.92
N ILE B 496 -4.27 -40.94 23.99
CA ILE B 496 -5.18 -40.44 22.96
C ILE B 496 -4.92 -41.14 21.64
N THR B 497 -5.91 -41.88 21.16
CA THR B 497 -5.82 -42.54 19.87
C THR B 497 -6.84 -42.07 18.85
N ASP B 498 -7.85 -41.30 19.28
CA ASP B 498 -8.94 -40.87 18.42
C ASP B 498 -8.59 -39.55 17.74
N VAL B 499 -8.48 -39.59 16.41
CA VAL B 499 -8.21 -38.39 15.62
C VAL B 499 -9.25 -37.32 15.89
N GLU B 500 -10.49 -37.74 16.18
CA GLU B 500 -11.54 -36.76 16.46
C GLU B 500 -11.30 -36.03 17.77
N GLU B 501 -10.57 -36.64 18.71
CA GLU B 501 -10.26 -35.96 19.96
C GLU B 501 -9.15 -34.94 19.79
N VAL B 502 -8.17 -35.24 18.95
CA VAL B 502 -7.14 -34.25 18.64
C VAL B 502 -7.76 -33.03 17.97
N ASP B 503 -8.66 -33.25 17.02
CA ASP B 503 -9.35 -32.13 16.41
C ASP B 503 -10.11 -31.33 17.47
N LYS B 504 -10.87 -32.01 18.34
CA LYS B 504 -11.70 -31.31 19.32
C LYS B 504 -10.85 -30.51 20.31
N THR B 505 -9.79 -31.12 20.85
CA THR B 505 -8.95 -30.43 21.80
C THR B 505 -8.24 -29.24 21.17
N VAL B 506 -7.70 -29.39 19.95
CA VAL B 506 -7.02 -28.26 19.29
C VAL B 506 -7.99 -27.09 19.10
N ALA B 507 -9.22 -27.37 18.68
CA ALA B 507 -10.16 -26.29 18.39
C ALA B 507 -10.55 -25.55 19.66
N GLY B 508 -10.64 -26.27 20.79
CA GLY B 508 -10.98 -25.62 22.04
C GLY B 508 -9.92 -24.65 22.55
N LEU B 509 -8.63 -25.01 22.40
CA LEU B 509 -7.57 -24.11 22.81
C LEU B 509 -7.57 -22.85 21.97
N LEU B 510 -7.91 -22.97 20.68
CA LEU B 510 -7.98 -21.80 19.81
C LEU B 510 -9.08 -20.83 20.26
N LYS B 511 -10.14 -21.34 20.86
CA LYS B 511 -11.23 -20.47 21.29
C LYS B 511 -10.84 -19.58 22.44
N SER B 512 -9.87 -19.98 23.24
CA SER B 512 -9.49 -19.18 24.41
C SER B 512 -8.95 -17.81 23.98
N PRO B 513 -9.36 -16.74 24.64
CA PRO B 513 -8.82 -15.41 24.31
C PRO B 513 -7.37 -15.28 24.73
N ARG B 514 -6.63 -14.49 23.96
CA ARG B 514 -5.23 -14.25 24.26
C ARG B 514 -5.10 -13.53 25.61
N LEU B 515 -4.16 -13.97 26.43
CA LEU B 515 -3.80 -13.19 27.61
C LEU B 515 -2.84 -12.06 27.23
N ASP B 516 -2.85 -10.98 28.01
CA ASP B 516 -1.88 -9.93 27.72
C ASP B 516 -0.57 -10.20 28.50
N ILE B 517 0.43 -9.37 28.22
CA ILE B 517 1.78 -9.61 28.72
C ILE B 517 1.83 -9.60 30.24
N ALA B 518 1.07 -8.70 30.86
CA ALA B 518 1.04 -8.65 32.33
C ALA B 518 0.50 -9.97 32.89
N GLU B 519 -0.60 -10.46 32.32
CA GLU B 519 -1.21 -11.71 32.77
C GLU B 519 -0.26 -12.90 32.57
N ARG B 520 0.38 -12.98 31.39
CA ARG B 520 1.34 -14.04 31.11
C ARG B 520 2.51 -14.01 32.07
N THR B 521 3.12 -12.83 32.27
CA THR B 521 4.31 -12.76 33.12
C THR B 521 3.98 -13.18 34.56
N ALA B 522 2.80 -12.81 35.07
CA ALA B 522 2.44 -13.22 36.43
C ALA B 522 2.23 -14.74 36.51
N LEU B 523 1.63 -15.33 35.46
CA LEU B 523 1.46 -16.78 35.39
C LEU B 523 2.81 -17.49 35.31
N LEU B 524 3.70 -16.98 34.46
CA LEU B 524 5.01 -17.61 34.32
C LEU B 524 5.78 -17.52 35.63
N GLN B 525 5.65 -16.36 36.32
CA GLN B 525 6.36 -16.16 37.59
C GLN B 525 5.85 -17.10 38.65
N ARG B 526 4.53 -17.34 38.69
CA ARG B 526 3.95 -18.28 39.63
C ARG B 526 4.29 -19.72 39.27
N ALA B 527 4.34 -20.03 37.98
CA ALA B 527 4.72 -21.37 37.56
C ALA B 527 6.12 -21.70 38.06
N ALA B 528 7.03 -20.73 38.04
CA ALA B 528 8.35 -21.01 38.57
C ALA B 528 8.31 -21.22 40.09
N ASP B 529 7.47 -20.45 40.79
CA ASP B 529 7.34 -20.62 42.23
C ASP B 529 6.78 -21.99 42.55
N GLU B 530 5.77 -22.42 41.79
CA GLU B 530 5.14 -23.70 42.03
C GLU B 530 6.04 -24.85 41.64
N LEU B 531 6.87 -24.66 40.61
CA LEU B 531 7.84 -25.70 40.29
C LEU B 531 8.79 -25.93 41.44
N GLU B 532 9.29 -24.84 42.04
CA GLU B 532 10.19 -24.94 43.18
C GLU B 532 9.55 -25.69 44.34
N ASN B 533 8.25 -25.46 44.57
CA ASN B 533 7.57 -26.15 45.67
C ASN B 533 7.56 -27.66 45.47
N ILE B 534 7.52 -28.15 44.24
CA ILE B 534 7.48 -29.59 43.99
C ILE B 534 8.82 -30.12 43.48
N ARG B 535 9.93 -29.41 43.75
CA ARG B 535 11.22 -29.95 43.34
C ARG B 535 11.40 -31.38 43.83
N GLN B 536 10.88 -31.70 45.01
CA GLN B 536 11.05 -33.08 45.46
C GLN B 536 10.09 -34.06 44.80
N ASP B 537 8.85 -33.65 44.48
CA ASP B 537 8.02 -34.52 43.67
C ASP B 537 8.65 -34.75 42.31
N LEU B 538 9.16 -33.67 41.69
CA LEU B 538 9.80 -33.80 40.38
C LEU B 538 11.02 -34.70 40.44
N LEU B 539 11.86 -34.53 41.46
CA LEU B 539 13.04 -35.40 41.61
C LEU B 539 12.65 -36.86 41.74
N GLY B 540 11.64 -37.15 42.57
CA GLY B 540 11.21 -38.52 42.71
C GLY B 540 10.87 -39.18 41.39
N VAL B 541 10.06 -38.51 40.57
CA VAL B 541 9.61 -39.15 39.33
C VAL B 541 10.73 -39.20 38.30
N MET B 542 11.64 -38.23 38.29
CA MET B 542 12.72 -38.28 37.30
C MET B 542 13.72 -39.38 37.62
N THR B 543 13.93 -39.68 38.91
CA THR B 543 14.90 -40.68 39.32
C THR B 543 14.37 -42.10 39.19
N HIS B 544 13.05 -42.27 39.07
CA HIS B 544 12.48 -43.58 38.83
C HIS B 544 12.10 -43.74 37.36
N GLU B 545 11.10 -42.98 36.89
CA GLU B 545 10.62 -43.19 35.53
C GLU B 545 11.66 -42.85 34.48
N ALA B 546 12.33 -41.69 34.61
CA ALA B 546 13.35 -41.30 33.64
C ALA B 546 14.71 -41.90 33.93
N GLY B 547 14.91 -42.41 35.14
CA GLY B 547 16.15 -43.09 35.46
C GLY B 547 17.35 -42.19 35.67
N LYS B 548 17.15 -40.91 35.98
CA LYS B 548 18.26 -40.01 36.22
C LYS B 548 18.71 -40.06 37.68
N THR B 549 19.99 -39.78 37.90
CA THR B 549 20.44 -39.55 39.27
C THR B 549 19.96 -38.17 39.75
N ILE B 550 19.93 -38.00 41.08
CA ILE B 550 19.61 -36.68 41.65
C ILE B 550 20.55 -35.64 41.07
N ALA B 551 21.83 -35.99 40.99
CA ALA B 551 22.84 -35.04 40.54
C ALA B 551 22.55 -34.55 39.12
N GLU B 552 21.83 -35.36 38.31
CA GLU B 552 21.40 -34.95 36.97
C GLU B 552 20.01 -34.34 36.98
N ALA B 553 19.09 -34.87 37.77
CA ALA B 553 17.73 -34.37 37.76
C ALA B 553 17.60 -33.03 38.49
N ASP B 554 18.34 -32.85 39.60
CA ASP B 554 18.21 -31.59 40.33
C ASP B 554 18.58 -30.37 39.48
N PRO B 555 19.69 -30.35 38.73
CA PRO B 555 19.93 -29.18 37.84
C PRO B 555 18.89 -29.04 36.76
N GLU B 556 18.22 -30.12 36.37
CA GLU B 556 17.17 -30.00 35.36
C GLU B 556 15.93 -29.28 35.91
N VAL B 557 15.63 -29.48 37.19
CA VAL B 557 14.53 -28.75 37.81
C VAL B 557 14.85 -27.25 37.84
N SER B 558 16.09 -26.90 38.11
CA SER B 558 16.45 -25.48 38.11
C SER B 558 16.30 -24.90 36.71
N GLU B 559 16.71 -25.66 35.67
CA GLU B 559 16.54 -25.20 34.30
C GLU B 559 15.07 -24.90 33.99
N ALA B 560 14.16 -25.78 34.44
CA ALA B 560 12.74 -25.60 34.19
C ALA B 560 12.19 -24.37 34.91
N ILE B 561 12.68 -24.11 36.13
CA ILE B 561 12.32 -22.88 36.83
C ILE B 561 12.89 -21.66 36.12
N ASP B 562 14.18 -21.72 35.74
CA ASP B 562 14.81 -20.62 35.03
C ASP B 562 14.09 -20.28 33.74
N PHE B 563 13.66 -21.29 32.97
CA PHE B 563 12.92 -21.01 31.74
C PHE B 563 11.70 -20.13 32.01
N ALA B 564 10.92 -20.46 33.04
CA ALA B 564 9.73 -19.66 33.30
C ALA B 564 10.07 -18.22 33.59
N ARG B 565 11.10 -17.99 34.43
CA ARG B 565 11.47 -16.61 34.78
C ARG B 565 12.14 -15.89 33.62
N TYR B 566 13.01 -16.58 32.88
CA TYR B 566 13.69 -15.99 31.75
C TYR B 566 12.72 -15.62 30.62
N TYR B 567 11.83 -16.57 30.22
CA TYR B 567 10.93 -16.25 29.11
C TYR B 567 9.88 -15.22 29.52
N ALA B 568 9.55 -15.14 30.80
CA ALA B 568 8.71 -14.03 31.27
C ALA B 568 9.37 -12.69 30.99
N ARG B 569 10.65 -12.56 31.36
CA ARG B 569 11.41 -11.35 31.10
C ARG B 569 11.48 -11.06 29.61
N CYS B 570 11.69 -12.11 28.79
CA CYS B 570 11.75 -11.94 27.34
C CYS B 570 10.44 -11.41 26.79
N ALA B 571 9.32 -11.85 27.37
CA ALA B 571 8.03 -11.44 26.82
C ALA B 571 7.84 -9.95 26.96
N ASN B 572 8.31 -9.36 28.06
CA ASN B 572 8.24 -7.91 28.18
C ASN B 572 9.09 -7.23 27.12
N ALA B 573 10.28 -7.77 26.86
CA ALA B 573 11.16 -7.24 25.84
C ALA B 573 10.59 -7.32 24.41
N LEU B 574 9.46 -8.00 24.19
CA LEU B 574 8.84 -7.96 22.87
C LEU B 574 8.25 -6.58 22.58
N ASN B 575 7.70 -5.94 23.61
CA ASN B 575 7.05 -4.64 23.48
C ASN B 575 8.04 -3.49 23.48
N THR B 576 9.33 -3.78 23.42
CA THR B 576 10.32 -2.73 23.47
C THR B 576 10.13 -1.78 22.29
N PRO B 577 10.26 -0.47 22.50
CA PRO B 577 10.00 0.46 21.39
C PRO B 577 11.02 0.25 20.29
N GLY B 578 10.54 0.29 19.05
CA GLY B 578 11.36 -0.07 17.92
C GLY B 578 10.63 0.13 16.59
N HIS B 579 11.14 -0.57 15.57
CA HIS B 579 10.75 -0.29 14.19
C HIS B 579 10.01 -1.45 13.55
N SER B 580 9.66 -2.47 14.33
CA SER B 580 8.87 -3.63 13.89
C SER B 580 7.89 -3.98 14.99
N LYS B 581 6.83 -4.72 14.62
CA LYS B 581 5.77 -5.12 15.52
C LYS B 581 5.65 -6.64 15.48
N PHE B 582 5.48 -7.26 16.64
CA PHE B 582 5.39 -8.72 16.76
C PHE B 582 3.94 -9.16 16.89
N THR B 583 3.58 -10.24 16.20
CA THR B 583 2.26 -10.85 16.34
C THR B 583 2.43 -12.33 16.67
N PRO B 584 2.01 -12.77 17.87
CA PRO B 584 2.26 -14.17 18.27
C PRO B 584 1.44 -15.16 17.49
N HIS B 585 1.98 -16.37 17.40
CA HIS B 585 1.20 -17.54 17.03
C HIS B 585 -0.02 -17.74 17.94
N ASN B 586 -1.00 -18.49 17.43
CA ASN B 586 -2.14 -18.89 18.24
C ASN B 586 -1.89 -20.16 19.03
N LEU B 587 -1.14 -21.10 18.44
CA LEU B 587 -1.00 -22.44 18.97
C LEU B 587 0.37 -23.02 18.59
N VAL B 588 1.14 -23.48 19.58
CA VAL B 588 2.37 -24.21 19.38
C VAL B 588 2.19 -25.61 19.97
N VAL B 589 2.74 -26.62 19.29
CA VAL B 589 2.81 -27.99 19.81
C VAL B 589 4.24 -28.27 20.26
N VAL B 590 4.40 -28.82 21.46
CA VAL B 590 5.71 -29.18 21.98
C VAL B 590 5.79 -30.70 22.03
N ALA B 591 6.60 -31.29 21.15
CA ALA B 591 6.89 -32.72 21.16
C ALA B 591 8.28 -32.91 21.78
N SER B 592 8.31 -33.41 23.00
CA SER B 592 9.50 -33.37 23.83
C SER B 592 10.12 -34.75 24.01
N PRO B 593 11.40 -34.81 24.36
CA PRO B 593 12.08 -36.11 24.44
C PRO B 593 12.08 -36.65 25.85
N TRP B 594 12.88 -37.69 26.11
CA TRP B 594 12.84 -38.38 27.39
C TRP B 594 14.03 -38.11 28.30
N ASN B 595 15.15 -37.62 27.77
CA ASN B 595 16.39 -37.53 28.54
C ASN B 595 16.38 -36.34 29.51
N PHE B 596 15.66 -35.27 29.16
CA PHE B 596 15.41 -34.11 30.01
C PHE B 596 13.91 -33.96 30.05
N PRO B 597 13.21 -34.85 30.77
CA PRO B 597 11.76 -34.99 30.64
C PRO B 597 10.93 -33.97 31.41
N VAL B 598 11.55 -32.96 32.03
CA VAL B 598 10.83 -31.88 32.68
C VAL B 598 11.23 -30.52 32.11
N ALA B 599 12.54 -30.27 31.96
CA ALA B 599 13.00 -28.96 31.54
C ALA B 599 12.68 -28.67 30.09
N ILE B 600 12.90 -29.64 29.19
CA ILE B 600 12.67 -29.42 27.77
C ILE B 600 11.16 -29.36 27.52
N PRO B 601 10.35 -30.26 28.08
CA PRO B 601 8.90 -30.08 27.93
C PRO B 601 8.41 -28.74 28.42
N LEU B 602 8.80 -28.33 29.65
CA LEU B 602 8.29 -27.08 30.22
C LEU B 602 8.85 -25.84 29.50
N GLY B 603 10.08 -25.90 29.00
CA GLY B 603 10.66 -24.74 28.37
C GLY B 603 9.93 -24.34 27.10
N GLY B 604 9.53 -25.33 26.30
CA GLY B 604 8.75 -25.01 25.11
C GLY B 604 7.38 -24.45 25.45
N VAL B 605 6.74 -24.99 26.50
CA VAL B 605 5.46 -24.47 26.94
C VAL B 605 5.59 -23.02 27.42
N PHE B 606 6.60 -22.74 28.26
CA PHE B 606 6.75 -21.38 28.78
C PHE B 606 7.06 -20.38 27.65
N ALA B 607 7.89 -20.77 26.68
CA ALA B 607 8.23 -19.86 25.59
C ALA B 607 7.02 -19.60 24.69
N SER B 608 6.17 -20.63 24.47
CA SER B 608 4.94 -20.44 23.71
C SER B 608 4.01 -19.45 24.39
N LEU B 609 3.76 -19.67 25.69
CA LEU B 609 2.91 -18.77 26.45
C LEU B 609 3.47 -17.37 26.48
N ALA B 610 4.77 -17.25 26.81
CA ALA B 610 5.41 -15.94 26.86
C ALA B 610 5.24 -15.19 25.56
N ALA B 611 5.26 -15.89 24.44
CA ALA B 611 5.06 -15.22 23.17
C ALA B 611 3.61 -14.77 23.00
N GLY B 612 2.67 -15.40 23.67
CA GLY B 612 1.25 -15.13 23.43
C GLY B 612 0.47 -16.31 22.86
N ALA B 613 1.06 -17.49 22.68
CA ALA B 613 0.35 -18.63 22.10
C ALA B 613 -0.20 -19.53 23.19
N LYS B 614 -1.19 -20.36 22.81
CA LYS B 614 -1.57 -21.52 23.59
C LYS B 614 -0.63 -22.67 23.25
N ALA B 615 -0.44 -23.59 24.19
CA ALA B 615 0.50 -24.68 23.96
C ALA B 615 -0.17 -26.04 24.20
N ILE B 616 0.15 -26.99 23.33
CA ILE B 616 -0.13 -28.41 23.59
C ILE B 616 1.20 -29.08 23.87
N LEU B 617 1.31 -29.73 25.02
CA LEU B 617 2.49 -30.52 25.34
C LEU B 617 2.22 -31.98 24.97
N LYS B 618 3.04 -32.51 24.06
CA LYS B 618 2.99 -33.93 23.72
C LYS B 618 4.30 -34.58 24.15
N PRO B 619 4.36 -35.23 25.30
CA PRO B 619 5.64 -35.75 25.80
C PRO B 619 5.98 -37.15 25.29
N ALA B 620 7.28 -37.45 25.35
CA ALA B 620 7.78 -38.74 24.90
C ALA B 620 7.16 -39.88 25.70
N PRO B 621 6.80 -41.00 25.05
CA PRO B 621 6.08 -42.07 25.77
C PRO B 621 6.85 -42.69 26.94
N GLU B 622 8.17 -42.58 26.96
CA GLU B 622 8.94 -43.15 28.06
C GLU B 622 8.75 -42.38 29.37
N VAL B 623 8.29 -41.14 29.32
CA VAL B 623 8.36 -40.27 30.50
C VAL B 623 7.01 -39.57 30.72
N ARG B 624 5.92 -40.32 30.61
CA ARG B 624 4.60 -39.69 30.72
C ARG B 624 4.28 -39.28 32.15
N ARG B 625 4.80 -39.99 33.16
CA ARG B 625 4.51 -39.55 34.53
C ARG B 625 5.26 -38.27 34.89
N CYS B 626 6.46 -38.06 34.34
CA CYS B 626 7.18 -36.81 34.55
C CYS B 626 6.37 -35.61 34.09
N ALA B 627 5.84 -35.66 32.87
CA ALA B 627 4.99 -34.57 32.39
C ALA B 627 3.77 -34.38 33.28
N GLU B 628 3.16 -35.47 33.74
CA GLU B 628 1.98 -35.34 34.59
C GLU B 628 2.32 -34.65 35.91
N VAL B 629 3.44 -35.03 36.54
CA VAL B 629 3.85 -34.39 37.79
C VAL B 629 4.10 -32.90 37.56
N ALA B 630 4.84 -32.55 36.50
CA ALA B 630 5.10 -31.15 36.18
C ALA B 630 3.80 -30.40 35.89
N LEU B 631 2.83 -31.05 35.24
CA LEU B 631 1.61 -30.32 34.89
C LEU B 631 0.90 -29.80 36.12
N THR B 632 1.03 -30.49 37.26
CA THR B 632 0.34 -30.03 38.46
C THR B 632 0.86 -28.68 38.93
N ALA B 633 2.15 -28.38 38.66
CA ALA B 633 2.64 -27.06 39.02
C ALA B 633 2.03 -25.99 38.14
N LEU B 634 1.95 -26.23 36.82
CA LEU B 634 1.30 -25.24 35.96
C LEU B 634 -0.14 -24.99 36.42
N ARG B 635 -0.84 -26.06 36.80
CA ARG B 635 -2.24 -25.89 37.18
C ARG B 635 -2.36 -25.12 38.50
N LYS B 636 -1.54 -25.48 39.50
CA LYS B 636 -1.56 -24.74 40.76
C LYS B 636 -1.27 -23.26 40.55
N ALA B 637 -0.42 -22.93 39.58
CA ALA B 637 -0.04 -21.55 39.34
C ALA B 637 -1.10 -20.74 38.63
N GLY B 638 -2.14 -21.37 38.08
CA GLY B 638 -3.19 -20.68 37.32
C GLY B 638 -3.19 -20.96 35.84
N ILE B 639 -2.27 -21.78 35.35
CA ILE B 639 -2.20 -22.10 33.93
C ILE B 639 -3.16 -23.26 33.68
N GLY B 640 -4.38 -22.93 33.23
CA GLY B 640 -5.45 -23.90 33.11
C GLY B 640 -5.53 -24.58 31.76
N GLU B 641 -6.59 -25.37 31.59
CA GLU B 641 -6.76 -26.16 30.36
C GLU B 641 -7.14 -25.31 29.16
N ASP B 642 -7.50 -24.04 29.37
CA ASP B 642 -7.69 -23.10 28.27
C ASP B 642 -6.36 -22.47 27.84
N LEU B 643 -5.25 -22.86 28.46
CA LEU B 643 -3.96 -22.27 28.17
C LEU B 643 -2.94 -23.29 27.72
N VAL B 644 -2.75 -24.36 28.50
CA VAL B 644 -1.82 -25.43 28.18
C VAL B 644 -2.58 -26.74 28.31
N GLN B 645 -2.39 -27.64 27.35
CA GLN B 645 -3.13 -28.89 27.28
C GLN B 645 -2.14 -30.03 27.04
N LEU B 646 -2.24 -31.06 27.88
CA LEU B 646 -1.33 -32.20 27.85
C LEU B 646 -2.00 -33.33 27.09
N MET B 647 -1.40 -33.75 25.98
CA MET B 647 -1.98 -34.74 25.07
C MET B 647 -0.98 -35.85 24.83
N HIS B 648 -1.19 -37.00 25.47
CA HIS B 648 -0.38 -38.21 25.22
C HIS B 648 -0.93 -38.92 23.98
N THR B 649 -0.68 -38.33 22.83
CA THR B 649 -1.08 -38.97 21.58
C THR B 649 -0.17 -40.16 21.32
N ASP B 650 -0.70 -41.13 20.59
CA ASP B 650 0.14 -42.22 20.12
C ASP B 650 1.11 -41.68 19.05
N GLU B 651 1.91 -42.57 18.48
CA GLU B 651 2.70 -42.23 17.31
C GLU B 651 2.09 -42.87 16.07
N ALA B 652 0.78 -43.04 16.07
CA ALA B 652 0.03 -43.53 14.91
C ALA B 652 -0.87 -42.41 14.39
N ASP B 653 -2.16 -42.66 14.07
CA ASP B 653 -2.97 -41.65 13.39
C ASP B 653 -3.13 -40.38 14.23
N ALA B 654 -3.44 -40.52 15.51
CA ALA B 654 -3.72 -39.35 16.34
C ALA B 654 -2.49 -38.50 16.54
N GLY B 655 -1.32 -39.13 16.66
CA GLY B 655 -0.10 -38.35 16.77
C GLY B 655 0.18 -37.57 15.50
N ARG B 656 0.05 -38.23 14.35
CA ARG B 656 0.27 -37.56 13.08
C ARG B 656 -0.74 -36.44 12.87
N ARG B 657 -1.99 -36.65 13.29
CA ARG B 657 -2.98 -35.59 13.13
C ARG B 657 -2.58 -34.35 13.93
N LEU B 658 -2.00 -34.55 15.12
CA LEU B 658 -1.60 -33.41 15.92
C LEU B 658 -0.44 -32.66 15.28
N MET B 659 0.57 -33.37 14.79
CA MET B 659 1.74 -32.69 14.26
C MET B 659 1.46 -32.00 12.94
N SER B 660 0.56 -32.57 12.15
CA SER B 660 0.21 -32.04 10.83
C SER B 660 -0.99 -31.13 10.87
N HIS B 661 -1.48 -30.81 12.05
CA HIS B 661 -2.79 -30.21 12.15
C HIS B 661 -2.80 -28.83 11.48
N PRO B 662 -3.82 -28.53 10.67
CA PRO B 662 -3.82 -27.26 9.94
C PRO B 662 -3.76 -26.04 10.83
N ASP B 663 -4.22 -26.13 12.09
CA ASP B 663 -4.25 -24.97 12.97
C ASP B 663 -3.08 -24.92 13.96
N VAL B 664 -2.06 -25.75 13.79
CA VAL B 664 -0.85 -25.67 14.61
C VAL B 664 0.17 -24.80 13.88
N ASP B 665 0.58 -23.70 14.54
CA ASP B 665 1.44 -22.71 13.89
C ASP B 665 2.91 -23.05 13.97
N ALA B 666 3.34 -23.83 14.95
CA ALA B 666 4.73 -24.25 15.02
C ALA B 666 4.84 -25.47 15.90
N ILE B 667 5.87 -26.27 15.64
CA ILE B 667 6.26 -27.36 16.51
C ILE B 667 7.63 -27.04 17.07
N ILE B 668 7.75 -27.07 18.39
CA ILE B 668 9.05 -27.11 19.05
C ILE B 668 9.31 -28.58 19.35
N LEU B 669 10.32 -29.13 18.69
CA LEU B 669 10.63 -30.55 18.72
C LEU B 669 12.05 -30.76 19.21
N THR B 670 12.24 -31.75 20.07
CA THR B 670 13.56 -32.14 20.52
C THR B 670 13.65 -33.66 20.39
N GLY B 671 14.53 -34.12 19.51
CA GLY B 671 14.61 -35.53 19.22
C GLY B 671 15.54 -35.80 18.07
N ALA B 672 15.17 -36.78 17.26
CA ALA B 672 16.00 -37.23 16.16
C ALA B 672 15.78 -36.37 14.92
N SER B 673 16.86 -36.11 14.17
CA SER B 673 16.67 -35.33 12.94
C SER B 673 15.74 -36.03 11.94
N GLU B 674 15.63 -37.35 12.00
CA GLU B 674 14.69 -38.07 11.15
C GLU B 674 13.24 -37.79 11.53
N THR B 675 12.97 -37.53 12.81
CA THR B 675 11.62 -37.14 13.22
C THR B 675 11.27 -35.78 12.64
N ALA B 676 12.24 -34.87 12.61
CA ALA B 676 12.03 -33.57 11.95
C ALA B 676 11.61 -33.74 10.50
N SER B 677 12.37 -34.53 9.71
CA SER B 677 12.00 -34.70 8.30
C SER B 677 10.68 -35.43 8.16
N LEU B 678 10.40 -36.39 9.07
CA LEU B 678 9.12 -37.10 9.06
C LEU B 678 7.95 -36.14 9.22
N PHE B 679 7.94 -35.36 10.32
CA PHE B 679 6.86 -34.39 10.53
C PHE B 679 6.74 -33.42 9.34
N ARG B 680 7.86 -32.87 8.89
CA ARG B 680 7.82 -31.83 7.87
C ARG B 680 7.32 -32.38 6.54
N GLY B 681 7.70 -33.61 6.20
CA GLY B 681 7.11 -34.26 5.04
C GLY B 681 5.60 -34.24 5.07
N TRP B 682 4.99 -34.37 6.25
CA TRP B 682 3.53 -34.37 6.33
C TRP B 682 2.93 -33.01 6.05
N LYS B 683 3.72 -31.92 6.13
CA LYS B 683 3.26 -30.54 5.92
C LYS B 683 4.47 -29.66 5.66
N PRO B 684 4.99 -29.69 4.43
CA PRO B 684 6.33 -29.11 4.18
C PRO B 684 6.44 -27.63 4.46
N GLU B 685 5.35 -26.88 4.48
CA GLU B 685 5.46 -25.45 4.75
C GLU B 685 5.40 -25.11 6.24
N MET B 686 5.46 -26.12 7.13
CA MET B 686 5.25 -25.89 8.56
C MET B 686 6.42 -25.13 9.17
N ASN B 687 6.12 -24.35 10.20
CA ASN B 687 7.12 -23.83 11.13
C ASN B 687 7.55 -24.92 12.10
N ILE B 688 8.84 -25.23 12.14
CA ILE B 688 9.37 -26.18 13.09
C ILE B 688 10.68 -25.63 13.63
N HIS B 689 10.87 -25.74 14.94
CA HIS B 689 12.14 -25.42 15.59
C HIS B 689 12.58 -26.66 16.35
N ALA B 690 13.61 -27.34 15.85
CA ALA B 690 14.00 -28.65 16.35
C ALA B 690 15.45 -28.61 16.82
N GLU B 691 15.70 -29.16 18.00
CA GLU B 691 17.05 -29.40 18.50
C GLU B 691 17.26 -30.90 18.38
N THR B 692 18.31 -31.31 17.65
CA THR B 692 18.39 -32.67 17.10
C THR B 692 19.77 -33.29 17.27
N SER B 693 20.25 -33.34 18.52
CA SER B 693 21.41 -34.14 18.88
C SER B 693 22.71 -33.60 18.27
N GLY B 694 23.84 -34.19 18.67
CA GLY B 694 25.14 -33.71 18.23
C GLY B 694 26.21 -34.75 18.42
N LYS B 695 27.34 -34.54 17.75
CA LYS B 695 28.52 -35.41 17.85
C LYS B 695 29.65 -34.52 18.36
N ASN B 696 29.82 -34.48 19.68
CA ASN B 696 30.52 -33.39 20.34
C ASN B 696 31.91 -33.83 20.80
N ALA B 697 32.89 -32.92 20.66
CA ALA B 697 34.28 -33.24 20.94
C ALA B 697 34.91 -32.23 21.90
N ILE B 698 35.91 -32.70 22.65
CA ILE B 698 36.78 -31.84 23.45
C ILE B 698 38.21 -32.06 22.95
N ILE B 699 38.88 -30.98 22.54
CA ILE B 699 40.28 -31.02 22.14
C ILE B 699 41.16 -30.81 23.37
N VAL B 700 42.18 -31.66 23.51
CA VAL B 700 43.12 -31.61 24.62
C VAL B 700 44.52 -31.47 24.03
N THR B 701 45.19 -30.36 24.35
CA THR B 701 46.54 -30.07 23.87
C THR B 701 47.56 -30.25 24.99
N PRO B 702 48.84 -30.41 24.65
CA PRO B 702 49.86 -30.55 25.71
C PRO B 702 49.88 -29.37 26.67
N SER B 703 49.32 -28.23 26.29
CA SER B 703 49.25 -27.07 27.16
C SER B 703 48.10 -27.15 28.15
N ALA B 704 47.41 -28.28 28.24
CA ALA B 704 46.26 -28.37 29.12
C ALA B 704 46.69 -28.91 30.45
N ASP B 705 45.92 -28.56 31.47
CA ASP B 705 46.04 -29.25 32.74
C ASP B 705 45.43 -30.63 32.51
N PRO B 706 46.22 -31.69 32.46
CA PRO B 706 45.68 -32.99 32.07
C PRO B 706 44.60 -33.48 33.02
N ASP B 707 44.74 -33.24 34.33
CA ASP B 707 43.78 -33.76 35.30
C ASP B 707 42.43 -33.05 35.22
N LEU B 708 42.43 -31.73 35.11
CA LEU B 708 41.17 -31.02 34.88
C LEU B 708 40.51 -31.49 33.59
N ALA B 709 41.31 -31.74 32.55
CA ALA B 709 40.74 -32.21 31.29
C ALA B 709 40.05 -33.56 31.48
N VAL B 710 40.68 -34.46 32.23
CA VAL B 710 40.08 -35.75 32.49
C VAL B 710 38.74 -35.56 33.20
N ALA B 711 38.75 -34.76 34.26
CA ALA B 711 37.52 -34.51 35.01
C ALA B 711 36.42 -33.97 34.12
N ASP B 712 36.75 -33.08 33.20
CA ASP B 712 35.71 -32.54 32.33
C ASP B 712 35.34 -33.51 31.21
N VAL B 713 36.32 -34.27 30.69
CA VAL B 713 36.02 -35.23 29.63
C VAL B 713 35.12 -36.35 30.14
N TYR B 714 35.44 -36.91 31.31
CA TYR B 714 34.65 -38.05 31.72
C TYR B 714 33.28 -37.59 32.20
N LYS B 715 33.20 -36.42 32.82
CA LYS B 715 31.89 -35.90 33.24
C LYS B 715 31.01 -35.54 32.05
N SER B 716 31.60 -35.07 30.94
CA SER B 716 30.81 -34.76 29.75
C SER B 716 30.48 -36.01 28.94
N ALA B 717 31.35 -36.99 28.98
CA ALA B 717 31.10 -38.20 28.20
C ALA B 717 30.04 -39.06 28.84
N PHE B 718 29.96 -39.07 30.17
CA PHE B 718 29.26 -40.14 30.84
C PHE B 718 28.12 -39.73 31.76
N GLY B 719 27.94 -38.45 32.06
CA GLY B 719 26.76 -38.06 32.81
C GLY B 719 25.50 -38.45 32.06
N HIS B 720 24.52 -38.96 32.81
CA HIS B 720 23.27 -39.50 32.23
C HIS B 720 23.59 -40.57 31.19
N ALA B 721 24.63 -41.36 31.47
CA ALA B 721 25.06 -42.47 30.62
C ALA B 721 25.32 -42.01 29.19
N GLY B 722 25.74 -40.75 29.03
CA GLY B 722 25.96 -40.18 27.71
C GLY B 722 24.71 -39.82 26.92
N GLN B 723 23.54 -39.80 27.55
CA GLN B 723 22.27 -39.64 26.84
C GLN B 723 21.91 -38.16 26.71
N LYS B 724 22.83 -37.41 26.10
CA LYS B 724 22.68 -35.97 25.97
C LYS B 724 23.03 -35.55 24.55
N CYS B 725 22.20 -34.67 24.00
CA CYS B 725 22.54 -33.98 22.76
C CYS B 725 23.91 -33.32 22.88
N SER B 726 24.29 -32.92 24.09
CA SER B 726 25.51 -32.18 24.33
C SER B 726 26.68 -33.05 24.75
N ALA B 727 26.47 -34.34 24.98
CA ALA B 727 27.48 -35.23 25.54
C ALA B 727 28.76 -35.25 24.71
N ALA B 728 29.89 -35.45 25.37
CA ALA B 728 31.19 -35.56 24.71
C ALA B 728 31.42 -37.00 24.26
N SER B 729 31.29 -37.23 22.95
CA SER B 729 31.46 -38.53 22.33
C SER B 729 32.87 -38.73 21.75
N LEU B 730 33.60 -37.65 21.55
CA LEU B 730 34.95 -37.67 21.03
C LEU B 730 35.81 -36.81 21.94
N VAL B 731 37.01 -37.29 22.22
CA VAL B 731 38.08 -36.45 22.74
C VAL B 731 39.24 -36.55 21.76
N ILE B 732 39.77 -35.40 21.35
CA ILE B 732 40.80 -35.33 20.33
C ILE B 732 42.07 -34.81 20.98
N LEU B 733 43.10 -35.64 21.02
CA LEU B 733 44.37 -35.30 21.66
C LEU B 733 45.37 -34.85 20.60
N VAL B 734 45.99 -33.70 20.84
CA VAL B 734 47.04 -33.17 19.97
C VAL B 734 48.39 -33.58 20.55
N GLY B 735 49.17 -34.35 19.78
CA GLY B 735 50.46 -34.82 20.25
C GLY B 735 50.38 -35.70 21.48
N ASP B 736 51.34 -35.52 22.38
CA ASP B 736 51.47 -36.30 23.61
C ASP B 736 50.99 -35.47 24.79
N VAL B 737 49.97 -35.98 25.50
CA VAL B 737 49.35 -35.24 26.60
C VAL B 737 49.65 -35.91 27.94
N GLY B 738 50.73 -36.68 28.02
CA GLY B 738 51.18 -37.21 29.29
C GLY B 738 50.12 -38.05 29.99
N ARG B 739 49.85 -37.68 31.24
CA ARG B 739 49.07 -38.51 32.15
C ARG B 739 47.59 -38.62 31.79
N PHE B 740 47.12 -37.84 30.81
CA PHE B 740 45.69 -37.78 30.52
C PHE B 740 45.06 -39.16 30.36
N THR B 741 45.58 -39.95 29.43
CA THR B 741 44.89 -41.20 29.07
C THR B 741 44.83 -42.15 30.25
N ASP B 742 45.94 -42.28 30.99
CA ASP B 742 45.91 -43.12 32.17
C ASP B 742 44.79 -42.69 33.12
N GLN B 743 44.76 -41.40 33.47
CA GLN B 743 43.79 -40.89 34.42
C GLN B 743 42.36 -41.01 33.91
N LEU B 744 42.15 -40.68 32.62
CA LEU B 744 40.82 -40.84 32.03
C LEU B 744 40.34 -42.29 32.17
N ILE B 745 41.22 -43.25 31.92
CA ILE B 745 40.85 -44.65 32.07
C ILE B 745 40.53 -44.94 33.52
N ASP B 746 41.42 -44.53 34.44
CA ASP B 746 41.22 -44.80 35.85
C ASP B 746 39.89 -44.23 36.32
N ALA B 747 39.62 -42.97 35.96
CA ALA B 747 38.36 -42.35 36.36
C ALA B 747 37.16 -43.08 35.78
N THR B 748 37.26 -43.55 34.52
CA THR B 748 36.12 -44.19 33.87
C THR B 748 35.77 -45.51 34.53
N ARG B 749 36.77 -46.36 34.78
CA ARG B 749 36.52 -47.61 35.51
C ARG B 749 35.95 -47.38 36.90
N THR B 750 36.14 -46.17 37.46
CA THR B 750 35.71 -45.90 38.83
C THR B 750 34.23 -45.49 38.92
N LEU B 751 33.61 -45.02 37.84
CA LEU B 751 32.19 -44.65 37.88
C LEU B 751 31.34 -45.80 38.42
N ARG B 752 30.40 -45.44 39.30
CA ARG B 752 29.51 -46.42 39.91
C ARG B 752 28.25 -46.52 39.04
N VAL B 753 28.08 -47.63 38.37
CA VAL B 753 26.93 -47.81 37.50
C VAL B 753 25.80 -48.45 38.30
N GLY B 754 24.60 -47.93 38.13
CA GLY B 754 23.44 -48.44 38.86
C GLY B 754 22.22 -47.63 38.47
N TYR B 755 21.10 -47.99 39.08
CA TYR B 755 19.87 -47.27 38.78
C TYR B 755 19.89 -45.85 39.33
N GLY B 756 19.14 -44.96 38.68
CA GLY B 756 19.16 -43.58 39.08
C GLY B 756 18.59 -43.31 40.47
N HIS B 757 17.72 -44.19 40.96
CA HIS B 757 17.09 -44.00 42.26
C HIS B 757 17.94 -44.57 43.40
N GLU B 758 19.14 -45.06 43.11
CA GLU B 758 20.06 -45.56 44.13
C GLU B 758 21.12 -44.49 44.37
N LEU B 759 21.11 -43.92 45.58
CA LEU B 759 21.97 -42.77 45.90
C LEU B 759 23.43 -43.02 45.55
N SER B 760 23.90 -44.25 45.72
CA SER B 760 25.29 -44.56 45.45
C SER B 760 25.68 -44.40 43.99
N THR B 761 24.71 -44.43 43.08
CA THR B 761 24.96 -44.33 41.64
C THR B 761 25.60 -43.00 41.25
N THR B 762 26.68 -43.08 40.46
CA THR B 762 27.22 -41.90 39.81
C THR B 762 27.16 -41.95 38.29
N MET B 763 26.82 -43.10 37.68
CA MET B 763 26.37 -43.16 36.28
C MET B 763 25.14 -44.06 36.22
N ASN B 764 23.98 -43.46 35.94
CA ASN B 764 22.71 -44.16 35.94
C ASN B 764 22.59 -45.07 34.72
N GLY B 765 21.42 -45.70 34.58
CA GLY B 765 21.17 -46.60 33.48
C GLY B 765 20.59 -45.91 32.25
N LEU B 766 20.28 -46.70 31.24
CA LEU B 766 19.67 -46.20 30.02
C LEU B 766 18.15 -46.19 30.14
N ILE B 767 17.51 -45.40 29.27
CA ILE B 767 16.05 -45.32 29.34
C ILE B 767 15.41 -46.59 28.81
N SER B 768 16.14 -47.36 28.01
CA SER B 768 15.69 -48.59 27.40
C SER B 768 16.88 -49.24 26.70
N PRO B 769 16.82 -50.55 26.44
CA PRO B 769 18.00 -51.27 25.91
C PRO B 769 18.47 -50.69 24.59
N PRO B 770 19.75 -50.85 24.25
CA PRO B 770 20.29 -50.17 23.08
C PRO B 770 19.59 -50.57 21.77
N GLY B 771 19.43 -49.58 20.89
CA GLY B 771 19.05 -49.84 19.52
C GLY B 771 20.27 -50.19 18.69
N GLU B 772 20.04 -50.32 17.38
CA GLU B 772 21.12 -50.72 16.48
C GLU B 772 22.37 -49.87 16.64
N LYS B 773 22.22 -48.53 16.56
CA LYS B 773 23.36 -47.64 16.63
C LYS B 773 24.10 -47.76 17.96
N LEU B 774 23.37 -47.68 19.09
CA LEU B 774 24.03 -47.72 20.38
C LEU B 774 24.63 -49.09 20.64
N HIS B 775 23.94 -50.14 20.21
CA HIS B 775 24.49 -51.47 20.41
C HIS B 775 25.78 -51.64 19.63
N ARG B 776 25.81 -51.12 18.40
CA ARG B 776 27.03 -51.19 17.60
C ARG B 776 28.17 -50.45 18.29
N GLY B 777 27.89 -49.21 18.73
CA GLY B 777 28.90 -48.44 19.44
C GLY B 777 29.36 -49.11 20.72
N LEU B 778 28.47 -49.83 21.40
CA LEU B 778 28.85 -50.45 22.66
C LEU B 778 29.67 -51.72 22.49
N THR B 779 29.44 -52.47 21.41
CA THR B 779 29.93 -53.84 21.34
C THR B 779 30.95 -54.09 20.26
N THR B 780 30.93 -53.33 19.16
CA THR B 780 31.74 -53.64 18.00
C THR B 780 32.68 -52.49 17.69
N LEU B 781 33.93 -52.82 17.30
CA LEU B 781 34.95 -51.88 16.90
C LEU B 781 35.09 -51.78 15.38
N GLU B 782 35.68 -50.67 14.94
CA GLU B 782 36.10 -50.51 13.56
C GLU B 782 37.60 -50.75 13.45
N THR B 783 38.10 -50.77 12.21
CA THR B 783 39.49 -51.13 11.93
C THR B 783 40.45 -50.25 12.72
N GLY B 784 41.55 -50.87 13.15
CA GLY B 784 42.58 -50.20 13.92
C GLY B 784 42.16 -49.81 15.32
N GLU B 785 40.89 -49.93 15.64
CA GLU B 785 40.42 -49.48 16.93
C GLU B 785 40.55 -50.58 17.98
N SER B 786 40.59 -50.14 19.25
CA SER B 786 40.69 -51.04 20.39
C SER B 786 39.91 -50.46 21.56
N TRP B 787 39.51 -51.34 22.48
CA TRP B 787 38.87 -50.91 23.73
C TRP B 787 39.93 -50.61 24.78
N LEU B 788 40.01 -49.34 25.19
CA LEU B 788 40.76 -49.01 26.41
C LEU B 788 39.95 -49.42 27.64
N VAL B 789 38.64 -49.26 27.56
CA VAL B 789 37.71 -49.79 28.54
C VAL B 789 36.55 -50.33 27.73
N LYS B 790 36.21 -51.61 27.94
CA LYS B 790 35.17 -52.17 27.09
C LYS B 790 33.84 -52.15 27.84
N PRO B 791 32.77 -51.66 27.24
CA PRO B 791 31.48 -51.68 27.94
C PRO B 791 31.06 -53.11 28.20
N GLU B 792 30.48 -53.34 29.36
CA GLU B 792 29.94 -54.63 29.74
C GLU B 792 28.48 -54.43 30.11
N LYS B 793 27.63 -55.38 29.70
CA LYS B 793 26.21 -55.37 30.02
C LYS B 793 26.02 -55.89 31.44
N LEU B 794 25.46 -55.05 32.31
CA LEU B 794 25.47 -55.29 33.76
C LEU B 794 24.14 -55.80 34.30
N ASN B 795 23.09 -55.88 33.48
CA ASN B 795 21.84 -56.47 33.93
C ASN B 795 21.19 -57.22 32.77
N ASP B 796 20.27 -58.13 33.11
CA ASP B 796 19.64 -58.97 32.10
C ASP B 796 18.86 -58.13 31.10
N GLU B 797 18.09 -57.18 31.61
CA GLU B 797 17.21 -56.35 30.80
C GLU B 797 17.95 -55.56 29.73
N GLY B 798 19.26 -55.33 29.92
CA GLY B 798 20.05 -54.61 28.95
C GLY B 798 20.05 -53.09 29.07
N THR B 799 19.62 -52.54 30.20
CA THR B 799 19.56 -51.10 30.43
C THR B 799 20.70 -50.56 31.28
N LEU B 800 21.54 -51.42 31.84
CA LEU B 800 22.69 -51.01 32.64
C LEU B 800 23.97 -51.42 31.92
N TRP B 801 24.72 -50.45 31.41
CA TRP B 801 25.98 -50.69 30.71
C TRP B 801 27.11 -49.92 31.38
N SER B 802 28.22 -50.60 31.64
CA SER B 802 29.40 -49.88 32.11
C SER B 802 30.01 -49.12 30.93
N PRO B 803 30.72 -48.02 31.18
CA PRO B 803 31.21 -47.19 30.07
C PRO B 803 32.37 -47.85 29.34
N GLY B 804 32.59 -47.37 28.11
CA GLY B 804 33.71 -47.83 27.32
C GLY B 804 34.47 -46.65 26.73
N ILE B 805 35.71 -46.93 26.31
CA ILE B 805 36.55 -45.92 25.66
C ILE B 805 37.24 -46.57 24.47
N ARG B 806 36.86 -46.14 23.26
CA ARG B 806 37.58 -46.51 22.04
C ARG B 806 38.81 -45.64 21.81
N ASP B 807 39.89 -46.27 21.36
CA ASP B 807 41.09 -45.57 20.94
C ASP B 807 41.27 -45.65 19.43
N ASN B 808 41.98 -44.66 18.89
CA ASN B 808 42.37 -44.58 17.48
C ASN B 808 41.15 -44.45 16.59
N VAL B 809 40.15 -43.71 17.07
CA VAL B 809 38.99 -43.42 16.23
C VAL B 809 39.45 -42.49 15.12
N ARG B 810 39.29 -42.97 13.78
CA ARG B 810 39.87 -42.16 12.71
C ARG B 810 38.81 -41.24 12.13
N PRO B 811 39.18 -40.12 11.52
CA PRO B 811 38.17 -39.23 10.93
C PRO B 811 37.45 -39.88 9.77
N GLY B 812 36.13 -39.64 9.69
CA GLY B 812 35.32 -40.28 8.68
C GLY B 812 34.99 -41.73 8.96
N SER B 813 35.55 -42.32 10.02
CA SER B 813 35.12 -43.62 10.45
C SER B 813 33.67 -43.53 10.95
N TRP B 814 33.07 -44.70 11.21
CA TRP B 814 31.68 -44.73 11.62
C TRP B 814 31.46 -43.96 12.92
N PHE B 815 32.28 -44.24 13.94
CA PHE B 815 32.04 -43.63 15.24
C PHE B 815 32.33 -42.14 15.23
N HIS B 816 33.11 -41.67 14.25
CA HIS B 816 33.36 -40.23 14.15
C HIS B 816 32.10 -39.50 13.75
N THR B 817 31.19 -40.15 13.03
CA THR B 817 30.10 -39.46 12.36
C THR B 817 28.70 -39.95 12.77
N HIS B 818 28.59 -40.73 13.83
CA HIS B 818 27.30 -41.24 14.29
C HIS B 818 27.21 -41.11 15.80
N GLU B 819 26.24 -40.34 16.30
CA GLU B 819 26.04 -40.22 17.74
C GLU B 819 25.29 -41.44 18.25
N CYS B 820 25.90 -42.16 19.18
CA CYS B 820 25.29 -43.37 19.74
C CYS B 820 24.35 -43.08 20.91
N PHE B 821 24.43 -41.87 21.49
CA PHE B 821 23.55 -41.50 22.58
C PHE B 821 23.65 -42.50 23.73
N GLY B 822 24.88 -42.82 24.11
CA GLY B 822 25.12 -43.76 25.17
C GLY B 822 26.51 -43.62 25.78
N PRO B 823 26.86 -44.50 26.69
CA PRO B 823 28.10 -44.33 27.47
C PRO B 823 29.35 -44.82 26.75
N VAL B 824 29.64 -44.21 25.60
CA VAL B 824 30.78 -44.60 24.77
C VAL B 824 31.55 -43.35 24.38
N LEU B 825 32.85 -43.33 24.70
CA LEU B 825 33.74 -42.23 24.38
C LEU B 825 34.81 -42.74 23.42
N GLY B 826 35.10 -41.97 22.38
CA GLY B 826 36.13 -42.32 21.41
C GLY B 826 37.27 -41.32 21.48
N ILE B 827 38.49 -41.82 21.36
CA ILE B 827 39.71 -41.01 21.36
C ILE B 827 40.25 -40.94 19.94
N MET B 828 40.49 -39.72 19.48
CA MET B 828 41.18 -39.45 18.22
C MET B 828 42.54 -38.84 18.52
N HIS B 829 43.54 -39.24 17.74
CA HIS B 829 44.89 -38.71 17.90
C HIS B 829 45.21 -37.81 16.70
N ALA B 830 45.38 -36.52 16.95
CA ALA B 830 45.64 -35.51 15.93
C ALA B 830 47.07 -35.04 15.99
N GLU B 831 47.63 -34.71 14.82
CA GLU B 831 49.02 -34.27 14.74
C GLU B 831 49.19 -32.79 15.10
N SER B 832 48.11 -31.99 15.05
CA SER B 832 48.21 -30.55 15.28
C SER B 832 46.85 -30.03 15.71
N LEU B 833 46.85 -28.86 16.38
CA LEU B 833 45.59 -28.22 16.76
C LEU B 833 44.75 -27.93 15.54
N GLU B 834 45.37 -27.48 14.46
CA GLU B 834 44.62 -27.13 13.26
C GLU B 834 43.88 -28.35 12.71
N GLN B 835 44.54 -29.52 12.76
CA GLN B 835 43.91 -30.76 12.30
C GLN B 835 42.81 -31.23 13.25
N ALA B 836 43.06 -31.17 14.56
CA ALA B 836 42.02 -31.55 15.51
C ALA B 836 40.78 -30.69 15.30
N ILE B 837 40.99 -29.41 14.95
CA ILE B 837 39.86 -28.53 14.65
C ILE B 837 39.15 -28.94 13.37
N GLU B 838 39.91 -29.37 12.35
CA GLU B 838 39.26 -29.91 11.16
C GLU B 838 38.38 -31.11 11.52
N TRP B 839 38.91 -32.02 12.37
CA TRP B 839 38.18 -33.23 12.73
C TRP B 839 36.93 -32.90 13.53
N GLN B 840 37.05 -32.01 14.51
CA GLN B 840 35.90 -31.61 15.30
C GLN B 840 34.77 -31.08 14.43
N ASN B 841 35.11 -30.30 13.39
CA ASN B 841 34.12 -29.62 12.58
C ASN B 841 33.50 -30.48 11.49
N SER B 842 33.99 -31.71 11.30
CA SER B 842 33.56 -32.57 10.21
C SER B 842 32.79 -33.82 10.69
N THR B 843 32.09 -33.72 11.83
CA THR B 843 31.20 -34.81 12.26
C THR B 843 29.84 -34.77 11.56
N GLY B 844 29.49 -33.66 10.92
CA GLY B 844 28.16 -33.41 10.42
C GLY B 844 27.29 -32.58 11.33
N PHE B 845 27.65 -32.50 12.62
CA PHE B 845 26.90 -31.75 13.62
C PHE B 845 27.74 -30.56 14.12
N GLY B 846 27.07 -29.61 14.78
CA GLY B 846 27.75 -28.49 15.39
C GLY B 846 27.02 -27.95 16.61
N LEU B 847 26.81 -28.81 17.62
CA LEU B 847 26.05 -28.42 18.79
C LEU B 847 26.99 -27.88 19.87
N THR B 848 27.65 -28.75 20.62
CA THR B 848 28.62 -28.28 21.60
C THR B 848 30.02 -28.74 21.24
N GLY B 849 30.98 -28.12 21.88
CA GLY B 849 32.36 -28.45 21.65
C GLY B 849 33.24 -27.71 22.63
N GLY B 850 34.39 -28.27 22.97
CA GLY B 850 35.26 -27.62 23.91
C GLY B 850 36.72 -27.84 23.58
N ILE B 851 37.54 -26.99 24.16
CA ILE B 851 38.98 -27.15 24.12
C ILE B 851 39.50 -27.05 25.53
N HIS B 852 40.50 -27.85 25.85
CA HIS B 852 41.21 -27.74 27.10
C HIS B 852 42.63 -27.35 26.72
N SER B 853 43.02 -26.14 27.10
CA SER B 853 44.35 -25.60 26.81
C SER B 853 44.64 -24.37 27.65
N LEU B 854 45.81 -24.32 28.27
CA LEU B 854 46.23 -23.12 28.98
C LEU B 854 47.02 -22.14 28.11
N ASP B 855 47.21 -22.45 26.83
CA ASP B 855 47.93 -21.56 25.94
C ASP B 855 46.92 -20.62 25.29
N GLU B 856 47.15 -19.31 25.44
CA GLU B 856 46.16 -18.32 24.98
C GLU B 856 46.05 -18.28 23.45
N ASP B 857 47.16 -18.50 22.72
CA ASP B 857 47.07 -18.44 21.27
C ASP B 857 46.24 -19.58 20.72
N GLU B 858 46.41 -20.78 21.28
CA GLU B 858 45.60 -21.92 20.85
C GLU B 858 44.12 -21.66 21.10
N VAL B 859 43.79 -21.07 22.25
CA VAL B 859 42.39 -20.81 22.54
C VAL B 859 41.82 -19.79 21.57
N GLU B 860 42.55 -18.70 21.28
CA GLU B 860 42.01 -17.73 20.34
C GLU B 860 41.80 -18.38 18.96
N LEU B 861 42.74 -19.21 18.53
CA LEU B 861 42.55 -19.94 17.29
C LEU B 861 41.28 -20.76 17.35
N TRP B 862 41.13 -21.55 18.41
CA TRP B 862 39.97 -22.42 18.53
C TRP B 862 38.67 -21.64 18.60
N LYS B 863 38.60 -20.59 19.45
CA LYS B 863 37.35 -19.85 19.58
C LYS B 863 36.89 -19.31 18.23
N GLU B 864 37.84 -18.98 17.36
CA GLU B 864 37.56 -18.39 16.05
C GLU B 864 37.28 -19.44 14.98
N LYS B 865 37.85 -20.62 15.09
CA LYS B 865 37.69 -21.59 14.03
C LYS B 865 36.66 -22.69 14.35
N VAL B 866 36.26 -22.91 15.63
CA VAL B 866 35.36 -24.03 15.92
C VAL B 866 33.94 -23.69 15.51
N GLU B 867 33.24 -24.66 14.95
CA GLU B 867 31.95 -24.48 14.30
C GLU B 867 30.91 -25.28 15.08
N VAL B 868 30.61 -24.78 16.27
CA VAL B 868 29.60 -25.31 17.17
C VAL B 868 28.80 -24.17 17.77
N GLY B 869 27.59 -24.47 18.18
CA GLY B 869 26.71 -23.50 18.82
C GLY B 869 27.06 -23.19 20.26
N ASN B 870 27.50 -24.21 21.01
CA ASN B 870 27.91 -24.02 22.40
C ASN B 870 29.38 -24.43 22.56
N ALA B 871 30.24 -23.41 22.63
CA ALA B 871 31.68 -23.59 22.81
C ALA B 871 32.07 -23.35 24.27
N TYR B 872 33.00 -24.17 24.75
CA TYR B 872 33.48 -24.16 26.13
C TYR B 872 35.00 -24.20 26.13
N ILE B 873 35.60 -23.49 27.07
CA ILE B 873 37.05 -23.46 27.19
C ILE B 873 37.42 -23.84 28.63
N ASN B 874 38.18 -24.92 28.76
CA ASN B 874 38.65 -25.42 30.05
C ASN B 874 37.49 -25.68 31.03
N ARG B 875 36.43 -26.31 30.52
CA ARG B 875 35.39 -26.87 31.38
C ARG B 875 34.62 -27.88 30.54
N GLY B 876 33.67 -28.56 31.20
CA GLY B 876 32.83 -29.51 30.51
C GLY B 876 31.91 -28.84 29.50
N ILE B 877 31.41 -29.61 28.54
CA ILE B 877 30.58 -29.07 27.48
C ILE B 877 29.11 -29.35 27.70
N THR B 878 28.74 -29.87 28.87
CA THR B 878 27.36 -30.13 29.23
C THR B 878 26.99 -29.29 30.45
N GLY B 879 25.70 -29.28 30.79
CA GLY B 879 25.21 -28.53 31.94
C GLY B 879 24.85 -27.10 31.66
N ALA B 880 24.42 -26.78 30.45
CA ALA B 880 24.16 -25.41 30.06
C ALA B 880 23.09 -24.79 30.92
N ILE B 881 23.36 -23.60 31.44
CA ILE B 881 22.49 -22.91 32.36
C ILE B 881 21.82 -21.74 31.63
N VAL B 882 20.50 -21.64 31.81
CA VAL B 882 19.69 -20.60 31.19
C VAL B 882 20.34 -19.24 31.33
N GLN B 883 20.43 -18.50 30.22
CA GLN B 883 20.95 -17.15 30.04
C GLN B 883 22.47 -17.10 30.17
N ARG B 884 23.03 -17.98 31.01
CA ARG B 884 24.48 -18.12 31.01
C ARG B 884 24.96 -18.70 29.70
N GLN B 885 24.39 -19.83 29.31
CA GLN B 885 24.74 -20.49 28.05
C GLN B 885 23.46 -20.80 27.30
N PRO B 886 22.93 -19.82 26.55
CA PRO B 886 21.83 -20.12 25.62
C PRO B 886 22.24 -21.30 24.77
N PHE B 887 21.30 -22.21 24.57
CA PHE B 887 21.62 -23.54 24.09
C PHE B 887 21.01 -23.75 22.71
N GLY B 888 21.85 -24.25 21.79
CA GLY B 888 21.45 -24.53 20.41
C GLY B 888 22.60 -24.71 19.44
N GLY B 889 22.40 -25.54 18.42
CA GLY B 889 23.47 -25.98 17.57
C GLY B 889 23.34 -25.43 16.15
N TRP B 890 24.40 -25.69 15.37
CA TRP B 890 24.48 -25.42 13.94
C TRP B 890 24.44 -26.74 13.19
N LYS B 891 24.39 -26.64 11.87
CA LYS B 891 24.49 -27.81 10.97
C LYS B 891 23.34 -28.77 11.30
N ASN B 892 23.61 -30.05 11.51
CA ASN B 892 22.55 -31.03 11.69
C ASN B 892 21.93 -31.01 13.08
N SER B 893 22.44 -30.20 14.01
CA SER B 893 21.88 -30.24 15.35
C SER B 893 20.58 -29.46 15.46
N SER B 894 20.26 -28.64 14.46
CA SER B 894 19.11 -27.74 14.50
C SER B 894 18.34 -27.80 13.18
N VAL B 895 17.02 -27.58 13.26
CA VAL B 895 16.18 -27.26 12.12
C VAL B 895 15.48 -25.95 12.42
N GLY B 896 15.54 -25.01 11.49
CA GLY B 896 14.87 -23.73 11.60
C GLY B 896 15.84 -22.56 11.56
N VAL B 897 15.28 -21.37 11.73
CA VAL B 897 16.15 -20.18 11.82
C VAL B 897 17.15 -20.32 12.95
N GLY B 898 16.78 -20.98 14.02
CA GLY B 898 17.75 -21.51 14.96
C GLY B 898 18.18 -20.67 16.14
N ALA B 899 17.27 -19.89 16.71
CA ALA B 899 17.58 -19.19 17.95
C ALA B 899 17.78 -20.19 19.07
N LYS B 900 18.62 -19.79 20.03
CA LYS B 900 18.95 -20.66 21.15
C LYS B 900 17.86 -20.63 22.22
N ALA B 901 17.48 -21.81 22.70
CA ALA B 901 16.66 -21.89 23.90
C ALA B 901 17.42 -21.27 25.06
N GLY B 902 16.69 -20.65 25.96
CA GLY B 902 17.37 -19.95 27.02
C GLY B 902 18.19 -18.77 26.54
N GLY B 903 17.88 -18.23 25.36
CA GLY B 903 18.52 -17.03 24.86
C GLY B 903 17.51 -15.98 24.45
N PRO B 904 17.98 -14.76 24.15
CA PRO B 904 17.04 -13.63 24.02
C PRO B 904 16.18 -13.64 22.78
N ASN B 905 16.42 -14.52 21.81
CA ASN B 905 15.69 -14.50 20.54
C ASN B 905 14.68 -15.62 20.39
N TYR B 906 14.52 -16.47 21.40
CA TYR B 906 13.73 -17.69 21.27
C TYR B 906 12.23 -17.38 21.25
N VAL B 907 11.73 -16.68 22.29
CA VAL B 907 10.32 -16.30 22.29
C VAL B 907 9.96 -15.60 20.99
N ALA B 908 10.83 -14.70 20.51
CA ALA B 908 10.51 -13.89 19.34
C ALA B 908 10.28 -14.67 18.05
N GLN B 909 10.68 -15.95 17.99
CA GLN B 909 10.38 -16.80 16.83
C GLN B 909 8.94 -17.29 16.79
N LEU B 910 8.22 -17.23 17.91
CA LEU B 910 6.92 -17.92 18.01
C LEU B 910 5.78 -17.01 17.58
N GLY B 911 5.98 -16.41 16.42
CA GLY B 911 5.05 -15.45 15.86
C GLY B 911 5.62 -14.95 14.56
N THR B 912 5.22 -13.75 14.16
CA THR B 912 5.68 -13.11 12.93
C THR B 912 5.94 -11.63 13.19
N TRP B 913 6.85 -11.03 12.44
CA TRP B 913 7.16 -9.62 12.61
C TRP B 913 6.78 -8.86 11.35
N GLU B 914 6.38 -7.59 11.51
CA GLU B 914 6.08 -6.71 10.39
C GLU B 914 6.75 -5.35 10.62
N ASP B 915 7.23 -4.74 9.53
CA ASP B 915 7.71 -3.36 9.62
C ASP B 915 6.55 -2.47 10.03
N ILE B 916 6.84 -1.44 10.83
CA ILE B 916 5.85 -0.41 11.10
C ILE B 916 6.40 0.93 10.64
N GLU B 917 5.51 1.91 10.56
CA GLU B 917 5.93 3.27 10.25
C GLU B 917 6.58 3.86 11.48
N SER B 918 7.78 4.39 11.32
CA SER B 918 8.47 4.97 12.47
C SER B 918 9.50 5.96 11.96
N ASP B 919 9.99 6.78 12.86
CA ASP B 919 11.05 7.69 12.52
C ASP B 919 12.37 7.10 12.97
N VAL B 920 13.37 7.20 12.09
CA VAL B 920 14.71 6.67 12.32
C VAL B 920 15.60 7.79 12.84
N PRO B 921 16.41 7.52 13.86
CA PRO B 921 17.33 8.55 14.36
C PRO B 921 18.47 8.81 13.39
N SER B 922 19.17 9.90 13.65
CA SER B 922 20.34 10.27 12.87
C SER B 922 21.48 9.31 13.21
N VAL B 923 21.85 8.41 12.32
CA VAL B 923 23.05 7.60 12.52
C VAL B 923 23.84 7.54 11.23
N SER B 924 25.17 7.57 11.36
CA SER B 924 26.06 7.52 10.20
C SER B 924 26.06 6.14 9.56
N LEU B 925 26.28 6.14 8.24
CA LEU B 925 26.38 4.94 7.42
C LEU B 925 27.66 4.98 6.61
N PRO B 926 28.48 3.92 6.64
CA PRO B 926 29.59 3.82 5.68
C PRO B 926 29.05 3.93 4.26
N PRO B 927 29.80 4.56 3.34
CA PRO B 927 29.22 4.92 2.03
C PRO B 927 28.95 3.73 1.12
N ALA B 928 29.66 2.60 1.32
CA ALA B 928 29.36 1.40 0.52
C ALA B 928 27.92 0.97 0.68
N TYR B 929 27.31 1.23 1.83
CA TYR B 929 25.91 0.89 2.00
C TYR B 929 25.03 1.86 1.25
N ARG B 930 25.37 3.15 1.31
CA ARG B 930 24.50 4.13 0.69
C ARG B 930 24.48 3.98 -0.84
N GLU B 931 25.55 3.41 -1.43
CA GLU B 931 25.54 3.09 -2.87
C GLU B 931 24.40 2.13 -3.22
N LEU B 932 24.09 1.19 -2.33
CA LEU B 932 23.01 0.24 -2.56
C LEU B 932 21.64 0.77 -2.15
N ALA B 933 21.57 1.80 -1.31
CA ALA B 933 20.28 2.26 -0.79
C ALA B 933 19.73 3.34 -1.72
N ASN B 934 18.99 2.91 -2.74
CA ASN B 934 18.43 3.80 -3.77
C ASN B 934 16.90 3.88 -3.73
N THR B 935 16.27 3.46 -2.64
CA THR B 935 14.84 3.56 -2.47
C THR B 935 14.57 4.11 -1.08
N GLU B 936 13.38 4.67 -0.89
CA GLU B 936 12.89 4.91 0.46
C GLU B 936 13.17 3.69 1.33
N PHE B 937 12.67 2.53 0.90
CA PHE B 937 12.76 1.31 1.69
C PHE B 937 14.20 0.89 1.95
N LEU B 938 15.06 0.96 0.94
CA LEU B 938 16.44 0.51 1.13
C LEU B 938 17.22 1.46 2.03
N LYS B 939 16.90 2.75 1.99
CA LYS B 939 17.55 3.67 2.90
C LYS B 939 17.17 3.34 4.34
N ARG B 940 15.91 2.98 4.56
CA ARG B 940 15.44 2.71 5.91
C ARG B 940 16.05 1.43 6.48
N ALA B 941 16.21 0.41 5.63
CA ALA B 941 16.80 -0.85 6.06
C ALA B 941 18.29 -0.71 6.33
N ALA B 942 18.98 0.13 5.55
CA ALA B 942 20.40 0.36 5.76
C ALA B 942 20.64 0.98 7.12
N ALA B 943 19.79 1.96 7.48
CA ALA B 943 19.93 2.66 8.75
C ALA B 943 19.64 1.74 9.90
N LEU B 944 18.57 0.94 9.79
CA LEU B 944 18.19 0.06 10.88
C LEU B 944 19.16 -1.10 11.04
N ASP B 945 19.77 -1.59 9.96
CA ASP B 945 20.85 -2.56 10.12
C ASP B 945 21.98 -1.97 10.95
N GLU B 946 22.36 -0.72 10.63
CA GLU B 946 23.39 -0.03 11.40
C GLU B 946 23.01 0.06 12.88
N ILE B 947 21.78 0.51 13.16
CA ILE B 947 21.32 0.64 14.55
C ILE B 947 21.27 -0.72 15.24
N ALA B 948 20.76 -1.74 14.57
CA ALA B 948 20.77 -3.08 15.14
C ALA B 948 22.19 -3.57 15.36
N TRP B 949 23.09 -3.26 14.43
CA TRP B 949 24.46 -3.74 14.57
C TRP B 949 25.15 -3.08 15.76
N ARG B 950 24.92 -1.78 15.97
CA ARG B 950 25.48 -1.12 17.14
C ARG B 950 24.84 -1.66 18.43
N THR B 951 23.56 -2.00 18.37
CA THR B 951 22.80 -2.38 19.55
C THR B 951 23.03 -3.83 19.96
N GLU B 952 23.03 -4.74 19.00
CA GLU B 952 23.00 -6.16 19.30
C GLU B 952 24.12 -6.92 18.59
N PHE B 953 24.08 -6.96 17.27
CA PHE B 953 24.78 -8.02 16.57
C PHE B 953 26.30 -7.86 16.63
N GLY B 954 26.80 -6.65 16.65
CA GLY B 954 28.24 -6.50 16.72
C GLY B 954 28.85 -6.57 18.11
N VAL B 955 28.08 -6.81 19.16
CA VAL B 955 28.58 -6.82 20.53
C VAL B 955 28.67 -8.26 21.02
N GLU B 956 29.75 -8.57 21.76
CA GLU B 956 29.85 -9.80 22.53
C GLU B 956 29.31 -9.51 23.91
N GLN B 957 28.24 -10.21 24.32
CA GLN B 957 27.44 -9.79 25.47
C GLN B 957 27.52 -10.85 26.56
N ASP B 958 28.06 -10.48 27.70
CA ASP B 958 28.10 -11.36 28.87
C ASP B 958 27.00 -10.89 29.82
N PHE B 959 25.84 -11.58 29.77
CA PHE B 959 24.67 -11.16 30.55
C PHE B 959 24.80 -11.42 32.04
N THR B 960 25.57 -12.44 32.44
CA THR B 960 25.55 -12.87 33.82
C THR B 960 26.65 -12.27 34.66
N GLY B 961 27.82 -12.00 34.07
CA GLY B 961 28.83 -11.21 34.75
C GLY B 961 29.53 -11.88 35.91
N LEU B 962 29.66 -13.20 35.85
CA LEU B 962 30.37 -13.97 36.87
C LEU B 962 31.85 -13.61 36.93
N ARG B 963 32.39 -13.64 38.14
CA ARG B 963 33.82 -13.45 38.31
C ARG B 963 34.59 -14.62 37.71
N CYS B 964 34.17 -15.85 38.03
CA CYS B 964 34.99 -17.04 37.76
C CYS B 964 34.82 -17.60 36.33
N GLU B 965 33.80 -17.18 35.60
CA GLU B 965 33.48 -17.77 34.32
C GLU B 965 32.98 -16.68 33.39
N SER B 966 33.62 -16.57 32.24
CA SER B 966 33.19 -15.67 31.18
C SER B 966 32.16 -16.38 30.32
N ASN B 967 30.96 -15.81 30.24
CA ASN B 967 29.88 -16.41 29.46
C ASN B 967 29.39 -15.39 28.44
N VAL B 968 29.81 -15.55 27.19
CA VAL B 968 29.61 -14.60 26.10
C VAL B 968 28.52 -15.09 25.14
N PHE B 969 27.67 -14.17 24.71
CA PHE B 969 26.64 -14.43 23.71
C PHE B 969 26.90 -13.51 22.52
N ARG B 970 27.18 -14.11 21.37
CA ARG B 970 27.58 -13.36 20.19
C ARG B 970 26.96 -13.98 18.96
N TYR B 971 26.97 -13.21 17.87
CA TYR B 971 26.45 -13.69 16.60
C TYR B 971 27.62 -13.93 15.65
N ARG B 972 27.58 -15.05 14.95
CA ARG B 972 28.58 -15.40 13.94
C ARG B 972 27.97 -15.32 12.55
N PRO B 973 28.79 -15.02 11.53
CA PRO B 973 28.25 -14.84 10.17
C PRO B 973 27.79 -16.15 9.55
N LEU B 974 26.59 -16.13 8.96
CA LEU B 974 26.14 -17.22 8.09
C LEU B 974 26.95 -17.22 6.79
N GLU B 975 27.55 -18.36 6.45
CA GLU B 975 28.45 -18.41 5.30
C GLU B 975 27.70 -18.14 3.98
N THR B 976 26.59 -18.85 3.76
CA THR B 976 25.88 -18.77 2.49
C THR B 976 24.39 -18.72 2.76
N LEU B 977 23.68 -17.80 2.07
CA LEU B 977 22.23 -17.72 2.08
C LEU B 977 21.70 -17.93 0.65
N TYR B 978 20.75 -18.86 0.49
CA TYR B 978 20.11 -19.10 -0.78
C TYR B 978 18.86 -18.25 -0.92
N VAL B 979 18.65 -17.73 -2.11
CA VAL B 979 17.57 -16.78 -2.37
C VAL B 979 16.68 -17.34 -3.46
N VAL B 980 15.39 -17.36 -3.23
CA VAL B 980 14.44 -17.86 -4.21
C VAL B 980 13.49 -16.73 -4.57
N GLY B 981 13.36 -16.47 -5.87
CA GLY B 981 12.48 -15.42 -6.34
C GLY B 981 13.23 -14.32 -7.06
N ASP B 982 12.44 -13.45 -7.69
CA ASP B 982 12.96 -12.33 -8.46
C ASP B 982 12.33 -11.07 -7.92
N ASP B 983 13.14 -10.17 -7.41
CA ASP B 983 12.70 -8.85 -6.98
C ASP B 983 13.93 -7.98 -6.74
N GLU B 984 14.20 -7.08 -7.68
CA GLU B 984 15.47 -6.38 -7.64
C GLU B 984 15.60 -5.57 -6.35
N GLU B 985 14.52 -4.92 -5.91
CA GLU B 985 14.60 -4.12 -4.69
C GLU B 985 14.87 -4.98 -3.46
N GLN B 986 14.08 -6.05 -3.26
CA GLN B 986 14.29 -6.90 -2.09
C GLN B 986 15.64 -7.60 -2.16
N PHE B 987 16.09 -7.96 -3.36
CA PHE B 987 17.43 -8.52 -3.49
C PHE B 987 18.48 -7.49 -3.05
N ASN B 988 18.25 -6.22 -3.37
CA ASN B 988 19.19 -5.20 -2.92
C ASN B 988 19.19 -5.10 -1.40
N ARG B 989 18.02 -5.25 -0.77
CA ARG B 989 18.00 -5.28 0.68
C ARG B 989 18.82 -6.44 1.23
N LEU B 990 18.73 -7.61 0.57
CA LEU B 990 19.56 -8.72 1.04
C LEU B 990 21.03 -8.44 0.82
N LYS B 991 21.37 -7.62 -0.18
CA LYS B 991 22.77 -7.28 -0.37
C LYS B 991 23.27 -6.38 0.75
N LEU B 992 22.44 -5.43 1.18
CA LEU B 992 22.78 -4.57 2.31
C LEU B 992 23.19 -5.40 3.52
N ALA B 993 22.31 -6.34 3.90
CA ALA B 993 22.62 -7.25 5.00
C ALA B 993 23.88 -8.05 4.73
N ALA B 994 24.03 -8.54 3.49
CA ALA B 994 25.16 -9.41 3.16
C ALA B 994 26.47 -8.65 3.16
N LEU B 995 26.47 -7.38 2.74
CA LEU B 995 27.69 -6.59 2.79
C LEU B 995 28.17 -6.42 4.21
N ARG B 996 27.26 -6.44 5.17
CA ARG B 996 27.59 -6.21 6.56
C ARG B 996 28.02 -7.48 7.30
N THR B 997 27.45 -8.65 6.96
CA THR B 997 27.81 -9.87 7.66
C THR B 997 28.87 -10.69 6.94
N GLY B 998 29.11 -10.40 5.67
CA GLY B 998 29.99 -11.21 4.85
C GLY B 998 29.34 -12.41 4.21
N THR B 999 28.04 -12.58 4.35
CA THR B 999 27.38 -13.74 3.80
C THR B 999 27.40 -13.71 2.28
N GLU B 1000 27.45 -14.89 1.67
CA GLU B 1000 27.38 -15.04 0.23
C GLU B 1000 25.95 -15.32 -0.18
N LEU B 1001 25.42 -14.54 -1.12
CA LEU B 1001 24.11 -14.83 -1.70
C LEU B 1001 24.25 -15.71 -2.93
N ARG B 1002 23.44 -16.76 -2.99
CA ARG B 1002 23.34 -17.65 -4.14
C ARG B 1002 21.89 -17.70 -4.59
N LYS B 1003 21.63 -17.26 -5.83
CA LYS B 1003 20.29 -17.36 -6.40
C LYS B 1003 19.98 -18.83 -6.67
N LEU B 1004 18.73 -19.22 -6.39
CA LEU B 1004 18.35 -20.62 -6.39
C LEU B 1004 17.08 -20.82 -7.20
N GLU B 1005 17.12 -21.78 -8.12
CA GLU B 1005 15.99 -22.12 -8.98
C GLU B 1005 15.29 -23.38 -8.46
N THR B 1006 14.14 -23.70 -9.07
CA THR B 1006 13.46 -24.97 -8.80
C THR B 1006 14.26 -26.15 -9.35
N HIS B 1007 14.22 -27.25 -8.62
CA HIS B 1007 14.94 -28.46 -8.97
C HIS B 1007 16.44 -28.24 -8.99
N GLU B 1008 16.92 -27.07 -8.60
CA GLU B 1008 18.33 -26.88 -8.34
C GLU B 1008 18.64 -27.39 -6.93
N TRP B 1009 19.64 -28.25 -6.83
CA TRP B 1009 20.02 -28.83 -5.55
C TRP B 1009 20.62 -27.77 -4.63
N PHE B 1010 20.54 -28.04 -3.33
CA PHE B 1010 21.15 -27.20 -2.31
C PHE B 1010 21.54 -28.11 -1.16
N PRO B 1011 22.55 -27.75 -0.38
CA PRO B 1011 23.09 -28.68 0.63
C PRO B 1011 22.12 -28.84 1.80
N PRO B 1012 22.31 -29.89 2.61
CA PRO B 1012 21.53 -30.02 3.84
C PRO B 1012 21.74 -28.84 4.76
N HIS B 1013 20.67 -28.48 5.48
CA HIS B 1013 20.68 -27.44 6.52
C HIS B 1013 20.95 -26.05 5.96
N SER B 1014 20.68 -25.86 4.68
CA SER B 1014 20.78 -24.54 4.05
C SER B 1014 19.67 -23.65 4.58
N ARG B 1015 19.87 -22.34 4.43
CA ARG B 1015 18.81 -21.35 4.66
C ARG B 1015 18.43 -20.75 3.32
N ILE B 1016 17.13 -20.68 3.04
CA ILE B 1016 16.62 -20.21 1.76
C ILE B 1016 15.70 -19.02 2.01
N ARG B 1017 16.10 -17.83 1.53
CA ARG B 1017 15.32 -16.61 1.72
C ARG B 1017 14.37 -16.40 0.55
N ALA B 1018 13.11 -16.17 0.84
CA ALA B 1018 12.10 -15.97 -0.19
C ALA B 1018 11.91 -14.47 -0.42
N ILE B 1019 12.08 -14.06 -1.67
CA ILE B 1019 11.81 -12.70 -2.11
C ILE B 1019 10.79 -12.76 -3.22
N GLY B 1020 9.98 -11.71 -3.31
CA GLY B 1020 9.03 -11.54 -4.39
C GLY B 1020 7.61 -11.93 -4.01
N ASP B 1021 6.72 -11.79 -5.00
CA ASP B 1021 5.28 -11.99 -4.83
C ASP B 1021 4.82 -13.41 -5.09
N ALA B 1022 5.62 -14.21 -5.82
CA ALA B 1022 5.21 -15.57 -6.15
C ALA B 1022 5.47 -16.50 -4.97
N PRO B 1023 4.70 -17.57 -4.84
CA PRO B 1023 5.00 -18.54 -3.80
C PRO B 1023 6.38 -19.14 -4.02
N VAL B 1024 6.94 -19.66 -2.94
CA VAL B 1024 8.09 -20.53 -3.16
C VAL B 1024 7.63 -21.78 -3.90
N PRO B 1025 8.36 -22.25 -4.90
CA PRO B 1025 7.98 -23.52 -5.55
C PRO B 1025 7.94 -24.66 -4.55
N THR B 1026 6.90 -25.49 -4.65
CA THR B 1026 6.66 -26.57 -3.67
C THR B 1026 7.85 -27.52 -3.55
N THR B 1027 8.52 -27.81 -4.65
CA THR B 1027 9.59 -28.79 -4.61
C THR B 1027 10.69 -28.35 -3.65
N ILE B 1028 10.93 -27.04 -3.57
CA ILE B 1028 11.96 -26.54 -2.67
C ILE B 1028 11.59 -26.83 -1.23
N TYR B 1029 10.31 -26.58 -0.86
CA TYR B 1029 9.84 -26.95 0.47
C TYR B 1029 10.01 -28.44 0.73
N GLU B 1030 9.65 -29.28 -0.27
CA GLU B 1030 9.74 -30.72 -0.06
C GLU B 1030 11.17 -31.15 0.13
N TRP B 1031 12.10 -30.54 -0.61
CA TRP B 1031 13.50 -30.88 -0.47
C TRP B 1031 14.08 -30.31 0.81
N ALA B 1032 13.68 -29.10 1.19
CA ALA B 1032 14.14 -28.54 2.47
C ALA B 1032 13.73 -29.45 3.62
N ALA B 1033 12.54 -30.04 3.54
CA ALA B 1033 12.08 -30.93 4.60
C ALA B 1033 12.91 -32.21 4.64
N LEU B 1034 13.40 -32.65 3.48
CA LEU B 1034 14.19 -33.87 3.44
C LEU B 1034 15.59 -33.67 4.03
N ASN B 1035 16.24 -32.53 3.75
CA ASN B 1035 17.61 -32.35 4.21
C ASN B 1035 17.74 -31.31 5.32
N GLY B 1036 16.65 -30.99 6.00
CA GLY B 1036 16.69 -30.13 7.16
C GLY B 1036 17.04 -28.68 6.92
N SER B 1037 16.79 -28.17 5.71
CA SER B 1037 16.93 -26.75 5.43
C SER B 1037 15.68 -26.00 5.86
N VAL B 1038 15.74 -24.67 5.80
CA VAL B 1038 14.60 -23.87 6.22
C VAL B 1038 14.31 -22.83 5.14
N VAL B 1039 13.07 -22.80 4.67
CA VAL B 1039 12.63 -21.80 3.70
C VAL B 1039 12.13 -20.65 4.53
N ILE B 1040 12.85 -19.54 4.52
CA ILE B 1040 12.46 -18.33 5.22
C ILE B 1040 11.54 -17.56 4.28
N ASP B 1041 10.23 -17.63 4.54
CA ASP B 1041 9.25 -17.20 3.56
C ASP B 1041 8.40 -16.03 4.00
N GLY B 1042 8.77 -15.33 5.05
CA GLY B 1042 8.07 -14.11 5.42
C GLY B 1042 8.47 -12.91 4.55
N PRO B 1043 7.77 -11.80 4.77
CA PRO B 1043 8.13 -10.55 4.07
C PRO B 1043 9.54 -10.14 4.43
N VAL B 1044 10.22 -9.53 3.45
CA VAL B 1044 11.53 -8.96 3.68
C VAL B 1044 11.33 -7.69 4.50
N LEU B 1045 11.97 -7.61 5.67
CA LEU B 1045 11.75 -6.51 6.59
C LEU B 1045 12.83 -5.44 6.44
N ALA B 1046 12.40 -4.18 6.50
CA ALA B 1046 13.37 -3.12 6.65
C ALA B 1046 14.11 -3.27 7.97
N ASP B 1047 13.39 -3.63 9.04
CA ASP B 1047 14.02 -3.67 10.36
C ASP B 1047 15.06 -4.78 10.40
N GLY B 1048 16.33 -4.38 10.37
CA GLY B 1048 17.40 -5.35 10.49
C GLY B 1048 17.46 -6.03 11.83
N ARG B 1049 16.87 -5.42 12.87
CA ARG B 1049 16.79 -6.07 14.16
C ARG B 1049 16.10 -7.43 14.05
N ARG B 1050 15.20 -7.58 13.08
CA ARG B 1050 14.57 -8.85 12.72
C ARG B 1050 15.23 -9.50 11.50
N GLU B 1051 15.51 -8.72 10.45
CA GLU B 1051 15.97 -9.30 9.20
C GLU B 1051 17.39 -9.84 9.31
N LEU B 1052 18.26 -9.16 10.08
CA LEU B 1052 19.64 -9.62 10.16
C LEU B 1052 19.79 -10.97 10.85
N LEU B 1053 18.76 -11.44 11.57
CA LEU B 1053 18.84 -12.76 12.21
C LEU B 1053 19.02 -13.86 11.16
N HIS B 1054 18.46 -13.70 9.96
CA HIS B 1054 18.62 -14.69 8.89
C HIS B 1054 20.04 -14.76 8.37
N PHE B 1055 20.89 -13.78 8.70
CA PHE B 1055 22.27 -13.72 8.23
C PHE B 1055 23.27 -14.09 9.32
N LEU B 1056 22.82 -14.54 10.49
CA LEU B 1056 23.68 -14.73 11.65
C LEU B 1056 23.38 -16.05 12.36
N LYS B 1057 24.42 -16.63 12.94
CA LYS B 1057 24.30 -17.84 13.75
C LYS B 1057 24.63 -17.46 15.19
N GLU B 1058 23.69 -17.71 16.11
CA GLU B 1058 23.95 -17.40 17.51
C GLU B 1058 24.99 -18.36 18.08
N GLN B 1059 25.79 -17.88 19.01
CA GLN B 1059 26.81 -18.72 19.62
C GLN B 1059 27.11 -18.28 21.05
N ALA B 1060 27.24 -19.24 21.95
CA ALA B 1060 27.64 -18.98 23.32
C ALA B 1060 29.05 -19.53 23.55
N VAL B 1061 29.92 -18.69 24.09
CA VAL B 1061 31.31 -19.10 24.37
C VAL B 1061 31.53 -18.95 25.87
N SER B 1062 31.77 -20.07 26.55
CA SER B 1062 31.90 -20.09 28.01
C SER B 1062 33.33 -20.46 28.39
N THR B 1063 34.01 -19.58 29.12
CA THR B 1063 35.43 -19.73 29.40
C THR B 1063 35.69 -19.62 30.88
N THR B 1064 36.31 -20.66 31.46
CA THR B 1064 36.76 -20.55 32.84
C THR B 1064 37.78 -19.42 32.97
N ASN B 1065 37.63 -18.60 34.02
CA ASN B 1065 38.46 -17.42 34.23
C ASN B 1065 39.56 -17.63 35.24
N HIS B 1066 39.47 -18.68 36.05
CA HIS B 1066 40.35 -18.84 37.19
C HIS B 1066 41.36 -19.95 36.96
N ARG B 1067 42.46 -19.87 37.69
CA ARG B 1067 43.45 -20.95 37.73
C ARG B 1067 43.39 -21.45 39.17
N PHE B 1068 42.57 -22.47 39.41
CA PHE B 1068 42.29 -22.96 40.75
C PHE B 1068 41.83 -21.83 41.67
N GLY B 1069 41.02 -20.93 41.13
CA GLY B 1069 40.40 -19.89 41.92
C GLY B 1069 41.06 -18.53 41.85
N TYR B 1070 42.26 -18.44 41.28
CA TYR B 1070 42.96 -17.16 41.17
C TYR B 1070 42.62 -16.51 39.83
N ILE B 1071 41.97 -15.34 39.88
CA ILE B 1071 41.62 -14.58 38.67
C ILE B 1071 42.32 -13.22 38.71
N LEU C 9 -13.75 39.28 25.27
CA LEU C 9 -14.79 39.33 26.30
C LEU C 9 -15.80 40.43 25.97
N MET C 10 -16.87 40.03 25.30
CA MET C 10 -17.86 40.97 24.82
C MET C 10 -18.78 41.35 25.96
N SER C 11 -18.88 42.66 26.21
CA SER C 11 -19.61 43.19 27.37
C SER C 11 -21.11 43.21 27.20
N TYR C 12 -21.62 42.92 26.00
CA TYR C 12 -23.06 42.83 25.82
C TYR C 12 -23.66 41.52 26.34
N ILE C 13 -22.85 40.47 26.52
CA ILE C 13 -23.37 39.19 26.98
C ILE C 13 -23.82 39.31 28.44
N ASN C 14 -24.89 38.60 28.77
CA ASN C 14 -25.46 38.65 30.11
C ASN C 14 -26.33 37.41 30.28
N ARG C 15 -26.97 37.31 31.43
CA ARG C 15 -27.80 36.15 31.74
C ARG C 15 -29.28 36.52 31.93
N ASP C 16 -29.73 37.67 31.42
CA ASP C 16 -31.14 38.05 31.58
C ASP C 16 -32.09 37.02 30.98
N LEU C 17 -31.85 36.61 29.73
CA LEU C 17 -32.77 35.66 29.11
C LEU C 17 -32.86 34.37 29.93
N GLU C 18 -31.73 33.86 30.39
CA GLU C 18 -31.77 32.67 31.24
C GLU C 18 -32.65 32.91 32.47
N ASN C 19 -32.60 34.11 33.03
CA ASN C 19 -33.38 34.42 34.23
C ASN C 19 -34.86 34.57 33.93
N LEU C 20 -35.20 35.09 32.75
CA LEU C 20 -36.60 35.30 32.36
C LEU C 20 -37.21 34.10 31.65
N GLN C 21 -36.44 33.02 31.46
CA GLN C 21 -36.85 31.93 30.58
C GLN C 21 -38.21 31.37 30.98
N GLU C 22 -38.45 31.22 32.29
CA GLU C 22 -39.68 30.59 32.73
C GLU C 22 -40.87 31.54 32.65
N ARG C 23 -40.69 32.79 33.12
CA ARG C 23 -41.76 33.77 32.95
C ARG C 23 -42.04 34.04 31.47
N ILE C 24 -41.04 33.84 30.61
CA ILE C 24 -41.28 33.99 29.17
C ILE C 24 -42.19 32.89 28.65
N ILE C 25 -41.88 31.63 29.01
CA ILE C 25 -42.73 30.52 28.59
C ILE C 25 -44.12 30.62 29.21
N ALA C 26 -44.19 31.02 30.49
CA ALA C 26 -45.48 31.29 31.12
C ALA C 26 -46.26 32.33 30.33
N ARG C 27 -45.57 33.32 29.77
CA ARG C 27 -46.25 34.37 29.02
C ARG C 27 -46.77 33.84 27.70
N ALA C 28 -45.96 33.07 26.98
CA ALA C 28 -46.38 32.56 25.67
C ALA C 28 -47.58 31.62 25.78
N ASN C 29 -47.59 30.76 26.80
CA ASN C 29 -48.70 29.83 26.95
C ASN C 29 -49.97 30.55 27.39
N GLU C 30 -49.82 31.66 28.11
CA GLU C 30 -50.95 32.54 28.41
C GLU C 30 -51.57 33.08 27.13
N TRP C 31 -50.75 33.52 26.18
CA TRP C 31 -51.24 34.14 24.96
C TRP C 31 -51.89 33.14 24.01
N LEU C 32 -51.59 31.84 24.14
CA LEU C 32 -52.25 30.83 23.33
C LEU C 32 -53.66 30.53 23.84
N ALA C 33 -54.19 31.41 24.69
CA ALA C 33 -55.53 31.25 25.23
C ALA C 33 -56.28 32.60 25.29
N ARG C 121 -57.41 27.29 -1.17
CA ARG C 121 -57.26 26.93 0.24
C ARG C 121 -56.83 28.17 1.02
N LEU C 122 -55.52 28.43 1.01
CA LEU C 122 -54.99 29.68 1.52
C LEU C 122 -55.20 30.81 0.52
N ARG C 123 -55.28 30.48 -0.78
CA ARG C 123 -55.51 31.48 -1.81
C ARG C 123 -56.81 32.25 -1.58
N GLN C 124 -57.76 31.68 -0.84
CA GLN C 124 -58.99 32.42 -0.55
C GLN C 124 -58.81 33.37 0.63
N MET C 125 -58.19 32.89 1.73
CA MET C 125 -57.94 33.75 2.88
C MET C 125 -57.03 34.92 2.50
N VAL C 126 -55.96 34.64 1.76
CA VAL C 126 -55.02 35.68 1.34
C VAL C 126 -55.73 36.69 0.43
N SER C 127 -56.55 36.19 -0.52
CA SER C 127 -57.23 37.07 -1.47
C SER C 127 -58.10 38.11 -0.77
N HIS C 128 -58.63 37.78 0.41
CA HIS C 128 -59.42 38.73 1.20
C HIS C 128 -58.57 39.76 1.94
N LEU C 129 -57.25 39.53 2.05
CA LEU C 129 -56.39 40.53 2.70
C LEU C 129 -55.99 41.65 1.75
N VAL C 130 -55.66 41.33 0.50
CA VAL C 130 -55.10 42.30 -0.43
C VAL C 130 -56.17 43.31 -0.82
N LEU C 131 -55.96 44.57 -0.43
CA LEU C 131 -56.90 45.65 -0.66
C LEU C 131 -56.43 46.53 -1.81
N ASP C 132 -57.32 47.43 -2.24
CA ASP C 132 -57.02 48.37 -3.31
C ASP C 132 -56.42 49.64 -2.72
N ALA C 133 -55.22 49.99 -3.22
CA ALA C 133 -54.49 51.15 -2.72
C ALA C 133 -55.25 52.44 -2.99
N GLU C 134 -56.10 52.46 -4.00
CA GLU C 134 -57.01 53.58 -4.24
C GLU C 134 -58.42 53.29 -3.74
N GLY C 135 -58.73 52.04 -3.41
CA GLY C 135 -60.08 51.69 -3.03
C GLY C 135 -60.48 52.21 -1.66
N LYS C 136 -61.80 52.15 -1.43
CA LYS C 136 -62.40 52.59 -0.18
C LYS C 136 -62.22 51.57 0.94
N ALA C 137 -62.09 50.29 0.61
CA ALA C 137 -61.93 49.25 1.62
C ALA C 137 -60.76 49.54 2.56
N LEU C 138 -59.67 50.07 2.01
CA LEU C 138 -58.47 50.36 2.79
C LEU C 138 -58.71 51.43 3.84
N ASN C 139 -59.34 52.55 3.46
CA ASN C 139 -59.52 53.64 4.40
C ASN C 139 -60.46 53.27 5.55
N LYS C 140 -61.46 52.42 5.29
CA LYS C 140 -62.24 51.92 6.40
C LYS C 140 -61.37 51.03 7.29
N LEU C 141 -60.42 50.30 6.70
CA LEU C 141 -59.55 49.45 7.51
C LEU C 141 -58.59 50.26 8.37
N LEU C 142 -58.12 51.41 7.88
CA LEU C 142 -57.28 52.26 8.71
C LEU C 142 -58.09 52.92 9.82
N ASP C 143 -59.31 53.38 9.52
CA ASP C 143 -60.19 53.93 10.54
C ASP C 143 -60.57 52.86 11.56
N GLU C 144 -60.92 51.66 11.09
CA GLU C 144 -61.32 50.58 11.99
C GLU C 144 -60.16 50.15 12.89
N SER C 145 -58.91 50.34 12.43
CA SER C 145 -57.74 49.85 13.16
C SER C 145 -57.15 50.87 14.12
N LYS C 146 -57.05 52.15 13.70
CA LYS C 146 -56.61 53.20 14.63
C LYS C 146 -57.52 53.26 15.85
N ALA C 147 -58.82 53.03 15.64
CA ALA C 147 -59.78 53.05 16.75
C ALA C 147 -59.62 51.84 17.67
N LYS C 148 -59.22 50.69 17.13
CA LYS C 148 -59.01 49.51 17.96
C LYS C 148 -57.60 49.44 18.54
N GLY C 149 -56.77 50.47 18.31
CA GLY C 149 -55.45 50.52 18.90
C GLY C 149 -54.31 49.89 18.10
N TYR C 150 -54.43 49.87 16.77
CA TYR C 150 -53.38 49.36 15.91
C TYR C 150 -52.97 50.41 14.89
N ARG C 151 -51.73 50.32 14.41
CA ARG C 151 -51.29 51.05 13.23
C ARG C 151 -51.06 50.05 12.10
N LEU C 152 -51.20 50.53 10.85
CA LEU C 152 -51.14 49.64 9.69
C LEU C 152 -49.85 49.85 8.91
N ASN C 153 -49.18 48.77 8.57
CA ASN C 153 -48.03 48.81 7.66
C ASN C 153 -48.56 48.59 6.26
N VAL C 154 -48.76 49.68 5.52
CA VAL C 154 -49.22 49.61 4.14
C VAL C 154 -48.02 49.32 3.24
N ASN C 155 -48.10 48.23 2.48
CA ASN C 155 -47.02 47.77 1.61
C ASN C 155 -47.59 47.55 0.21
N LEU C 156 -46.98 48.18 -0.80
CA LEU C 156 -47.52 48.16 -2.16
C LEU C 156 -46.98 46.98 -2.96
N LEU C 157 -47.87 46.07 -3.37
CA LEU C 157 -47.52 44.93 -4.20
C LEU C 157 -47.91 45.17 -5.66
N GLY C 158 -47.39 44.32 -6.56
CA GLY C 158 -47.83 44.38 -7.94
C GLY C 158 -46.88 43.65 -8.88
N GLU C 159 -47.03 43.96 -10.17
CA GLU C 159 -46.25 43.32 -11.23
C GLU C 159 -44.76 43.44 -10.93
N ALA C 160 -44.00 42.44 -11.36
CA ALA C 160 -42.57 42.42 -11.09
C ALA C 160 -41.86 43.67 -11.62
N VAL C 161 -41.00 44.23 -10.79
CA VAL C 161 -40.28 45.46 -11.15
C VAL C 161 -39.06 45.10 -12.00
N LEU C 162 -39.27 45.02 -13.31
CA LEU C 162 -38.19 44.69 -14.25
C LEU C 162 -37.63 45.90 -14.98
N GLY C 163 -38.36 47.04 -14.99
CA GLY C 163 -37.92 48.22 -15.70
C GLY C 163 -38.19 49.50 -14.95
N ASP C 164 -37.67 50.61 -15.49
CA ASP C 164 -37.87 51.91 -14.85
C ASP C 164 -39.34 52.30 -14.82
N GLY C 165 -40.12 51.79 -15.76
CA GLY C 165 -41.53 52.08 -15.81
C GLY C 165 -42.24 51.59 -14.57
N GLU C 166 -42.19 50.27 -14.33
CA GLU C 166 -42.87 49.74 -13.16
C GLU C 166 -42.20 50.20 -11.87
N ALA C 167 -40.90 50.47 -11.90
CA ALA C 167 -40.20 50.99 -10.71
C ALA C 167 -40.75 52.35 -10.34
N ASN C 168 -41.00 53.18 -11.34
CA ASN C 168 -41.59 54.48 -11.08
C ASN C 168 -42.99 54.35 -10.52
N ASN C 169 -43.74 53.33 -10.94
CA ASN C 169 -45.09 53.13 -10.42
C ASN C 169 -45.07 52.87 -8.93
N ARG C 170 -44.25 51.89 -8.49
CA ARG C 170 -44.16 51.56 -7.07
C ARG C 170 -43.85 52.78 -6.24
N LEU C 171 -42.90 53.62 -6.69
CA LEU C 171 -42.45 54.76 -5.91
C LEU C 171 -43.54 55.82 -5.81
N THR C 172 -44.07 56.26 -6.95
CA THR C 172 -45.08 57.31 -6.94
C THR C 172 -46.38 56.84 -6.30
N ARG C 173 -46.76 55.56 -6.48
CA ARG C 173 -48.00 55.09 -5.86
C ARG C 173 -47.85 54.94 -4.34
N THR C 174 -46.66 54.58 -3.87
CA THR C 174 -46.38 54.64 -2.44
C THR C 174 -46.43 56.09 -1.95
N MET C 175 -45.90 57.02 -2.76
CA MET C 175 -45.99 58.43 -2.42
C MET C 175 -47.45 58.88 -2.31
N GLU C 176 -48.31 58.37 -3.20
CA GLU C 176 -49.71 58.76 -3.12
C GLU C 176 -50.32 58.28 -1.79
N LEU C 177 -49.97 57.07 -1.35
CA LEU C 177 -50.46 56.60 -0.06
C LEU C 177 -49.93 57.44 1.09
N LEU C 178 -48.69 57.94 0.98
CA LEU C 178 -48.15 58.81 2.02
C LEU C 178 -48.84 60.18 2.05
N LYS C 179 -49.47 60.59 0.94
CA LYS C 179 -50.28 61.80 0.95
C LYS C 179 -51.62 61.59 1.67
N ASN C 180 -52.10 60.34 1.75
CA ASN C 180 -53.34 60.04 2.47
C ASN C 180 -53.13 60.26 3.97
N PRO C 181 -53.89 61.16 4.60
CA PRO C 181 -53.62 61.47 6.02
C PRO C 181 -54.05 60.37 6.98
N ARG C 182 -54.71 59.31 6.50
CA ARG C 182 -55.06 58.19 7.35
C ARG C 182 -53.94 57.17 7.49
N VAL C 183 -52.92 57.23 6.63
CA VAL C 183 -51.84 56.24 6.57
C VAL C 183 -50.68 56.69 7.44
N ASP C 184 -50.22 55.79 8.33
CA ASP C 184 -49.13 56.09 9.24
C ASP C 184 -47.80 55.47 8.84
N TYR C 185 -47.81 54.41 8.03
CA TYR C 185 -46.63 53.57 7.90
C TYR C 185 -46.64 52.95 6.50
N VAL C 186 -45.64 53.27 5.70
CA VAL C 186 -45.43 52.60 4.42
C VAL C 186 -44.06 51.94 4.45
N SER C 187 -43.92 50.84 3.70
CA SER C 187 -42.64 50.18 3.56
C SER C 187 -42.43 49.79 2.11
N ILE C 188 -41.18 49.93 1.63
CA ILE C 188 -40.84 49.75 0.22
C ILE C 188 -39.41 49.21 0.17
N LYS C 189 -39.06 48.59 -0.95
CA LYS C 189 -37.74 47.98 -1.11
C LYS C 189 -36.90 48.79 -2.09
N ALA C 190 -35.58 48.75 -1.90
CA ALA C 190 -34.68 49.33 -2.90
C ALA C 190 -34.93 48.73 -4.28
N THR C 191 -35.13 47.41 -4.37
CA THR C 191 -35.35 46.79 -5.69
C THR C 191 -36.72 47.09 -6.27
N SER C 192 -37.62 47.69 -5.50
CA SER C 192 -38.83 48.25 -6.07
C SER C 192 -38.65 49.69 -6.51
N VAL C 193 -37.61 50.37 -6.04
CA VAL C 193 -37.35 51.77 -6.39
C VAL C 193 -36.45 51.89 -7.60
N VAL C 194 -35.49 50.98 -7.74
CA VAL C 194 -34.58 50.93 -8.89
C VAL C 194 -34.62 49.53 -9.50
N ALA C 195 -35.08 49.43 -10.74
CA ALA C 195 -35.09 48.14 -11.43
C ALA C 195 -33.70 47.78 -11.94
N GLN C 196 -33.49 46.46 -12.11
CA GLN C 196 -32.21 45.93 -12.56
C GLN C 196 -31.05 46.44 -11.71
N LEU C 197 -31.28 46.45 -10.39
CA LEU C 197 -30.26 46.85 -9.42
C LEU C 197 -28.96 46.14 -9.77
N ASN C 198 -27.98 46.91 -10.27
CA ASN C 198 -26.71 46.38 -10.73
C ASN C 198 -25.81 46.02 -9.56
N PRO C 199 -25.57 44.74 -9.31
CA PRO C 199 -24.84 44.34 -8.09
C PRO C 199 -23.38 44.76 -8.08
N TRP C 200 -22.82 45.25 -9.18
CA TRP C 200 -21.42 45.65 -9.21
C TRP C 200 -21.20 47.16 -8.97
N ASP C 201 -22.25 47.96 -8.85
CA ASP C 201 -22.10 49.42 -8.74
C ASP C 201 -22.80 49.94 -7.50
N ILE C 202 -22.21 49.73 -6.32
CA ILE C 202 -22.87 50.16 -5.09
C ILE C 202 -22.86 51.69 -4.97
N ASP C 203 -21.76 52.33 -5.41
CA ASP C 203 -21.72 53.80 -5.40
C ASP C 203 -22.80 54.39 -6.32
N GLY C 204 -22.96 53.83 -7.52
CA GLY C 204 -23.99 54.34 -8.42
C GLY C 204 -25.39 54.00 -7.95
N ASN C 205 -25.60 52.77 -7.47
CA ASN C 205 -26.91 52.38 -6.93
C ASN C 205 -27.29 53.24 -5.72
N THR C 206 -26.32 53.53 -4.84
CA THR C 206 -26.64 54.36 -3.67
C THR C 206 -27.16 55.72 -4.08
N GLU C 207 -26.44 56.39 -4.99
CA GLU C 207 -26.83 57.75 -5.39
C GLU C 207 -28.15 57.76 -6.14
N LEU C 208 -28.41 56.74 -6.96
CA LEU C 208 -29.67 56.75 -7.70
C LEU C 208 -30.85 56.59 -6.76
N LEU C 209 -30.74 55.68 -5.79
CA LEU C 209 -31.84 55.47 -4.84
C LEU C 209 -32.12 56.75 -4.04
N LYS C 210 -31.07 57.49 -3.66
CA LYS C 210 -31.28 58.74 -2.93
C LYS C 210 -31.99 59.78 -3.79
N GLU C 211 -31.55 59.95 -5.04
CA GLU C 211 -32.19 60.91 -5.94
C GLU C 211 -33.67 60.59 -6.14
N ARG C 212 -34.01 59.30 -6.16
CA ARG C 212 -35.40 58.96 -6.40
C ARG C 212 -36.23 58.97 -5.12
N LEU C 213 -35.60 58.70 -3.97
CA LEU C 213 -36.35 58.54 -2.72
C LEU C 213 -36.52 59.83 -1.93
N ARG C 214 -35.68 60.84 -2.14
CA ARG C 214 -35.83 62.07 -1.36
C ARG C 214 -37.23 62.67 -1.44
N PRO C 215 -37.88 62.73 -2.61
CA PRO C 215 -39.28 63.18 -2.62
C PRO C 215 -40.20 62.39 -1.72
N LEU C 216 -40.01 61.06 -1.62
CA LEU C 216 -40.86 60.26 -0.76
C LEU C 216 -40.63 60.58 0.70
N TYR C 217 -39.38 60.77 1.10
CA TYR C 217 -39.13 61.09 2.50
C TYR C 217 -39.58 62.51 2.82
N ARG C 218 -39.52 63.42 1.84
CA ARG C 218 -40.02 64.78 2.06
C ARG C 218 -41.51 64.78 2.42
N LEU C 219 -42.29 63.95 1.73
CA LEU C 219 -43.73 63.92 2.00
C LEU C 219 -44.04 63.55 3.44
N ALA C 220 -43.13 62.81 4.10
CA ALA C 220 -43.27 62.49 5.51
C ALA C 220 -42.88 63.66 6.44
N LEU C 221 -42.12 64.65 5.95
CA LEU C 221 -41.84 65.84 6.75
C LEU C 221 -42.96 66.86 6.69
N GLN C 222 -43.80 66.83 5.65
CA GLN C 222 -44.87 67.82 5.53
C GLN C 222 -46.04 67.54 6.45
N ARG C 223 -46.05 66.40 7.14
CA ARG C 223 -47.12 66.04 8.05
C ARG C 223 -46.62 65.99 9.50
N SER C 224 -47.50 66.35 10.42
CA SER C 224 -47.21 66.19 11.84
C SER C 224 -48.38 65.46 12.48
N PRO C 225 -48.11 64.30 13.09
CA PRO C 225 -46.77 63.71 13.21
C PRO C 225 -46.23 63.12 11.90
N HIS C 226 -44.90 63.07 11.81
CA HIS C 226 -44.26 62.47 10.65
C HIS C 226 -44.69 61.01 10.54
N PRO C 227 -45.22 60.57 9.41
CA PRO C 227 -45.45 59.14 9.21
C PRO C 227 -44.14 58.39 9.03
N PHE C 228 -44.24 57.07 8.98
CA PHE C 228 -43.09 56.19 9.07
C PHE C 228 -42.80 55.54 7.73
N ILE C 229 -41.56 55.64 7.28
CA ILE C 229 -41.09 54.98 6.06
C ILE C 229 -40.09 53.90 6.46
N ASN C 230 -40.37 52.68 6.03
CA ASN C 230 -39.54 51.52 6.30
C ASN C 230 -38.96 51.01 4.99
N LEU C 231 -37.66 50.72 4.99
CA LEU C 231 -37.00 50.09 3.85
C LEU C 231 -36.99 48.59 4.07
N ASP C 232 -37.63 47.85 3.17
CA ASP C 232 -37.67 46.40 3.29
C ASP C 232 -36.40 45.77 2.73
N MET C 233 -36.17 44.51 3.09
CA MET C 233 -35.05 43.76 2.54
C MET C 233 -35.50 42.34 2.25
N GLU C 234 -35.28 41.89 1.02
CA GLU C 234 -35.62 40.55 0.61
C GLU C 234 -34.37 39.71 0.33
N GLU C 235 -33.53 40.16 -0.62
CA GLU C 235 -32.42 39.37 -1.10
C GLU C 235 -31.12 39.82 -0.44
N TYR C 236 -30.15 38.90 -0.37
CA TYR C 236 -28.89 39.22 0.29
C TYR C 236 -28.13 40.31 -0.45
N LYS C 237 -28.37 40.46 -1.75
CA LYS C 237 -27.73 41.51 -2.52
C LYS C 237 -28.22 42.89 -2.11
N ASP C 238 -29.39 42.97 -1.50
CA ASP C 238 -29.95 44.22 -1.01
C ASP C 238 -29.28 44.72 0.25
N LEU C 239 -28.44 43.90 0.88
CA LEU C 239 -28.09 44.16 2.27
C LEU C 239 -27.31 45.45 2.43
N HIS C 240 -26.13 45.55 1.78
CA HIS C 240 -25.25 46.68 2.03
C HIS C 240 -25.78 47.95 1.39
N VAL C 241 -26.34 47.84 0.19
CA VAL C 241 -26.83 49.03 -0.48
C VAL C 241 -27.96 49.66 0.34
N THR C 242 -28.81 48.83 0.94
CA THR C 242 -29.96 49.34 1.66
C THR C 242 -29.54 50.03 2.95
N ILE C 243 -28.63 49.41 3.71
CA ILE C 243 -28.11 50.05 4.92
C ILE C 243 -27.42 51.35 4.57
N ARG C 244 -26.61 51.35 3.51
CA ARG C 244 -25.88 52.55 3.14
C ARG C 244 -26.82 53.66 2.72
N LEU C 245 -27.82 53.33 1.90
CA LEU C 245 -28.83 54.31 1.55
C LEU C 245 -29.52 54.84 2.81
N PHE C 246 -29.90 53.94 3.71
CA PHE C 246 -30.55 54.35 4.94
C PHE C 246 -29.69 55.33 5.72
N GLU C 247 -28.40 55.01 5.88
CA GLU C 247 -27.55 55.84 6.73
C GLU C 247 -27.16 57.15 6.05
N GLU C 248 -26.90 57.13 4.75
CA GLU C 248 -26.57 58.38 4.08
C GLU C 248 -27.75 59.33 4.06
N LEU C 249 -28.96 58.82 3.77
CA LEU C 249 -30.14 59.66 3.62
C LEU C 249 -30.55 60.31 4.92
N LEU C 250 -30.47 59.56 6.03
CA LEU C 250 -30.97 60.05 7.30
C LEU C 250 -30.01 61.02 8.00
N MET C 251 -28.81 61.23 7.46
CA MET C 251 -27.89 62.20 8.03
C MET C 251 -27.88 63.53 7.30
N GLU C 252 -28.55 63.63 6.17
CA GLU C 252 -28.67 64.88 5.43
C GLU C 252 -29.40 65.92 6.27
N GLU C 253 -28.95 67.18 6.18
CA GLU C 253 -29.55 68.23 7.02
C GLU C 253 -31.07 68.22 6.90
N GLU C 254 -31.58 67.99 5.70
CA GLU C 254 -33.01 68.04 5.42
C GLU C 254 -33.78 67.00 6.23
N PHE C 255 -33.23 65.79 6.41
CA PHE C 255 -33.94 64.66 7.00
C PHE C 255 -33.44 64.31 8.39
N LEU C 256 -32.68 65.21 9.02
CA LEU C 256 -31.96 64.87 10.24
C LEU C 256 -32.89 64.59 11.41
N GLY C 257 -34.11 65.12 11.40
CA GLY C 257 -35.01 64.86 12.51
C GLY C 257 -36.11 63.87 12.24
N LEU C 258 -35.96 63.02 11.23
CA LEU C 258 -37.01 62.10 10.79
C LEU C 258 -36.78 60.70 11.33
N GLU C 259 -37.77 60.17 12.04
CA GLU C 259 -37.77 58.77 12.50
C GLU C 259 -38.12 57.85 11.32
N ALA C 260 -37.21 56.94 10.97
CA ALA C 260 -37.39 56.05 9.83
C ALA C 260 -36.77 54.70 10.13
N GLY C 261 -37.10 53.70 9.31
CA GLY C 261 -36.83 52.32 9.64
C GLY C 261 -36.23 51.50 8.52
N ILE C 262 -35.70 50.34 8.92
CA ILE C 262 -35.01 49.42 8.03
C ILE C 262 -35.13 48.03 8.64
N VAL C 263 -35.12 47.00 7.78
CA VAL C 263 -35.31 45.61 8.18
C VAL C 263 -33.95 44.92 8.28
N LEU C 264 -33.76 44.12 9.32
CA LEU C 264 -32.64 43.17 9.36
C LEU C 264 -33.20 41.75 9.42
N GLN C 265 -32.64 40.87 8.59
CA GLN C 265 -33.06 39.48 8.55
C GLN C 265 -32.15 38.68 9.48
N ALA C 266 -32.72 38.19 10.59
CA ALA C 266 -31.91 37.47 11.55
C ALA C 266 -31.40 36.12 11.01
N TYR C 267 -31.96 35.58 9.93
CA TYR C 267 -31.34 34.34 9.47
C TYR C 267 -30.01 34.59 8.76
N LEU C 268 -29.63 35.86 8.57
CA LEU C 268 -28.31 36.17 8.08
C LEU C 268 -27.36 36.30 9.27
N PRO C 269 -26.37 35.42 9.39
CA PRO C 269 -25.41 35.58 10.51
C PRO C 269 -24.75 36.94 10.54
N ASP C 270 -24.41 37.52 9.39
CA ASP C 270 -23.75 38.82 9.44
C ASP C 270 -24.70 39.98 9.69
N SER C 271 -26.01 39.73 9.84
CA SER C 271 -26.88 40.85 10.21
C SER C 271 -26.72 41.23 11.68
N PHE C 272 -26.14 40.35 12.49
CA PHE C 272 -25.77 40.76 13.84
C PHE C 272 -24.66 41.80 13.81
N GLN C 273 -23.69 41.64 12.89
CA GLN C 273 -22.69 42.69 12.75
C GLN C 273 -23.33 43.98 12.23
N ALA C 274 -24.26 43.86 11.26
CA ALA C 274 -24.99 45.03 10.78
C ALA C 274 -25.73 45.74 11.91
N LEU C 275 -26.29 44.97 12.83
CA LEU C 275 -27.01 45.58 13.95
C LEU C 275 -26.08 46.41 14.81
N GLN C 276 -24.84 45.93 15.03
CA GLN C 276 -23.87 46.71 15.81
C GLN C 276 -23.54 48.02 15.11
N GLN C 277 -23.35 47.98 13.79
CA GLN C 277 -22.94 49.19 13.09
C GLN C 277 -24.07 50.22 13.05
N LEU C 278 -25.30 49.77 12.83
CA LEU C 278 -26.43 50.69 12.88
C LEU C 278 -26.64 51.24 14.29
N ALA C 279 -26.29 50.47 15.32
CA ALA C 279 -26.45 50.94 16.69
C ALA C 279 -25.46 52.05 16.99
N ASP C 280 -24.23 51.94 16.48
CA ASP C 280 -23.31 53.05 16.60
C ASP C 280 -23.78 54.23 15.78
N PHE C 281 -24.36 53.96 14.59
CA PHE C 281 -24.89 55.02 13.75
C PHE C 281 -25.95 55.84 14.48
N ALA C 282 -26.89 55.18 15.15
CA ALA C 282 -27.90 55.92 15.90
C ALA C 282 -27.30 56.73 17.04
N LYS C 283 -26.21 56.25 17.65
CA LYS C 283 -25.52 57.07 18.66
C LYS C 283 -24.84 58.27 18.02
N ARG C 284 -24.21 58.07 16.86
CA ARG C 284 -23.65 59.19 16.13
C ARG C 284 -24.76 60.16 15.71
N ARG C 285 -25.89 59.62 15.24
CA ARG C 285 -26.98 60.50 14.81
C ARG C 285 -27.57 61.25 15.98
N ALA C 286 -27.86 60.54 17.08
CA ALA C 286 -28.37 61.21 18.28
C ALA C 286 -27.45 62.33 18.73
N ALA C 287 -26.14 62.07 18.73
CA ALA C 287 -25.16 63.07 19.14
C ALA C 287 -25.29 64.35 18.33
N ALA C 288 -25.55 64.22 17.02
CA ALA C 288 -25.74 65.35 16.12
C ALA C 288 -27.11 66.02 16.24
N GLY C 289 -27.90 65.68 17.27
CA GLY C 289 -29.24 66.21 17.42
C GLY C 289 -30.30 65.52 16.59
N GLY C 290 -30.00 64.33 16.05
CA GLY C 290 -30.91 63.68 15.13
C GLY C 290 -31.91 62.76 15.82
N ALA C 291 -32.89 62.30 15.04
CA ALA C 291 -33.96 61.49 15.58
C ALA C 291 -33.55 60.02 15.64
N LYS C 292 -34.33 59.23 16.39
CA LYS C 292 -34.05 57.81 16.53
C LYS C 292 -34.30 57.08 15.21
N ILE C 293 -33.72 55.88 15.10
CA ILE C 293 -34.04 54.97 14.01
C ILE C 293 -34.81 53.79 14.58
N LYS C 294 -35.40 52.99 13.70
CA LYS C 294 -36.08 51.77 14.11
C LYS C 294 -35.68 50.62 13.21
N ILE C 295 -35.33 49.50 13.82
CA ILE C 295 -34.99 48.28 13.11
C ILE C 295 -36.14 47.31 13.28
N ARG C 296 -36.64 46.79 12.18
CA ARG C 296 -37.58 45.68 12.21
C ARG C 296 -36.82 44.36 12.15
N LEU C 297 -36.94 43.56 13.22
CA LEU C 297 -36.35 42.24 13.29
C LEU C 297 -37.30 41.23 12.65
N VAL C 298 -36.84 40.59 11.57
CA VAL C 298 -37.56 39.50 10.95
C VAL C 298 -36.59 38.33 10.87
N LYS C 299 -37.14 37.13 10.78
CA LYS C 299 -36.24 35.98 10.66
C LYS C 299 -35.76 35.83 9.21
N GLY C 300 -36.63 36.09 8.24
CA GLY C 300 -36.21 36.07 6.85
C GLY C 300 -37.15 35.26 5.99
N ALA C 301 -37.58 35.80 4.85
CA ALA C 301 -38.63 35.19 4.05
C ALA C 301 -38.16 34.63 2.72
N ASN C 302 -36.85 34.64 2.46
CA ASN C 302 -36.31 34.34 1.13
C ASN C 302 -35.37 33.15 1.16
N LEU C 303 -35.57 32.21 2.10
CA LEU C 303 -34.64 31.10 2.27
C LEU C 303 -34.57 30.23 1.01
N SER C 304 -35.72 29.98 0.37
CA SER C 304 -35.75 29.18 -0.85
C SER C 304 -34.79 29.72 -1.91
N MET C 305 -35.05 30.93 -2.38
CA MET C 305 -34.24 31.53 -3.44
C MET C 305 -32.82 31.82 -3.00
N GLU C 306 -32.58 31.93 -1.70
CA GLU C 306 -31.22 32.10 -1.23
C GLU C 306 -30.41 30.83 -1.45
N LYS C 307 -31.04 29.67 -1.37
CA LYS C 307 -30.32 28.43 -1.59
C LYS C 307 -30.16 28.12 -3.07
N VAL C 308 -31.15 28.46 -3.89
CA VAL C 308 -30.96 28.34 -5.34
C VAL C 308 -29.79 29.19 -5.78
N ASP C 309 -29.79 30.48 -5.40
CA ASP C 309 -28.72 31.38 -5.79
C ASP C 309 -27.35 30.82 -5.44
N ALA C 310 -27.22 30.27 -4.22
CA ALA C 310 -25.95 29.69 -3.81
C ALA C 310 -25.59 28.45 -4.64
N GLU C 311 -26.54 27.50 -4.78
CA GLU C 311 -26.21 26.25 -5.44
C GLU C 311 -25.82 26.45 -6.90
N LEU C 312 -26.46 27.42 -7.58
CA LEU C 312 -26.10 27.71 -8.97
C LEU C 312 -24.67 28.23 -9.10
N HIS C 313 -24.23 29.10 -8.20
CA HIS C 313 -22.91 29.71 -8.29
C HIS C 313 -21.81 28.93 -7.56
N GLY C 314 -22.17 27.89 -6.81
CA GLY C 314 -21.15 27.26 -5.99
C GLY C 314 -20.79 28.06 -4.76
N TRP C 315 -21.76 28.71 -4.15
CA TRP C 315 -21.56 29.51 -2.95
C TRP C 315 -22.31 28.86 -1.80
N TYR C 316 -21.95 29.25 -0.57
CA TYR C 316 -22.80 28.90 0.56
C TYR C 316 -24.06 29.76 0.54
N PRO C 317 -25.18 29.22 1.00
CA PRO C 317 -26.36 30.06 1.21
C PRO C 317 -26.03 31.17 2.20
N ALA C 318 -26.52 32.37 1.92
CA ALA C 318 -26.31 33.45 2.88
C ALA C 318 -26.98 33.17 4.22
N PRO C 319 -28.17 32.59 4.31
CA PRO C 319 -28.77 32.32 5.62
C PRO C 319 -28.16 31.12 6.33
N TYR C 320 -28.44 31.03 7.61
CA TYR C 320 -27.96 29.93 8.43
C TYR C 320 -28.45 28.60 7.87
N ALA C 321 -27.75 27.53 8.24
CA ALA C 321 -28.13 26.22 7.72
C ALA C 321 -29.33 25.63 8.43
N THR C 322 -29.56 25.99 9.70
CA THR C 322 -30.67 25.41 10.46
C THR C 322 -31.54 26.50 11.08
N LYS C 323 -32.83 26.21 11.22
CA LYS C 323 -33.73 27.15 11.91
C LYS C 323 -33.34 27.29 13.37
N GLU C 324 -32.71 26.27 13.97
CA GLU C 324 -32.18 26.47 15.31
C GLU C 324 -31.20 27.63 15.33
N GLU C 325 -30.33 27.72 14.33
CA GLU C 325 -29.41 28.85 14.25
C GLU C 325 -30.21 30.16 14.15
N VAL C 326 -31.22 30.17 13.29
CA VAL C 326 -32.04 31.37 13.07
C VAL C 326 -32.65 31.85 14.38
N ASP C 327 -33.39 30.96 15.05
CA ASP C 327 -34.04 31.31 16.31
C ASP C 327 -33.04 31.83 17.33
N ALA C 328 -31.82 31.28 17.33
CA ALA C 328 -30.81 31.76 18.27
C ALA C 328 -30.42 33.20 17.97
N ASN C 329 -30.08 33.49 16.72
CA ASN C 329 -29.65 34.85 16.36
C ASN C 329 -30.79 35.84 16.55
N PHE C 330 -32.03 35.42 16.33
CA PHE C 330 -33.15 36.31 16.60
C PHE C 330 -33.13 36.80 18.05
N LEU C 331 -32.84 35.91 18.99
CA LEU C 331 -32.74 36.36 20.37
C LEU C 331 -31.50 37.19 20.60
N ARG C 332 -30.37 36.83 19.96
CA ARG C 332 -29.15 37.62 20.18
C ARG C 332 -29.32 39.05 19.73
N MET C 333 -29.93 39.25 18.57
CA MET C 333 -30.12 40.60 18.08
C MET C 333 -31.07 41.36 18.98
N MET C 334 -32.11 40.66 19.43
CA MET C 334 -33.01 41.19 20.45
C MET C 334 -32.25 41.53 21.71
N ASP C 335 -31.48 40.57 22.23
CA ASP C 335 -30.73 40.74 23.47
C ASP C 335 -29.81 41.94 23.40
N TYR C 336 -29.13 42.12 22.28
CA TYR C 336 -28.14 43.18 22.17
C TYR C 336 -28.79 44.57 22.18
N ILE C 337 -29.94 44.72 21.51
CA ILE C 337 -30.42 46.06 21.15
C ILE C 337 -31.45 46.62 22.13
N LEU C 338 -32.18 45.75 22.85
CA LEU C 338 -33.18 46.21 23.82
C LEU C 338 -32.50 46.53 25.15
N ARG C 339 -31.79 47.65 25.18
CA ARG C 339 -31.05 48.12 26.34
C ARG C 339 -31.20 49.62 26.51
N PRO C 340 -30.87 50.14 27.69
CA PRO C 340 -30.76 51.60 27.82
C PRO C 340 -29.59 52.18 27.03
N GLU C 341 -28.55 51.38 26.81
CA GLU C 341 -27.43 51.84 25.99
C GLU C 341 -27.88 52.32 24.62
N HIS C 342 -28.92 51.69 24.04
CA HIS C 342 -29.39 52.04 22.71
C HIS C 342 -30.77 52.68 22.73
N GLU C 343 -30.98 53.64 23.64
CA GLU C 343 -32.26 54.34 23.72
C GLU C 343 -32.69 54.93 22.39
N ASN C 344 -31.75 55.14 21.48
CA ASN C 344 -31.97 55.76 20.18
C ASN C 344 -32.30 54.76 19.07
N VAL C 345 -32.38 53.48 19.37
CA VAL C 345 -32.71 52.45 18.40
C VAL C 345 -33.98 51.77 18.87
N ARG C 346 -35.11 52.10 18.24
CA ARG C 346 -36.35 51.39 18.51
C ARG C 346 -36.38 50.09 17.73
N VAL C 347 -37.20 49.14 18.18
CA VAL C 347 -37.16 47.77 17.68
C VAL C 347 -38.58 47.29 17.40
N GLY C 348 -38.82 46.85 16.16
CA GLY C 348 -40.05 46.15 15.83
C GLY C 348 -39.79 44.66 15.71
N ILE C 349 -40.30 43.88 16.65
CA ILE C 349 -40.20 42.42 16.55
C ILE C 349 -41.31 41.94 15.63
N ALA C 350 -40.92 41.36 14.50
CA ALA C 350 -41.86 40.92 13.46
C ALA C 350 -41.83 39.40 13.41
N SER C 351 -42.69 38.78 14.22
CA SER C 351 -42.69 37.33 14.36
C SER C 351 -44.08 36.92 14.84
N HIS C 352 -44.57 35.80 14.33
CA HIS C 352 -45.76 35.16 14.90
C HIS C 352 -45.40 34.07 15.90
N ASN C 353 -44.11 33.81 16.10
CA ASN C 353 -43.68 32.89 17.12
C ASN C 353 -43.84 33.53 18.48
N LEU C 354 -44.84 33.07 19.26
CA LEU C 354 -45.16 33.74 20.51
C LEU C 354 -44.02 33.66 21.53
N PHE C 355 -43.14 32.67 21.44
CA PHE C 355 -41.99 32.65 22.34
C PHE C 355 -41.01 33.77 22.01
N SER C 356 -40.74 34.01 20.73
CA SER C 356 -39.91 35.15 20.33
C SER C 356 -40.50 36.45 20.84
N VAL C 357 -41.83 36.60 20.76
CA VAL C 357 -42.46 37.85 21.15
C VAL C 357 -42.43 38.00 22.67
N ALA C 358 -42.75 36.93 23.39
CA ALA C 358 -42.69 36.99 24.85
C ALA C 358 -41.29 37.37 25.34
N SER C 359 -40.25 36.96 24.60
CA SER C 359 -38.89 37.35 24.97
C SER C 359 -38.70 38.86 24.87
N ALA C 360 -39.08 39.44 23.73
CA ALA C 360 -38.95 40.88 23.59
C ALA C 360 -39.77 41.63 24.65
N TYR C 361 -41.01 41.18 24.91
CA TYR C 361 -41.82 41.83 25.94
C TYR C 361 -41.14 41.74 27.30
N GLU C 362 -40.75 40.54 27.71
CA GLU C 362 -40.18 40.35 29.04
C GLU C 362 -38.84 41.06 29.19
N LEU C 363 -38.01 41.06 28.14
CA LEU C 363 -36.77 41.82 28.17
C LEU C 363 -37.02 43.32 28.33
N SER C 364 -37.98 43.87 27.59
CA SER C 364 -38.21 45.31 27.66
C SER C 364 -38.62 45.73 29.07
N VAL C 365 -39.48 44.94 29.71
CA VAL C 365 -39.96 45.26 31.04
C VAL C 365 -38.85 45.12 32.08
N GLU C 366 -38.03 44.08 31.95
CA GLU C 366 -36.95 43.87 32.92
C GLU C 366 -35.93 45.00 32.88
N ARG C 367 -35.73 45.62 31.72
CA ARG C 367 -34.68 46.62 31.58
C ARG C 367 -35.20 48.05 31.53
N GLY C 368 -36.51 48.23 31.42
CA GLY C 368 -37.08 49.56 31.40
C GLY C 368 -37.06 50.26 30.06
N VAL C 369 -36.98 49.51 28.96
CA VAL C 369 -36.96 50.10 27.62
C VAL C 369 -38.27 49.83 26.88
N GLU C 370 -39.40 49.91 27.60
CA GLU C 370 -40.70 49.58 27.00
C GLU C 370 -41.06 50.53 25.86
N THR C 371 -40.59 51.77 25.93
CA THR C 371 -40.85 52.74 24.88
C THR C 371 -40.00 52.50 23.65
N GLN C 372 -39.17 51.45 23.63
CA GLN C 372 -38.43 51.07 22.43
C GLN C 372 -38.98 49.83 21.76
N LEU C 373 -40.06 49.23 22.27
CA LEU C 373 -40.54 47.94 21.78
C LEU C 373 -41.89 48.10 21.08
N ASP C 374 -41.88 47.84 19.77
CA ASP C 374 -43.08 47.60 18.97
C ASP C 374 -43.12 46.14 18.53
N VAL C 375 -44.32 45.61 18.33
CA VAL C 375 -44.51 44.28 17.76
C VAL C 375 -45.23 44.42 16.43
N GLU C 376 -44.69 43.81 15.40
CA GLU C 376 -45.25 43.84 14.06
C GLU C 376 -45.74 42.44 13.70
N MET C 377 -46.98 42.33 13.19
CA MET C 377 -47.59 41.05 12.87
C MET C 377 -48.29 41.11 11.50
N LEU C 378 -48.80 39.96 11.05
CA LEU C 378 -49.51 39.84 9.77
C LEU C 378 -51.00 40.11 9.97
N GLN C 379 -51.53 41.09 9.26
CA GLN C 379 -52.89 41.55 9.48
C GLN C 379 -53.89 40.43 9.24
N GLY C 380 -54.64 40.07 10.28
CA GLY C 380 -55.71 39.11 10.16
C GLY C 380 -55.33 37.67 10.47
N MET C 381 -54.04 37.34 10.54
CA MET C 381 -53.65 35.95 10.78
C MET C 381 -54.14 35.48 12.15
N ALA C 382 -53.64 36.08 13.23
CA ALA C 382 -53.95 35.65 14.59
C ALA C 382 -54.62 36.78 15.35
N PRO C 383 -55.90 37.06 15.08
CA PRO C 383 -56.57 38.16 15.80
C PRO C 383 -56.59 38.01 17.31
N ALA C 384 -56.82 36.79 17.82
CA ALA C 384 -56.81 36.59 19.28
C ALA C 384 -55.40 36.74 19.84
N GLN C 385 -54.40 36.15 19.18
CA GLN C 385 -53.02 36.31 19.62
C GLN C 385 -52.62 37.79 19.61
N ALA C 386 -52.83 38.47 18.47
CA ALA C 386 -52.39 39.85 18.31
C ALA C 386 -53.05 40.80 19.31
N GLU C 387 -54.26 40.50 19.77
CA GLU C 387 -54.91 41.35 20.76
C GLU C 387 -54.35 41.11 22.17
N ALA C 388 -53.95 39.88 22.47
CA ALA C 388 -53.25 39.64 23.74
C ALA C 388 -51.93 40.41 23.76
N VAL C 389 -51.16 40.32 22.67
CA VAL C 389 -49.88 41.00 22.58
C VAL C 389 -50.07 42.50 22.61
N ARG C 390 -51.17 43.01 22.04
CA ARG C 390 -51.35 44.46 21.96
C ARG C 390 -51.52 45.06 23.34
N GLN C 391 -52.39 44.48 24.16
CA GLN C 391 -52.64 45.00 25.49
C GLN C 391 -51.36 45.04 26.33
N ALA C 392 -50.40 44.15 26.03
CA ALA C 392 -49.15 44.13 26.79
C ALA C 392 -48.14 45.14 26.26
N VAL C 393 -47.79 45.06 24.97
CA VAL C 393 -46.66 45.82 24.45
C VAL C 393 -47.04 47.24 24.07
N GLY C 394 -48.33 47.56 24.01
CA GLY C 394 -48.81 48.84 23.51
C GLY C 394 -49.07 48.91 22.02
N THR C 395 -48.01 48.74 21.23
CA THR C 395 -48.03 49.11 19.82
C THR C 395 -47.89 47.87 18.95
N VAL C 396 -48.93 47.57 18.19
CA VAL C 396 -48.90 46.47 17.23
C VAL C 396 -49.17 47.04 15.85
N ILE C 397 -48.31 46.72 14.90
CA ILE C 397 -48.38 47.25 13.55
C ILE C 397 -48.65 46.09 12.62
N LEU C 398 -49.81 46.12 11.97
CA LEU C 398 -50.29 45.00 11.16
C LEU C 398 -49.86 45.16 9.70
N TYR C 399 -49.20 44.12 9.17
CA TYR C 399 -48.82 44.12 7.76
C TYR C 399 -50.07 44.13 6.90
N THR C 400 -50.24 45.18 6.12
CA THR C 400 -51.43 45.33 5.28
C THR C 400 -51.00 45.48 3.84
N PRO C 401 -51.17 44.46 3.01
CA PRO C 401 -50.78 44.55 1.59
C PRO C 401 -51.87 45.19 0.75
N VAL C 402 -51.45 46.08 -0.16
CA VAL C 402 -52.34 46.74 -1.10
C VAL C 402 -51.75 46.64 -2.50
N VAL C 403 -52.59 46.88 -3.50
CA VAL C 403 -52.21 46.70 -4.89
C VAL C 403 -53.00 47.67 -5.74
N HIS C 404 -52.44 48.02 -6.90
CA HIS C 404 -53.19 48.74 -7.92
C HIS C 404 -54.16 47.77 -8.61
N ALA C 405 -55.33 48.30 -8.98
CA ALA C 405 -56.42 47.45 -9.44
C ALA C 405 -55.97 46.54 -10.58
N GLU C 406 -55.12 47.05 -11.48
CA GLU C 406 -54.78 46.32 -12.70
C GLU C 406 -54.07 45.00 -12.38
N ASP C 407 -53.25 44.97 -11.34
CA ASP C 407 -52.45 43.78 -11.08
C ASP C 407 -52.82 43.13 -9.75
N PHE C 408 -54.12 42.91 -9.52
CA PHE C 408 -54.53 42.24 -8.30
C PHE C 408 -54.15 40.76 -8.32
N ASP C 409 -54.51 40.05 -9.39
CA ASP C 409 -54.21 38.62 -9.47
C ASP C 409 -52.72 38.37 -9.32
N VAL C 410 -51.89 39.30 -9.79
CA VAL C 410 -50.44 39.13 -9.76
C VAL C 410 -49.89 39.24 -8.34
N ALA C 411 -50.50 40.09 -7.50
CA ALA C 411 -49.97 40.34 -6.17
C ALA C 411 -50.31 39.23 -5.19
N VAL C 412 -51.44 38.56 -5.39
CA VAL C 412 -51.82 37.51 -4.47
C VAL C 412 -50.88 36.31 -4.58
N SER C 413 -50.36 36.05 -5.79
CA SER C 413 -49.41 34.95 -5.97
C SER C 413 -48.15 35.17 -5.14
N TYR C 414 -47.56 36.38 -5.26
CA TYR C 414 -46.39 36.74 -4.48
C TYR C 414 -46.64 36.52 -2.98
N LEU C 415 -47.72 37.11 -2.46
CA LEU C 415 -48.07 36.93 -1.05
C LEU C 415 -48.35 35.47 -0.71
N VAL C 416 -48.93 34.70 -1.65
CA VAL C 416 -49.28 33.31 -1.36
C VAL C 416 -48.02 32.45 -1.20
N ARG C 417 -47.03 32.64 -2.08
CA ARG C 417 -45.76 31.93 -1.90
C ARG C 417 -45.11 32.23 -0.55
N ARG C 418 -44.98 33.53 -0.22
CA ARG C 418 -44.22 33.93 0.97
C ARG C 418 -44.85 33.43 2.26
N LEU C 419 -46.19 33.32 2.30
CA LEU C 419 -46.83 32.74 3.49
C LEU C 419 -46.74 31.21 3.45
N GLU C 420 -46.97 30.59 2.29
CA GLU C 420 -46.92 29.13 2.21
C GLU C 420 -45.49 28.60 2.42
N GLU C 421 -44.48 29.33 1.95
CA GLU C 421 -43.11 28.92 2.18
C GLU C 421 -42.62 29.24 3.60
N ASN C 422 -43.37 30.04 4.37
CA ASN C 422 -42.96 30.42 5.73
C ASN C 422 -44.12 30.30 6.73
N LEU C 437 -46.78 21.80 20.61
CA LEU C 437 -46.79 22.91 21.55
C LEU C 437 -45.81 22.65 22.71
N THR C 438 -45.77 21.41 23.20
CA THR C 438 -44.75 21.02 24.20
C THR C 438 -43.37 20.92 23.57
N GLU C 439 -43.28 20.55 22.28
CA GLU C 439 -41.98 20.48 21.60
C GLU C 439 -41.46 21.85 21.21
N GLN C 440 -42.35 22.79 20.85
CA GLN C 440 -41.93 24.16 20.59
C GLN C 440 -41.26 24.76 21.82
N GLU C 441 -41.76 24.45 23.02
CA GLU C 441 -41.20 25.02 24.25
C GLU C 441 -39.76 24.57 24.46
N ALA C 442 -39.49 23.28 24.29
CA ALA C 442 -38.12 22.79 24.46
C ALA C 442 -37.20 23.31 23.37
N ARG C 443 -37.69 23.50 22.16
CA ARG C 443 -36.86 24.10 21.13
C ARG C 443 -36.57 25.56 21.42
N PHE C 444 -37.40 26.22 22.23
CA PHE C 444 -37.11 27.61 22.61
C PHE C 444 -35.96 27.66 23.60
N ARG C 445 -35.99 26.81 24.62
CA ARG C 445 -34.88 26.75 25.57
C ARG C 445 -33.54 26.48 24.88
N GLU C 446 -33.54 25.63 23.83
CA GLU C 446 -32.30 25.34 23.14
C GLU C 446 -31.77 26.58 22.43
N SER C 447 -32.66 27.34 21.79
CA SER C 447 -32.23 28.53 21.07
C SER C 447 -31.82 29.64 22.01
N VAL C 448 -32.28 29.58 23.27
CA VAL C 448 -31.79 30.51 24.28
C VAL C 448 -30.32 30.22 24.61
N ALA C 449 -30.01 28.97 24.94
CA ALA C 449 -28.63 28.61 25.28
C ALA C 449 -27.67 28.90 24.13
N GLN C 450 -28.13 28.71 22.90
CA GLN C 450 -27.28 28.88 21.72
C GLN C 450 -27.18 30.33 21.26
N ARG C 451 -27.96 31.24 21.88
CA ARG C 451 -28.05 32.65 21.48
C ARG C 451 -26.69 33.28 21.12
N TRP C 452 -25.67 33.11 21.97
CA TRP C 452 -24.36 33.73 21.77
C TRP C 452 -23.37 32.87 21.00
N LYS C 453 -23.68 31.60 20.76
CA LYS C 453 -22.71 30.68 20.19
C LYS C 453 -22.81 30.62 18.67
N VAL C 454 -23.93 31.08 18.10
CA VAL C 454 -24.08 31.10 16.66
C VAL C 454 -23.10 32.08 16.03
N ALA C 455 -22.80 31.82 14.76
CA ALA C 455 -21.79 32.57 14.05
C ALA C 455 -22.24 34.01 13.80
N GLU C 456 -21.27 34.86 13.45
CA GLU C 456 -21.55 36.23 13.05
C GLU C 456 -20.82 36.67 11.76
N ASP C 457 -19.85 35.90 11.27
CA ASP C 457 -19.30 36.21 9.96
C ASP C 457 -20.32 35.89 8.88
N SER C 458 -20.15 36.51 7.72
CA SER C 458 -21.00 36.18 6.57
C SER C 458 -20.61 34.82 5.96
N ARG C 459 -21.62 33.99 5.69
CA ARG C 459 -21.35 32.71 5.05
C ARG C 459 -20.67 32.84 3.68
N ARG C 460 -20.81 33.98 3.00
CA ARG C 460 -20.26 34.15 1.67
C ARG C 460 -18.76 34.42 1.67
N LEU C 461 -18.14 34.52 2.85
CA LEU C 461 -16.73 34.88 2.96
C LEU C 461 -15.81 33.80 2.45
N SER C 462 -16.29 32.57 2.36
CA SER C 462 -15.55 31.50 1.72
C SER C 462 -16.53 30.64 0.93
N THR C 463 -15.99 29.60 0.31
CA THR C 463 -16.74 28.84 -0.67
C THR C 463 -16.67 27.35 -0.40
N PRO C 464 -17.70 26.60 -0.78
CA PRO C 464 -17.63 25.15 -0.67
C PRO C 464 -16.71 24.56 -1.73
N GLU C 465 -16.30 23.32 -1.49
CA GLU C 465 -15.58 22.59 -2.52
C GLU C 465 -16.55 22.22 -3.63
N THR C 466 -16.26 22.68 -4.84
CA THR C 466 -17.05 22.40 -6.02
C THR C 466 -16.12 22.03 -7.15
N PHE C 467 -16.67 21.35 -8.16
CA PHE C 467 -15.85 21.06 -9.32
C PHE C 467 -15.69 22.30 -10.21
N ASN C 468 -16.80 22.88 -10.68
CA ASN C 468 -16.75 24.13 -11.43
C ASN C 468 -16.23 25.26 -10.54
N ALA C 469 -15.25 26.01 -11.04
CA ALA C 469 -14.83 27.18 -10.27
C ALA C 469 -15.98 28.16 -10.13
N SER C 470 -16.10 28.73 -8.94
CA SER C 470 -17.20 29.60 -8.62
C SER C 470 -16.87 31.05 -8.97
N ASP C 471 -17.89 31.78 -9.41
CA ASP C 471 -17.71 33.16 -9.83
C ASP C 471 -17.47 34.09 -8.62
N SER C 472 -17.03 35.30 -8.94
CA SER C 472 -16.86 36.35 -7.94
C SER C 472 -18.20 36.79 -7.36
N ASP C 473 -18.25 37.07 -6.06
CA ASP C 473 -19.51 37.37 -5.40
C ASP C 473 -19.60 38.87 -5.11
N PRO C 474 -20.39 39.64 -5.85
CA PRO C 474 -20.48 41.09 -5.57
C PRO C 474 -21.28 41.43 -4.32
N ALA C 475 -21.82 40.44 -3.60
CA ALA C 475 -22.43 40.78 -2.32
C ALA C 475 -21.38 41.07 -1.26
N LEU C 476 -20.16 40.60 -1.46
CA LEU C 476 -19.05 40.92 -0.57
C LEU C 476 -18.49 42.30 -0.89
N LEU C 477 -18.27 43.09 0.17
CA LEU C 477 -17.64 44.39 -0.02
C LEU C 477 -16.19 44.25 -0.47
N SER C 478 -15.50 43.18 -0.06
CA SER C 478 -14.11 43.00 -0.52
C SER C 478 -14.07 42.79 -2.03
N THR C 479 -15.12 42.17 -2.58
CA THR C 479 -15.23 41.99 -4.03
C THR C 479 -15.50 43.31 -4.73
N LEU C 480 -16.51 44.05 -4.27
CA LEU C 480 -16.79 45.37 -4.84
C LEU C 480 -15.60 46.31 -4.72
N GLU C 481 -14.67 46.01 -3.82
CA GLU C 481 -13.50 46.89 -3.68
C GLU C 481 -12.48 46.60 -4.77
N TRP C 482 -12.18 45.34 -5.05
CA TRP C 482 -11.20 45.10 -6.10
C TRP C 482 -11.79 45.37 -7.48
N ALA C 483 -13.12 45.34 -7.60
CA ALA C 483 -13.76 45.75 -8.84
C ALA C 483 -13.57 47.24 -9.12
N ARG C 484 -13.46 48.08 -8.08
CA ARG C 484 -13.15 49.49 -8.33
C ARG C 484 -11.72 49.66 -8.86
N THR C 485 -10.79 48.84 -8.39
CA THR C 485 -9.38 49.03 -8.65
C THR C 485 -8.89 48.23 -9.86
N LEU C 486 -9.76 47.86 -10.79
CA LEU C 486 -9.30 47.07 -11.94
C LEU C 486 -8.39 47.90 -12.83
N GLU C 487 -7.39 47.25 -13.41
CA GLU C 487 -6.42 47.92 -14.26
C GLU C 487 -6.72 47.67 -15.74
N ASP C 488 -5.93 48.29 -16.62
CA ASP C 488 -6.11 48.21 -18.07
C ASP C 488 -4.80 47.74 -18.71
N PRO C 489 -4.53 46.43 -18.68
CA PRO C 489 -3.21 45.94 -19.10
C PRO C 489 -2.98 46.19 -20.58
N GLN C 490 -1.74 46.56 -20.90
CA GLN C 490 -1.34 46.84 -22.28
C GLN C 490 -0.08 46.05 -22.62
N PRO C 491 -0.14 44.72 -22.63
CA PRO C 491 1.04 43.95 -23.00
C PRO C 491 1.39 44.19 -24.46
N LYS C 492 2.68 44.16 -24.74
CA LYS C 492 3.11 44.20 -26.13
C LYS C 492 2.85 42.85 -26.80
N TRP C 493 2.63 42.89 -28.11
CA TRP C 493 2.46 41.70 -28.93
C TRP C 493 3.12 41.99 -30.27
N ARG C 494 3.41 40.93 -31.02
CA ARG C 494 4.17 41.00 -32.26
C ARG C 494 3.31 40.42 -33.37
N LEU C 495 3.26 41.12 -34.51
CA LEU C 495 2.55 40.61 -35.67
C LEU C 495 3.49 39.74 -36.50
N ILE C 496 3.01 38.57 -36.92
CA ILE C 496 3.77 37.64 -37.74
C ILE C 496 3.25 37.75 -39.16
N THR C 497 4.07 38.30 -40.07
CA THR C 497 3.70 38.39 -41.47
C THR C 497 4.54 37.52 -42.39
N ASP C 498 5.63 36.95 -41.87
CA ASP C 498 6.57 36.18 -42.66
C ASP C 498 6.16 34.70 -42.69
N VAL C 499 5.83 34.23 -43.90
CA VAL C 499 5.44 32.83 -44.12
C VAL C 499 6.52 31.88 -43.62
N GLU C 500 7.80 32.25 -43.78
CA GLU C 500 8.88 31.36 -43.37
C GLU C 500 8.98 31.25 -41.85
N GLU C 501 8.49 32.26 -41.13
CA GLU C 501 8.48 32.16 -39.69
C GLU C 501 7.41 31.20 -39.22
N VAL C 502 6.28 31.14 -39.93
CA VAL C 502 5.24 30.15 -39.61
C VAL C 502 5.79 28.74 -39.79
N ASP C 503 6.53 28.50 -40.89
CA ASP C 503 7.13 27.20 -41.11
C ASP C 503 8.09 26.85 -39.96
N LYS C 504 8.96 27.80 -39.59
CA LYS C 504 9.98 27.56 -38.57
C LYS C 504 9.36 27.27 -37.20
N THR C 505 8.33 28.03 -36.81
CA THR C 505 7.68 27.79 -35.52
C THR C 505 6.98 26.45 -35.46
N VAL C 506 6.24 26.09 -36.52
CA VAL C 506 5.56 24.80 -36.58
C VAL C 506 6.54 23.65 -36.40
N ALA C 507 7.69 23.71 -37.08
CA ALA C 507 8.63 22.60 -37.01
C ALA C 507 9.22 22.48 -35.61
N GLY C 508 9.43 23.62 -34.92
CA GLY C 508 9.93 23.58 -33.57
C GLY C 508 8.97 22.93 -32.58
N LEU C 509 7.67 23.20 -32.72
CA LEU C 509 6.68 22.52 -31.88
C LEU C 509 6.69 21.03 -32.11
N LEU C 510 6.85 20.61 -33.38
CA LEU C 510 6.87 19.18 -33.67
C LEU C 510 8.08 18.50 -33.04
N LYS C 511 9.20 19.22 -32.88
CA LYS C 511 10.38 18.58 -32.28
C LYS C 511 10.14 18.18 -30.83
N SER C 512 9.30 18.89 -30.12
CA SER C 512 9.07 18.58 -28.72
C SER C 512 8.38 17.22 -28.58
N PRO C 513 8.84 16.36 -27.67
CA PRO C 513 8.21 15.05 -27.52
C PRO C 513 6.94 15.08 -26.68
N ARG C 514 6.02 14.19 -27.03
CA ARG C 514 4.76 14.06 -26.30
C ARG C 514 4.99 13.85 -24.80
N LEU C 515 4.23 14.60 -23.99
CA LEU C 515 4.18 14.37 -22.56
C LEU C 515 3.15 13.29 -22.27
N ASP C 516 3.41 12.46 -21.24
CA ASP C 516 2.41 11.45 -20.93
C ASP C 516 1.24 12.06 -20.16
N ILE C 517 0.29 11.22 -19.79
CA ILE C 517 -0.94 11.73 -19.22
C ILE C 517 -0.69 12.40 -17.87
N ALA C 518 0.22 11.83 -17.06
CA ALA C 518 0.54 12.45 -15.78
C ALA C 518 1.14 13.85 -15.94
N GLU C 519 2.09 14.02 -16.87
CA GLU C 519 2.69 15.35 -17.07
C GLU C 519 1.65 16.37 -17.56
N ARG C 520 0.84 15.99 -18.56
CA ARG C 520 -0.23 16.87 -19.02
C ARG C 520 -1.19 17.22 -17.89
N THR C 521 -1.62 16.21 -17.14
CA THR C 521 -2.62 16.43 -16.10
C THR C 521 -2.13 17.43 -15.08
N ALA C 522 -0.86 17.34 -14.68
CA ALA C 522 -0.33 18.30 -13.71
C ALA C 522 -0.26 19.70 -14.32
N LEU C 523 0.14 19.80 -15.58
CA LEU C 523 0.23 21.11 -16.23
C LEU C 523 -1.15 21.75 -16.34
N LEU C 524 -2.17 20.96 -16.72
CA LEU C 524 -3.50 21.53 -16.86
C LEU C 524 -4.03 22.03 -15.52
N GLN C 525 -3.77 21.28 -14.44
CA GLN C 525 -4.24 21.66 -13.11
C GLN C 525 -3.56 22.94 -12.64
N ARG C 526 -2.25 23.06 -12.88
CA ARG C 526 -1.57 24.27 -12.48
C ARG C 526 -2.02 25.46 -13.32
N ALA C 527 -2.32 25.25 -14.59
CA ALA C 527 -2.84 26.32 -15.42
C ALA C 527 -4.12 26.88 -14.81
N ALA C 528 -5.04 26.00 -14.39
CA ALA C 528 -6.29 26.45 -13.77
C ALA C 528 -6.04 27.26 -12.50
N ASP C 529 -5.11 26.81 -11.65
CA ASP C 529 -4.73 27.55 -10.44
C ASP C 529 -4.23 28.93 -10.81
N GLU C 530 -3.35 28.98 -11.82
CA GLU C 530 -2.72 30.23 -12.22
C GLU C 530 -3.70 31.14 -12.92
N LEU C 531 -4.68 30.57 -13.62
CA LEU C 531 -5.72 31.41 -14.19
C LEU C 531 -6.48 32.13 -13.08
N GLU C 532 -6.82 31.39 -12.01
CA GLU C 532 -7.53 31.95 -10.87
C GLU C 532 -6.71 33.08 -10.24
N ASN C 533 -5.38 32.92 -10.19
CA ASN C 533 -4.53 33.93 -9.57
C ASN C 533 -4.58 35.26 -10.29
N ILE C 534 -4.70 35.24 -11.62
CA ILE C 534 -4.72 36.48 -12.39
C ILE C 534 -6.14 36.81 -12.85
N ARG C 535 -7.15 36.32 -12.13
CA ARG C 535 -8.54 36.65 -12.48
C ARG C 535 -8.72 38.15 -12.62
N GLN C 536 -8.05 38.93 -11.80
CA GLN C 536 -8.24 40.38 -11.91
C GLN C 536 -7.47 40.96 -13.09
N ASP C 537 -6.31 40.42 -13.41
CA ASP C 537 -5.67 40.86 -14.64
C ASP C 537 -6.55 40.55 -15.84
N LEU C 538 -7.14 39.34 -15.88
CA LEU C 538 -7.98 38.98 -17.02
C LEU C 538 -9.18 39.92 -17.12
N LEU C 539 -9.83 40.20 -15.99
CA LEU C 539 -10.97 41.10 -16.00
C LEU C 539 -10.56 42.47 -16.54
N GLY C 540 -9.41 42.97 -16.10
CA GLY C 540 -8.95 44.27 -16.57
C GLY C 540 -8.86 44.34 -18.07
N VAL C 541 -8.18 43.37 -18.68
CA VAL C 541 -7.98 43.44 -20.12
C VAL C 541 -9.29 43.14 -20.86
N MET C 542 -10.13 42.26 -20.31
CA MET C 542 -11.38 41.91 -20.97
C MET C 542 -12.38 43.07 -20.94
N THR C 543 -12.33 43.91 -19.90
CA THR C 543 -13.27 45.01 -19.80
C THR C 543 -12.86 46.20 -20.65
N HIS C 544 -11.60 46.26 -21.05
CA HIS C 544 -11.10 47.33 -21.90
C HIS C 544 -10.96 46.89 -23.36
N GLU C 545 -10.05 45.97 -23.64
CA GLU C 545 -9.81 45.57 -25.03
C GLU C 545 -11.03 44.87 -25.61
N ALA C 546 -11.62 43.91 -24.88
CA ALA C 546 -12.78 43.19 -25.36
C ALA C 546 -14.09 43.92 -25.11
N GLY C 547 -14.09 44.92 -24.24
CA GLY C 547 -15.27 45.74 -24.03
C GLY C 547 -16.40 45.09 -23.27
N LYS C 548 -16.12 44.03 -22.52
CA LYS C 548 -17.13 43.35 -21.72
C LYS C 548 -17.24 43.97 -20.33
N THR C 549 -18.45 43.89 -19.77
CA THR C 549 -18.70 44.20 -18.37
C THR C 549 -18.10 43.12 -17.47
N ILE C 550 -17.89 43.47 -16.21
CA ILE C 550 -17.46 42.46 -15.24
C ILE C 550 -18.43 41.29 -15.24
N ALA C 551 -19.74 41.60 -15.25
CA ALA C 551 -20.72 40.54 -15.11
C ALA C 551 -20.66 39.56 -16.27
N GLU C 552 -20.15 39.99 -17.42
CA GLU C 552 -20.00 39.09 -18.54
C GLU C 552 -18.62 38.44 -18.56
N ALA C 553 -17.57 39.17 -18.19
CA ALA C 553 -16.24 38.58 -18.25
C ALA C 553 -15.96 37.61 -17.11
N ASP C 554 -16.41 37.93 -15.89
CA ASP C 554 -16.08 37.09 -14.74
C ASP C 554 -16.53 35.64 -14.93
N PRO C 555 -17.74 35.32 -15.36
CA PRO C 555 -18.07 33.90 -15.63
C PRO C 555 -17.24 33.29 -16.75
N GLU C 556 -16.71 34.12 -17.67
CA GLU C 556 -15.87 33.58 -18.73
C GLU C 556 -14.52 33.12 -18.19
N VAL C 557 -13.97 33.84 -17.21
CA VAL C 557 -12.74 33.40 -16.59
C VAL C 557 -12.94 32.07 -15.90
N SER C 558 -14.09 31.92 -15.23
CA SER C 558 -14.38 30.63 -14.59
C SER C 558 -14.50 29.54 -15.62
N GLU C 559 -15.15 29.84 -16.76
CA GLU C 559 -15.22 28.86 -17.84
C GLU C 559 -13.82 28.39 -18.26
N ALA C 560 -12.87 29.34 -18.41
CA ALA C 560 -11.53 28.95 -18.83
C ALA C 560 -10.85 28.10 -17.76
N ILE C 561 -11.05 28.42 -16.49
CA ILE C 561 -10.53 27.56 -15.43
C ILE C 561 -11.21 26.20 -15.45
N ASP C 562 -12.54 26.18 -15.60
CA ASP C 562 -13.25 24.92 -15.66
C ASP C 562 -12.74 24.04 -16.80
N PHE C 563 -12.43 24.65 -17.96
CA PHE C 563 -11.90 23.88 -19.09
C PHE C 563 -10.63 23.13 -18.71
N ALA C 564 -9.68 23.80 -18.06
CA ALA C 564 -8.42 23.10 -17.75
C ALA C 564 -8.69 21.92 -16.83
N ARG C 565 -9.52 22.11 -15.81
CA ARG C 565 -9.77 21.02 -14.88
C ARG C 565 -10.59 19.91 -15.54
N TYR C 566 -11.60 20.29 -16.32
CA TYR C 566 -12.44 19.31 -16.98
C TYR C 566 -11.66 18.48 -18.00
N TYR C 567 -10.92 19.15 -18.91
CA TYR C 567 -10.21 18.38 -19.93
C TYR C 567 -9.07 17.59 -19.31
N ALA C 568 -8.53 18.05 -18.18
CA ALA C 568 -7.59 17.24 -17.45
C ALA C 568 -8.22 15.90 -17.07
N ARG C 569 -9.43 15.95 -16.50
CA ARG C 569 -10.14 14.71 -16.17
C ARG C 569 -10.36 13.89 -17.44
N CYS C 570 -10.72 14.54 -18.54
CA CYS C 570 -10.95 13.82 -19.79
C CYS C 570 -9.69 13.11 -20.27
N ALA C 571 -8.53 13.72 -20.07
CA ALA C 571 -7.30 13.10 -20.53
C ALA C 571 -7.17 11.70 -19.92
N ASN C 572 -7.40 11.59 -18.61
CA ASN C 572 -7.30 10.30 -17.93
C ASN C 572 -8.29 9.30 -18.49
N ALA C 573 -9.51 9.76 -18.76
CA ALA C 573 -10.53 8.88 -19.31
C ALA C 573 -10.17 8.32 -20.68
N LEU C 574 -9.15 8.85 -21.34
CA LEU C 574 -8.71 8.31 -22.63
C LEU C 574 -8.10 6.94 -22.45
N ASN C 575 -7.47 6.71 -21.30
CA ASN C 575 -6.78 5.48 -20.98
C ASN C 575 -7.71 4.42 -20.37
N THR C 576 -9.02 4.68 -20.33
CA THR C 576 -9.95 3.73 -19.73
C THR C 576 -9.90 2.39 -20.44
N PRO C 577 -9.98 1.27 -19.72
CA PRO C 577 -9.86 -0.02 -20.39
C PRO C 577 -11.07 -0.24 -21.28
N GLY C 578 -10.81 -0.79 -22.45
CA GLY C 578 -11.85 -0.87 -23.46
C GLY C 578 -11.35 -1.58 -24.69
N HIS C 579 -12.00 -1.31 -25.82
CA HIS C 579 -11.79 -2.12 -27.01
C HIS C 579 -11.17 -1.35 -28.17
N SER C 580 -10.72 -0.12 -27.94
CA SER C 580 -10.01 0.68 -28.93
C SER C 580 -8.89 1.46 -28.25
N LYS C 581 -7.94 1.91 -29.05
CA LYS C 581 -6.82 2.69 -28.55
C LYS C 581 -6.74 4.01 -29.30
N PHE C 582 -6.49 5.09 -28.55
CA PHE C 582 -6.44 6.46 -29.04
C PHE C 582 -5.01 6.89 -29.26
N THR C 583 -4.76 7.54 -30.40
CA THR C 583 -3.45 8.12 -30.72
C THR C 583 -3.67 9.59 -31.02
N PRO C 584 -3.08 10.48 -30.23
CA PRO C 584 -3.32 11.93 -30.40
C PRO C 584 -2.68 12.51 -31.64
N HIS C 585 -3.29 13.59 -32.12
CA HIS C 585 -2.64 14.49 -33.06
C HIS C 585 -1.29 14.99 -32.54
N ASN C 586 -0.42 15.43 -33.43
CA ASN C 586 0.81 16.09 -32.98
C ASN C 586 0.62 17.58 -32.77
N LEU C 587 -0.23 18.23 -33.56
CA LEU C 587 -0.30 19.68 -33.58
C LEU C 587 -1.73 20.12 -33.90
N VAL C 588 -2.32 20.94 -33.04
CA VAL C 588 -3.63 21.53 -33.28
C VAL C 588 -3.46 23.05 -33.34
N VAL C 589 -4.18 23.70 -34.26
CA VAL C 589 -4.24 25.16 -34.29
C VAL C 589 -5.60 25.59 -33.78
N VAL C 590 -5.60 26.58 -32.89
CA VAL C 590 -6.82 27.17 -32.36
C VAL C 590 -6.95 28.59 -32.90
N ALA C 591 -7.91 28.80 -33.79
CA ALA C 591 -8.24 30.13 -34.26
C ALA C 591 -9.52 30.55 -33.54
N SER C 592 -9.39 31.51 -32.64
CA SER C 592 -10.38 31.86 -31.64
C SER C 592 -11.04 33.20 -31.96
N PRO C 593 -12.24 33.47 -31.42
CA PRO C 593 -12.94 34.70 -31.76
C PRO C 593 -12.71 35.76 -30.71
N TRP C 594 -13.48 36.85 -30.76
CA TRP C 594 -13.26 37.98 -29.87
C TRP C 594 -14.29 38.15 -28.77
N ASN C 595 -15.47 37.50 -28.88
CA ASN C 595 -16.57 37.72 -27.93
C ASN C 595 -16.32 37.02 -26.59
N PHE C 596 -15.61 35.91 -26.61
CA PHE C 596 -15.15 35.23 -25.40
C PHE C 596 -13.66 35.07 -25.53
N PRO C 597 -12.89 36.15 -25.35
CA PRO C 597 -11.48 36.16 -25.76
C PRO C 597 -10.54 35.47 -24.80
N VAL C 598 -11.03 34.82 -23.73
CA VAL C 598 -10.20 34.03 -22.83
C VAL C 598 -10.66 32.58 -22.78
N ALA C 599 -11.95 32.33 -22.58
CA ALA C 599 -12.40 30.95 -22.42
C ALA C 599 -12.23 30.15 -23.71
N ILE C 600 -12.63 30.71 -24.84
CA ILE C 600 -12.57 29.94 -26.09
C ILE C 600 -11.13 29.73 -26.55
N PRO C 601 -10.25 30.73 -26.54
CA PRO C 601 -8.84 30.42 -26.86
C PRO C 601 -8.25 29.38 -25.94
N LEU C 602 -8.42 29.57 -24.62
CA LEU C 602 -7.78 28.64 -23.70
C LEU C 602 -8.41 27.25 -23.75
N GLY C 603 -9.71 27.15 -23.99
CA GLY C 603 -10.34 25.84 -23.99
C GLY C 603 -9.86 24.96 -25.12
N GLY C 604 -9.71 25.54 -26.32
CA GLY C 604 -9.16 24.78 -27.42
C GLY C 604 -7.72 24.37 -27.17
N VAL C 605 -6.93 25.27 -26.56
CA VAL C 605 -5.56 24.91 -26.19
C VAL C 605 -5.54 23.80 -25.14
N PHE C 606 -6.32 23.97 -24.06
CA PHE C 606 -6.35 22.95 -23.01
C PHE C 606 -6.82 21.60 -23.58
N ALA C 607 -7.81 21.62 -24.48
CA ALA C 607 -8.31 20.37 -25.05
C ALA C 607 -7.24 19.69 -25.90
N SER C 608 -6.46 20.48 -26.65
CA SER C 608 -5.36 19.92 -27.43
C SER C 608 -4.29 19.33 -26.52
N LEU C 609 -3.88 20.09 -25.50
CA LEU C 609 -2.87 19.58 -24.60
C LEU C 609 -3.36 18.31 -23.92
N ALA C 610 -4.58 18.36 -23.38
CA ALA C 610 -5.16 17.19 -22.73
C ALA C 610 -5.16 15.99 -23.65
N ALA C 611 -5.37 16.22 -24.96
CA ALA C 611 -5.39 15.13 -25.90
C ALA C 611 -4.00 14.57 -26.12
N GLY C 612 -2.95 15.36 -25.90
CA GLY C 612 -1.58 14.97 -26.20
C GLY C 612 -0.91 15.80 -27.28
N ALA C 613 -1.55 16.80 -27.85
CA ALA C 613 -0.93 17.54 -28.94
C ALA C 613 -0.28 18.80 -28.41
N LYS C 614 0.63 19.36 -29.21
CA LYS C 614 1.02 20.74 -29.03
C LYS C 614 -0.02 21.63 -29.71
N ALA C 615 -0.16 22.86 -29.21
CA ALA C 615 -1.16 23.77 -29.76
C ALA C 615 -0.54 25.11 -30.16
N ILE C 616 -1.01 25.64 -31.29
CA ILE C 616 -0.77 27.03 -31.67
C ILE C 616 -2.07 27.79 -31.47
N LEU C 617 -2.05 28.85 -30.66
CA LEU C 617 -3.19 29.72 -30.50
C LEU C 617 -3.02 30.93 -31.41
N LYS C 618 -3.97 31.13 -32.33
CA LYS C 618 -4.05 32.30 -33.19
C LYS C 618 -5.30 33.09 -32.82
N PRO C 619 -5.18 34.14 -32.01
CA PRO C 619 -6.35 34.83 -31.47
C PRO C 619 -6.91 35.90 -32.39
N ALA C 620 -8.18 36.22 -32.16
CA ALA C 620 -8.83 37.23 -32.98
C ALA C 620 -8.10 38.56 -32.85
N PRO C 621 -7.88 39.28 -33.94
CA PRO C 621 -7.05 40.48 -33.88
C PRO C 621 -7.63 41.59 -33.00
N GLU C 622 -8.95 41.60 -32.77
CA GLU C 622 -9.53 42.60 -31.88
C GLU C 622 -9.11 42.41 -30.43
N VAL C 623 -8.62 41.23 -30.05
CA VAL C 623 -8.41 40.94 -28.63
C VAL C 623 -7.05 40.31 -28.40
N ARG C 624 -6.00 40.86 -29.01
CA ARG C 624 -4.70 40.22 -28.89
C ARG C 624 -4.11 40.36 -27.48
N ARG C 625 -4.39 41.47 -26.77
CA ARG C 625 -3.85 41.60 -25.42
C ARG C 625 -4.50 40.59 -24.46
N CYS C 626 -5.76 40.22 -24.71
CA CYS C 626 -6.41 39.19 -23.93
C CYS C 626 -5.64 37.88 -24.01
N ALA C 627 -5.29 37.46 -25.22
CA ALA C 627 -4.44 36.29 -25.38
C ALA C 627 -3.11 36.44 -24.66
N GLU C 628 -2.49 37.62 -24.71
CA GLU C 628 -1.19 37.78 -24.05
C GLU C 628 -1.31 37.67 -22.53
N VAL C 629 -2.31 38.34 -21.94
CA VAL C 629 -2.51 38.23 -20.50
C VAL C 629 -2.82 36.78 -20.13
N ALA C 630 -3.71 36.12 -20.88
CA ALA C 630 -4.00 34.72 -20.59
C ALA C 630 -2.73 33.88 -20.70
N LEU C 631 -1.88 34.17 -21.68
CA LEU C 631 -0.68 33.37 -21.89
C LEU C 631 0.25 33.41 -20.68
N THR C 632 0.25 34.51 -19.92
CA THR C 632 1.15 34.57 -18.77
C THR C 632 0.79 33.55 -17.71
N ALA C 633 -0.46 33.10 -17.64
CA ALA C 633 -0.81 32.05 -16.67
C ALA C 633 -0.26 30.69 -17.10
N LEU C 634 -0.42 30.35 -18.38
CA LEU C 634 0.13 29.08 -18.86
C LEU C 634 1.63 29.02 -18.63
N ARG C 635 2.32 30.13 -18.86
CA ARG C 635 3.77 30.13 -18.67
C ARG C 635 4.12 29.95 -17.20
N LYS C 636 3.44 30.66 -16.30
CA LYS C 636 3.66 30.43 -14.87
C LYS C 636 3.42 28.98 -14.49
N ALA C 637 2.45 28.33 -15.14
CA ALA C 637 2.09 26.95 -14.82
C ALA C 637 3.10 25.95 -15.36
N GLY C 638 4.08 26.39 -16.14
CA GLY C 638 5.03 25.47 -16.73
C GLY C 638 4.69 24.99 -18.12
N ILE C 639 3.68 25.59 -18.75
CA ILE C 639 3.33 25.31 -20.14
C ILE C 639 4.18 26.22 -21.00
N GLY C 640 5.32 25.70 -21.48
CA GLY C 640 6.32 26.52 -22.14
C GLY C 640 6.16 26.64 -23.66
N GLU C 641 7.15 27.25 -24.29
CA GLU C 641 7.05 27.49 -25.73
C GLU C 641 7.24 26.23 -26.55
N ASP C 642 7.69 25.15 -25.95
CA ASP C 642 7.71 23.85 -26.63
C ASP C 642 6.37 23.14 -26.54
N LEU C 643 5.37 23.77 -25.94
CA LEU C 643 4.06 23.15 -25.76
C LEU C 643 2.94 23.95 -26.38
N VAL C 644 2.87 25.23 -26.07
CA VAL C 644 1.86 26.13 -26.61
C VAL C 644 2.59 27.35 -27.13
N GLN C 645 2.23 27.78 -28.34
CA GLN C 645 2.92 28.85 -29.03
C GLN C 645 1.88 29.86 -29.51
N LEU C 646 2.05 31.12 -29.12
CA LEU C 646 1.08 32.15 -29.46
C LEU C 646 1.53 32.83 -30.74
N MET C 647 0.69 32.79 -31.78
CA MET C 647 1.04 33.31 -33.10
C MET C 647 0.00 34.32 -33.57
N HIS C 648 0.35 35.60 -33.50
CA HIS C 648 -0.48 36.66 -34.05
C HIS C 648 -0.19 36.84 -35.54
N THR C 649 -0.59 35.84 -36.32
CA THR C 649 -0.45 35.94 -37.76
C THR C 649 -1.47 36.92 -38.32
N ASP C 650 -1.14 37.52 -39.47
CA ASP C 650 -2.08 38.34 -40.19
C ASP C 650 -3.18 37.46 -40.78
N GLU C 651 -4.10 38.07 -41.54
CA GLU C 651 -5.05 37.31 -42.33
C GLU C 651 -4.69 37.34 -43.81
N ALA C 652 -3.39 37.44 -44.10
CA ALA C 652 -2.85 37.36 -45.46
C ALA C 652 -2.03 36.08 -45.62
N ASP C 653 -0.84 36.18 -46.24
CA ASP C 653 -0.06 34.99 -46.57
C ASP C 653 0.28 34.17 -45.34
N ALA C 654 0.74 34.83 -44.28
CA ALA C 654 1.23 34.10 -43.12
C ALA C 654 0.11 33.36 -42.41
N GLY C 655 -1.09 33.96 -42.35
CA GLY C 655 -2.22 33.24 -41.80
C GLY C 655 -2.63 32.05 -42.64
N ARG C 656 -2.67 32.23 -43.96
CA ARG C 656 -3.08 31.15 -44.84
C ARG C 656 -2.10 29.98 -44.75
N ARG C 657 -0.82 30.28 -44.60
CA ARG C 657 0.18 29.22 -44.44
C ARG C 657 -0.07 28.44 -43.16
N LEU C 658 -0.46 29.13 -42.08
CA LEU C 658 -0.68 28.43 -40.83
C LEU C 658 -1.87 27.48 -40.91
N MET C 659 -2.98 27.95 -41.47
CA MET C 659 -4.18 27.12 -41.44
C MET C 659 -4.10 25.97 -42.44
N SER C 660 -3.38 26.13 -43.54
CA SER C 660 -3.26 25.05 -44.50
C SER C 660 -2.03 24.21 -44.30
N HIS C 661 -1.26 24.46 -43.25
CA HIS C 661 0.07 23.92 -43.15
C HIS C 661 0.02 22.40 -43.15
N PRO C 662 0.87 21.73 -43.93
CA PRO C 662 0.75 20.28 -44.07
C PRO C 662 0.87 19.51 -42.77
N ASP C 663 1.53 20.08 -41.75
CA ASP C 663 1.73 19.43 -40.45
C ASP C 663 0.77 19.87 -39.36
N VAL C 664 -0.30 20.59 -39.69
CA VAL C 664 -1.33 20.91 -38.73
C VAL C 664 -2.41 19.82 -38.84
N ASP C 665 -2.62 19.06 -37.76
CA ASP C 665 -3.50 17.91 -37.78
C ASP C 665 -4.97 18.26 -37.59
N ALA C 666 -5.27 19.39 -36.96
CA ALA C 666 -6.65 19.82 -36.86
C ALA C 666 -6.68 21.32 -36.57
N ILE C 667 -7.79 21.96 -36.94
CA ILE C 667 -8.07 23.33 -36.56
C ILE C 667 -9.31 23.36 -35.68
N ILE C 668 -9.19 23.99 -34.51
CA ILE C 668 -10.34 24.35 -33.69
C ILE C 668 -10.66 25.83 -33.94
N LEU C 669 -11.82 26.08 -34.52
CA LEU C 669 -12.21 27.39 -35.02
C LEU C 669 -13.55 27.79 -34.42
N THR C 670 -13.66 29.05 -34.02
CA THR C 670 -14.91 29.63 -33.53
C THR C 670 -15.09 30.95 -34.23
N GLY C 671 -16.12 31.04 -35.05
CA GLY C 671 -16.30 32.20 -35.90
C GLY C 671 -17.39 32.02 -36.92
N ALA C 672 -17.19 32.57 -38.11
CA ALA C 672 -18.21 32.50 -39.14
C ALA C 672 -18.09 31.18 -39.89
N SER C 673 -19.25 30.58 -40.20
CA SER C 673 -19.18 29.37 -41.02
C SER C 673 -18.57 29.67 -42.39
N GLU C 674 -18.64 30.92 -42.85
CA GLU C 674 -17.94 31.29 -44.08
C GLU C 674 -16.43 31.18 -43.91
N THR C 675 -15.92 31.41 -42.71
CA THR C 675 -14.48 31.23 -42.48
C THR C 675 -14.08 29.75 -42.50
N ALA C 676 -14.89 28.88 -41.88
CA ALA C 676 -14.58 27.44 -41.95
C ALA C 676 -14.58 26.95 -43.38
N SER C 677 -15.50 27.46 -44.21
CA SER C 677 -15.46 27.11 -45.62
C SER C 677 -14.18 27.62 -46.27
N LEU C 678 -13.76 28.81 -45.87
CA LEU C 678 -12.53 29.38 -46.42
C LEU C 678 -11.35 28.47 -46.12
N PHE C 679 -11.12 28.17 -44.84
CA PHE C 679 -9.99 27.32 -44.48
C PHE C 679 -10.03 25.99 -45.22
N ARG C 680 -11.20 25.34 -45.22
CA ARG C 680 -11.29 24.00 -45.79
C ARG C 680 -11.06 24.01 -47.31
N GLY C 681 -11.53 25.04 -48.01
CA GLY C 681 -11.17 25.16 -49.41
C GLY C 681 -9.68 25.05 -49.67
N TRP C 682 -8.84 25.60 -48.77
CA TRP C 682 -7.39 25.58 -48.97
C TRP C 682 -6.77 24.21 -48.74
N LYS C 683 -7.49 23.28 -48.09
CA LYS C 683 -6.98 21.95 -47.79
C LYS C 683 -8.18 21.06 -47.45
N PRO C 684 -8.94 20.65 -48.48
CA PRO C 684 -10.29 20.09 -48.22
C PRO C 684 -10.31 18.87 -47.34
N GLU C 685 -9.21 18.14 -47.26
CA GLU C 685 -9.18 16.93 -46.44
C GLU C 685 -8.83 17.20 -44.99
N MET C 686 -8.77 18.47 -44.57
CA MET C 686 -8.30 18.80 -43.23
C MET C 686 -9.31 18.40 -42.16
N ASN C 687 -8.79 18.05 -40.99
CA ASN C 687 -9.62 17.93 -39.79
C ASN C 687 -9.97 19.34 -39.29
N ILE C 688 -11.26 19.64 -39.18
CA ILE C 688 -11.70 20.91 -38.63
C ILE C 688 -12.88 20.69 -37.68
N HIS C 689 -12.85 21.35 -36.54
CA HIS C 689 -13.97 21.35 -35.61
C HIS C 689 -14.37 22.80 -35.33
N ALA C 690 -15.52 23.22 -35.83
CA ALA C 690 -15.89 24.64 -35.82
C ALA C 690 -17.24 24.85 -35.16
N GLU C 691 -17.30 25.86 -34.29
CA GLU C 691 -18.54 26.38 -33.70
C GLU C 691 -18.79 27.70 -34.41
N THR C 692 -19.97 27.84 -35.02
CA THR C 692 -20.14 28.87 -36.06
C THR C 692 -21.48 29.59 -35.93
N SER C 693 -21.75 30.13 -34.74
CA SER C 693 -22.87 31.05 -34.53
C SER C 693 -24.21 30.34 -34.63
N GLY C 694 -25.29 31.05 -34.30
CA GLY C 694 -26.61 30.45 -34.28
C GLY C 694 -27.67 31.54 -34.30
N LYS C 695 -28.89 31.11 -34.62
CA LYS C 695 -30.09 31.95 -34.67
C LYS C 695 -31.06 31.30 -33.68
N ASN C 696 -31.08 31.82 -32.47
CA ASN C 696 -31.63 31.09 -31.35
C ASN C 696 -32.95 31.70 -30.90
N ALA C 697 -33.89 30.83 -30.52
CA ALA C 697 -35.22 31.30 -30.17
C ALA C 697 -35.60 30.86 -28.77
N ILE C 698 -36.45 31.66 -28.12
CA ILE C 698 -37.12 31.30 -26.89
C ILE C 698 -38.61 31.33 -27.17
N ILE C 699 -39.29 30.20 -26.99
CA ILE C 699 -40.74 30.12 -27.15
C ILE C 699 -41.40 30.47 -25.82
N VAL C 700 -42.41 31.31 -25.87
CA VAL C 700 -43.17 31.73 -24.69
C VAL C 700 -44.64 31.42 -24.92
N THR C 701 -45.19 30.54 -24.10
CA THR C 701 -46.58 30.11 -24.17
C THR C 701 -47.41 30.76 -23.07
N PRO C 702 -48.74 30.77 -23.21
CA PRO C 702 -49.58 31.36 -22.15
C PRO C 702 -49.43 30.70 -20.78
N SER C 703 -48.91 29.47 -20.71
CA SER C 703 -48.66 28.81 -19.44
C SER C 703 -47.33 29.22 -18.81
N ALA C 704 -46.64 30.23 -19.32
CA ALA C 704 -45.35 30.59 -18.76
C ALA C 704 -45.55 31.62 -17.67
N ASP C 705 -44.59 31.67 -16.76
CA ASP C 705 -44.57 32.81 -15.84
C ASP C 705 -44.06 34.00 -16.62
N PRO C 706 -44.91 34.98 -16.96
CA PRO C 706 -44.49 36.06 -17.85
C PRO C 706 -43.28 36.82 -17.35
N ASP C 707 -43.22 37.06 -16.05
CA ASP C 707 -42.12 37.87 -15.53
C ASP C 707 -40.81 37.13 -15.63
N LEU C 708 -40.76 35.87 -15.19
CA LEU C 708 -39.55 35.07 -15.34
C LEU C 708 -39.16 34.93 -16.81
N ALA C 709 -40.17 34.81 -17.69
CA ALA C 709 -39.90 34.72 -19.11
C ALA C 709 -39.26 35.99 -19.63
N VAL C 710 -39.79 37.15 -19.22
CA VAL C 710 -39.22 38.42 -19.64
C VAL C 710 -37.78 38.54 -19.18
N ALA C 711 -37.53 38.25 -17.91
CA ALA C 711 -36.19 38.38 -17.37
C ALA C 711 -35.18 37.52 -18.16
N ASP C 712 -35.59 36.33 -18.59
CA ASP C 712 -34.68 35.46 -19.32
C ASP C 712 -34.57 35.84 -20.79
N VAL C 713 -35.65 36.32 -21.39
CA VAL C 713 -35.58 36.72 -22.78
C VAL C 713 -34.64 37.91 -22.94
N TYR C 714 -34.78 38.91 -22.08
CA TYR C 714 -33.99 40.11 -22.30
C TYR C 714 -32.53 39.89 -21.93
N LYS C 715 -32.26 39.10 -20.88
CA LYS C 715 -30.88 38.81 -20.54
C LYS C 715 -30.19 37.96 -21.60
N SER C 716 -30.93 37.06 -22.26
CA SER C 716 -30.32 36.22 -23.29
C SER C 716 -30.17 36.96 -24.60
N ALA C 717 -31.05 37.92 -24.87
CA ALA C 717 -30.96 38.69 -26.10
C ALA C 717 -29.85 39.74 -26.03
N PHE C 718 -29.56 40.27 -24.84
CA PHE C 718 -28.82 41.54 -24.75
C PHE C 718 -27.54 41.50 -23.94
N GLY C 719 -27.25 40.43 -23.20
CA GLY C 719 -25.94 40.33 -22.57
C GLY C 719 -24.83 40.38 -23.60
N HIS C 720 -23.77 41.11 -23.29
CA HIS C 720 -22.66 41.35 -24.21
C HIS C 720 -23.19 41.92 -25.53
N ALA C 721 -24.20 42.78 -25.43
CA ALA C 721 -24.79 43.46 -26.57
C ALA C 721 -25.28 42.48 -27.65
N GLY C 722 -25.66 41.29 -27.23
CA GLY C 722 -26.08 40.26 -28.15
C GLY C 722 -24.97 39.59 -28.93
N GLN C 723 -23.70 39.78 -28.54
CA GLN C 723 -22.57 39.29 -29.33
C GLN C 723 -22.19 37.87 -28.88
N LYS C 724 -23.17 36.97 -28.97
CA LYS C 724 -22.99 35.59 -28.55
C LYS C 724 -23.56 34.66 -29.60
N CYS C 725 -22.82 33.58 -29.89
CA CYS C 725 -23.38 32.52 -30.71
C CYS C 725 -24.71 32.02 -30.15
N SER C 726 -24.88 32.11 -28.84
CA SER C 726 -26.05 31.59 -28.14
C SER C 726 -27.15 32.62 -27.93
N ALA C 727 -26.94 33.87 -28.32
CA ALA C 727 -27.88 34.96 -27.99
C ALA C 727 -29.29 34.65 -28.46
N ALA C 728 -30.27 35.18 -27.73
CA ALA C 728 -31.68 35.03 -28.10
C ALA C 728 -32.02 36.13 -29.09
N SER C 729 -32.13 35.77 -30.35
CA SER C 729 -32.48 36.75 -31.37
C SER C 729 -33.97 36.75 -31.68
N LEU C 730 -34.67 35.68 -31.34
CA LEU C 730 -36.09 35.59 -31.58
C LEU C 730 -36.75 35.16 -30.29
N VAL C 731 -37.86 35.79 -29.99
CA VAL C 731 -38.79 35.25 -29.02
C VAL C 731 -40.08 35.01 -29.79
N ILE C 732 -40.63 33.80 -29.64
CA ILE C 732 -41.79 33.38 -30.39
C ILE C 732 -42.92 33.24 -29.39
N LEU C 733 -43.95 34.09 -29.52
CA LEU C 733 -45.08 34.07 -28.61
C LEU C 733 -46.21 33.24 -29.22
N VAL C 734 -46.70 32.27 -28.44
CA VAL C 734 -47.82 31.42 -28.83
C VAL C 734 -49.08 32.06 -28.26
N GLY C 735 -50.03 32.39 -29.13
CA GLY C 735 -51.26 33.00 -28.64
C GLY C 735 -50.98 34.29 -27.89
N ASP C 736 -51.77 34.53 -26.85
CA ASP C 736 -51.69 35.77 -26.07
C ASP C 736 -50.99 35.50 -24.75
N VAL C 737 -49.89 36.22 -24.51
CA VAL C 737 -49.06 36.01 -23.32
C VAL C 737 -49.18 37.17 -22.35
N GLY C 738 -50.28 37.92 -22.41
CA GLY C 738 -50.57 38.91 -21.38
C GLY C 738 -49.49 39.97 -21.22
N ARG C 739 -48.98 40.07 -19.98
CA ARG C 739 -48.10 41.17 -19.62
C ARG C 739 -46.70 41.06 -20.21
N PHE C 740 -46.35 39.96 -20.88
CA PHE C 740 -44.99 39.76 -21.34
C PHE C 740 -44.46 40.98 -22.11
N THR C 741 -45.17 41.39 -23.16
CA THR C 741 -44.60 42.38 -24.07
C THR C 741 -44.40 43.72 -23.39
N ASP C 742 -45.38 44.20 -22.63
CA ASP C 742 -45.20 45.45 -21.89
C ASP C 742 -43.96 45.37 -21.00
N GLN C 743 -43.86 44.29 -20.20
CA GLN C 743 -42.75 44.15 -19.27
C GLN C 743 -41.43 44.00 -20.00
N LEU C 744 -41.40 43.19 -21.06
CA LEU C 744 -40.19 43.07 -21.87
C LEU C 744 -39.75 44.42 -22.43
N ILE C 745 -40.71 45.22 -22.91
CA ILE C 745 -40.38 46.55 -23.41
C ILE C 745 -39.78 47.41 -22.30
N ASP C 746 -40.44 47.44 -21.13
CA ASP C 746 -39.96 48.25 -20.01
C ASP C 746 -38.54 47.86 -19.58
N ALA C 747 -38.28 46.56 -19.45
CA ALA C 747 -36.96 46.11 -19.01
C ALA C 747 -35.88 46.48 -20.03
N THR C 748 -36.20 46.38 -21.31
CA THR C 748 -35.22 46.64 -22.36
C THR C 748 -34.84 48.12 -22.41
N ARG C 749 -35.82 49.02 -22.31
CA ARG C 749 -35.55 50.44 -22.22
C ARG C 749 -34.67 50.78 -21.03
N THR C 750 -34.68 49.94 -19.98
CA THR C 750 -34.01 50.22 -18.73
C THR C 750 -32.53 49.80 -18.71
N LEU C 751 -32.09 48.97 -19.66
CA LEU C 751 -30.68 48.61 -19.74
C LEU C 751 -29.79 49.86 -19.81
N ARG C 752 -28.71 49.86 -19.04
CA ARG C 752 -27.79 51.00 -19.03
C ARG C 752 -26.69 50.73 -20.06
N VAL C 753 -26.71 51.47 -21.16
CA VAL C 753 -25.77 51.24 -22.26
C VAL C 753 -24.52 52.10 -22.03
N GLY C 754 -23.35 51.48 -22.17
CA GLY C 754 -22.09 52.17 -21.93
C GLY C 754 -20.94 51.20 -22.10
N TYR C 755 -19.73 51.72 -21.89
CA TYR C 755 -18.53 50.92 -22.04
C TYR C 755 -18.42 49.84 -20.96
N GLY C 756 -17.70 48.77 -21.31
CA GLY C 756 -17.55 47.64 -20.39
C GLY C 756 -16.76 47.94 -19.14
N HIS C 757 -15.88 48.93 -19.19
CA HIS C 757 -15.03 49.26 -18.06
C HIS C 757 -15.67 50.25 -17.09
N GLU C 758 -16.95 50.60 -17.30
CA GLU C 758 -17.72 51.47 -16.40
C GLU C 758 -18.69 50.62 -15.57
N LEU C 759 -18.50 50.60 -14.25
CA LEU C 759 -19.26 49.69 -13.37
C LEU C 759 -20.77 49.79 -13.56
N SER C 760 -21.28 51.00 -13.82
CA SER C 760 -22.73 51.19 -13.85
C SER C 760 -23.36 50.55 -15.08
N THR C 761 -22.55 50.29 -16.11
CA THR C 761 -23.02 49.71 -17.36
C THR C 761 -23.60 48.33 -17.15
N THR C 762 -24.80 48.09 -17.72
CA THR C 762 -25.41 46.77 -17.79
C THR C 762 -25.59 46.21 -19.20
N MET C 763 -25.37 46.99 -20.25
CA MET C 763 -25.21 46.42 -21.59
C MET C 763 -24.03 47.11 -22.25
N ASN C 764 -22.95 46.36 -22.48
CA ASN C 764 -21.71 46.95 -22.98
C ASN C 764 -21.85 47.34 -24.45
N GLY C 765 -20.75 47.87 -24.99
CA GLY C 765 -20.72 48.28 -26.38
C GLY C 765 -20.28 47.14 -27.28
N LEU C 766 -20.24 47.45 -28.58
CA LEU C 766 -19.83 46.46 -29.55
C LEU C 766 -18.32 46.50 -29.75
N ILE C 767 -17.76 45.38 -30.24
CA ILE C 767 -16.31 45.26 -30.39
C ILE C 767 -15.79 46.19 -31.48
N SER C 768 -16.67 46.62 -32.38
CA SER C 768 -16.37 47.53 -33.48
C SER C 768 -17.70 47.86 -34.15
N PRO C 769 -17.75 48.96 -34.89
CA PRO C 769 -19.02 49.42 -35.47
C PRO C 769 -19.65 48.38 -36.38
N PRO C 770 -20.96 48.45 -36.62
CA PRO C 770 -21.66 47.39 -37.37
C PRO C 770 -21.14 47.21 -38.78
N GLY C 771 -21.12 45.95 -39.24
CA GLY C 771 -20.95 45.64 -40.64
C GLY C 771 -22.28 45.73 -41.37
N GLU C 772 -22.27 45.32 -42.64
CA GLU C 772 -23.49 45.43 -43.44
C GLU C 772 -24.65 44.70 -42.75
N LYS C 773 -24.45 43.42 -42.41
CA LYS C 773 -25.53 42.60 -41.85
C LYS C 773 -26.09 43.21 -40.57
N LEU C 774 -25.23 43.54 -39.60
CA LEU C 774 -25.71 44.02 -38.32
C LEU C 774 -26.29 45.43 -38.42
N HIS C 775 -25.71 46.27 -39.27
CA HIS C 775 -26.31 47.58 -39.50
C HIS C 775 -27.73 47.44 -40.03
N ARG C 776 -27.96 46.46 -40.92
CA ARG C 776 -29.30 46.22 -41.43
C ARG C 776 -30.26 45.88 -40.29
N GLY C 777 -29.84 45.00 -39.37
CA GLY C 777 -30.68 44.64 -38.25
C GLY C 777 -31.01 45.79 -37.31
N LEU C 778 -30.08 46.74 -37.14
CA LEU C 778 -30.29 47.84 -36.20
C LEU C 778 -31.19 48.94 -36.75
N THR C 779 -31.18 49.17 -38.07
CA THR C 779 -31.73 50.40 -38.64
C THR C 779 -32.91 50.24 -39.59
N THR C 780 -33.03 49.11 -40.29
CA THR C 780 -34.05 48.97 -41.33
C THR C 780 -34.97 47.79 -41.02
N LEU C 781 -36.27 47.97 -41.22
CA LEU C 781 -37.24 46.92 -40.98
C LEU C 781 -37.67 46.26 -42.29
N GLU C 782 -38.20 45.06 -42.17
CA GLU C 782 -38.83 44.38 -43.29
C GLU C 782 -40.33 44.60 -43.23
N THR C 783 -41.01 44.22 -44.31
CA THR C 783 -42.43 44.54 -44.48
C THR C 783 -43.26 44.00 -43.32
N GLY C 784 -44.26 44.78 -42.91
CA GLY C 784 -45.15 44.43 -41.82
C GLY C 784 -44.58 44.58 -40.44
N GLU C 785 -43.28 44.85 -40.31
CA GLU C 785 -42.60 44.95 -39.03
C GLU C 785 -42.66 46.37 -38.48
N SER C 786 -42.46 46.49 -37.17
CA SER C 786 -42.38 47.79 -36.51
C SER C 786 -41.39 47.68 -35.37
N TRP C 787 -40.78 48.81 -35.00
CA TRP C 787 -39.90 48.87 -33.84
C TRP C 787 -40.74 49.14 -32.59
N LEU C 788 -40.77 48.18 -31.66
CA LEU C 788 -41.28 48.41 -30.31
C LEU C 788 -40.28 49.19 -29.48
N VAL C 789 -38.99 48.91 -29.68
CA VAL C 789 -37.88 49.68 -29.14
C VAL C 789 -36.91 49.81 -30.30
N LYS C 790 -36.57 51.05 -30.69
CA LYS C 790 -35.72 51.20 -31.88
C LYS C 790 -34.28 51.48 -31.46
N PRO C 791 -33.31 50.75 -31.99
CA PRO C 791 -31.92 51.00 -31.59
C PRO C 791 -31.51 52.40 -31.97
N GLU C 792 -30.69 52.99 -31.11
CA GLU C 792 -30.14 54.32 -31.33
C GLU C 792 -28.62 54.24 -31.24
N LYS C 793 -27.94 55.00 -32.10
CA LYS C 793 -26.48 55.13 -32.06
C LYS C 793 -26.11 56.15 -31.00
N LEU C 794 -25.33 55.75 -30.00
CA LEU C 794 -25.14 56.57 -28.82
C LEU C 794 -23.80 57.30 -28.78
N ASN C 795 -22.85 56.94 -29.64
CA ASN C 795 -21.60 57.68 -29.74
C ASN C 795 -21.19 57.81 -31.20
N ASP C 796 -20.34 58.80 -31.47
CA ASP C 796 -19.91 59.06 -32.85
C ASP C 796 -19.20 57.85 -33.41
N GLU C 797 -18.30 57.25 -32.62
CA GLU C 797 -17.48 56.14 -33.08
C GLU C 797 -18.31 54.97 -33.57
N GLY C 798 -19.58 54.88 -33.17
CA GLY C 798 -20.46 53.82 -33.61
C GLY C 798 -20.37 52.51 -32.86
N THR C 799 -19.74 52.51 -31.68
CA THR C 799 -19.57 51.29 -30.92
C THR C 799 -20.53 51.18 -29.73
N LEU C 800 -21.38 52.18 -29.50
CA LEU C 800 -22.40 52.11 -28.46
C LEU C 800 -23.78 52.22 -29.10
N TRP C 801 -24.55 51.13 -29.07
CA TRP C 801 -25.90 51.09 -29.63
C TRP C 801 -26.90 50.64 -28.56
N SER C 802 -27.99 51.38 -28.43
CA SER C 802 -29.06 50.99 -27.52
C SER C 802 -29.83 49.81 -28.13
N PRO C 803 -30.50 49.01 -27.31
CA PRO C 803 -31.16 47.80 -27.82
C PRO C 803 -32.45 48.11 -28.58
N GLY C 804 -32.85 47.16 -29.44
CA GLY C 804 -34.08 47.30 -30.19
C GLY C 804 -34.89 46.01 -30.23
N ILE C 805 -36.18 46.15 -30.55
CA ILE C 805 -37.10 45.01 -30.64
C ILE C 805 -38.00 45.16 -31.88
N ARG C 806 -37.85 44.25 -32.87
CA ARG C 806 -38.79 44.14 -33.98
C ARG C 806 -40.02 43.31 -33.59
N ASP C 807 -41.19 43.74 -34.06
CA ASP C 807 -42.43 43.00 -33.87
C ASP C 807 -42.93 42.41 -35.20
N ASN C 808 -43.63 41.27 -35.10
CA ASN C 808 -44.28 40.60 -36.24
C ASN C 808 -43.25 40.11 -37.25
N VAL C 809 -42.09 39.67 -36.77
CA VAL C 809 -41.10 39.07 -37.65
C VAL C 809 -41.65 37.73 -38.13
N ARG C 810 -41.76 37.56 -39.46
CA ARG C 810 -42.45 36.42 -40.04
C ARG C 810 -41.46 35.33 -40.46
N PRO C 811 -41.90 34.05 -40.51
CA PRO C 811 -40.99 32.97 -40.90
C PRO C 811 -40.50 33.12 -42.34
N GLY C 812 -39.24 32.77 -42.57
CA GLY C 812 -38.60 32.95 -43.85
C GLY C 812 -38.17 34.36 -44.17
N SER C 813 -38.53 35.33 -43.32
CA SER C 813 -38.10 36.71 -43.54
C SER C 813 -36.60 36.82 -43.29
N TRP C 814 -36.05 38.00 -43.62
CA TRP C 814 -34.61 38.17 -43.51
C TRP C 814 -34.15 37.98 -42.07
N PHE C 815 -34.82 38.66 -41.12
CA PHE C 815 -34.34 38.59 -39.74
C PHE C 815 -34.56 37.21 -39.12
N HIS C 816 -35.45 36.40 -39.71
CA HIS C 816 -35.65 35.05 -39.20
C HIS C 816 -34.42 34.17 -39.46
N THR C 817 -33.65 34.45 -40.52
CA THR C 817 -32.62 33.53 -40.98
C THR C 817 -31.22 34.13 -41.03
N HIS C 818 -30.98 35.28 -40.41
CA HIS C 818 -29.67 35.95 -40.41
C HIS C 818 -29.33 36.38 -38.99
N GLU C 819 -28.24 35.84 -38.44
CA GLU C 819 -27.78 36.25 -37.12
C GLU C 819 -27.02 37.57 -37.24
N CYS C 820 -27.52 38.63 -36.59
CA CYS C 820 -26.85 39.94 -36.67
C CYS C 820 -25.72 40.11 -35.66
N PHE C 821 -25.67 39.29 -34.60
CA PHE C 821 -24.61 39.37 -33.61
C PHE C 821 -24.58 40.77 -32.98
N GLY C 822 -25.76 41.23 -32.58
CA GLY C 822 -25.89 42.56 -32.02
C GLY C 822 -27.11 42.70 -31.14
N PRO C 823 -27.40 43.92 -30.69
CA PRO C 823 -28.42 44.12 -29.65
C PRO C 823 -29.83 44.22 -30.22
N VAL C 824 -30.24 43.18 -30.95
CA VAL C 824 -31.51 43.21 -31.65
C VAL C 824 -32.28 41.92 -31.40
N LEU C 825 -33.50 42.05 -30.91
CA LEU C 825 -34.40 40.92 -30.65
C LEU C 825 -35.64 41.05 -31.53
N GLY C 826 -36.07 39.94 -32.11
CA GLY C 826 -37.27 39.91 -32.93
C GLY C 826 -38.36 39.08 -32.28
N ILE C 827 -39.60 39.55 -32.40
CA ILE C 827 -40.76 38.85 -31.91
C ILE C 827 -41.52 38.24 -33.08
N MET C 828 -41.77 36.93 -33.00
CA MET C 828 -42.62 36.24 -33.94
C MET C 828 -43.88 35.79 -33.20
N HIS C 829 -45.02 35.91 -33.86
CA HIS C 829 -46.31 35.54 -33.28
C HIS C 829 -46.80 34.25 -33.92
N ALA C 830 -46.88 33.19 -33.13
CA ALA C 830 -47.26 31.86 -33.61
C ALA C 830 -48.65 31.49 -33.14
N GLU C 831 -49.35 30.75 -34.00
CA GLU C 831 -50.73 30.36 -33.71
C GLU C 831 -50.83 29.17 -32.77
N SER C 832 -49.77 28.37 -32.64
CA SER C 832 -49.82 27.13 -31.88
C SER C 832 -48.41 26.75 -31.46
N LEU C 833 -48.31 25.91 -30.42
CA LEU C 833 -46.99 25.45 -30.01
C LEU C 833 -46.29 24.71 -31.15
N GLU C 834 -47.04 23.85 -31.88
CA GLU C 834 -46.42 23.08 -32.95
C GLU C 834 -45.84 23.97 -34.02
N GLN C 835 -46.51 25.09 -34.34
CA GLN C 835 -46.00 26.02 -35.34
C GLN C 835 -44.75 26.74 -34.87
N ALA C 836 -44.74 27.19 -33.61
CA ALA C 836 -43.56 27.84 -33.05
C ALA C 836 -42.35 26.92 -33.11
N ILE C 837 -42.57 25.62 -32.91
CA ILE C 837 -41.46 24.67 -33.02
C ILE C 837 -41.00 24.53 -34.47
N GLU C 838 -41.95 24.51 -35.43
CA GLU C 838 -41.55 24.52 -36.83
C GLU C 838 -40.71 25.75 -37.12
N TRP C 839 -41.10 26.90 -36.56
CA TRP C 839 -40.36 28.14 -36.80
C TRP C 839 -39.00 28.13 -36.15
N GLN C 840 -38.92 27.67 -34.89
CA GLN C 840 -37.65 27.60 -34.19
C GLN C 840 -36.64 26.73 -34.92
N ASN C 841 -37.14 25.73 -35.63
CA ASN C 841 -36.28 24.72 -36.23
C ASN C 841 -35.84 25.09 -37.64
N SER C 842 -36.39 26.15 -38.23
CA SER C 842 -36.16 26.48 -39.63
C SER C 842 -35.34 27.76 -39.82
N THR C 843 -34.48 28.09 -38.87
CA THR C 843 -33.54 29.20 -39.03
C THR C 843 -32.34 28.82 -39.88
N GLY C 844 -32.09 27.52 -40.08
CA GLY C 844 -30.86 27.08 -40.67
C GLY C 844 -29.80 26.73 -39.67
N PHE C 845 -29.96 27.18 -38.43
CA PHE C 845 -29.03 26.91 -37.34
C PHE C 845 -29.71 26.05 -36.27
N GLY C 846 -28.88 25.45 -35.42
CA GLY C 846 -29.39 24.67 -34.31
C GLY C 846 -28.44 24.65 -33.13
N LEU C 847 -28.10 25.83 -32.62
CA LEU C 847 -27.14 25.96 -31.52
C LEU C 847 -27.86 25.93 -30.17
N THR C 848 -28.47 27.03 -29.75
CA THR C 848 -29.21 27.04 -28.49
C THR C 848 -30.68 27.29 -28.76
N GLY C 849 -31.49 27.00 -27.74
CA GLY C 849 -32.93 27.19 -27.83
C GLY C 849 -33.64 26.88 -26.54
N GLY C 850 -34.75 27.58 -26.29
CA GLY C 850 -35.45 27.44 -25.03
C GLY C 850 -36.95 27.55 -25.21
N ILE C 851 -37.64 27.06 -24.19
CA ILE C 851 -39.08 27.24 -24.05
C ILE C 851 -39.34 27.71 -22.63
N HIS C 852 -40.32 28.60 -22.50
CA HIS C 852 -40.83 29.04 -21.20
C HIS C 852 -42.29 28.61 -21.13
N SER C 853 -42.59 27.68 -20.22
CA SER C 853 -43.95 27.20 -20.05
C SER C 853 -44.01 26.38 -18.78
N LEU C 854 -45.06 26.57 -17.99
CA LEU C 854 -45.28 25.70 -16.84
C LEU C 854 -46.14 24.50 -17.19
N ASP C 855 -46.49 24.31 -18.45
CA ASP C 855 -47.30 23.16 -18.83
C ASP C 855 -46.39 22.00 -19.16
N GLU C 856 -46.58 20.88 -18.44
CA GLU C 856 -45.68 19.74 -18.57
C GLU C 856 -45.79 19.07 -19.94
N ASP C 857 -47.01 19.01 -20.49
CA ASP C 857 -47.19 18.41 -21.82
C ASP C 857 -46.54 19.29 -22.89
N GLU C 858 -46.63 20.61 -22.75
CA GLU C 858 -45.96 21.51 -23.69
C GLU C 858 -44.46 21.27 -23.67
N VAL C 859 -43.91 20.98 -22.49
CA VAL C 859 -42.46 20.92 -22.34
C VAL C 859 -41.93 19.58 -22.84
N GLU C 860 -42.61 18.48 -22.51
CA GLU C 860 -42.21 17.20 -23.09
C GLU C 860 -42.28 17.24 -24.61
N LEU C 861 -43.32 17.87 -25.14
CA LEU C 861 -43.39 18.01 -26.59
C LEU C 861 -42.15 18.74 -27.10
N TRP C 862 -41.84 19.89 -26.49
CA TRP C 862 -40.71 20.70 -26.94
C TRP C 862 -39.38 19.97 -26.80
N LYS C 863 -39.13 19.36 -25.64
CA LYS C 863 -37.88 18.64 -25.44
C LYS C 863 -37.70 17.53 -26.49
N GLU C 864 -38.80 16.99 -27.02
CA GLU C 864 -38.69 15.94 -28.02
C GLU C 864 -38.59 16.46 -29.44
N LYS C 865 -39.18 17.63 -29.74
CA LYS C 865 -39.29 18.08 -31.11
C LYS C 865 -38.30 19.17 -31.50
N VAL C 866 -37.67 19.87 -30.54
CA VAL C 866 -36.80 21.01 -30.87
C VAL C 866 -35.46 20.50 -31.37
N GLU C 867 -34.87 21.21 -32.34
CA GLU C 867 -33.67 20.77 -33.03
C GLU C 867 -32.54 21.75 -32.77
N VAL C 868 -32.05 21.74 -31.53
CA VAL C 868 -30.90 22.53 -31.08
C VAL C 868 -30.00 21.66 -30.21
N GLY C 869 -28.73 22.03 -30.17
CA GLY C 869 -27.78 21.28 -29.39
C GLY C 869 -27.93 21.55 -27.91
N ASN C 870 -28.24 22.80 -27.57
CA ASN C 870 -28.42 23.22 -26.18
C ASN C 870 -29.84 23.73 -25.95
N ALA C 871 -30.64 22.88 -25.29
CA ALA C 871 -32.02 23.15 -24.93
C ALA C 871 -32.10 23.61 -23.48
N TYR C 872 -32.94 24.61 -23.23
CA TYR C 872 -33.14 25.13 -21.88
C TYR C 872 -34.62 25.25 -21.66
N ILE C 873 -35.06 24.97 -20.45
CA ILE C 873 -36.48 24.98 -20.13
C ILE C 873 -36.70 25.90 -18.94
N ASN C 874 -37.49 26.95 -19.14
CA ASN C 874 -37.79 27.92 -18.10
C ASN C 874 -36.52 28.50 -17.47
N ARG C 875 -35.56 28.84 -18.34
CA ARG C 875 -34.39 29.64 -17.95
C ARG C 875 -33.76 30.22 -19.21
N GLY C 876 -32.75 31.08 -19.01
CA GLY C 876 -32.06 31.68 -20.13
C GLY C 876 -31.27 30.67 -20.95
N ILE C 877 -30.98 31.06 -22.20
CA ILE C 877 -30.30 30.18 -23.13
C ILE C 877 -28.82 30.53 -23.30
N THR C 878 -28.28 31.44 -22.48
CA THR C 878 -26.86 31.74 -22.56
C THR C 878 -26.19 31.44 -21.22
N GLY C 879 -24.86 31.49 -21.21
CA GLY C 879 -24.10 31.27 -19.99
C GLY C 879 -23.80 29.83 -19.63
N ALA C 880 -23.65 28.97 -20.64
CA ALA C 880 -23.48 27.55 -20.44
C ALA C 880 -22.22 27.24 -19.67
N ILE C 881 -22.37 26.43 -18.62
CA ILE C 881 -21.31 26.13 -17.67
C ILE C 881 -20.73 24.75 -17.96
N VAL C 882 -19.41 24.69 -18.01
CA VAL C 882 -18.67 23.48 -18.31
C VAL C 882 -19.24 22.29 -17.55
N GLN C 883 -19.48 21.20 -18.29
CA GLN C 883 -20.00 19.93 -17.80
C GLN C 883 -21.46 20.00 -17.36
N ARG C 884 -21.91 21.14 -16.85
CA ARG C 884 -23.34 21.31 -16.64
C ARG C 884 -24.07 21.34 -17.97
N GLN C 885 -23.68 22.26 -18.85
CA GLN C 885 -24.26 22.39 -20.18
C GLN C 885 -23.13 22.34 -21.20
N PRO C 886 -22.68 21.15 -21.57
CA PRO C 886 -21.74 21.03 -22.70
C PRO C 886 -22.29 21.76 -23.91
N PHE C 887 -21.41 22.46 -24.61
CA PHE C 887 -21.88 23.46 -25.57
C PHE C 887 -21.53 23.05 -27.00
N GLY C 888 -22.51 23.16 -27.89
CA GLY C 888 -22.28 22.87 -29.28
C GLY C 888 -23.55 22.61 -30.05
N GLY C 889 -23.58 22.96 -31.33
CA GLY C 889 -24.80 23.02 -32.10
C GLY C 889 -24.88 21.98 -33.20
N TRP C 890 -26.07 21.93 -33.82
CA TRP C 890 -26.41 21.13 -34.98
C TRP C 890 -26.56 22.05 -36.19
N LYS C 891 -26.78 21.42 -37.35
CA LYS C 891 -27.09 22.12 -38.61
C LYS C 891 -25.93 23.08 -38.91
N ASN C 892 -26.20 24.37 -39.19
CA ASN C 892 -25.15 25.30 -39.58
C ASN C 892 -24.32 25.81 -38.42
N SER C 893 -24.63 25.45 -37.17
CA SER C 893 -23.84 26.00 -36.07
C SER C 893 -22.50 25.29 -35.90
N SER C 894 -22.35 24.12 -36.52
CA SER C 894 -21.16 23.31 -36.29
C SER C 894 -20.64 22.77 -37.62
N VAL C 895 -19.31 22.64 -37.68
CA VAL C 895 -18.64 21.89 -38.74
C VAL C 895 -17.79 20.85 -38.04
N GLY C 896 -17.94 19.60 -38.47
CA GLY C 896 -17.20 18.48 -37.94
C GLY C 896 -18.12 17.41 -37.39
N VAL C 897 -17.50 16.37 -36.84
CA VAL C 897 -18.26 15.32 -36.19
C VAL C 897 -19.08 15.89 -35.05
N GLY C 898 -18.59 16.94 -34.40
CA GLY C 898 -19.45 17.75 -33.56
C GLY C 898 -19.59 17.42 -32.09
N ALA C 899 -18.52 17.01 -31.40
CA ALA C 899 -18.59 16.86 -29.95
C ALA C 899 -18.77 18.21 -29.27
N LYS C 900 -19.46 18.21 -28.14
CA LYS C 900 -19.68 19.46 -27.42
C LYS C 900 -18.44 19.84 -26.62
N ALA C 901 -18.03 21.09 -26.73
CA ALA C 901 -17.02 21.59 -25.81
C ALA C 901 -17.57 21.51 -24.39
N GLY C 902 -16.68 21.24 -23.43
CA GLY C 902 -17.12 20.99 -22.08
C GLY C 902 -17.94 19.73 -21.91
N GLY C 903 -17.82 18.78 -22.84
CA GLY C 903 -18.48 17.51 -22.72
C GLY C 903 -17.50 16.38 -22.84
N PRO C 904 -17.93 15.16 -22.54
CA PRO C 904 -16.99 14.05 -22.39
C PRO C 904 -16.36 13.57 -23.69
N ASN C 905 -16.79 14.06 -24.85
CA ASN C 905 -16.27 13.51 -26.10
C ASN C 905 -15.35 14.43 -26.86
N TYR C 906 -15.07 15.62 -26.35
CA TYR C 906 -14.39 16.65 -27.12
C TYR C 906 -12.91 16.31 -27.29
N VAL C 907 -12.20 16.11 -26.18
CA VAL C 907 -10.78 15.77 -26.22
C VAL C 907 -10.53 14.63 -27.17
N ALA C 908 -11.36 13.57 -27.08
CA ALA C 908 -11.19 12.35 -27.87
C ALA C 908 -11.26 12.57 -29.39
N GLN C 909 -11.70 13.75 -29.87
CA GLN C 909 -11.66 14.06 -31.29
C GLN C 909 -10.26 14.39 -31.79
N LEU C 910 -9.37 14.80 -30.91
CA LEU C 910 -8.11 15.39 -31.33
C LEU C 910 -7.05 14.30 -31.53
N GLY C 911 -7.48 13.30 -32.31
CA GLY C 911 -6.61 12.18 -32.60
C GLY C 911 -7.38 11.17 -33.41
N THR C 912 -6.92 9.93 -33.40
CA THR C 912 -7.54 8.87 -34.18
C THR C 912 -7.62 7.60 -33.34
N TRP C 913 -8.64 6.79 -33.60
CA TRP C 913 -8.89 5.56 -32.86
C TRP C 913 -8.69 4.34 -33.75
N GLU C 914 -8.25 3.24 -33.12
CA GLU C 914 -8.08 1.97 -33.81
C GLU C 914 -8.64 0.85 -32.94
N ASP C 915 -9.24 -0.15 -33.58
CA ASP C 915 -9.66 -1.33 -32.84
C ASP C 915 -8.43 -2.01 -32.25
N ILE C 916 -8.58 -2.58 -31.07
CA ILE C 916 -7.52 -3.43 -30.55
C ILE C 916 -8.13 -4.81 -30.36
N GLU C 917 -7.25 -5.78 -30.19
CA GLU C 917 -7.69 -7.11 -29.85
C GLU C 917 -8.05 -7.13 -28.38
N SER C 918 -9.23 -7.65 -28.09
CA SER C 918 -9.69 -7.71 -26.71
C SER C 918 -10.70 -8.84 -26.64
N ASP C 919 -10.99 -9.27 -25.42
CA ASP C 919 -12.04 -10.24 -25.23
C ASP C 919 -13.32 -9.50 -24.89
N VAL C 920 -14.36 -9.76 -25.66
CA VAL C 920 -15.66 -9.13 -25.45
C VAL C 920 -16.45 -9.89 -24.40
N PRO C 921 -17.09 -9.20 -23.45
CA PRO C 921 -17.87 -9.90 -22.43
C PRO C 921 -19.17 -10.45 -22.99
N SER C 922 -19.78 -11.32 -22.17
CA SER C 922 -21.08 -11.93 -22.46
C SER C 922 -22.17 -10.89 -22.29
N VAL C 923 -22.80 -10.48 -23.39
CA VAL C 923 -23.98 -9.63 -23.34
C VAL C 923 -24.98 -10.18 -24.33
N SER C 924 -26.26 -10.11 -23.94
CA SER C 924 -27.32 -10.56 -24.82
C SER C 924 -27.48 -9.56 -25.97
N LEU C 925 -27.89 -10.10 -27.12
CA LEU C 925 -28.12 -9.33 -28.33
C LEU C 925 -29.54 -9.56 -28.85
N PRO C 926 -30.33 -8.51 -29.09
CA PRO C 926 -31.59 -8.71 -29.78
C PRO C 926 -31.36 -9.42 -31.10
N PRO C 927 -32.32 -10.25 -31.55
CA PRO C 927 -32.01 -11.15 -32.69
C PRO C 927 -31.88 -10.45 -34.03
N ALA C 928 -32.51 -9.28 -34.20
CA ALA C 928 -32.36 -8.51 -35.43
C ALA C 928 -30.90 -8.19 -35.73
N TYR C 929 -30.08 -8.08 -34.69
CA TYR C 929 -28.66 -7.82 -34.93
C TYR C 929 -27.89 -9.06 -35.34
N ARG C 930 -28.13 -10.20 -34.69
CA ARG C 930 -27.26 -11.36 -34.93
C ARG C 930 -27.38 -11.89 -36.34
N GLU C 931 -28.55 -11.74 -36.98
CA GLU C 931 -28.68 -12.11 -38.39
C GLU C 931 -27.73 -11.30 -39.27
N LEU C 932 -27.51 -10.03 -38.93
CA LEU C 932 -26.61 -9.18 -39.71
C LEU C 932 -25.16 -9.51 -39.44
N ALA C 933 -24.86 -10.09 -38.28
CA ALA C 933 -23.48 -10.37 -37.87
C ALA C 933 -23.10 -11.75 -38.39
N ASN C 934 -22.56 -11.78 -39.61
CA ASN C 934 -22.18 -13.02 -40.27
C ASN C 934 -20.66 -13.14 -40.42
N THR C 935 -19.90 -12.35 -39.67
CA THR C 935 -18.45 -12.42 -39.66
C THR C 935 -17.96 -12.28 -38.23
N GLU C 936 -16.73 -12.74 -37.98
CA GLU C 936 -16.03 -12.34 -36.76
C GLU C 936 -16.19 -10.84 -36.52
N PHE C 937 -15.78 -10.03 -37.50
CA PHE C 937 -15.78 -8.58 -37.31
C PHE C 937 -17.18 -8.05 -37.03
N LEU C 938 -18.19 -8.55 -37.74
CA LEU C 938 -19.53 -8.03 -37.51
C LEU C 938 -20.11 -8.51 -36.19
N LYS C 939 -19.78 -9.73 -35.75
CA LYS C 939 -20.21 -10.17 -34.44
C LYS C 939 -19.58 -9.32 -33.36
N ARG C 940 -18.32 -8.93 -33.56
CA ARG C 940 -17.64 -8.12 -32.55
C ARG C 940 -18.24 -6.72 -32.49
N ALA C 941 -18.63 -6.15 -33.64
CA ALA C 941 -19.22 -4.82 -33.66
C ALA C 941 -20.63 -4.83 -33.07
N ALA C 942 -21.40 -5.90 -33.31
CA ALA C 942 -22.74 -5.97 -32.77
C ALA C 942 -22.73 -5.95 -31.25
N ALA C 943 -21.81 -6.72 -30.64
CA ALA C 943 -21.73 -6.86 -29.19
C ALA C 943 -21.27 -5.59 -28.53
N LEU C 944 -20.29 -4.93 -29.12
CA LEU C 944 -19.75 -3.67 -28.60
C LEU C 944 -20.75 -2.51 -28.74
N ASP C 945 -21.58 -2.51 -29.79
CA ASP C 945 -22.68 -1.55 -29.84
C ASP C 945 -23.61 -1.74 -28.64
N GLU C 946 -23.97 -2.99 -28.34
CA GLU C 946 -24.83 -3.25 -27.19
C GLU C 946 -24.21 -2.71 -25.91
N ILE C 947 -22.92 -2.99 -25.69
CA ILE C 947 -22.21 -2.54 -24.48
C ILE C 947 -22.13 -1.02 -24.46
N ALA C 948 -21.73 -0.43 -25.60
CA ALA C 948 -21.67 1.02 -25.69
C ALA C 948 -23.05 1.64 -25.50
N TRP C 949 -24.09 0.99 -26.00
CA TRP C 949 -25.44 1.53 -25.83
C TRP C 949 -25.87 1.47 -24.37
N ARG C 950 -25.55 0.39 -23.68
CA ARG C 950 -25.90 0.30 -22.27
C ARG C 950 -25.10 1.30 -21.44
N THR C 951 -23.83 1.52 -21.80
CA THR C 951 -22.94 2.29 -20.95
C THR C 951 -23.17 3.78 -21.06
N GLU C 952 -23.32 4.29 -22.27
CA GLU C 952 -23.30 5.72 -22.57
C GLU C 952 -24.51 6.16 -23.36
N PHE C 953 -24.64 5.64 -24.58
CA PHE C 953 -25.48 6.27 -25.60
C PHE C 953 -26.97 6.12 -25.31
N GLY C 954 -27.38 5.03 -24.69
CA GLY C 954 -28.80 4.95 -24.42
C GLY C 954 -29.24 5.63 -23.14
N VAL C 955 -28.32 6.27 -22.41
CA VAL C 955 -28.59 6.84 -21.09
C VAL C 955 -28.65 8.36 -21.16
N GLU C 956 -29.62 8.94 -20.44
CA GLU C 956 -29.67 10.36 -20.12
C GLU C 956 -28.93 10.58 -18.81
N GLN C 957 -27.87 11.37 -18.86
CA GLN C 957 -26.87 11.46 -17.81
C GLN C 957 -26.80 12.88 -17.27
N ASP C 958 -27.11 13.06 -15.97
CA ASP C 958 -26.94 14.35 -15.31
C ASP C 958 -25.66 14.28 -14.48
N PHE C 959 -24.57 14.83 -15.00
CA PHE C 959 -23.26 14.66 -14.35
C PHE C 959 -23.11 15.50 -13.09
N THR C 960 -23.86 16.60 -12.97
CA THR C 960 -23.61 17.56 -11.90
C THR C 960 -24.58 17.44 -10.71
N GLY C 961 -25.83 17.04 -10.95
CA GLY C 961 -26.73 16.66 -9.85
C GLY C 961 -27.20 17.76 -8.93
N LEU C 962 -27.33 18.98 -9.43
CA LEU C 962 -27.88 20.10 -8.67
C LEU C 962 -29.33 19.84 -8.27
N ARG C 963 -29.72 20.34 -7.09
CA ARG C 963 -31.11 20.23 -6.68
C ARG C 963 -32.02 21.09 -7.55
N CYS C 964 -31.64 22.34 -7.79
CA CYS C 964 -32.53 23.34 -8.38
C CYS C 964 -32.56 23.33 -9.92
N GLU C 965 -31.80 22.44 -10.57
CA GLU C 965 -31.63 22.52 -12.01
C GLU C 965 -31.23 21.15 -12.50
N SER C 966 -32.00 20.59 -13.44
CA SER C 966 -31.65 19.30 -14.03
C SER C 966 -30.83 19.55 -15.28
N ASN C 967 -29.62 19.02 -15.33
CA ASN C 967 -28.70 19.24 -16.45
C ASN C 967 -28.29 17.90 -17.07
N VAL C 968 -28.92 17.57 -18.19
CA VAL C 968 -28.88 16.25 -18.83
C VAL C 968 -28.01 16.27 -20.08
N PHE C 969 -27.22 15.21 -20.26
CA PHE C 969 -26.41 15.00 -21.45
C PHE C 969 -26.87 13.70 -22.12
N ARG C 970 -27.37 13.80 -23.36
CA ARG C 970 -27.95 12.65 -24.02
C ARG C 970 -27.59 12.65 -25.50
N TYR C 971 -27.79 11.50 -26.14
CA TYR C 971 -27.53 11.36 -27.56
C TYR C 971 -28.83 11.26 -28.34
N ARG C 972 -28.93 12.03 -29.43
CA ARG C 972 -30.10 11.99 -30.30
C ARG C 972 -29.74 11.38 -31.66
N PRO C 973 -30.69 10.69 -32.30
CA PRO C 973 -30.35 9.98 -33.54
C PRO C 973 -30.14 10.94 -34.70
N LEU C 974 -29.07 10.71 -35.45
CA LEU C 974 -28.87 11.34 -36.74
C LEU C 974 -29.82 10.76 -37.79
N GLU C 975 -30.58 11.64 -38.46
CA GLU C 975 -31.59 11.19 -39.40
C GLU C 975 -30.98 10.47 -40.61
N THR C 976 -29.94 11.06 -41.21
CA THR C 976 -29.41 10.50 -42.46
C THR C 976 -27.89 10.45 -42.43
N LEU C 977 -27.33 9.31 -42.82
CA LEU C 977 -25.89 9.15 -43.03
C LEU C 977 -25.63 8.71 -44.47
N TYR C 978 -24.76 9.45 -45.17
CA TYR C 978 -24.34 9.12 -46.53
C TYR C 978 -23.09 8.25 -46.50
N VAL C 979 -23.03 7.29 -47.40
CA VAL C 979 -21.95 6.32 -47.41
C VAL C 979 -21.31 6.37 -48.78
N VAL C 980 -19.99 6.51 -48.81
CA VAL C 980 -19.27 6.54 -50.07
C VAL C 980 -18.29 5.36 -50.10
N GLY C 981 -18.39 4.55 -51.14
CA GLY C 981 -17.53 3.38 -51.28
C GLY C 981 -18.34 2.08 -51.37
N ASP C 982 -17.60 1.02 -51.68
CA ASP C 982 -18.18 -0.30 -51.85
C ASP C 982 -17.41 -1.27 -50.97
N ASP C 983 -18.07 -1.83 -49.96
CA ASP C 983 -17.49 -2.88 -49.13
C ASP C 983 -18.60 -3.54 -48.32
N GLU C 984 -18.99 -4.74 -48.75
CA GLU C 984 -20.18 -5.38 -48.21
C GLU C 984 -20.06 -5.57 -46.70
N GLU C 985 -18.89 -6.01 -46.22
CA GLU C 985 -18.73 -6.21 -44.79
C GLU C 985 -18.82 -4.89 -44.03
N GLN C 986 -18.09 -3.84 -44.47
CA GLN C 986 -18.15 -2.57 -43.76
C GLN C 986 -19.51 -1.93 -43.87
N PHE C 987 -20.17 -2.07 -45.01
CA PHE C 987 -21.54 -1.57 -45.12
C PHE C 987 -22.47 -2.28 -44.15
N ASN C 988 -22.25 -3.58 -43.92
CA ASN C 988 -23.09 -4.30 -42.94
C ASN C 988 -22.88 -3.75 -41.55
N ARG C 989 -21.63 -3.39 -41.20
CA ARG C 989 -21.37 -2.82 -39.90
C ARG C 989 -22.14 -1.53 -39.70
N LEU C 990 -22.24 -0.71 -40.75
CA LEU C 990 -23.03 0.52 -40.65
C LEU C 990 -24.52 0.22 -40.54
N LYS C 991 -24.99 -0.91 -41.10
CA LYS C 991 -26.39 -1.29 -40.96
C LYS C 991 -26.73 -1.70 -39.53
N LEU C 992 -25.80 -2.40 -38.87
CA LEU C 992 -25.94 -2.68 -37.44
C LEU C 992 -26.19 -1.40 -36.66
N ALA C 993 -25.28 -0.42 -36.82
CA ALA C 993 -25.41 0.87 -36.13
C ALA C 993 -26.72 1.58 -36.48
N ALA C 994 -27.08 1.60 -37.76
CA ALA C 994 -28.30 2.32 -38.15
C ALA C 994 -29.54 1.61 -37.62
N LEU C 995 -29.51 0.28 -37.57
CA LEU C 995 -30.65 -0.45 -37.03
C LEU C 995 -30.90 -0.07 -35.58
N ARG C 996 -29.85 0.34 -34.86
CA ARG C 996 -29.90 0.69 -33.44
C ARG C 996 -30.26 2.16 -33.20
N THR C 997 -29.81 3.08 -34.06
CA THR C 997 -30.11 4.48 -33.84
C THR C 997 -31.31 4.98 -34.63
N GLY C 998 -31.77 4.22 -35.62
CA GLY C 998 -32.79 4.68 -36.52
C GLY C 998 -32.30 5.49 -37.71
N THR C 999 -30.99 5.61 -37.90
CA THR C 999 -30.45 6.40 -39.00
C THR C 999 -30.69 5.73 -40.33
N GLU C 1000 -30.91 6.54 -41.35
CA GLU C 1000 -31.06 6.06 -42.72
C GLU C 1000 -29.71 6.12 -43.42
N LEU C 1001 -29.29 5.01 -44.03
CA LEU C 1001 -28.10 5.01 -44.87
C LEU C 1001 -28.50 5.34 -46.30
N ARG C 1002 -27.78 6.31 -46.88
CA ARG C 1002 -27.91 6.68 -48.29
C ARG C 1002 -26.54 6.51 -48.94
N LYS C 1003 -26.45 5.58 -49.91
CA LYS C 1003 -25.19 5.40 -50.64
C LYS C 1003 -25.01 6.58 -51.59
N LEU C 1004 -23.75 7.04 -51.69
CA LEU C 1004 -23.45 8.31 -52.37
C LEU C 1004 -22.33 8.11 -53.38
N GLU C 1005 -22.55 8.60 -54.60
CA GLU C 1005 -21.57 8.50 -55.67
C GLU C 1005 -20.84 9.84 -55.83
N THR C 1006 -19.78 9.83 -56.65
CA THR C 1006 -19.12 11.08 -57.01
C THR C 1006 -20.06 11.94 -57.84
N HIS C 1007 -20.01 13.24 -57.61
CA HIS C 1007 -20.84 14.23 -58.30
C HIS C 1007 -22.32 14.08 -58.00
N GLU C 1008 -22.70 13.21 -57.06
CA GLU C 1008 -24.06 13.22 -56.53
C GLU C 1008 -24.14 14.25 -55.42
N TRP C 1009 -25.09 15.16 -55.53
CA TRP C 1009 -25.29 16.24 -54.58
C TRP C 1009 -25.67 15.69 -53.21
N PHE C 1010 -25.41 16.48 -52.18
CA PHE C 1010 -25.82 16.15 -50.82
C PHE C 1010 -26.06 17.46 -50.07
N PRO C 1011 -26.94 17.45 -49.07
CA PRO C 1011 -27.40 18.71 -48.45
C PRO C 1011 -26.33 19.33 -47.56
N PRO C 1012 -26.48 20.62 -47.22
CA PRO C 1012 -25.51 21.24 -46.31
C PRO C 1012 -25.46 20.53 -44.97
N HIS C 1013 -24.26 20.47 -44.39
CA HIS C 1013 -24.00 19.94 -43.04
C HIS C 1013 -24.24 18.45 -42.91
N SER C 1014 -24.19 17.70 -44.01
CA SER C 1014 -24.35 16.26 -43.98
C SER C 1014 -23.14 15.57 -43.36
N ARG C 1015 -23.35 14.32 -42.95
CA ARG C 1015 -22.26 13.43 -42.55
C ARG C 1015 -22.09 12.30 -43.56
N ILE C 1016 -20.86 12.08 -44.03
CA ILE C 1016 -20.59 11.12 -45.11
C ILE C 1016 -19.55 10.12 -44.63
N ARG C 1017 -19.96 8.86 -44.49
CA ARG C 1017 -19.05 7.83 -44.00
C ARG C 1017 -18.34 7.15 -45.17
N ALA C 1018 -17.03 7.03 -45.06
CA ALA C 1018 -16.20 6.40 -46.08
C ALA C 1018 -15.98 4.94 -45.71
N ILE C 1019 -16.30 4.05 -46.64
CA ILE C 1019 -16.03 2.63 -46.47
C ILE C 1019 -15.21 2.13 -47.66
N GLY C 1020 -14.38 1.11 -47.43
CA GLY C 1020 -13.62 0.44 -48.47
C GLY C 1020 -12.17 0.89 -48.55
N ASP C 1021 -11.45 0.34 -49.53
CA ASP C 1021 -10.03 0.61 -49.73
C ASP C 1021 -9.75 1.77 -50.66
N ALA C 1022 -10.73 2.21 -51.43
CA ALA C 1022 -10.44 3.30 -52.33
C ALA C 1022 -10.43 4.64 -51.58
N PRO C 1023 -9.68 5.61 -52.07
CA PRO C 1023 -9.78 6.95 -51.48
C PRO C 1023 -11.17 7.51 -51.69
N VAL C 1024 -11.52 8.47 -50.84
CA VAL C 1024 -12.72 9.25 -51.15
C VAL C 1024 -12.44 10.07 -52.41
N PRO C 1025 -13.38 10.14 -53.34
CA PRO C 1025 -13.19 10.99 -54.51
C PRO C 1025 -13.04 12.46 -54.10
N THR C 1026 -12.06 13.13 -54.69
CA THR C 1026 -11.72 14.49 -54.27
C THR C 1026 -12.91 15.44 -54.36
N THR C 1027 -13.76 15.26 -55.37
CA THR C 1027 -14.83 16.21 -55.56
C THR C 1027 -15.77 16.22 -54.36
N ILE C 1028 -15.92 15.08 -53.68
CA ILE C 1028 -16.77 15.02 -52.49
C ILE C 1028 -16.17 15.85 -51.36
N TYR C 1029 -14.86 15.74 -51.13
CA TYR C 1029 -14.21 16.61 -50.14
C TYR C 1029 -14.46 18.07 -50.48
N GLU C 1030 -14.28 18.42 -51.76
CA GLU C 1030 -14.43 19.81 -52.18
C GLU C 1030 -15.84 20.31 -51.96
N TRP C 1031 -16.84 19.45 -52.19
CA TRP C 1031 -18.21 19.86 -51.94
C TRP C 1031 -18.53 19.90 -50.45
N ALA C 1032 -18.02 18.93 -49.67
CA ALA C 1032 -18.23 18.97 -48.24
C ALA C 1032 -17.70 20.28 -47.66
N ALA C 1033 -16.58 20.77 -48.19
CA ALA C 1033 -15.97 21.98 -47.66
C ALA C 1033 -16.83 23.22 -47.95
N LEU C 1034 -17.56 23.22 -49.06
CA LEU C 1034 -18.41 24.35 -49.41
C LEU C 1034 -19.70 24.39 -48.59
N ASN C 1035 -20.34 23.26 -48.33
CA ASN C 1035 -21.62 23.26 -47.64
C ASN C 1035 -21.51 22.75 -46.19
N GLY C 1036 -20.30 22.75 -45.62
CA GLY C 1036 -20.10 22.43 -44.23
C GLY C 1036 -20.39 21.00 -43.80
N SER C 1037 -20.34 20.03 -44.73
CA SER C 1037 -20.43 18.62 -44.38
C SER C 1037 -19.06 18.09 -43.95
N VAL C 1038 -19.05 16.86 -43.43
CA VAL C 1038 -17.81 16.28 -42.91
C VAL C 1038 -17.67 14.88 -43.48
N VAL C 1039 -16.53 14.62 -44.10
CA VAL C 1039 -16.24 13.31 -44.66
C VAL C 1039 -15.53 12.55 -43.57
N ILE C 1040 -16.22 11.56 -42.99
CA ILE C 1040 -15.65 10.71 -41.95
C ILE C 1040 -14.90 9.58 -42.65
N ASP C 1041 -13.57 9.70 -42.70
CA ASP C 1041 -12.79 8.86 -43.58
C ASP C 1041 -11.82 7.93 -42.84
N GLY C 1042 -11.95 7.80 -41.53
CA GLY C 1042 -11.14 6.86 -40.79
C GLY C 1042 -11.58 5.43 -41.05
N PRO C 1043 -10.82 4.46 -40.53
CA PRO C 1043 -11.24 3.06 -40.64
C PRO C 1043 -12.56 2.82 -39.94
N VAL C 1044 -13.37 1.94 -40.51
CA VAL C 1044 -14.62 1.54 -39.87
C VAL C 1044 -14.25 0.67 -38.68
N LEU C 1045 -14.67 1.08 -37.47
CA LEU C 1045 -14.30 0.42 -36.23
C LEU C 1045 -15.39 -0.51 -35.71
N ALA C 1046 -14.96 -1.68 -35.22
CA ALA C 1046 -15.88 -2.54 -34.50
C ALA C 1046 -16.36 -1.89 -33.21
N ASP C 1047 -15.49 -1.16 -32.51
CA ASP C 1047 -15.85 -0.59 -31.21
C ASP C 1047 -16.92 0.48 -31.39
N GLY C 1048 -18.15 0.14 -31.01
CA GLY C 1048 -19.23 1.10 -31.11
C GLY C 1048 -19.10 2.31 -30.20
N ARG C 1049 -18.34 2.20 -29.11
CA ARG C 1049 -18.08 3.36 -28.27
C ARG C 1049 -17.43 4.49 -29.08
N ARG C 1050 -16.72 4.14 -30.15
CA ARG C 1050 -16.20 5.12 -31.08
C ARG C 1050 -17.06 5.28 -32.33
N GLU C 1051 -17.43 4.18 -32.98
CA GLU C 1051 -18.09 4.27 -34.29
C GLU C 1051 -19.49 4.83 -34.16
N LEU C 1052 -20.19 4.51 -33.07
CA LEU C 1052 -21.56 5.00 -32.96
C LEU C 1052 -21.63 6.51 -32.80
N LEU C 1053 -20.52 7.19 -32.50
CA LEU C 1053 -20.60 8.66 -32.42
C LEU C 1053 -20.99 9.25 -33.76
N HIS C 1054 -20.58 8.59 -34.86
CA HIS C 1054 -20.93 9.04 -36.20
C HIS C 1054 -22.42 8.93 -36.47
N PHE C 1055 -23.16 8.20 -35.63
CA PHE C 1055 -24.60 8.02 -35.80
C PHE C 1055 -25.44 8.82 -34.81
N LEU C 1056 -24.82 9.72 -34.03
CA LEU C 1056 -25.48 10.38 -32.90
C LEU C 1056 -25.14 11.87 -32.86
N LYS C 1057 -26.12 12.66 -32.43
CA LYS C 1057 -25.95 14.09 -32.19
C LYS C 1057 -26.07 14.31 -30.69
N GLU C 1058 -25.05 14.93 -30.09
CA GLU C 1058 -25.06 15.21 -28.66
C GLU C 1058 -26.03 16.34 -28.35
N GLN C 1059 -26.62 16.32 -27.15
CA GLN C 1059 -27.55 17.36 -26.76
C GLN C 1059 -27.55 17.53 -25.26
N ALA C 1060 -27.58 18.79 -24.84
CA ALA C 1060 -27.70 19.16 -23.43
C ALA C 1060 -29.08 19.73 -23.20
N VAL C 1061 -29.80 19.18 -22.22
CA VAL C 1061 -31.14 19.67 -21.88
C VAL C 1061 -31.05 20.16 -20.44
N SER C 1062 -31.21 21.46 -20.25
CA SER C 1062 -31.09 22.08 -18.93
C SER C 1062 -32.46 22.61 -18.54
N THR C 1063 -32.98 22.12 -17.40
CA THR C 1063 -34.35 22.40 -16.96
C THR C 1063 -34.35 22.90 -15.52
N THR C 1064 -34.95 24.08 -15.30
CA THR C 1064 -35.16 24.56 -13.95
C THR C 1064 -36.05 23.58 -13.18
N ASN C 1065 -35.65 23.27 -11.95
CA ASN C 1065 -36.31 22.30 -11.10
C ASN C 1065 -37.20 22.94 -10.04
N HIS C 1066 -37.08 24.25 -9.84
CA HIS C 1066 -37.73 24.93 -8.73
C HIS C 1066 -38.84 25.86 -9.24
N ARG C 1067 -39.82 26.11 -8.37
CA ARG C 1067 -40.84 27.13 -8.60
C ARG C 1067 -40.68 28.16 -7.47
N PHE C 1068 -39.89 29.19 -7.73
CA PHE C 1068 -39.53 30.19 -6.71
C PHE C 1068 -39.02 29.51 -5.46
N GLY C 1069 -38.10 28.56 -5.65
CA GLY C 1069 -37.57 27.77 -4.57
C GLY C 1069 -38.06 26.33 -4.50
N TYR C 1070 -39.37 26.11 -4.67
CA TYR C 1070 -39.99 24.83 -4.34
C TYR C 1070 -39.63 23.74 -5.36
N ILE C 1071 -39.02 22.66 -4.87
CA ILE C 1071 -38.60 21.54 -5.73
C ILE C 1071 -39.26 20.25 -5.24
N LEU D 9 -32.10 -40.57 -64.09
CA LEU D 9 -33.12 -40.21 -65.09
C LEU D 9 -34.43 -40.88 -64.74
N MET D 10 -35.26 -40.17 -63.98
CA MET D 10 -36.49 -40.74 -63.46
C MET D 10 -37.56 -40.76 -64.53
N SER D 11 -38.03 -41.97 -64.89
CA SER D 11 -38.98 -42.18 -65.98
C SER D 11 -40.42 -41.75 -65.64
N TYR D 12 -40.71 -41.37 -64.39
CA TYR D 12 -42.04 -40.86 -64.08
C TYR D 12 -42.26 -39.40 -64.50
N ILE D 13 -41.17 -38.66 -64.75
CA ILE D 13 -41.28 -37.26 -65.17
C ILE D 13 -41.86 -37.16 -66.58
N ASN D 14 -42.67 -36.14 -66.80
CA ASN D 14 -43.34 -35.92 -68.08
C ASN D 14 -43.79 -34.47 -68.15
N ARG D 15 -44.50 -34.14 -69.23
CA ARG D 15 -44.97 -32.77 -69.43
C ARG D 15 -46.50 -32.68 -69.47
N ASP D 16 -47.22 -33.68 -68.95
CA ASP D 16 -48.67 -33.63 -69.01
C ASP D 16 -49.20 -32.39 -68.29
N LEU D 17 -48.70 -32.11 -67.08
CA LEU D 17 -49.20 -30.94 -66.37
C LEU D 17 -49.00 -29.69 -67.19
N GLU D 18 -47.79 -29.51 -67.76
CA GLU D 18 -47.53 -28.37 -68.63
C GLU D 18 -48.54 -28.28 -69.78
N ASN D 19 -48.94 -29.43 -70.34
CA ASN D 19 -49.87 -29.44 -71.47
C ASN D 19 -51.31 -29.12 -71.05
N LEU D 20 -51.70 -29.47 -69.84
CA LEU D 20 -53.03 -29.19 -69.32
C LEU D 20 -53.13 -27.86 -68.58
N GLN D 21 -52.02 -27.14 -68.46
CA GLN D 21 -51.93 -26.00 -67.55
C GLN D 21 -53.04 -24.98 -67.78
N GLU D 22 -53.33 -24.68 -69.04
CA GLU D 22 -54.30 -23.61 -69.33
C GLU D 22 -55.73 -24.09 -69.16
N ARG D 23 -56.00 -25.32 -69.61
CA ARG D 23 -57.31 -25.93 -69.35
C ARG D 23 -57.53 -26.20 -67.87
N ILE D 24 -56.45 -26.34 -67.08
CA ILE D 24 -56.58 -26.47 -65.64
C ILE D 24 -56.97 -25.13 -65.02
N ILE D 25 -56.34 -24.04 -65.49
CA ILE D 25 -56.65 -22.71 -64.95
C ILE D 25 -58.07 -22.31 -65.32
N ALA D 26 -58.51 -22.66 -66.52
CA ALA D 26 -59.90 -22.45 -66.88
C ALA D 26 -60.84 -23.25 -65.99
N ARG D 27 -60.44 -24.47 -65.62
CA ARG D 27 -61.31 -25.32 -64.82
C ARG D 27 -61.52 -24.76 -63.42
N ALA D 28 -60.44 -24.30 -62.78
CA ALA D 28 -60.57 -23.72 -61.46
C ALA D 28 -61.38 -22.43 -61.50
N ASN D 29 -61.09 -21.57 -62.47
CA ASN D 29 -61.85 -20.32 -62.61
C ASN D 29 -63.33 -20.60 -62.84
N GLU D 30 -63.66 -21.67 -63.57
CA GLU D 30 -65.06 -22.05 -63.75
C GLU D 30 -65.72 -22.40 -62.42
N TRP D 31 -65.03 -23.14 -61.57
CA TRP D 31 -65.65 -23.60 -60.33
C TRP D 31 -65.88 -22.47 -59.33
N LEU D 32 -65.16 -21.36 -59.45
CA LEU D 32 -65.54 -20.18 -58.67
C LEU D 32 -66.82 -19.52 -59.20
N ALA D 33 -67.23 -19.85 -60.43
CA ALA D 33 -68.53 -19.40 -60.96
C ALA D 33 -69.66 -20.35 -60.62
N ARG D 121 -65.22 -13.69 -34.18
CA ARG D 121 -66.40 -14.55 -33.99
C ARG D 121 -66.51 -15.58 -35.13
N LEU D 122 -65.35 -16.15 -35.50
CA LEU D 122 -65.30 -17.24 -36.49
C LEU D 122 -65.67 -18.59 -35.89
N ARG D 123 -65.52 -18.76 -34.58
CA ARG D 123 -65.91 -19.98 -33.89
C ARG D 123 -67.42 -20.20 -33.91
N GLN D 124 -68.20 -19.21 -34.35
CA GLN D 124 -69.65 -19.37 -34.40
C GLN D 124 -70.03 -20.44 -35.42
N MET D 125 -69.43 -20.40 -36.61
CA MET D 125 -69.69 -21.41 -37.64
C MET D 125 -69.19 -22.78 -37.19
N VAL D 126 -67.93 -22.85 -36.74
CA VAL D 126 -67.36 -24.10 -36.24
C VAL D 126 -68.23 -24.69 -35.14
N SER D 127 -68.73 -23.85 -34.23
CA SER D 127 -69.64 -24.31 -33.19
C SER D 127 -70.91 -24.95 -33.78
N HIS D 128 -71.28 -24.60 -35.01
CA HIS D 128 -72.44 -25.21 -35.65
C HIS D 128 -72.05 -26.25 -36.71
N LEU D 129 -70.81 -26.74 -36.67
CA LEU D 129 -70.37 -27.84 -37.54
C LEU D 129 -70.03 -29.13 -36.82
N VAL D 130 -69.61 -29.08 -35.54
CA VAL D 130 -69.30 -30.29 -34.78
C VAL D 130 -70.59 -30.89 -34.21
N LEU D 131 -70.79 -32.18 -34.46
CA LEU D 131 -72.06 -32.84 -34.15
C LEU D 131 -71.89 -33.85 -33.02
N ASP D 132 -73.02 -34.29 -32.48
CA ASP D 132 -73.01 -35.31 -31.44
C ASP D 132 -72.81 -36.69 -32.06
N ALA D 133 -71.78 -37.41 -31.59
CA ALA D 133 -71.48 -38.74 -32.15
C ALA D 133 -72.64 -39.70 -31.98
N GLU D 134 -73.50 -39.48 -30.98
CA GLU D 134 -74.66 -40.32 -30.72
C GLU D 134 -75.98 -39.65 -31.06
N GLY D 135 -75.98 -38.34 -31.34
CA GLY D 135 -77.20 -37.63 -31.63
C GLY D 135 -77.79 -37.97 -32.99
N LYS D 136 -79.03 -37.50 -33.19
CA LYS D 136 -79.78 -37.69 -34.43
C LYS D 136 -79.30 -36.76 -35.55
N ALA D 137 -78.69 -35.62 -35.20
CA ALA D 137 -78.22 -34.68 -36.21
C ALA D 137 -77.28 -35.34 -37.20
N LEU D 138 -76.42 -36.23 -36.71
CA LEU D 138 -75.47 -36.91 -37.59
C LEU D 138 -76.20 -37.80 -38.58
N ASN D 139 -77.16 -38.60 -38.10
CA ASN D 139 -77.87 -39.51 -39.00
C ASN D 139 -78.72 -38.75 -40.01
N LYS D 140 -79.28 -37.60 -39.62
CA LYS D 140 -79.95 -36.77 -40.62
C LYS D 140 -78.93 -36.19 -41.60
N LEU D 141 -77.72 -35.87 -41.14
CA LEU D 141 -76.72 -35.37 -42.05
C LEU D 141 -76.16 -36.47 -42.94
N LEU D 142 -76.04 -37.70 -42.44
CA LEU D 142 -75.58 -38.79 -43.29
C LEU D 142 -76.62 -39.16 -44.33
N ASP D 143 -77.90 -39.01 -44.01
CA ASP D 143 -78.97 -39.29 -44.96
C ASP D 143 -79.03 -38.21 -46.04
N GLU D 144 -78.99 -36.93 -45.63
CA GLU D 144 -79.06 -35.85 -46.60
C GLU D 144 -77.80 -35.78 -47.46
N SER D 145 -76.67 -36.22 -46.91
CA SER D 145 -75.46 -36.29 -47.73
C SER D 145 -75.54 -37.46 -48.73
N LYS D 146 -75.98 -38.64 -48.30
CA LYS D 146 -76.12 -39.75 -49.24
C LYS D 146 -77.04 -39.36 -50.39
N ALA D 147 -78.13 -38.66 -50.08
CA ALA D 147 -79.08 -38.26 -51.12
C ALA D 147 -78.53 -37.17 -52.02
N LYS D 148 -77.66 -36.30 -51.51
CA LYS D 148 -77.06 -35.26 -52.35
C LYS D 148 -75.80 -35.73 -53.08
N GLY D 149 -75.44 -37.01 -52.94
CA GLY D 149 -74.32 -37.56 -53.67
C GLY D 149 -72.96 -37.43 -52.98
N TYR D 150 -72.93 -37.40 -51.66
CA TYR D 150 -71.69 -37.29 -50.92
C TYR D 150 -71.56 -38.44 -49.94
N ARG D 151 -70.32 -38.80 -49.62
CA ARG D 151 -69.99 -39.69 -48.52
C ARG D 151 -69.32 -38.85 -47.42
N LEU D 152 -69.51 -39.24 -46.17
CA LEU D 152 -69.04 -38.43 -45.04
C LEU D 152 -67.85 -39.09 -44.34
N ASN D 153 -66.82 -38.28 -44.06
CA ASN D 153 -65.67 -38.71 -43.27
C ASN D 153 -65.91 -38.30 -41.83
N VAL D 154 -66.30 -39.27 -41.01
CA VAL D 154 -66.62 -39.03 -39.62
C VAL D 154 -65.34 -39.17 -38.82
N ASN D 155 -64.99 -38.13 -38.08
CA ASN D 155 -63.75 -38.08 -37.31
C ASN D 155 -64.10 -37.74 -35.88
N LEU D 156 -63.68 -38.58 -34.95
CA LEU D 156 -64.03 -38.37 -33.57
C LEU D 156 -62.97 -37.47 -32.94
N LEU D 157 -63.40 -36.29 -32.49
CA LEU D 157 -62.57 -35.36 -31.74
C LEU D 157 -62.88 -35.53 -30.26
N GLY D 158 -62.07 -34.90 -29.40
CA GLY D 158 -62.40 -34.94 -27.98
C GLY D 158 -61.23 -34.55 -27.10
N GLU D 159 -61.33 -34.99 -25.84
CA GLU D 159 -60.33 -34.68 -24.81
C GLU D 159 -58.94 -35.05 -25.30
N ALA D 160 -57.94 -34.27 -24.90
CA ALA D 160 -56.58 -34.57 -25.31
C ALA D 160 -56.21 -35.97 -24.83
N VAL D 161 -55.64 -36.78 -25.74
CA VAL D 161 -55.29 -38.17 -25.44
C VAL D 161 -53.94 -38.19 -24.72
N LEU D 162 -53.99 -37.99 -23.41
CA LEU D 162 -52.82 -38.06 -22.56
C LEU D 162 -52.64 -39.41 -21.87
N GLY D 163 -53.69 -40.26 -21.82
CA GLY D 163 -53.60 -41.55 -21.15
C GLY D 163 -54.30 -42.66 -21.91
N ASP D 164 -54.12 -43.88 -21.42
CA ASP D 164 -54.81 -45.03 -22.02
C ASP D 164 -56.30 -44.94 -21.86
N GLY D 165 -56.76 -44.23 -20.84
CA GLY D 165 -58.18 -44.06 -20.62
C GLY D 165 -58.85 -43.36 -21.79
N GLU D 166 -58.39 -42.16 -22.10
CA GLU D 166 -59.04 -41.47 -23.19
C GLU D 166 -58.76 -42.17 -24.53
N ALA D 167 -57.59 -42.82 -24.65
CA ALA D 167 -57.28 -43.53 -25.89
C ALA D 167 -58.29 -44.62 -26.15
N ASN D 168 -58.68 -45.35 -25.10
CA ASN D 168 -59.73 -46.36 -25.25
C ASN D 168 -61.06 -45.71 -25.60
N ASN D 169 -61.31 -44.51 -25.08
CA ASN D 169 -62.53 -43.80 -25.43
C ASN D 169 -62.57 -43.52 -26.92
N ARG D 170 -61.51 -42.91 -27.46
CA ARG D 170 -61.46 -42.65 -28.91
C ARG D 170 -61.68 -43.91 -29.73
N LEU D 171 -61.03 -45.02 -29.35
CA LEU D 171 -61.08 -46.22 -30.18
C LEU D 171 -62.46 -46.88 -30.14
N THR D 172 -62.94 -47.21 -28.95
CA THR D 172 -64.22 -47.92 -28.86
C THR D 172 -65.36 -47.06 -29.37
N ARG D 173 -65.28 -45.74 -29.18
CA ARG D 173 -66.36 -44.88 -29.66
C ARG D 173 -66.35 -44.78 -31.16
N THR D 174 -65.16 -44.83 -31.76
CA THR D 174 -65.03 -44.92 -33.22
C THR D 174 -65.56 -46.25 -33.71
N MET D 175 -65.30 -47.31 -32.96
CA MET D 175 -65.88 -48.62 -33.29
C MET D 175 -67.40 -48.57 -33.29
N GLU D 176 -68.01 -47.82 -32.37
CA GLU D 176 -69.46 -47.70 -32.33
C GLU D 176 -70.02 -47.07 -33.59
N LEU D 177 -69.29 -46.08 -34.14
CA LEU D 177 -69.69 -45.44 -35.39
C LEU D 177 -69.62 -46.40 -36.58
N LEU D 178 -68.66 -47.33 -36.57
CA LEU D 178 -68.53 -48.36 -37.60
C LEU D 178 -69.63 -49.42 -37.51
N LYS D 179 -70.35 -49.49 -36.39
CA LYS D 179 -71.56 -50.28 -36.32
C LYS D 179 -72.76 -49.52 -36.87
N ASN D 180 -72.64 -48.20 -37.00
CA ASN D 180 -73.77 -47.39 -37.44
C ASN D 180 -73.96 -47.63 -38.93
N PRO D 181 -75.12 -48.14 -39.36
CA PRO D 181 -75.26 -48.53 -40.77
C PRO D 181 -75.06 -47.41 -41.76
N ARG D 182 -75.39 -46.16 -41.42
CA ARG D 182 -75.27 -45.04 -42.35
C ARG D 182 -73.84 -44.56 -42.53
N VAL D 183 -72.92 -44.99 -41.68
CA VAL D 183 -71.53 -44.53 -41.70
C VAL D 183 -70.71 -45.46 -42.58
N ASP D 184 -69.96 -44.88 -43.53
CA ASP D 184 -69.12 -45.69 -44.40
C ASP D 184 -67.69 -45.17 -44.49
N TYR D 185 -67.30 -44.25 -43.61
CA TYR D 185 -65.92 -43.76 -43.57
C TYR D 185 -65.66 -43.17 -42.18
N VAL D 186 -64.72 -43.76 -41.43
CA VAL D 186 -64.21 -43.19 -40.19
C VAL D 186 -62.70 -42.98 -40.37
N SER D 187 -62.16 -41.97 -39.69
CA SER D 187 -60.71 -41.78 -39.72
C SER D 187 -60.22 -41.45 -38.33
N ILE D 188 -59.07 -42.03 -37.96
CA ILE D 188 -58.55 -42.01 -36.59
C ILE D 188 -57.03 -42.03 -36.66
N LYS D 189 -56.39 -41.59 -35.56
CA LYS D 189 -54.93 -41.47 -35.47
C LYS D 189 -54.30 -42.47 -34.50
N ALA D 190 -53.07 -42.86 -34.81
CA ALA D 190 -52.26 -43.67 -33.90
C ALA D 190 -52.19 -43.03 -32.53
N THR D 191 -52.00 -41.72 -32.47
CA THR D 191 -51.92 -41.05 -31.18
C THR D 191 -53.26 -40.90 -30.50
N SER D 192 -54.36 -41.20 -31.18
CA SER D 192 -55.63 -41.40 -30.50
C SER D 192 -55.84 -42.83 -30.04
N VAL D 193 -55.08 -43.78 -30.57
CA VAL D 193 -55.23 -45.18 -30.20
C VAL D 193 -54.27 -45.57 -29.09
N VAL D 194 -53.06 -45.03 -29.13
CA VAL D 194 -52.02 -45.22 -28.12
C VAL D 194 -51.59 -43.85 -27.61
N ALA D 195 -51.81 -43.59 -26.34
CA ALA D 195 -51.38 -42.36 -25.72
C ALA D 195 -49.89 -42.42 -25.41
N GLN D 196 -49.29 -41.24 -25.30
CA GLN D 196 -47.87 -41.11 -24.97
C GLN D 196 -47.00 -41.94 -25.91
N LEU D 197 -47.35 -41.92 -27.20
CA LEU D 197 -46.60 -42.67 -28.20
C LEU D 197 -45.10 -42.48 -27.99
N ASN D 198 -44.44 -43.52 -27.53
CA ASN D 198 -43.02 -43.47 -27.24
C ASN D 198 -42.22 -43.41 -28.52
N PRO D 199 -41.57 -42.29 -28.86
CA PRO D 199 -40.89 -42.20 -30.16
C PRO D 199 -39.68 -43.10 -30.28
N TRP D 200 -39.21 -43.72 -29.18
CA TRP D 200 -38.03 -44.58 -29.24
C TRP D 200 -38.34 -46.07 -29.42
N ASP D 201 -39.61 -46.48 -29.42
CA ASP D 201 -39.98 -47.90 -29.47
C ASP D 201 -40.94 -48.16 -30.66
N ILE D 202 -40.41 -48.15 -31.89
CA ILE D 202 -41.27 -48.29 -33.05
C ILE D 202 -41.81 -49.71 -33.17
N ASP D 203 -41.01 -50.71 -32.78
CA ASP D 203 -41.48 -52.10 -32.75
C ASP D 203 -42.61 -52.27 -31.75
N GLY D 204 -42.45 -51.71 -30.55
CA GLY D 204 -43.47 -51.86 -29.54
C GLY D 204 -44.73 -51.10 -29.88
N ASN D 205 -44.58 -49.90 -30.44
CA ASN D 205 -45.74 -49.12 -30.85
C ASN D 205 -46.54 -49.84 -31.93
N THR D 206 -45.84 -50.41 -32.92
CA THR D 206 -46.53 -51.07 -34.02
C THR D 206 -47.38 -52.24 -33.53
N GLU D 207 -46.79 -53.10 -32.69
CA GLU D 207 -47.54 -54.26 -32.21
C GLU D 207 -48.69 -53.83 -31.32
N LEU D 208 -48.51 -52.78 -30.54
CA LEU D 208 -49.57 -52.29 -29.67
C LEU D 208 -50.72 -51.73 -30.48
N LEU D 209 -50.42 -50.92 -31.50
CA LEU D 209 -51.44 -50.34 -32.35
C LEU D 209 -52.20 -51.42 -33.13
N LYS D 210 -51.48 -52.43 -33.62
CA LYS D 210 -52.14 -53.53 -34.31
C LYS D 210 -53.02 -54.32 -33.36
N GLU D 211 -52.49 -54.65 -32.18
CA GLU D 211 -53.27 -55.36 -31.18
C GLU D 211 -54.51 -54.57 -30.79
N ARG D 212 -54.41 -53.24 -30.77
CA ARG D 212 -55.57 -52.47 -30.34
C ARG D 212 -56.56 -52.21 -31.46
N LEU D 213 -56.11 -52.17 -32.72
CA LEU D 213 -56.97 -51.74 -33.81
C LEU D 213 -57.67 -52.87 -34.56
N ARG D 214 -57.21 -54.11 -34.44
CA ARG D 214 -57.85 -55.21 -35.17
C ARG D 214 -59.36 -55.28 -34.96
N PRO D 215 -59.90 -55.09 -33.76
CA PRO D 215 -61.36 -54.99 -33.63
C PRO D 215 -61.99 -53.90 -34.47
N LEU D 216 -61.35 -52.74 -34.65
CA LEU D 216 -61.98 -51.72 -35.49
C LEU D 216 -61.99 -52.14 -36.96
N TYR D 217 -60.88 -52.72 -37.44
CA TYR D 217 -60.86 -53.13 -38.83
C TYR D 217 -61.76 -54.34 -39.08
N ARG D 218 -61.92 -55.21 -38.08
CA ARG D 218 -62.86 -56.33 -38.23
C ARG D 218 -64.30 -55.85 -38.40
N LEU D 219 -64.72 -54.83 -37.65
CA LEU D 219 -66.11 -54.37 -37.79
C LEU D 219 -66.38 -53.93 -39.22
N ALA D 220 -65.33 -53.49 -39.93
CA ALA D 220 -65.45 -53.12 -41.33
C ALA D 220 -65.53 -54.32 -42.27
N LEU D 221 -65.05 -55.50 -41.84
CA LEU D 221 -65.23 -56.70 -42.66
C LEU D 221 -66.62 -57.30 -42.49
N GLN D 222 -67.32 -57.00 -41.39
CA GLN D 222 -68.61 -57.61 -41.14
C GLN D 222 -69.74 -56.99 -41.95
N ARG D 223 -69.49 -55.91 -42.68
CA ARG D 223 -70.49 -55.24 -43.50
C ARG D 223 -70.17 -55.36 -44.99
N SER D 224 -71.21 -55.34 -45.81
CA SER D 224 -71.01 -55.27 -47.25
C SER D 224 -71.84 -54.13 -47.85
N PRO D 225 -71.16 -53.19 -48.52
CA PRO D 225 -69.70 -53.21 -48.70
C PRO D 225 -68.94 -52.81 -47.43
N HIS D 226 -67.68 -53.24 -47.40
CA HIS D 226 -66.80 -52.86 -46.31
C HIS D 226 -66.74 -51.33 -46.24
N PRO D 227 -66.96 -50.73 -45.07
CA PRO D 227 -66.70 -49.30 -44.91
C PRO D 227 -65.20 -49.07 -44.89
N PHE D 228 -64.82 -47.80 -44.88
CA PHE D 228 -63.44 -47.37 -45.09
C PHE D 228 -62.85 -46.82 -43.79
N ILE D 229 -61.69 -47.33 -43.40
CA ILE D 229 -60.95 -46.85 -42.23
C ILE D 229 -59.69 -46.16 -42.71
N ASN D 230 -59.50 -44.92 -42.25
CA ASN D 230 -58.36 -44.10 -42.62
C ASN D 230 -57.49 -43.82 -41.40
N LEU D 231 -56.18 -44.00 -41.56
CA LEU D 231 -55.22 -43.63 -40.53
C LEU D 231 -54.73 -42.21 -40.84
N ASP D 232 -55.04 -41.28 -39.95
CA ASP D 232 -54.63 -39.89 -40.15
C ASP D 232 -53.22 -39.66 -39.63
N MET D 233 -52.62 -38.55 -40.06
CA MET D 233 -51.30 -38.17 -39.62
C MET D 233 -51.28 -36.68 -39.36
N GLU D 234 -50.77 -36.27 -38.19
CA GLU D 234 -50.61 -34.86 -37.86
C GLU D 234 -49.13 -34.48 -37.72
N GLU D 235 -48.38 -35.12 -36.83
CA GLU D 235 -47.01 -34.75 -36.49
C GLU D 235 -45.98 -35.62 -37.20
N TYR D 236 -44.78 -35.04 -37.44
CA TYR D 236 -43.72 -35.75 -38.15
C TYR D 236 -43.40 -37.08 -37.50
N LYS D 237 -43.48 -37.18 -36.17
CA LYS D 237 -43.19 -38.43 -35.47
C LYS D 237 -44.19 -39.52 -35.84
N ASP D 238 -45.38 -39.16 -36.28
CA ASP D 238 -46.40 -40.14 -36.62
C ASP D 238 -46.09 -40.89 -37.91
N LEU D 239 -45.10 -40.45 -38.67
CA LEU D 239 -45.01 -40.84 -40.07
C LEU D 239 -44.68 -42.31 -40.24
N HIS D 240 -43.52 -42.75 -39.76
CA HIS D 240 -43.08 -44.11 -40.05
C HIS D 240 -43.89 -45.16 -39.29
N VAL D 241 -44.28 -44.88 -38.04
CA VAL D 241 -45.06 -45.87 -37.30
C VAL D 241 -46.40 -46.10 -38.00
N THR D 242 -46.99 -45.04 -38.55
CA THR D 242 -48.31 -45.14 -39.18
C THR D 242 -48.25 -45.93 -40.48
N ILE D 243 -47.26 -45.65 -41.32
CA ILE D 243 -47.07 -46.44 -42.55
C ILE D 243 -46.83 -47.89 -42.19
N ARG D 244 -46.00 -48.13 -41.16
CA ARG D 244 -45.66 -49.49 -40.79
C ARG D 244 -46.89 -50.22 -40.24
N LEU D 245 -47.70 -49.55 -39.42
CA LEU D 245 -48.96 -50.13 -38.98
C LEU D 245 -49.86 -50.44 -40.16
N PHE D 246 -50.03 -49.47 -41.06
CA PHE D 246 -50.87 -49.64 -42.23
C PHE D 246 -50.42 -50.84 -43.05
N GLU D 247 -49.13 -50.92 -43.36
CA GLU D 247 -48.65 -51.96 -44.26
C GLU D 247 -48.62 -53.33 -43.58
N GLU D 248 -48.27 -53.38 -42.31
CA GLU D 248 -48.28 -54.67 -41.62
C GLU D 248 -49.71 -55.20 -41.49
N LEU D 249 -50.63 -54.34 -41.07
CA LEU D 249 -51.98 -54.79 -40.80
C LEU D 249 -52.67 -55.26 -42.06
N LEU D 250 -52.51 -54.52 -43.17
CA LEU D 250 -53.28 -54.79 -44.38
C LEU D 250 -52.76 -55.98 -45.20
N MET D 251 -51.61 -56.57 -44.83
CA MET D 251 -51.10 -57.78 -45.47
C MET D 251 -51.41 -59.04 -44.67
N GLU D 252 -51.95 -58.92 -43.46
CA GLU D 252 -52.40 -60.09 -42.72
C GLU D 252 -53.55 -60.78 -43.46
N GLU D 253 -53.52 -62.12 -43.46
CA GLU D 253 -54.52 -62.87 -44.22
C GLU D 253 -55.92 -62.40 -43.87
N GLU D 254 -56.14 -62.09 -42.59
CA GLU D 254 -57.46 -61.71 -42.11
C GLU D 254 -57.98 -60.49 -42.85
N PHE D 255 -57.11 -59.55 -43.17
CA PHE D 255 -57.50 -58.25 -43.71
C PHE D 255 -57.04 -58.06 -45.14
N LEU D 256 -56.62 -59.13 -45.81
CA LEU D 256 -55.99 -59.02 -47.13
C LEU D 256 -56.91 -58.39 -48.17
N GLY D 257 -58.23 -58.52 -48.00
CA GLY D 257 -59.15 -57.96 -48.97
C GLY D 257 -59.86 -56.69 -48.54
N LEU D 258 -59.30 -55.93 -47.59
CA LEU D 258 -59.95 -54.74 -47.05
C LEU D 258 -59.35 -53.48 -47.67
N GLU D 259 -60.19 -52.66 -48.29
CA GLU D 259 -59.78 -51.37 -48.80
C GLU D 259 -59.73 -50.36 -47.65
N ALA D 260 -58.53 -49.85 -47.35
CA ALA D 260 -58.34 -48.90 -46.25
C ALA D 260 -57.25 -47.90 -46.64
N GLY D 261 -57.18 -46.80 -45.91
CA GLY D 261 -56.48 -45.63 -46.37
C GLY D 261 -55.52 -45.05 -45.34
N ILE D 262 -54.68 -44.13 -45.82
CA ILE D 262 -53.67 -43.46 -45.03
C ILE D 262 -53.39 -42.10 -45.67
N VAL D 263 -52.97 -41.13 -44.83
CA VAL D 263 -52.73 -39.73 -45.20
C VAL D 263 -51.24 -39.53 -45.44
N LEU D 264 -50.90 -38.83 -46.51
CA LEU D 264 -49.55 -38.30 -46.68
C LEU D 264 -49.62 -36.78 -46.75
N GLN D 265 -48.71 -36.13 -46.03
CA GLN D 265 -48.61 -34.68 -45.96
C GLN D 265 -47.59 -34.19 -46.99
N ALA D 266 -48.08 -33.45 -47.99
CA ALA D 266 -47.20 -32.96 -49.06
C ALA D 266 -46.21 -31.90 -48.61
N TYR D 267 -46.39 -31.27 -47.43
CA TYR D 267 -45.39 -30.30 -47.01
C TYR D 267 -44.14 -30.95 -46.45
N LEU D 268 -44.17 -32.28 -46.28
CA LEU D 268 -42.97 -33.03 -45.91
C LEU D 268 -42.28 -33.51 -47.17
N PRO D 269 -41.05 -33.03 -47.46
CA PRO D 269 -40.35 -33.50 -48.65
C PRO D 269 -40.24 -35.03 -48.73
N ASP D 270 -39.97 -35.72 -47.61
CA ASP D 270 -39.78 -37.15 -47.68
C ASP D 270 -41.09 -37.94 -47.81
N SER D 271 -42.24 -37.25 -47.86
CA SER D 271 -43.48 -37.96 -48.14
C SER D 271 -43.59 -38.35 -49.60
N PHE D 272 -42.81 -37.74 -50.50
CA PHE D 272 -42.76 -38.25 -51.86
C PHE D 272 -42.09 -39.62 -51.85
N GLN D 273 -41.03 -39.77 -51.04
CA GLN D 273 -40.43 -41.09 -50.90
C GLN D 273 -41.41 -42.09 -50.27
N ALA D 274 -42.20 -41.64 -49.29
CA ALA D 274 -43.25 -42.48 -48.73
C ALA D 274 -44.26 -42.91 -49.79
N LEU D 275 -44.61 -41.99 -50.69
CA LEU D 275 -45.58 -42.34 -51.72
C LEU D 275 -45.03 -43.41 -52.65
N GLN D 276 -43.75 -43.32 -53.01
CA GLN D 276 -43.16 -44.35 -53.87
C GLN D 276 -43.19 -45.72 -53.19
N GLN D 277 -42.89 -45.76 -51.88
CA GLN D 277 -42.87 -47.03 -51.19
C GLN D 277 -44.29 -47.60 -51.05
N LEU D 278 -45.27 -46.74 -50.78
CA LEU D 278 -46.66 -47.18 -50.74
C LEU D 278 -47.13 -47.66 -52.11
N ALA D 279 -46.60 -47.09 -53.19
CA ALA D 279 -47.00 -47.57 -54.50
C ALA D 279 -46.45 -48.96 -54.78
N ASP D 280 -45.20 -49.21 -54.35
CA ASP D 280 -44.62 -50.54 -54.49
C ASP D 280 -45.36 -51.54 -53.60
N PHE D 281 -45.66 -51.13 -52.36
CA PHE D 281 -46.40 -51.98 -51.42
C PHE D 281 -47.75 -52.39 -52.02
N ALA D 282 -48.48 -51.44 -52.60
CA ALA D 282 -49.77 -51.75 -53.21
C ALA D 282 -49.64 -52.75 -54.35
N LYS D 283 -48.52 -52.71 -55.08
CA LYS D 283 -48.30 -53.73 -56.10
C LYS D 283 -48.03 -55.08 -55.44
N ARG D 284 -47.23 -55.08 -54.36
CA ARG D 284 -47.00 -56.32 -53.64
C ARG D 284 -48.33 -56.90 -53.14
N ARG D 285 -49.22 -56.02 -52.67
CA ARG D 285 -50.49 -56.46 -52.12
C ARG D 285 -51.39 -57.06 -53.19
N ALA D 286 -51.60 -56.33 -54.29
CA ALA D 286 -52.46 -56.84 -55.36
C ALA D 286 -52.00 -58.22 -55.83
N ALA D 287 -50.69 -58.39 -56.02
CA ALA D 287 -50.14 -59.67 -56.46
C ALA D 287 -50.54 -60.81 -55.51
N ALA D 288 -50.56 -60.54 -54.20
CA ALA D 288 -50.94 -61.53 -53.22
C ALA D 288 -52.45 -61.76 -53.15
N GLY D 289 -53.20 -61.21 -54.11
CA GLY D 289 -54.64 -61.28 -54.13
C GLY D 289 -55.36 -60.26 -53.27
N GLY D 290 -54.66 -59.25 -52.78
CA GLY D 290 -55.26 -58.30 -51.86
C GLY D 290 -55.90 -57.10 -52.54
N ALA D 291 -56.63 -56.32 -51.75
CA ALA D 291 -57.38 -55.19 -52.26
C ALA D 291 -56.51 -53.94 -52.37
N LYS D 292 -57.05 -52.93 -53.07
CA LYS D 292 -56.38 -51.67 -53.32
C LYS D 292 -56.21 -50.89 -52.01
N ILE D 293 -55.27 -49.94 -52.00
CA ILE D 293 -55.14 -48.99 -50.90
C ILE D 293 -55.57 -47.61 -51.40
N LYS D 294 -55.75 -46.69 -50.46
CA LYS D 294 -56.03 -45.30 -50.81
C LYS D 294 -55.18 -44.36 -49.98
N ILE D 295 -54.55 -43.40 -50.66
CA ILE D 295 -53.79 -42.35 -50.03
C ILE D 295 -54.59 -41.05 -50.16
N ARG D 296 -54.81 -40.40 -49.03
CA ARG D 296 -55.32 -39.03 -49.00
C ARG D 296 -54.14 -38.07 -49.03
N LEU D 297 -54.04 -37.28 -50.10
CA LEU D 297 -53.02 -36.24 -50.20
C LEU D 297 -53.52 -34.97 -49.54
N VAL D 298 -52.80 -34.51 -48.51
CA VAL D 298 -53.07 -33.24 -47.86
C VAL D 298 -51.79 -32.42 -47.90
N LYS D 299 -51.94 -31.10 -47.76
CA LYS D 299 -50.73 -30.29 -47.72
C LYS D 299 -50.06 -30.31 -46.34
N GLY D 300 -50.85 -30.27 -45.25
CA GLY D 300 -50.32 -30.38 -43.90
C GLY D 300 -50.80 -29.31 -42.95
N ALA D 301 -51.24 -29.68 -41.75
CA ALA D 301 -51.96 -28.76 -40.88
C ALA D 301 -51.21 -28.37 -39.60
N ASN D 302 -49.96 -28.80 -39.44
CA ASN D 302 -49.25 -28.69 -38.17
C ASN D 302 -47.97 -27.85 -38.27
N LEU D 303 -47.93 -26.88 -39.20
CA LEU D 303 -46.68 -26.16 -39.47
C LEU D 303 -46.19 -25.38 -38.25
N SER D 304 -47.08 -24.67 -37.55
CA SER D 304 -46.69 -23.92 -36.34
C SER D 304 -45.92 -24.80 -35.36
N MET D 305 -46.55 -25.87 -34.89
CA MET D 305 -45.87 -26.73 -33.93
C MET D 305 -44.69 -27.48 -34.55
N GLU D 306 -44.70 -27.72 -35.86
CA GLU D 306 -43.56 -28.38 -36.47
C GLU D 306 -42.30 -27.52 -36.42
N LYS D 307 -42.48 -26.19 -36.48
CA LYS D 307 -41.36 -25.26 -36.39
C LYS D 307 -40.93 -25.05 -34.94
N VAL D 308 -41.91 -25.03 -34.02
CA VAL D 308 -41.57 -24.96 -32.60
C VAL D 308 -40.69 -26.14 -32.21
N ASP D 309 -41.14 -27.37 -32.52
CA ASP D 309 -40.36 -28.55 -32.19
C ASP D 309 -38.93 -28.44 -32.73
N ALA D 310 -38.82 -27.97 -33.97
CA ALA D 310 -37.52 -27.79 -34.59
C ALA D 310 -36.70 -26.71 -33.85
N GLU D 311 -37.28 -25.53 -33.61
CA GLU D 311 -36.46 -24.46 -33.04
C GLU D 311 -35.97 -24.82 -31.63
N LEU D 312 -36.80 -25.55 -30.88
CA LEU D 312 -36.43 -25.95 -29.52
C LEU D 312 -35.26 -26.91 -29.51
N HIS D 313 -35.25 -27.91 -30.39
CA HIS D 313 -34.25 -28.97 -30.34
C HIS D 313 -33.00 -28.71 -31.17
N GLY D 314 -32.96 -27.63 -31.96
CA GLY D 314 -31.85 -27.43 -32.88
C GLY D 314 -31.94 -28.29 -34.12
N TRP D 315 -33.12 -28.49 -34.64
CA TRP D 315 -33.34 -29.29 -35.83
C TRP D 315 -33.92 -28.39 -36.91
N TYR D 316 -33.85 -28.85 -38.17
CA TYR D 316 -34.66 -28.20 -39.18
C TYR D 316 -36.13 -28.56 -39.00
N PRO D 317 -37.04 -27.66 -39.34
CA PRO D 317 -38.44 -28.07 -39.43
C PRO D 317 -38.56 -29.22 -40.42
N ALA D 318 -39.38 -30.19 -40.08
CA ALA D 318 -39.62 -31.28 -41.02
C ALA D 318 -40.28 -30.79 -42.31
N PRO D 319 -41.22 -29.84 -42.28
CA PRO D 319 -41.82 -29.36 -43.54
C PRO D 319 -40.90 -28.41 -44.29
N TYR D 320 -41.29 -28.16 -45.53
CA TYR D 320 -40.55 -27.25 -46.39
C TYR D 320 -40.50 -25.86 -45.77
N ALA D 321 -39.54 -25.06 -46.24
CA ALA D 321 -39.41 -23.69 -45.76
C ALA D 321 -40.44 -22.75 -46.37
N THR D 322 -40.93 -23.03 -47.58
CA THR D 322 -41.88 -22.13 -48.25
C THR D 322 -43.13 -22.88 -48.71
N LYS D 323 -44.28 -22.18 -48.74
CA LYS D 323 -45.49 -22.79 -49.31
C LYS D 323 -45.35 -23.07 -50.80
N GLU D 324 -44.51 -22.30 -51.50
CA GLU D 324 -44.27 -22.59 -52.89
C GLU D 324 -43.76 -24.02 -53.04
N GLU D 325 -42.90 -24.45 -52.11
CA GLU D 325 -42.43 -25.82 -52.21
C GLU D 325 -43.53 -26.81 -51.89
N VAL D 326 -44.45 -26.45 -50.99
CA VAL D 326 -45.55 -27.35 -50.69
C VAL D 326 -46.46 -27.53 -51.90
N ASP D 327 -46.88 -26.41 -52.51
CA ASP D 327 -47.73 -26.50 -53.69
C ASP D 327 -47.07 -27.34 -54.77
N ALA D 328 -45.74 -27.23 -54.90
CA ALA D 328 -45.01 -27.99 -55.92
C ALA D 328 -45.02 -29.48 -55.62
N ASN D 329 -44.67 -29.86 -54.39
CA ASN D 329 -44.68 -31.28 -54.06
C ASN D 329 -46.08 -31.87 -54.10
N PHE D 330 -47.11 -31.07 -53.77
CA PHE D 330 -48.48 -31.54 -53.91
C PHE D 330 -48.77 -31.95 -55.36
N LEU D 331 -48.35 -31.14 -56.34
CA LEU D 331 -48.52 -31.53 -57.73
C LEU D 331 -47.62 -32.69 -58.11
N ARG D 332 -46.42 -32.76 -57.54
CA ARG D 332 -45.55 -33.88 -57.89
C ARG D 332 -46.16 -35.22 -57.48
N MET D 333 -46.72 -35.30 -56.28
CA MET D 333 -47.26 -36.58 -55.81
C MET D 333 -48.51 -36.97 -56.58
N MET D 334 -49.36 -35.98 -56.88
CA MET D 334 -50.52 -36.19 -57.73
C MET D 334 -50.11 -36.71 -59.10
N ASP D 335 -49.14 -36.04 -59.71
CA ASP D 335 -48.59 -36.41 -61.01
C ASP D 335 -48.10 -37.85 -61.02
N TYR D 336 -47.35 -38.23 -59.99
CA TYR D 336 -46.69 -39.53 -59.97
C TYR D 336 -47.69 -40.66 -59.84
N ILE D 337 -48.72 -40.48 -59.01
CA ILE D 337 -49.50 -41.62 -58.52
C ILE D 337 -50.74 -41.84 -59.37
N LEU D 338 -51.25 -40.78 -59.99
CA LEU D 338 -52.47 -40.87 -60.81
C LEU D 338 -52.14 -41.38 -62.23
N ARG D 339 -51.80 -42.67 -62.30
CA ARG D 339 -51.38 -43.35 -63.52
C ARG D 339 -52.05 -44.70 -63.60
N PRO D 340 -52.06 -45.33 -64.78
CA PRO D 340 -52.52 -46.72 -64.83
C PRO D 340 -51.56 -47.69 -64.16
N GLU D 341 -50.27 -47.36 -64.15
CA GLU D 341 -49.28 -48.18 -63.46
C GLU D 341 -49.69 -48.43 -62.00
N HIS D 342 -50.28 -47.41 -61.35
CA HIS D 342 -50.67 -47.46 -59.96
C HIS D 342 -52.19 -47.51 -59.82
N GLU D 343 -52.82 -48.36 -60.63
CA GLU D 343 -54.26 -48.57 -60.54
C GLU D 343 -54.68 -49.05 -59.16
N ASN D 344 -53.77 -49.66 -58.41
CA ASN D 344 -54.10 -50.24 -57.12
C ASN D 344 -54.02 -49.25 -55.98
N VAL D 345 -53.65 -47.99 -56.25
CA VAL D 345 -53.55 -46.94 -55.24
C VAL D 345 -54.61 -45.89 -55.59
N ARG D 346 -55.75 -45.93 -54.91
CA ARG D 346 -56.70 -44.83 -55.06
C ARG D 346 -56.16 -43.59 -54.34
N VAL D 347 -56.68 -42.43 -54.74
CA VAL D 347 -56.13 -41.15 -54.31
C VAL D 347 -57.25 -40.23 -53.89
N GLY D 348 -57.17 -39.72 -52.66
CA GLY D 348 -58.02 -38.65 -52.19
C GLY D 348 -57.30 -37.31 -52.20
N ILE D 349 -57.70 -36.42 -53.09
CA ILE D 349 -57.16 -35.06 -53.11
C ILE D 349 -57.95 -34.24 -52.10
N ALA D 350 -57.27 -33.82 -51.04
CA ALA D 350 -57.88 -33.09 -49.92
C ALA D 350 -57.32 -31.67 -49.89
N SER D 351 -58.00 -30.78 -50.61
CA SER D 351 -57.54 -29.40 -50.76
C SER D 351 -58.73 -28.52 -51.08
N HIS D 352 -58.74 -27.28 -50.56
CA HIS D 352 -59.68 -26.28 -51.04
C HIS D 352 -59.09 -25.37 -52.11
N ASN D 353 -57.82 -25.54 -52.44
CA ASN D 353 -57.21 -24.82 -53.54
C ASN D 353 -57.73 -25.38 -54.85
N LEU D 354 -58.55 -24.59 -55.55
CA LEU D 354 -59.23 -25.10 -56.74
C LEU D 354 -58.25 -25.47 -57.85
N PHE D 355 -57.08 -24.82 -57.89
CA PHE D 355 -56.08 -25.17 -58.90
C PHE D 355 -55.49 -26.56 -58.65
N SER D 356 -55.16 -26.86 -57.39
CA SER D 356 -54.72 -28.22 -57.07
C SER D 356 -55.78 -29.26 -57.43
N VAL D 357 -57.06 -28.95 -57.19
CA VAL D 357 -58.10 -29.93 -57.45
C VAL D 357 -58.36 -30.05 -58.94
N ALA D 358 -58.44 -28.92 -59.64
CA ALA D 358 -58.62 -28.97 -61.09
C ALA D 358 -57.49 -29.72 -61.79
N SER D 359 -56.28 -29.67 -61.23
CA SER D 359 -55.17 -30.43 -61.79
C SER D 359 -55.42 -31.93 -61.70
N ALA D 360 -55.76 -32.41 -60.50
CA ALA D 360 -56.06 -33.83 -60.32
C ALA D 360 -57.22 -34.27 -61.20
N TYR D 361 -58.24 -33.42 -61.35
CA TYR D 361 -59.34 -33.73 -62.25
C TYR D 361 -58.83 -33.92 -63.66
N GLU D 362 -58.11 -32.92 -64.18
CA GLU D 362 -57.66 -32.95 -65.57
C GLU D 362 -56.64 -34.05 -65.81
N LEU D 363 -55.76 -34.31 -64.83
CA LEU D 363 -54.87 -35.46 -64.95
C LEU D 363 -55.65 -36.77 -65.03
N SER D 364 -56.68 -36.94 -64.21
CA SER D 364 -57.39 -38.21 -64.24
C SER D 364 -58.08 -38.43 -65.58
N VAL D 365 -58.69 -37.37 -66.12
CA VAL D 365 -59.40 -37.48 -67.40
C VAL D 365 -58.40 -37.69 -68.54
N GLU D 366 -57.28 -36.95 -68.51
CA GLU D 366 -56.26 -37.07 -69.55
C GLU D 366 -55.62 -38.46 -69.56
N ARG D 367 -55.57 -39.14 -68.42
CA ARG D 367 -54.86 -40.40 -68.31
C ARG D 367 -55.75 -41.63 -68.23
N GLY D 368 -57.06 -41.45 -68.14
CA GLY D 368 -57.97 -42.59 -68.08
C GLY D 368 -58.08 -43.25 -66.73
N VAL D 369 -57.87 -42.50 -65.63
CA VAL D 369 -57.80 -43.09 -64.30
C VAL D 369 -58.83 -42.44 -63.37
N GLU D 370 -60.00 -42.07 -63.91
CA GLU D 370 -61.00 -41.37 -63.09
C GLU D 370 -61.46 -42.21 -61.89
N THR D 371 -61.44 -43.55 -62.02
CA THR D 371 -61.88 -44.45 -60.94
C THR D 371 -60.87 -44.50 -59.76
N GLN D 372 -59.83 -43.67 -59.77
CA GLN D 372 -58.92 -43.58 -58.64
C GLN D 372 -58.94 -42.23 -57.97
N LEU D 373 -59.79 -41.31 -58.41
CA LEU D 373 -59.75 -39.93 -57.95
C LEU D 373 -60.99 -39.68 -57.09
N ASP D 374 -60.76 -39.43 -55.81
CA ASP D 374 -61.76 -38.81 -54.95
C ASP D 374 -61.23 -37.44 -54.56
N VAL D 375 -62.14 -36.51 -54.30
CA VAL D 375 -61.79 -35.20 -53.75
C VAL D 375 -62.42 -35.13 -52.37
N GLU D 376 -61.60 -34.79 -51.37
CA GLU D 376 -62.04 -34.70 -49.98
C GLU D 376 -62.01 -33.24 -49.54
N MET D 377 -63.12 -32.76 -48.97
CA MET D 377 -63.28 -31.34 -48.63
C MET D 377 -63.87 -31.18 -47.22
N LEU D 378 -63.96 -29.92 -46.78
CA LEU D 378 -64.46 -29.58 -45.45
C LEU D 378 -65.99 -29.44 -45.50
N GLN D 379 -66.67 -30.27 -44.72
CA GLN D 379 -68.13 -30.31 -44.81
C GLN D 379 -68.73 -28.97 -44.42
N GLY D 380 -69.40 -28.34 -45.38
CA GLY D 380 -70.08 -27.09 -45.13
C GLY D 380 -69.26 -25.85 -45.38
N MET D 381 -67.94 -25.98 -45.51
CA MET D 381 -67.07 -24.83 -45.68
C MET D 381 -67.36 -24.07 -46.99
N ALA D 382 -67.09 -24.68 -48.14
CA ALA D 382 -67.21 -24.01 -49.43
C ALA D 382 -68.23 -24.74 -50.31
N PRO D 383 -69.53 -24.62 -49.97
CA PRO D 383 -70.53 -25.53 -50.53
C PRO D 383 -70.77 -25.40 -52.03
N ALA D 384 -70.91 -24.18 -52.54
CA ALA D 384 -71.13 -24.02 -53.97
C ALA D 384 -69.99 -24.61 -54.78
N GLN D 385 -68.75 -24.36 -54.34
CA GLN D 385 -67.58 -24.94 -55.00
C GLN D 385 -67.65 -26.47 -55.01
N ALA D 386 -67.82 -27.08 -53.82
CA ALA D 386 -67.80 -28.54 -53.73
C ALA D 386 -68.89 -29.18 -54.57
N GLU D 387 -70.01 -28.48 -54.81
CA GLU D 387 -71.05 -29.02 -55.67
C GLU D 387 -70.61 -29.01 -57.12
N ALA D 388 -69.89 -27.98 -57.54
CA ALA D 388 -69.32 -27.98 -58.89
C ALA D 388 -68.33 -29.12 -59.05
N VAL D 389 -67.44 -29.29 -58.06
CA VAL D 389 -66.45 -30.35 -58.10
C VAL D 389 -67.11 -31.72 -58.24
N ARG D 390 -68.19 -31.96 -57.47
CA ARG D 390 -68.79 -33.29 -57.44
C ARG D 390 -69.28 -33.70 -58.80
N GLN D 391 -70.03 -32.83 -59.49
CA GLN D 391 -70.50 -33.18 -60.82
C GLN D 391 -69.33 -33.55 -61.73
N ALA D 392 -68.16 -32.95 -61.49
CA ALA D 392 -66.99 -33.23 -62.31
C ALA D 392 -66.28 -34.51 -61.86
N VAL D 393 -65.90 -34.59 -60.59
CA VAL D 393 -65.02 -35.65 -60.12
C VAL D 393 -65.74 -36.94 -59.70
N GLY D 394 -67.05 -36.88 -59.48
CA GLY D 394 -67.83 -38.02 -59.00
C GLY D 394 -67.98 -38.13 -57.49
N THR D 395 -66.91 -38.58 -56.83
CA THR D 395 -66.91 -38.86 -55.40
C THR D 395 -66.28 -37.68 -54.66
N VAL D 396 -67.07 -37.01 -53.83
CA VAL D 396 -66.59 -36.01 -52.89
C VAL D 396 -66.89 -36.49 -51.47
N ILE D 397 -65.86 -36.47 -50.62
CA ILE D 397 -65.92 -37.03 -49.28
C ILE D 397 -65.68 -35.89 -48.30
N LEU D 398 -66.70 -35.58 -47.50
CA LEU D 398 -66.70 -34.38 -46.67
C LEU D 398 -66.34 -34.69 -45.22
N TYR D 399 -65.34 -33.97 -44.70
CA TYR D 399 -64.88 -34.10 -43.32
C TYR D 399 -65.98 -33.68 -42.35
N THR D 400 -66.39 -34.60 -41.49
CA THR D 400 -67.47 -34.37 -40.53
C THR D 400 -66.97 -34.61 -39.12
N PRO D 401 -66.76 -33.56 -38.32
CA PRO D 401 -66.26 -33.75 -36.95
C PRO D 401 -67.41 -34.04 -35.99
N VAL D 402 -67.25 -35.08 -35.17
CA VAL D 402 -68.22 -35.43 -34.15
C VAL D 402 -67.49 -35.65 -32.82
N VAL D 403 -68.25 -35.57 -31.73
CA VAL D 403 -67.66 -35.59 -30.40
C VAL D 403 -68.68 -36.14 -29.42
N HIS D 404 -68.20 -36.74 -28.32
CA HIS D 404 -69.08 -37.06 -27.21
C HIS D 404 -69.47 -35.77 -26.51
N ALA D 405 -70.73 -35.70 -26.07
CA ALA D 405 -71.28 -34.43 -25.61
C ALA D 405 -70.41 -33.81 -24.53
N GLU D 406 -69.88 -34.65 -23.63
CA GLU D 406 -69.07 -34.18 -22.52
C GLU D 406 -67.96 -33.21 -22.97
N ASP D 407 -67.42 -33.43 -24.18
CA ASP D 407 -66.18 -32.77 -24.60
C ASP D 407 -66.40 -31.80 -25.77
N PHE D 408 -67.62 -31.31 -25.96
CA PHE D 408 -67.93 -30.43 -27.09
C PHE D 408 -67.00 -29.22 -27.12
N ASP D 409 -67.03 -28.40 -26.06
CA ASP D 409 -66.27 -27.15 -26.05
C ASP D 409 -64.78 -27.38 -26.32
N VAL D 410 -64.24 -28.55 -25.96
CA VAL D 410 -62.81 -28.79 -26.18
C VAL D 410 -62.54 -29.00 -27.66
N ALA D 411 -63.42 -29.72 -28.34
CA ALA D 411 -63.19 -30.05 -29.74
C ALA D 411 -63.31 -28.81 -30.62
N VAL D 412 -64.20 -27.87 -30.27
CA VAL D 412 -64.37 -26.68 -31.11
C VAL D 412 -63.13 -25.80 -31.07
N SER D 413 -62.39 -25.84 -29.96
CA SER D 413 -61.09 -25.15 -29.91
C SER D 413 -60.09 -25.82 -30.84
N TYR D 414 -59.96 -27.15 -30.75
CA TYR D 414 -59.05 -27.89 -31.63
C TYR D 414 -59.35 -27.59 -33.09
N LEU D 415 -60.63 -27.48 -33.44
CA LEU D 415 -61.00 -27.22 -34.83
C LEU D 415 -60.65 -25.79 -35.24
N VAL D 416 -60.92 -24.81 -34.38
CA VAL D 416 -60.69 -23.42 -34.73
C VAL D 416 -59.19 -23.12 -34.87
N ARG D 417 -58.36 -23.67 -33.96
CA ARG D 417 -56.92 -23.44 -34.09
C ARG D 417 -56.36 -24.03 -35.37
N ARG D 418 -56.90 -25.15 -35.83
CA ARG D 418 -56.45 -25.77 -37.07
C ARG D 418 -57.01 -25.03 -38.29
N LEU D 419 -58.27 -24.59 -38.23
CA LEU D 419 -58.81 -23.80 -39.32
C LEU D 419 -58.38 -22.33 -39.26
N GLU D 420 -57.79 -21.88 -38.16
CA GLU D 420 -57.24 -20.53 -38.11
C GLU D 420 -56.10 -20.39 -39.10
N GLU D 421 -55.05 -21.20 -38.92
CA GLU D 421 -53.87 -21.20 -39.77
C GLU D 421 -54.23 -21.54 -41.21
N ASN D 422 -54.48 -22.83 -41.46
CA ASN D 422 -54.63 -23.37 -42.82
C ASN D 422 -55.89 -22.91 -43.55
N LEU D 437 -57.78 -13.07 -57.70
CA LEU D 437 -57.72 -14.31 -58.45
C LEU D 437 -56.50 -14.33 -59.37
N THR D 438 -56.02 -13.13 -59.71
CA THR D 438 -54.97 -13.00 -60.72
C THR D 438 -53.65 -13.60 -60.26
N GLU D 439 -53.13 -13.15 -59.12
CA GLU D 439 -51.88 -13.70 -58.62
C GLU D 439 -52.02 -15.16 -58.19
N GLN D 440 -53.23 -15.61 -57.85
CA GLN D 440 -53.42 -17.02 -57.50
C GLN D 440 -53.05 -17.93 -58.68
N GLU D 441 -53.46 -17.56 -59.91
CA GLU D 441 -53.04 -18.28 -61.12
C GLU D 441 -51.54 -18.18 -61.35
N ALA D 442 -50.91 -17.08 -60.92
CA ALA D 442 -49.47 -16.94 -61.05
C ALA D 442 -48.73 -17.96 -60.19
N ARG D 443 -49.10 -18.05 -58.91
CA ARG D 443 -48.47 -19.02 -58.02
C ARG D 443 -48.65 -20.46 -58.52
N PHE D 444 -49.83 -20.76 -59.11
CA PHE D 444 -50.10 -22.12 -59.56
C PHE D 444 -49.18 -22.52 -60.71
N ARG D 445 -49.12 -21.70 -61.75
CA ARG D 445 -48.13 -21.86 -62.81
C ARG D 445 -46.75 -22.20 -62.26
N GLU D 446 -46.31 -21.46 -61.23
CA GLU D 446 -44.96 -21.62 -60.74
C GLU D 446 -44.77 -22.97 -60.04
N SER D 447 -45.79 -23.42 -59.30
CA SER D 447 -45.67 -24.71 -58.66
C SER D 447 -45.61 -25.85 -59.69
N VAL D 448 -46.25 -25.67 -60.85
CA VAL D 448 -46.09 -26.65 -61.93
C VAL D 448 -44.63 -26.71 -62.38
N ALA D 449 -43.99 -25.54 -62.53
CA ALA D 449 -42.61 -25.53 -63.02
C ALA D 449 -41.65 -26.15 -62.01
N GLN D 450 -41.90 -25.95 -60.70
CA GLN D 450 -40.99 -26.46 -59.68
C GLN D 450 -41.29 -27.90 -59.23
N ARG D 451 -42.40 -28.48 -59.72
CA ARG D 451 -42.90 -29.79 -59.31
C ARG D 451 -41.83 -30.87 -59.13
N TRP D 452 -40.91 -31.01 -60.11
CA TRP D 452 -39.85 -32.01 -60.06
C TRP D 452 -38.54 -31.50 -59.45
N LYS D 453 -38.44 -30.22 -59.11
CA LYS D 453 -37.19 -29.66 -58.62
C LYS D 453 -37.10 -29.55 -57.10
N VAL D 454 -38.24 -29.56 -56.39
CA VAL D 454 -38.23 -29.50 -54.94
C VAL D 454 -37.58 -30.75 -54.35
N ALA D 455 -37.06 -30.61 -53.13
CA ALA D 455 -36.27 -31.67 -52.53
C ALA D 455 -37.15 -32.87 -52.18
N GLU D 456 -36.50 -34.01 -51.95
CA GLU D 456 -37.22 -35.19 -51.52
C GLU D 456 -36.61 -35.88 -50.32
N ASP D 457 -35.39 -35.54 -49.91
CA ASP D 457 -34.83 -36.09 -48.69
C ASP D 457 -35.56 -35.52 -47.48
N SER D 458 -35.40 -36.17 -46.33
CA SER D 458 -35.97 -35.62 -45.10
C SER D 458 -35.12 -34.46 -44.61
N ARG D 459 -35.76 -33.33 -44.30
CA ARG D 459 -35.03 -32.21 -43.73
C ARG D 459 -34.28 -32.59 -42.47
N ARG D 460 -34.68 -33.66 -41.78
CA ARG D 460 -34.02 -34.04 -40.54
C ARG D 460 -32.70 -34.78 -40.77
N LEU D 461 -32.29 -35.01 -42.02
CA LEU D 461 -31.10 -35.83 -42.26
C LEU D 461 -29.84 -35.16 -41.77
N SER D 462 -29.86 -33.83 -41.61
CA SER D 462 -28.80 -33.10 -40.93
C SER D 462 -29.43 -31.94 -40.17
N THR D 463 -28.60 -31.16 -39.48
CA THR D 463 -29.08 -30.16 -38.55
C THR D 463 -28.47 -28.80 -38.85
N PRO D 464 -29.16 -27.73 -38.52
CA PRO D 464 -28.58 -26.39 -38.70
C PRO D 464 -27.42 -26.17 -37.75
N GLU D 465 -26.63 -25.14 -38.04
CA GLU D 465 -25.57 -24.71 -37.12
C GLU D 465 -26.20 -24.02 -35.91
N THR D 466 -25.92 -24.55 -34.73
CA THR D 466 -26.44 -23.96 -33.49
C THR D 466 -25.35 -23.93 -32.45
N PHE D 467 -25.52 -23.06 -31.47
CA PHE D 467 -24.58 -23.11 -30.36
C PHE D 467 -24.81 -24.34 -29.47
N ASN D 468 -26.03 -24.56 -28.99
CA ASN D 468 -26.27 -25.73 -28.16
C ASN D 468 -26.25 -27.00 -29.01
N ALA D 469 -25.53 -28.01 -28.54
CA ALA D 469 -25.53 -29.30 -29.24
C ALA D 469 -26.94 -29.87 -29.27
N SER D 470 -27.35 -30.38 -30.44
CA SER D 470 -28.72 -30.83 -30.65
C SER D 470 -28.86 -32.30 -30.29
N ASP D 471 -30.01 -32.65 -29.72
CA ASP D 471 -30.26 -34.03 -29.29
C ASP D 471 -30.42 -34.96 -30.50
N SER D 472 -30.41 -36.25 -30.18
CA SER D 472 -30.70 -37.29 -31.15
C SER D 472 -32.16 -37.21 -31.60
N ASP D 473 -32.42 -37.46 -32.90
CA ASP D 473 -33.77 -37.32 -33.42
C ASP D 473 -34.41 -38.69 -33.64
N PRO D 474 -35.35 -39.12 -32.79
CA PRO D 474 -35.99 -40.43 -33.01
C PRO D 474 -36.91 -40.45 -34.20
N ALA D 475 -37.06 -39.33 -34.90
CA ALA D 475 -37.81 -39.30 -36.14
C ALA D 475 -37.02 -39.91 -37.30
N LEU D 476 -35.69 -39.99 -37.20
CA LEU D 476 -34.89 -40.70 -38.18
C LEU D 476 -34.87 -42.20 -37.89
N LEU D 477 -35.10 -43.01 -38.93
CA LEU D 477 -35.01 -44.46 -38.79
C LEU D 477 -33.59 -44.89 -38.53
N SER D 478 -32.62 -44.13 -39.02
CA SER D 478 -31.21 -44.41 -38.75
C SER D 478 -30.90 -44.22 -37.28
N THR D 479 -31.61 -43.30 -36.62
CA THR D 479 -31.47 -43.13 -35.18
C THR D 479 -32.02 -44.33 -34.45
N LEU D 480 -33.26 -44.72 -34.78
CA LEU D 480 -33.88 -45.87 -34.16
C LEU D 480 -33.08 -47.13 -34.39
N GLU D 481 -32.18 -47.13 -35.38
CA GLU D 481 -31.38 -48.33 -35.60
C GLU D 481 -30.22 -48.40 -34.61
N TRP D 482 -29.49 -47.30 -34.41
CA TRP D 482 -28.39 -47.37 -33.45
C TRP D 482 -28.90 -47.40 -32.02
N ALA D 483 -30.14 -46.99 -31.81
CA ALA D 483 -30.76 -47.09 -30.48
C ALA D 483 -30.97 -48.55 -30.07
N ARG D 484 -31.30 -49.42 -31.02
CA ARG D 484 -31.44 -50.85 -30.74
C ARG D 484 -30.10 -51.48 -30.42
N THR D 485 -29.03 -51.00 -31.03
CA THR D 485 -27.73 -51.65 -30.92
C THR D 485 -26.91 -51.08 -29.78
N LEU D 486 -27.54 -50.43 -28.80
CA LEU D 486 -26.79 -49.81 -27.73
C LEU D 486 -26.12 -50.87 -26.89
N GLU D 487 -24.91 -50.60 -26.41
CA GLU D 487 -24.13 -51.58 -25.69
C GLU D 487 -24.21 -51.32 -24.19
N ASP D 488 -23.57 -52.19 -23.40
CA ASP D 488 -23.55 -52.08 -21.95
C ASP D 488 -22.09 -52.05 -21.51
N PRO D 489 -21.42 -50.90 -21.66
CA PRO D 489 -19.98 -50.85 -21.42
C PRO D 489 -19.65 -51.17 -19.98
N GLN D 490 -18.57 -51.92 -19.79
CA GLN D 490 -18.12 -52.36 -18.46
C GLN D 490 -16.64 -52.05 -18.25
N PRO D 491 -16.25 -50.77 -18.20
CA PRO D 491 -14.86 -50.45 -17.87
C PRO D 491 -14.55 -50.79 -16.42
N LYS D 492 -13.32 -51.21 -16.20
CA LYS D 492 -12.82 -51.44 -14.84
C LYS D 492 -12.52 -50.11 -14.14
N TRP D 493 -12.59 -50.14 -12.80
CA TRP D 493 -12.22 -48.98 -12.00
C TRP D 493 -11.57 -49.46 -10.71
N ARG D 494 -10.66 -48.65 -10.18
CA ARG D 494 -9.91 -48.97 -8.96
C ARG D 494 -10.41 -48.12 -7.81
N LEU D 495 -10.75 -48.76 -6.70
CA LEU D 495 -11.17 -48.04 -5.50
C LEU D 495 -9.94 -47.52 -4.78
N ILE D 496 -9.99 -46.25 -4.39
CA ILE D 496 -8.93 -45.60 -3.64
C ILE D 496 -9.26 -45.68 -2.16
N THR D 497 -8.39 -46.30 -1.37
CA THR D 497 -8.64 -46.34 0.07
C THR D 497 -7.47 -45.88 0.92
N ASP D 498 -6.28 -45.75 0.33
CA ASP D 498 -5.08 -45.34 1.05
C ASP D 498 -4.97 -43.82 1.05
N VAL D 499 -5.03 -43.21 2.24
CA VAL D 499 -4.96 -41.76 2.38
C VAL D 499 -3.73 -41.23 1.70
N GLU D 500 -2.64 -42.00 1.70
CA GLU D 500 -1.41 -41.54 1.08
C GLU D 500 -1.50 -41.53 -0.44
N GLU D 501 -2.38 -42.34 -1.02
CA GLU D 501 -2.55 -42.22 -2.47
C GLU D 501 -3.26 -40.93 -2.80
N VAL D 502 -4.17 -40.49 -1.93
CA VAL D 502 -4.80 -39.19 -2.13
C VAL D 502 -3.75 -38.09 -2.09
N ASP D 503 -2.86 -38.14 -1.11
CA ASP D 503 -1.86 -37.08 -0.99
C ASP D 503 -0.94 -37.05 -2.20
N LYS D 504 -0.41 -38.22 -2.60
CA LYS D 504 0.54 -38.27 -3.72
C LYS D 504 -0.10 -37.74 -4.99
N THR D 505 -1.34 -38.14 -5.26
CA THR D 505 -2.03 -37.68 -6.46
C THR D 505 -2.28 -36.17 -6.40
N VAL D 506 -2.74 -35.67 -5.24
CA VAL D 506 -2.99 -34.24 -5.08
C VAL D 506 -1.70 -33.45 -5.31
N ALA D 507 -0.56 -33.97 -4.85
CA ALA D 507 0.67 -33.23 -5.05
C ALA D 507 1.06 -33.23 -6.52
N GLY D 508 0.78 -34.33 -7.23
CA GLY D 508 1.14 -34.40 -8.64
C GLY D 508 0.37 -33.42 -9.53
N LEU D 509 -0.94 -33.27 -9.29
CA LEU D 509 -1.71 -32.35 -10.11
C LEU D 509 -1.27 -30.92 -9.88
N LEU D 510 -0.93 -30.56 -8.63
CA LEU D 510 -0.51 -29.19 -8.35
C LEU D 510 0.78 -28.83 -9.05
N LYS D 511 1.65 -29.83 -9.30
CA LYS D 511 2.94 -29.54 -9.90
C LYS D 511 2.83 -29.17 -11.37
N SER D 512 1.79 -29.62 -12.05
CA SER D 512 1.63 -29.29 -13.47
C SER D 512 1.45 -27.80 -13.62
N PRO D 513 2.15 -27.16 -14.56
CA PRO D 513 2.01 -25.71 -14.72
C PRO D 513 0.68 -25.36 -15.37
N ARG D 514 0.23 -24.15 -15.10
CA ARG D 514 -1.04 -23.69 -15.64
C ARG D 514 -0.95 -23.57 -17.15
N LEU D 515 -1.99 -24.01 -17.82
CA LEU D 515 -2.15 -23.75 -19.24
C LEU D 515 -2.71 -22.35 -19.41
N ASP D 516 -2.45 -21.74 -20.55
CA ASP D 516 -3.02 -20.42 -20.75
C ASP D 516 -4.42 -20.58 -21.34
N ILE D 517 -5.13 -19.46 -21.47
CA ILE D 517 -6.53 -19.52 -21.91
C ILE D 517 -6.63 -20.10 -23.31
N ALA D 518 -5.69 -19.80 -24.20
CA ALA D 518 -5.74 -20.35 -25.55
C ALA D 518 -5.67 -21.88 -25.53
N GLU D 519 -4.75 -22.45 -24.76
CA GLU D 519 -4.64 -23.90 -24.65
C GLU D 519 -5.87 -24.52 -23.99
N ARG D 520 -6.36 -23.91 -22.91
CA ARG D 520 -7.55 -24.41 -22.23
C ARG D 520 -8.75 -24.47 -23.14
N THR D 521 -9.02 -23.37 -23.85
CA THR D 521 -10.19 -23.33 -24.72
C THR D 521 -10.10 -24.38 -25.81
N ALA D 522 -8.89 -24.60 -26.33
CA ALA D 522 -8.71 -25.62 -27.36
C ALA D 522 -9.00 -27.01 -26.81
N LEU D 523 -8.55 -27.28 -25.57
CA LEU D 523 -8.83 -28.56 -24.94
C LEU D 523 -10.32 -28.75 -24.72
N LEU D 524 -11.02 -27.70 -24.25
CA LEU D 524 -12.44 -27.85 -23.98
C LEU D 524 -13.20 -28.11 -25.28
N GLN D 525 -12.85 -27.41 -26.35
CA GLN D 525 -13.57 -27.57 -27.61
C GLN D 525 -13.37 -28.97 -28.18
N ARG D 526 -12.17 -29.53 -28.03
CA ARG D 526 -11.94 -30.88 -28.54
C ARG D 526 -12.72 -31.91 -27.71
N ALA D 527 -12.76 -31.72 -26.38
CA ALA D 527 -13.53 -32.64 -25.53
C ALA D 527 -14.99 -32.67 -25.95
N ALA D 528 -15.55 -31.52 -26.32
CA ALA D 528 -16.92 -31.50 -26.80
C ALA D 528 -17.06 -32.32 -28.08
N ASP D 529 -16.09 -32.20 -29.00
CA ASP D 529 -16.14 -33.02 -30.20
C ASP D 529 -16.04 -34.50 -29.83
N GLU D 530 -15.16 -34.83 -28.88
CA GLU D 530 -14.98 -36.23 -28.51
C GLU D 530 -16.19 -36.77 -27.76
N LEU D 531 -16.81 -35.92 -26.94
CA LEU D 531 -18.05 -36.31 -26.29
C LEU D 531 -19.11 -36.63 -27.33
N GLU D 532 -19.22 -35.80 -28.37
CA GLU D 532 -20.18 -36.06 -29.44
C GLU D 532 -19.91 -37.39 -30.14
N ASN D 533 -18.63 -37.72 -30.36
CA ASN D 533 -18.29 -38.98 -31.03
C ASN D 533 -18.67 -40.19 -30.22
N ILE D 534 -18.66 -40.10 -28.90
CA ILE D 534 -19.00 -41.23 -28.05
C ILE D 534 -20.41 -41.08 -27.46
N ARG D 535 -21.30 -40.30 -28.10
CA ARG D 535 -22.66 -40.20 -27.58
C ARG D 535 -23.26 -41.59 -27.41
N GLN D 536 -22.96 -42.50 -28.32
CA GLN D 536 -23.56 -43.81 -28.19
C GLN D 536 -22.91 -44.66 -27.10
N ASP D 537 -21.61 -44.51 -26.86
CA ASP D 537 -21.00 -45.15 -25.71
C ASP D 537 -21.59 -44.61 -24.40
N LEU D 538 -21.73 -43.29 -24.29
CA LEU D 538 -22.26 -42.71 -23.06
C LEU D 538 -23.69 -43.17 -22.81
N LEU D 539 -24.51 -43.20 -23.86
CA LEU D 539 -25.89 -43.67 -23.70
C LEU D 539 -25.93 -45.09 -23.16
N GLY D 540 -25.13 -45.98 -23.73
CA GLY D 540 -25.11 -47.37 -23.25
C GLY D 540 -24.91 -47.48 -21.76
N VAL D 541 -23.90 -46.77 -21.23
CA VAL D 541 -23.59 -46.89 -19.80
C VAL D 541 -24.65 -46.17 -18.95
N MET D 542 -25.21 -45.06 -19.45
CA MET D 542 -26.20 -44.35 -18.65
C MET D 542 -27.51 -45.13 -18.56
N THR D 543 -27.87 -45.89 -19.61
CA THR D 543 -29.11 -46.66 -19.61
C THR D 543 -28.98 -47.97 -18.86
N HIS D 544 -27.76 -48.45 -18.63
CA HIS D 544 -27.57 -49.66 -17.85
C HIS D 544 -27.14 -49.32 -16.43
N GLU D 545 -25.94 -48.78 -16.25
CA GLU D 545 -25.44 -48.56 -14.89
C GLU D 545 -26.31 -47.54 -14.14
N ALA D 546 -26.58 -46.40 -14.76
CA ALA D 546 -27.34 -45.35 -14.11
C ALA D 546 -28.84 -45.58 -14.17
N GLY D 547 -29.32 -46.45 -15.06
CA GLY D 547 -30.73 -46.78 -15.17
C GLY D 547 -31.63 -45.76 -15.83
N LYS D 548 -31.09 -44.84 -16.62
CA LYS D 548 -31.91 -43.84 -17.30
C LYS D 548 -32.42 -44.36 -18.64
N THR D 549 -33.58 -43.85 -19.05
CA THR D 549 -34.07 -44.04 -20.42
C THR D 549 -33.25 -43.20 -21.39
N ILE D 550 -33.30 -43.57 -22.67
CA ILE D 550 -32.64 -42.73 -23.68
C ILE D 550 -33.18 -41.32 -23.63
N ALA D 551 -34.49 -41.16 -23.48
CA ALA D 551 -35.08 -39.83 -23.55
C ALA D 551 -34.55 -38.92 -22.45
N GLU D 552 -34.10 -39.50 -21.34
CA GLU D 552 -33.55 -38.69 -20.26
C GLU D 552 -32.05 -38.52 -20.41
N ALA D 553 -31.38 -39.58 -20.86
CA ALA D 553 -29.92 -39.58 -20.97
C ALA D 553 -29.42 -38.77 -22.16
N ASP D 554 -30.10 -38.87 -23.31
CA ASP D 554 -29.61 -38.20 -24.51
C ASP D 554 -29.48 -36.68 -24.31
N PRO D 555 -30.46 -35.97 -23.76
CA PRO D 555 -30.23 -34.54 -23.48
C PRO D 555 -29.11 -34.29 -22.50
N GLU D 556 -28.83 -35.25 -21.61
CA GLU D 556 -27.74 -35.06 -20.67
C GLU D 556 -26.39 -35.11 -21.37
N VAL D 557 -26.25 -35.94 -22.41
CA VAL D 557 -25.03 -35.92 -23.21
C VAL D 557 -24.89 -34.59 -23.94
N SER D 558 -26.01 -34.05 -24.44
CA SER D 558 -25.94 -32.74 -25.05
C SER D 558 -25.51 -31.71 -24.02
N GLU D 559 -26.06 -31.80 -22.81
CA GLU D 559 -25.69 -30.89 -21.73
C GLU D 559 -24.18 -30.93 -21.47
N ALA D 560 -23.59 -32.12 -21.40
CA ALA D 560 -22.17 -32.22 -21.08
C ALA D 560 -21.32 -31.58 -22.18
N ILE D 561 -21.72 -31.75 -23.44
CA ILE D 561 -21.01 -31.08 -24.53
C ILE D 561 -21.16 -29.57 -24.43
N ASP D 562 -22.40 -29.10 -24.19
CA ASP D 562 -22.66 -27.67 -24.08
C ASP D 562 -21.84 -27.02 -22.97
N PHE D 563 -21.67 -27.70 -21.83
CA PHE D 563 -20.82 -27.13 -20.78
C PHE D 563 -19.43 -26.84 -21.33
N ALA D 564 -18.85 -27.81 -22.05
CA ALA D 564 -17.51 -27.63 -22.57
C ALA D 564 -17.42 -26.43 -23.50
N ARG D 565 -18.38 -26.28 -24.41
CA ARG D 565 -18.33 -25.15 -25.34
C ARG D 565 -18.66 -23.82 -24.65
N TYR D 566 -19.65 -23.83 -23.75
CA TYR D 566 -20.03 -22.62 -23.05
C TYR D 566 -18.92 -22.10 -22.14
N TYR D 567 -18.37 -22.97 -21.27
CA TYR D 567 -17.33 -22.53 -20.34
C TYR D 567 -16.05 -22.19 -21.06
N ALA D 568 -15.85 -22.77 -22.24
CA ALA D 568 -14.77 -22.34 -23.11
C ALA D 568 -14.90 -20.87 -23.43
N ARG D 569 -16.09 -20.45 -23.87
CA ARG D 569 -16.34 -19.04 -24.17
C ARG D 569 -16.18 -18.20 -22.92
N CYS D 570 -16.67 -18.68 -21.78
CA CYS D 570 -16.57 -17.90 -20.55
C CYS D 570 -15.13 -17.62 -20.17
N ALA D 571 -14.23 -18.56 -20.46
CA ALA D 571 -12.86 -18.41 -20.05
C ALA D 571 -12.20 -17.26 -20.79
N ASN D 572 -12.60 -17.02 -22.03
CA ASN D 572 -12.12 -15.83 -22.71
C ASN D 572 -12.72 -14.58 -22.09
N ALA D 573 -13.98 -14.62 -21.69
CA ALA D 573 -14.55 -13.44 -21.03
C ALA D 573 -13.90 -13.13 -19.67
N LEU D 574 -13.05 -14.01 -19.13
CA LEU D 574 -12.34 -13.62 -17.91
C LEU D 574 -11.34 -12.51 -18.20
N ASN D 575 -10.73 -12.55 -19.37
CA ASN D 575 -9.71 -11.61 -19.77
C ASN D 575 -10.30 -10.32 -20.36
N THR D 576 -11.61 -10.15 -20.28
CA THR D 576 -12.24 -8.95 -20.81
C THR D 576 -11.65 -7.71 -20.12
N PRO D 577 -11.43 -6.62 -20.86
CA PRO D 577 -10.82 -5.44 -20.21
C PRO D 577 -11.76 -4.85 -19.18
N GLY D 578 -11.18 -4.43 -18.06
CA GLY D 578 -12.00 -4.02 -16.94
C GLY D 578 -11.17 -3.50 -15.79
N HIS D 579 -11.75 -3.55 -14.60
CA HIS D 579 -11.22 -2.87 -13.44
C HIS D 579 -10.81 -3.84 -12.34
N SER D 580 -10.85 -5.14 -12.61
CA SER D 580 -10.41 -6.18 -11.69
C SER D 580 -9.68 -7.26 -12.49
N LYS D 581 -8.87 -8.06 -11.79
CA LYS D 581 -8.09 -9.13 -12.38
C LYS D 581 -8.37 -10.43 -11.64
N PHE D 582 -8.53 -11.51 -12.39
CA PHE D 582 -8.91 -12.81 -11.86
C PHE D 582 -7.69 -13.69 -11.68
N THR D 583 -7.66 -14.41 -10.56
CA THR D 583 -6.61 -15.40 -10.32
C THR D 583 -7.25 -16.73 -9.99
N PRO D 584 -7.09 -17.74 -10.84
CA PRO D 584 -7.80 -19.02 -10.61
C PRO D 584 -7.22 -19.77 -9.45
N HIS D 585 -8.09 -20.58 -8.84
CA HIS D 585 -7.66 -21.62 -7.93
C HIS D 585 -6.66 -22.54 -8.65
N ASN D 586 -5.85 -23.26 -7.86
CA ASN D 586 -4.99 -24.28 -8.45
C ASN D 586 -5.68 -25.63 -8.63
N LEU D 587 -6.59 -25.98 -7.72
CA LEU D 587 -7.14 -27.33 -7.65
C LEU D 587 -8.59 -27.28 -7.17
N VAL D 588 -9.49 -27.87 -7.95
CA VAL D 588 -10.89 -27.99 -7.58
C VAL D 588 -11.24 -29.47 -7.54
N VAL D 589 -12.02 -29.86 -6.53
CA VAL D 589 -12.58 -31.22 -6.44
C VAL D 589 -14.05 -31.16 -6.82
N VAL D 590 -14.48 -32.09 -7.66
CA VAL D 590 -15.87 -32.22 -8.08
C VAL D 590 -16.39 -33.52 -7.51
N ALA D 591 -17.28 -33.42 -6.53
CA ALA D 591 -17.97 -34.58 -5.97
C ALA D 591 -19.36 -34.60 -6.58
N SER D 592 -19.60 -35.54 -7.49
CA SER D 592 -20.78 -35.48 -8.33
C SER D 592 -21.78 -36.58 -7.99
N PRO D 593 -23.07 -36.42 -8.38
CA PRO D 593 -24.09 -37.41 -7.98
C PRO D 593 -24.32 -38.46 -9.04
N TRP D 594 -25.41 -39.24 -8.89
CA TRP D 594 -25.75 -40.35 -9.78
C TRP D 594 -26.92 -40.10 -10.74
N ASN D 595 -27.75 -39.09 -10.50
CA ASN D 595 -28.95 -38.90 -11.33
C ASN D 595 -28.63 -38.28 -12.68
N PHE D 596 -27.58 -37.48 -12.72
CA PHE D 596 -27.04 -36.93 -13.95
C PHE D 596 -25.57 -37.28 -13.97
N PRO D 597 -25.24 -38.54 -14.21
CA PRO D 597 -23.87 -39.03 -13.98
C PRO D 597 -22.85 -38.65 -15.05
N VAL D 598 -23.21 -37.85 -16.06
CA VAL D 598 -22.25 -37.38 -17.05
C VAL D 598 -22.18 -35.86 -17.08
N ALA D 599 -23.33 -35.19 -17.15
CA ALA D 599 -23.31 -33.74 -17.33
C ALA D 599 -22.81 -33.03 -16.06
N ILE D 600 -23.24 -33.46 -14.89
CA ILE D 600 -22.85 -32.79 -13.66
C ILE D 600 -21.38 -33.07 -13.37
N PRO D 601 -20.89 -34.31 -13.47
CA PRO D 601 -19.43 -34.49 -13.30
C PRO D 601 -18.61 -33.67 -14.29
N LEU D 602 -18.91 -33.76 -15.59
CA LEU D 602 -18.08 -33.05 -16.55
C LEU D 602 -18.21 -31.53 -16.43
N GLY D 603 -19.38 -31.03 -16.06
CA GLY D 603 -19.57 -29.60 -16.00
C GLY D 603 -18.70 -28.95 -14.94
N GLY D 604 -18.56 -29.60 -13.79
CA GLY D 604 -17.64 -29.07 -12.80
C GLY D 604 -16.20 -29.18 -13.26
N VAL D 605 -15.84 -30.30 -13.89
CA VAL D 605 -14.49 -30.46 -14.41
C VAL D 605 -14.22 -29.42 -15.49
N PHE D 606 -15.14 -29.28 -16.45
CA PHE D 606 -14.95 -28.30 -17.50
C PHE D 606 -14.88 -26.87 -16.95
N ALA D 607 -15.73 -26.56 -15.95
CA ALA D 607 -15.71 -25.22 -15.39
C ALA D 607 -14.39 -24.96 -14.65
N SER D 608 -13.87 -25.97 -13.96
CA SER D 608 -12.58 -25.84 -13.28
C SER D 608 -11.44 -25.59 -14.28
N LEU D 609 -11.39 -26.39 -15.36
CA LEU D 609 -10.36 -26.20 -16.36
C LEU D 609 -10.49 -24.84 -17.00
N ALA D 610 -11.71 -24.46 -17.39
CA ALA D 610 -11.92 -23.16 -17.97
C ALA D 610 -11.36 -22.05 -17.10
N ALA D 611 -11.49 -22.22 -15.78
CA ALA D 611 -11.03 -21.20 -14.84
C ALA D 611 -9.51 -21.09 -14.82
N GLY D 612 -8.78 -22.16 -15.14
CA GLY D 612 -7.35 -22.21 -15.00
C GLY D 612 -6.83 -23.20 -13.97
N ALA D 613 -7.71 -23.97 -13.32
CA ALA D 613 -7.34 -24.91 -12.28
C ALA D 613 -7.23 -26.34 -12.82
N LYS D 614 -6.51 -27.18 -12.08
CA LYS D 614 -6.57 -28.63 -12.26
C LYS D 614 -7.78 -29.20 -11.53
N ALA D 615 -8.27 -30.35 -12.00
CA ALA D 615 -9.48 -30.93 -11.42
C ALA D 615 -9.31 -32.39 -10.97
N ILE D 616 -9.89 -32.70 -9.82
CA ILE D 616 -10.12 -34.09 -9.42
C ILE D 616 -11.61 -34.35 -9.53
N LEU D 617 -11.99 -35.34 -10.32
CA LEU D 617 -13.37 -35.78 -10.39
C LEU D 617 -13.51 -36.97 -9.45
N LYS D 618 -14.39 -36.84 -8.45
CA LYS D 618 -14.74 -37.95 -7.56
C LYS D 618 -16.22 -38.27 -7.73
N PRO D 619 -16.56 -39.29 -8.52
CA PRO D 619 -17.97 -39.53 -8.86
C PRO D 619 -18.68 -40.41 -7.84
N ALA D 620 -20.01 -40.28 -7.84
CA ALA D 620 -20.83 -41.04 -6.92
C ALA D 620 -20.65 -42.53 -7.18
N PRO D 621 -20.56 -43.33 -6.12
CA PRO D 621 -20.22 -44.76 -6.30
C PRO D 621 -21.22 -45.54 -7.12
N GLU D 622 -22.48 -45.10 -7.23
CA GLU D 622 -23.44 -45.84 -8.04
C GLU D 622 -23.13 -45.79 -9.52
N VAL D 623 -22.32 -44.83 -9.97
CA VAL D 623 -22.18 -44.55 -11.39
C VAL D 623 -20.71 -44.45 -11.77
N ARG D 624 -19.89 -45.36 -11.28
CA ARG D 624 -18.46 -45.24 -11.55
C ARG D 624 -18.12 -45.55 -13.00
N ARG D 625 -18.84 -46.47 -13.64
CA ARG D 625 -18.51 -46.74 -15.04
C ARG D 625 -18.91 -45.59 -15.94
N CYS D 626 -19.93 -44.81 -15.56
CA CYS D 626 -20.26 -43.60 -16.31
C CYS D 626 -19.09 -42.64 -16.36
N ALA D 627 -18.49 -42.33 -15.21
CA ALA D 627 -17.30 -41.48 -15.18
C ALA D 627 -16.16 -42.09 -16.00
N GLU D 628 -15.98 -43.41 -15.93
CA GLU D 628 -14.90 -44.01 -16.71
C GLU D 628 -15.15 -43.82 -18.20
N VAL D 629 -16.39 -44.06 -18.68
CA VAL D 629 -16.66 -43.88 -20.10
C VAL D 629 -16.43 -42.42 -20.51
N ALA D 630 -16.98 -41.48 -19.74
CA ALA D 630 -16.81 -40.07 -20.07
C ALA D 630 -15.35 -39.66 -20.07
N LEU D 631 -14.55 -40.21 -19.15
CA LEU D 631 -13.17 -39.78 -19.08
C LEU D 631 -12.41 -40.07 -20.36
N THR D 632 -12.77 -41.14 -21.07
CA THR D 632 -12.00 -41.48 -22.26
C THR D 632 -12.10 -40.41 -23.32
N ALA D 633 -13.21 -39.64 -23.33
CA ALA D 633 -13.31 -38.53 -24.27
C ALA D 633 -12.32 -37.43 -23.91
N LEU D 634 -12.26 -37.06 -22.62
CA LEU D 634 -11.30 -36.04 -22.16
C LEU D 634 -9.88 -36.43 -22.54
N ARG D 635 -9.55 -37.71 -22.38
CA ARG D 635 -8.22 -38.18 -22.68
C ARG D 635 -7.95 -38.11 -24.19
N LYS D 636 -8.90 -38.59 -25.00
CA LYS D 636 -8.75 -38.45 -26.45
C LYS D 636 -8.59 -36.99 -26.84
N ALA D 637 -9.24 -36.07 -26.12
CA ALA D 637 -9.18 -34.65 -26.48
C ALA D 637 -7.86 -33.99 -26.12
N GLY D 638 -7.00 -34.66 -25.36
CA GLY D 638 -5.75 -34.11 -24.92
C GLY D 638 -5.69 -33.75 -23.45
N ILE D 639 -6.79 -33.98 -22.72
CA ILE D 639 -6.90 -33.60 -21.32
C ILE D 639 -6.33 -34.77 -20.51
N GLY D 640 -5.05 -34.68 -20.18
CA GLY D 640 -4.31 -35.81 -19.65
C GLY D 640 -4.35 -35.90 -18.14
N GLU D 641 -3.53 -36.82 -17.61
CA GLU D 641 -3.53 -37.06 -16.17
C GLU D 641 -2.87 -35.94 -15.38
N ASP D 642 -2.19 -34.98 -16.04
CA ASP D 642 -1.67 -33.78 -15.41
C ASP D 642 -2.70 -32.67 -15.31
N LEU D 643 -3.91 -32.89 -15.80
CA LEU D 643 -4.92 -31.85 -15.86
C LEU D 643 -6.19 -32.22 -15.11
N VAL D 644 -6.73 -33.39 -15.37
CA VAL D 644 -7.92 -33.89 -14.70
C VAL D 644 -7.60 -35.27 -14.21
N GLN D 645 -7.98 -35.57 -12.97
CA GLN D 645 -7.61 -36.84 -12.34
C GLN D 645 -8.87 -37.46 -11.72
N LEU D 646 -9.16 -38.72 -12.06
CA LEU D 646 -10.36 -39.41 -11.59
C LEU D 646 -10.03 -40.30 -10.40
N MET D 647 -10.65 -40.00 -9.25
CA MET D 647 -10.32 -40.64 -7.97
C MET D 647 -11.58 -41.27 -7.38
N HIS D 648 -11.66 -42.59 -7.43
CA HIS D 648 -12.75 -43.31 -6.79
C HIS D 648 -12.41 -43.57 -5.32
N THR D 649 -12.39 -42.50 -4.53
CA THR D 649 -12.19 -42.68 -3.09
C THR D 649 -13.44 -43.28 -2.44
N ASP D 650 -13.21 -43.95 -1.32
CA ASP D 650 -14.30 -44.41 -0.47
C ASP D 650 -14.97 -43.20 0.20
N GLU D 651 -15.95 -43.48 1.06
CA GLU D 651 -16.51 -42.46 1.92
C GLU D 651 -16.02 -42.62 3.37
N ALA D 652 -14.84 -43.21 3.52
CA ALA D 652 -14.14 -43.33 4.80
C ALA D 652 -12.93 -42.41 4.79
N ASP D 653 -11.77 -42.90 5.24
CA ASP D 653 -10.62 -42.02 5.45
C ASP D 653 -10.19 -41.33 4.15
N ALA D 654 -10.06 -42.08 3.07
CA ALA D 654 -9.55 -41.47 1.84
C ALA D 654 -10.51 -40.43 1.27
N GLY D 655 -11.82 -40.65 1.39
CA GLY D 655 -12.76 -39.64 0.95
C GLY D 655 -12.68 -38.36 1.78
N ARG D 656 -12.64 -38.50 3.09
CA ARG D 656 -12.55 -37.33 3.95
C ARG D 656 -11.23 -36.59 3.70
N ARG D 657 -10.16 -37.36 3.46
CA ARG D 657 -8.85 -36.77 3.19
C ARG D 657 -8.89 -35.96 1.90
N LEU D 658 -9.59 -36.45 0.88
CA LEU D 658 -9.66 -35.71 -0.36
C LEU D 658 -10.45 -34.43 -0.17
N MET D 659 -11.60 -34.51 0.52
CA MET D 659 -12.47 -33.33 0.58
C MET D 659 -11.92 -32.28 1.51
N SER D 660 -11.20 -32.68 2.56
CA SER D 660 -10.64 -31.74 3.52
C SER D 660 -9.22 -31.32 3.20
N HIS D 661 -8.70 -31.74 2.05
CA HIS D 661 -7.27 -31.64 1.82
C HIS D 661 -6.83 -30.19 1.84
N PRO D 662 -5.74 -29.86 2.53
CA PRO D 662 -5.35 -28.45 2.67
C PRO D 662 -5.06 -27.76 1.34
N ASP D 663 -4.70 -28.50 0.29
CA ASP D 663 -4.36 -27.91 -0.99
C ASP D 663 -5.52 -27.94 -2.00
N VAL D 664 -6.75 -28.25 -1.56
CA VAL D 664 -7.92 -28.15 -2.42
C VAL D 664 -8.58 -26.79 -2.21
N ASP D 665 -8.70 -26.01 -3.30
CA ASP D 665 -9.17 -24.64 -3.22
C ASP D 665 -10.70 -24.53 -3.23
N ALA D 666 -11.40 -25.50 -3.82
CA ALA D 666 -12.85 -25.44 -3.82
C ALA D 666 -13.41 -26.83 -4.11
N ILE D 667 -14.62 -27.07 -3.59
CA ILE D 667 -15.39 -28.26 -3.90
C ILE D 667 -16.62 -27.81 -4.66
N ILE D 668 -16.84 -28.42 -5.82
CA ILE D 668 -18.10 -28.31 -6.52
C ILE D 668 -18.88 -29.57 -6.20
N LEU D 669 -19.97 -29.40 -5.45
CA LEU D 669 -20.72 -30.49 -4.87
C LEU D 669 -22.16 -30.43 -5.34
N THR D 670 -22.71 -31.60 -5.65
CA THR D 670 -24.12 -31.77 -5.98
C THR D 670 -24.61 -32.99 -5.23
N GLY D 671 -25.50 -32.81 -4.26
CA GLY D 671 -25.97 -33.90 -3.43
C GLY D 671 -26.82 -33.39 -2.29
N ALA D 672 -26.73 -34.03 -1.13
CA ALA D 672 -27.56 -33.64 -0.02
C ALA D 672 -26.91 -32.47 0.72
N SER D 673 -27.72 -31.50 1.15
CA SER D 673 -27.16 -30.39 1.92
C SER D 673 -26.54 -30.86 3.24
N GLU D 674 -26.97 -32.02 3.75
CA GLU D 674 -26.27 -32.63 4.88
C GLU D 674 -24.86 -33.11 4.49
N THR D 675 -24.66 -33.49 3.23
CA THR D 675 -23.30 -33.77 2.79
C THR D 675 -22.44 -32.51 2.73
N ALA D 676 -23.00 -31.41 2.22
CA ALA D 676 -22.27 -30.15 2.25
C ALA D 676 -21.99 -29.73 3.68
N SER D 677 -22.93 -29.99 4.60
CA SER D 677 -22.66 -29.67 6.00
C SER D 677 -21.52 -30.52 6.54
N LEU D 678 -21.50 -31.80 6.15
CA LEU D 678 -20.43 -32.69 6.58
C LEU D 678 -19.07 -32.23 6.12
N PHE D 679 -18.92 -32.00 4.81
CA PHE D 679 -17.65 -31.55 4.25
C PHE D 679 -17.19 -30.26 4.92
N ARG D 680 -18.09 -29.29 5.04
CA ARG D 680 -17.66 -27.98 5.56
C ARG D 680 -17.25 -28.09 7.02
N GLY D 681 -17.94 -28.93 7.81
CA GLY D 681 -17.53 -29.19 9.17
C GLY D 681 -16.06 -29.56 9.29
N TRP D 682 -15.54 -30.34 8.33
CA TRP D 682 -14.14 -30.76 8.38
C TRP D 682 -13.16 -29.62 8.08
N LYS D 683 -13.63 -28.49 7.51
CA LYS D 683 -12.77 -27.35 7.16
C LYS D 683 -13.63 -26.11 6.93
N PRO D 684 -14.09 -25.48 8.03
CA PRO D 684 -15.18 -24.51 7.92
C PRO D 684 -14.89 -23.31 7.04
N GLU D 685 -13.61 -23.02 6.76
CA GLU D 685 -13.27 -21.88 5.90
C GLU D 685 -13.24 -22.23 4.41
N MET D 686 -13.64 -23.44 4.03
CA MET D 686 -13.46 -23.89 2.66
C MET D 686 -14.40 -23.18 1.70
N ASN D 687 -13.88 -22.96 0.49
CA ASN D 687 -14.72 -22.61 -0.65
C ASN D 687 -15.48 -23.85 -1.14
N ILE D 688 -16.79 -23.76 -1.15
CA ILE D 688 -17.63 -24.83 -1.62
C ILE D 688 -18.76 -24.22 -2.44
N HIS D 689 -19.08 -24.85 -3.56
CA HIS D 689 -20.24 -24.48 -4.36
C HIS D 689 -21.11 -25.71 -4.51
N ALA D 690 -22.28 -25.69 -3.86
CA ALA D 690 -23.12 -26.87 -3.70
C ALA D 690 -24.51 -26.60 -4.25
N GLU D 691 -24.99 -27.53 -5.07
CA GLU D 691 -26.36 -27.58 -5.54
C GLU D 691 -27.03 -28.74 -4.80
N THR D 692 -28.12 -28.46 -4.09
CA THR D 692 -28.57 -29.38 -3.04
C THR D 692 -30.10 -29.58 -3.08
N SER D 693 -30.60 -30.02 -4.24
CA SER D 693 -31.98 -30.53 -4.31
C SER D 693 -33.04 -29.45 -4.12
N GLY D 694 -34.31 -29.81 -4.29
CA GLY D 694 -35.38 -28.85 -4.19
C GLY D 694 -36.73 -29.51 -4.01
N LYS D 695 -37.69 -28.71 -3.54
CA LYS D 695 -39.08 -29.11 -3.33
C LYS D 695 -39.88 -28.18 -4.23
N ASN D 696 -40.14 -28.63 -5.44
CA ASN D 696 -40.54 -27.73 -6.51
C ASN D 696 -42.00 -27.92 -6.87
N ALA D 697 -42.68 -26.81 -7.15
CA ALA D 697 -44.11 -26.84 -7.39
C ALA D 697 -44.45 -26.23 -8.74
N ILE D 698 -45.58 -26.65 -9.30
CA ILE D 698 -46.19 -25.99 -10.45
C ILE D 698 -47.57 -25.52 -10.01
N ILE D 699 -47.82 -24.22 -10.11
CA ILE D 699 -49.15 -23.66 -9.87
C ILE D 699 -50.00 -23.74 -11.14
N VAL D 700 -51.23 -24.21 -10.99
CA VAL D 700 -52.20 -24.33 -12.07
C VAL D 700 -53.47 -23.61 -11.63
N THR D 701 -53.85 -22.56 -12.37
CA THR D 701 -55.03 -21.73 -12.13
C THR D 701 -56.13 -22.04 -13.15
N PRO D 702 -57.37 -21.63 -12.90
CA PRO D 702 -58.43 -21.91 -13.89
C PRO D 702 -58.14 -21.30 -15.26
N SER D 703 -57.28 -20.29 -15.35
CA SER D 703 -56.91 -19.70 -16.65
C SER D 703 -55.85 -20.50 -17.37
N ALA D 704 -55.52 -21.69 -16.92
CA ALA D 704 -54.48 -22.47 -17.57
C ALA D 704 -55.10 -23.31 -18.66
N ASP D 705 -54.28 -23.69 -19.61
CA ASP D 705 -54.74 -24.73 -20.51
C ASP D 705 -54.58 -26.06 -19.77
N PRO D 706 -55.69 -26.68 -19.35
CA PRO D 706 -55.59 -27.87 -18.49
C PRO D 706 -54.80 -29.01 -19.10
N ASP D 707 -54.91 -29.25 -20.42
CA ASP D 707 -54.21 -30.40 -21.00
C ASP D 707 -52.70 -30.15 -21.06
N LEU D 708 -52.29 -28.97 -21.54
CA LEU D 708 -50.86 -28.66 -21.51
C LEU D 708 -50.30 -28.67 -20.09
N ALA D 709 -51.10 -28.21 -19.11
CA ALA D 709 -50.64 -28.24 -17.73
C ALA D 709 -50.37 -29.67 -17.29
N VAL D 710 -51.29 -30.59 -17.63
CA VAL D 710 -51.13 -31.99 -17.27
C VAL D 710 -49.88 -32.59 -17.91
N ALA D 711 -49.70 -32.37 -19.21
CA ALA D 711 -48.51 -32.90 -19.90
C ALA D 711 -47.23 -32.41 -19.24
N ASP D 712 -47.20 -31.16 -18.77
CA ASP D 712 -45.98 -30.65 -18.16
C ASP D 712 -45.87 -31.08 -16.70
N VAL D 713 -46.98 -31.17 -15.98
CA VAL D 713 -46.92 -31.58 -14.59
C VAL D 713 -46.40 -32.99 -14.49
N TYR D 714 -46.92 -33.89 -15.33
CA TYR D 714 -46.50 -35.27 -15.19
C TYR D 714 -45.13 -35.50 -15.78
N LYS D 715 -44.79 -34.80 -16.85
CA LYS D 715 -43.44 -34.99 -17.39
C LYS D 715 -42.39 -34.45 -16.43
N SER D 716 -42.71 -33.38 -15.67
CA SER D 716 -41.79 -32.82 -14.68
C SER D 716 -41.81 -33.61 -13.38
N ALA D 717 -42.94 -34.24 -13.05
CA ALA D 717 -43.03 -34.99 -11.82
C ALA D 717 -42.30 -36.31 -11.90
N PHE D 718 -42.31 -36.93 -13.07
CA PHE D 718 -42.01 -38.33 -13.18
C PHE D 718 -40.86 -38.70 -14.12
N GLY D 719 -40.32 -37.76 -14.90
CA GLY D 719 -39.13 -38.08 -15.67
C GLY D 719 -38.00 -38.52 -14.77
N HIS D 720 -37.26 -39.53 -15.21
CA HIS D 720 -36.20 -40.16 -14.40
C HIS D 720 -36.76 -40.57 -13.05
N ALA D 721 -38.02 -41.02 -13.04
CA ALA D 721 -38.72 -41.50 -11.85
C ALA D 721 -38.76 -40.48 -10.73
N GLY D 722 -38.77 -39.18 -11.06
CA GLY D 722 -38.72 -38.11 -10.07
C GLY D 722 -37.38 -37.84 -9.42
N GLN D 723 -36.28 -38.37 -9.97
CA GLN D 723 -34.98 -38.31 -9.32
C GLN D 723 -34.19 -37.08 -9.77
N LYS D 724 -34.81 -35.92 -9.61
CA LYS D 724 -34.22 -34.68 -10.06
C LYS D 724 -34.35 -33.62 -8.97
N CYS D 725 -33.26 -32.86 -8.79
CA CYS D 725 -33.30 -31.66 -7.96
C CYS D 725 -34.42 -30.71 -8.41
N SER D 726 -34.73 -30.72 -9.71
CA SER D 726 -35.69 -29.84 -10.32
C SER D 726 -37.08 -30.44 -10.42
N ALA D 727 -37.22 -31.71 -10.06
CA ALA D 727 -38.45 -32.45 -10.29
C ALA D 727 -39.64 -31.74 -9.65
N ALA D 728 -40.81 -31.91 -10.27
CA ALA D 728 -42.04 -31.37 -9.71
C ALA D 728 -42.57 -32.36 -8.68
N SER D 729 -42.49 -32.00 -7.40
CA SER D 729 -43.02 -32.79 -6.30
C SER D 729 -44.41 -32.33 -5.90
N LEU D 730 -44.79 -31.11 -6.26
CA LEU D 730 -46.09 -30.56 -5.89
C LEU D 730 -46.76 -29.90 -7.09
N VAL D 731 -48.04 -30.12 -7.24
CA VAL D 731 -48.86 -29.29 -8.10
C VAL D 731 -49.92 -28.63 -7.21
N ILE D 732 -50.02 -27.29 -7.31
CA ILE D 732 -50.88 -26.50 -6.46
C ILE D 732 -51.99 -25.91 -7.32
N LEU D 733 -53.23 -26.37 -7.10
CA LEU D 733 -54.35 -25.95 -7.93
C LEU D 733 -55.12 -24.82 -7.25
N VAL D 734 -55.36 -23.75 -7.98
CA VAL D 734 -56.13 -22.62 -7.45
C VAL D 734 -57.59 -22.80 -7.82
N GLY D 735 -58.45 -22.89 -6.81
CA GLY D 735 -59.84 -23.13 -7.12
C GLY D 735 -60.00 -24.44 -7.86
N ASP D 736 -60.92 -24.44 -8.83
CA ASP D 736 -61.28 -25.62 -9.60
C ASP D 736 -60.70 -25.50 -11.01
N VAL D 737 -59.90 -26.49 -11.40
CA VAL D 737 -59.22 -26.45 -12.69
C VAL D 737 -59.83 -27.48 -13.66
N GLY D 738 -61.08 -27.85 -13.43
CA GLY D 738 -61.83 -28.67 -14.36
C GLY D 738 -61.19 -30.03 -14.66
N ARG D 739 -60.99 -30.28 -15.95
CA ARG D 739 -60.60 -31.60 -16.42
C ARG D 739 -59.18 -31.98 -16.01
N PHE D 740 -58.43 -31.03 -15.42
CA PHE D 740 -57.03 -31.23 -15.09
C PHE D 740 -56.81 -32.53 -14.33
N THR D 741 -57.51 -32.71 -13.22
CA THR D 741 -57.19 -33.83 -12.33
C THR D 741 -57.47 -35.18 -13.00
N ASP D 742 -58.63 -35.34 -13.66
CA ASP D 742 -58.84 -36.62 -14.34
C ASP D 742 -57.71 -36.90 -15.32
N GLN D 743 -57.35 -35.92 -16.15
CA GLN D 743 -56.32 -36.10 -17.16
C GLN D 743 -54.95 -36.39 -16.54
N LEU D 744 -54.59 -35.69 -15.47
CA LEU D 744 -53.33 -35.99 -14.79
C LEU D 744 -53.28 -37.43 -14.32
N ILE D 745 -54.40 -37.92 -13.74
CA ILE D 745 -54.51 -39.32 -13.28
C ILE D 745 -54.39 -40.29 -14.45
N ASP D 746 -55.13 -40.03 -15.52
CA ASP D 746 -55.05 -40.91 -16.68
C ASP D 746 -53.61 -40.97 -17.22
N ALA D 747 -52.96 -39.80 -17.35
CA ALA D 747 -51.62 -39.78 -17.90
C ALA D 747 -50.64 -40.53 -17.01
N THR D 748 -50.79 -40.39 -15.71
CA THR D 748 -49.87 -41.04 -14.79
C THR D 748 -50.01 -42.56 -14.82
N ARG D 749 -51.23 -43.08 -14.82
CA ARG D 749 -51.43 -44.52 -14.96
C ARG D 749 -50.88 -45.05 -16.28
N THR D 750 -50.81 -44.21 -17.31
CA THR D 750 -50.40 -44.71 -18.61
C THR D 750 -48.88 -44.81 -18.75
N LEU D 751 -48.11 -44.18 -17.88
CA LEU D 751 -46.66 -44.33 -17.92
C LEU D 751 -46.24 -45.79 -17.88
N ARG D 752 -45.29 -46.15 -18.75
CA ARG D 752 -44.71 -47.50 -18.80
C ARG D 752 -43.47 -47.57 -17.90
N VAL D 753 -43.58 -48.29 -16.78
CA VAL D 753 -42.51 -48.44 -15.80
C VAL D 753 -41.66 -49.65 -16.17
N GLY D 754 -40.35 -49.48 -16.17
CA GLY D 754 -39.44 -50.55 -16.51
C GLY D 754 -38.00 -50.08 -16.44
N TYR D 755 -37.10 -51.00 -16.72
CA TYR D 755 -35.68 -50.65 -16.69
C TYR D 755 -35.35 -49.66 -17.79
N GLY D 756 -34.31 -48.86 -17.54
CA GLY D 756 -33.91 -47.83 -18.48
C GLY D 756 -33.41 -48.36 -19.81
N HIS D 757 -32.92 -49.59 -19.85
CA HIS D 757 -32.36 -50.18 -21.06
C HIS D 757 -33.40 -50.85 -21.91
N GLU D 758 -34.67 -50.74 -21.53
CA GLU D 758 -35.76 -51.31 -22.32
C GLU D 758 -36.41 -50.17 -23.08
N LEU D 759 -36.29 -50.21 -24.41
CA LEU D 759 -36.73 -49.09 -25.24
C LEU D 759 -38.15 -48.64 -24.94
N SER D 760 -39.02 -49.57 -24.51
CA SER D 760 -40.43 -49.27 -24.33
C SER D 760 -40.73 -48.49 -23.07
N THR D 761 -39.80 -48.49 -22.10
CA THR D 761 -39.97 -47.78 -20.84
C THR D 761 -40.12 -46.29 -21.06
N THR D 762 -41.14 -45.69 -20.42
CA THR D 762 -41.29 -44.25 -20.34
C THR D 762 -41.15 -43.71 -18.93
N MET D 763 -41.10 -44.57 -17.91
CA MET D 763 -40.61 -44.16 -16.59
C MET D 763 -39.67 -45.24 -16.07
N ASN D 764 -38.39 -44.91 -16.00
CA ASN D 764 -37.35 -45.86 -15.63
C ASN D 764 -37.44 -46.17 -14.14
N GLY D 765 -36.49 -46.99 -13.67
CA GLY D 765 -36.45 -47.40 -12.28
C GLY D 765 -35.63 -46.43 -11.43
N LEU D 766 -35.47 -46.78 -10.16
CA LEU D 766 -34.65 -46.03 -9.24
C LEU D 766 -33.22 -46.56 -9.24
N ILE D 767 -32.29 -45.73 -8.75
CA ILE D 767 -30.88 -46.13 -8.74
C ILE D 767 -30.62 -47.21 -7.70
N SER D 768 -31.50 -47.32 -6.71
CA SER D 768 -31.44 -48.28 -5.63
C SER D 768 -32.71 -48.13 -4.80
N PRO D 769 -33.07 -49.16 -4.03
CA PRO D 769 -34.37 -49.13 -3.34
C PRO D 769 -34.48 -47.96 -2.39
N PRO D 770 -35.70 -47.49 -2.12
CA PRO D 770 -35.90 -46.24 -1.37
C PRO D 770 -35.34 -46.29 0.05
N GLY D 771 -34.77 -45.16 0.49
CA GLY D 771 -34.42 -44.98 1.89
C GLY D 771 -35.61 -44.55 2.71
N GLU D 772 -35.34 -44.20 3.97
CA GLU D 772 -36.42 -43.86 4.90
C GLU D 772 -37.34 -42.79 4.32
N LYS D 773 -36.76 -41.69 3.88
CA LYS D 773 -37.53 -40.55 3.38
C LYS D 773 -38.40 -40.96 2.20
N LEU D 774 -37.81 -41.57 1.17
CA LEU D 774 -38.58 -41.85 -0.04
C LEU D 774 -39.58 -42.98 0.21
N HIS D 775 -39.20 -43.98 0.99
CA HIS D 775 -40.15 -45.03 1.30
C HIS D 775 -41.38 -44.44 1.97
N ARG D 776 -41.19 -43.48 2.88
CA ARG D 776 -42.35 -42.84 3.50
C ARG D 776 -43.21 -42.14 2.47
N GLY D 777 -42.60 -41.35 1.57
CA GLY D 777 -43.37 -40.66 0.56
C GLY D 777 -44.15 -41.61 -0.33
N LEU D 778 -43.62 -42.80 -0.56
CA LEU D 778 -44.27 -43.76 -1.45
C LEU D 778 -45.42 -44.53 -0.79
N THR D 779 -45.36 -44.76 0.54
CA THR D 779 -46.23 -45.73 1.19
C THR D 779 -47.20 -45.15 2.22
N THR D 780 -46.87 -44.04 2.87
CA THR D 780 -47.65 -43.54 3.99
C THR D 780 -48.26 -42.18 3.69
N LEU D 781 -49.53 -42.01 4.06
CA LEU D 781 -50.25 -40.76 3.91
C LEU D 781 -50.27 -39.97 5.22
N GLU D 782 -50.51 -38.68 5.10
CA GLU D 782 -50.76 -37.83 6.25
C GLU D 782 -52.26 -37.58 6.40
N THR D 783 -52.63 -36.98 7.53
CA THR D 783 -54.03 -36.83 7.88
C THR D 783 -54.78 -36.09 6.78
N GLY D 784 -55.97 -36.60 6.45
CA GLY D 784 -56.78 -35.97 5.42
C GLY D 784 -56.33 -36.21 3.99
N GLU D 785 -55.16 -36.80 3.78
CA GLU D 785 -54.63 -36.98 2.44
C GLU D 785 -55.17 -38.28 1.85
N SER D 786 -55.12 -38.39 0.52
CA SER D 786 -55.54 -39.65 -0.11
C SER D 786 -54.72 -39.93 -1.35
N TRP D 787 -54.61 -41.21 -1.69
CA TRP D 787 -53.97 -41.64 -2.94
C TRP D 787 -54.99 -41.58 -4.08
N LEU D 788 -54.76 -40.70 -5.05
CA LEU D 788 -55.48 -40.78 -6.32
C LEU D 788 -54.93 -41.91 -7.18
N VAL D 789 -53.61 -42.10 -7.13
CA VAL D 789 -52.88 -43.18 -7.79
C VAL D 789 -51.85 -43.67 -6.79
N LYS D 790 -51.89 -44.96 -6.46
CA LYS D 790 -51.05 -45.39 -5.33
C LYS D 790 -49.79 -46.08 -5.82
N PRO D 791 -48.61 -45.69 -5.36
CA PRO D 791 -47.39 -46.35 -5.83
C PRO D 791 -47.42 -47.82 -5.45
N GLU D 792 -46.93 -48.66 -6.35
CA GLU D 792 -46.79 -50.08 -6.07
C GLU D 792 -45.36 -50.49 -6.35
N LYS D 793 -44.84 -51.37 -5.52
CA LYS D 793 -43.51 -51.95 -5.72
C LYS D 793 -43.62 -53.04 -6.77
N LEU D 794 -42.88 -52.91 -7.86
CA LEU D 794 -43.09 -53.77 -9.03
C LEU D 794 -42.06 -54.88 -9.19
N ASN D 795 -41.02 -54.93 -8.37
CA ASN D 795 -40.11 -56.07 -8.40
C ASN D 795 -39.60 -56.27 -6.98
N ASP D 796 -39.11 -57.48 -6.71
CA ASP D 796 -38.69 -57.76 -5.33
C ASP D 796 -37.50 -56.90 -4.94
N GLU D 797 -36.55 -56.70 -5.86
CA GLU D 797 -35.35 -55.93 -5.53
C GLU D 797 -35.70 -54.53 -5.04
N GLY D 798 -36.86 -54.01 -5.39
CA GLY D 798 -37.31 -52.70 -4.93
C GLY D 798 -36.84 -51.49 -5.72
N THR D 799 -36.28 -51.69 -6.93
CA THR D 799 -35.81 -50.61 -7.79
C THR D 799 -36.88 -50.08 -8.75
N LEU D 800 -37.95 -50.85 -8.97
CA LEU D 800 -38.99 -50.55 -9.94
C LEU D 800 -40.30 -50.22 -9.21
N TRP D 801 -40.68 -48.93 -9.22
CA TRP D 801 -41.87 -48.44 -8.53
C TRP D 801 -42.78 -47.68 -9.48
N SER D 802 -44.07 -48.00 -9.45
CA SER D 802 -45.06 -47.24 -10.20
C SER D 802 -45.31 -45.91 -9.48
N PRO D 803 -45.70 -44.87 -10.21
CA PRO D 803 -45.82 -43.54 -9.61
C PRO D 803 -47.08 -43.42 -8.75
N GLY D 804 -47.09 -42.39 -7.90
CA GLY D 804 -48.24 -42.10 -7.09
C GLY D 804 -48.62 -40.63 -7.11
N ILE D 805 -49.86 -40.35 -6.71
CA ILE D 805 -50.36 -38.99 -6.59
C ILE D 805 -51.14 -38.90 -5.29
N ARG D 806 -50.65 -38.10 -4.33
CA ARG D 806 -51.41 -37.74 -3.13
C ARG D 806 -52.32 -36.55 -3.39
N ASP D 807 -53.51 -36.60 -2.82
CA ASP D 807 -54.40 -35.46 -2.86
C ASP D 807 -54.50 -34.81 -1.47
N ASN D 808 -54.79 -33.51 -1.46
CA ASN D 808 -55.07 -32.73 -0.25
C ASN D 808 -53.86 -32.60 0.67
N VAL D 809 -52.68 -32.45 0.06
CA VAL D 809 -51.48 -32.11 0.80
C VAL D 809 -51.59 -30.68 1.28
N ARG D 810 -51.43 -30.47 2.62
CA ARG D 810 -51.64 -29.19 3.26
C ARG D 810 -50.33 -28.46 3.48
N PRO D 811 -50.35 -27.12 3.59
CA PRO D 811 -49.11 -26.38 3.87
C PRO D 811 -48.55 -26.73 5.24
N GLY D 812 -47.24 -26.97 5.30
CA GLY D 812 -46.59 -27.33 6.54
C GLY D 812 -46.55 -28.81 6.84
N SER D 813 -47.39 -29.61 6.18
CA SER D 813 -47.37 -31.06 6.32
C SER D 813 -46.00 -31.62 5.92
N TRP D 814 -45.77 -32.91 6.21
CA TRP D 814 -44.46 -33.50 5.98
C TRP D 814 -44.07 -33.46 4.51
N PHE D 815 -44.98 -33.88 3.61
CA PHE D 815 -44.67 -33.96 2.18
C PHE D 815 -44.55 -32.57 1.56
N HIS D 816 -45.09 -31.53 2.21
CA HIS D 816 -44.91 -30.21 1.67
C HIS D 816 -43.47 -29.74 1.76
N THR D 817 -42.72 -30.21 2.77
CA THR D 817 -41.42 -29.66 3.13
C THR D 817 -40.30 -30.69 3.14
N HIS D 818 -40.50 -31.84 2.50
CA HIS D 818 -39.48 -32.88 2.43
C HIS D 818 -39.38 -33.39 1.00
N GLU D 819 -38.22 -33.22 0.39
CA GLU D 819 -38.01 -33.72 -0.95
C GLU D 819 -37.76 -35.22 -0.88
N CYS D 820 -38.66 -35.99 -1.51
CA CYS D 820 -38.47 -37.43 -1.50
C CYS D 820 -37.54 -37.91 -2.60
N PHE D 821 -37.34 -37.13 -3.67
CA PHE D 821 -36.45 -37.57 -4.75
C PHE D 821 -36.94 -38.90 -5.34
N GLY D 822 -38.24 -38.97 -5.65
CA GLY D 822 -38.83 -40.18 -6.18
C GLY D 822 -40.16 -39.96 -6.86
N PRO D 823 -40.81 -41.02 -7.23
CA PRO D 823 -41.98 -40.94 -8.13
C PRO D 823 -43.29 -40.61 -7.42
N VAL D 824 -43.32 -39.48 -6.73
CA VAL D 824 -44.49 -39.08 -5.94
C VAL D 824 -44.78 -37.61 -6.16
N LEU D 825 -46.00 -37.31 -6.55
CA LEU D 825 -46.49 -35.95 -6.75
C LEU D 825 -47.61 -35.69 -5.77
N GLY D 826 -47.63 -34.52 -5.16
CA GLY D 826 -48.69 -34.14 -4.23
C GLY D 826 -49.48 -32.97 -4.77
N ILE D 827 -50.80 -33.00 -4.56
CA ILE D 827 -51.68 -31.93 -4.99
C ILE D 827 -52.06 -31.11 -3.78
N MET D 828 -51.88 -29.80 -3.88
CA MET D 828 -52.37 -28.87 -2.88
C MET D 828 -53.50 -28.04 -3.49
N HIS D 829 -54.51 -27.79 -2.68
CA HIS D 829 -55.67 -27.02 -3.11
C HIS D 829 -55.66 -25.65 -2.44
N ALA D 830 -55.50 -24.61 -3.25
CA ALA D 830 -55.39 -23.24 -2.77
C ALA D 830 -56.62 -22.43 -3.14
N GLU D 831 -56.98 -21.48 -2.26
CA GLU D 831 -58.17 -20.66 -2.48
C GLU D 831 -57.91 -19.50 -3.43
N SER D 832 -56.65 -19.12 -3.63
CA SER D 832 -56.33 -17.96 -4.44
C SER D 832 -54.91 -18.14 -4.92
N LEU D 833 -54.58 -17.45 -6.02
CA LEU D 833 -53.21 -17.47 -6.52
C LEU D 833 -52.24 -16.98 -5.45
N GLU D 834 -52.60 -15.90 -4.74
CA GLU D 834 -51.69 -15.32 -3.75
C GLU D 834 -51.32 -16.34 -2.70
N GLN D 835 -52.28 -17.19 -2.31
CA GLN D 835 -52.00 -18.25 -1.35
C GLN D 835 -51.11 -19.33 -1.96
N ALA D 836 -51.38 -19.73 -3.20
CA ALA D 836 -50.54 -20.73 -3.83
C ALA D 836 -49.08 -20.27 -3.88
N ILE D 837 -48.85 -18.98 -4.12
CA ILE D 837 -47.48 -18.45 -4.09
C ILE D 837 -46.92 -18.50 -2.67
N GLU D 838 -47.75 -18.19 -1.69
CA GLU D 838 -47.28 -18.32 -0.32
C GLU D 838 -46.81 -19.75 -0.04
N TRP D 839 -47.59 -20.73 -0.49
CA TRP D 839 -47.27 -22.13 -0.26
C TRP D 839 -46.03 -22.57 -1.05
N GLN D 840 -45.95 -22.20 -2.33
CA GLN D 840 -44.79 -22.56 -3.15
C GLN D 840 -43.48 -22.03 -2.54
N ASN D 841 -43.52 -20.85 -1.92
CA ASN D 841 -42.33 -20.19 -1.36
C ASN D 841 -41.91 -20.69 0.01
N SER D 842 -42.71 -21.54 0.66
CA SER D 842 -42.46 -21.96 2.03
C SER D 842 -42.12 -23.45 2.16
N THR D 843 -41.52 -24.05 1.15
CA THR D 843 -41.05 -25.42 1.29
C THR D 843 -39.75 -25.49 2.08
N GLY D 844 -39.06 -24.36 2.20
CA GLY D 844 -37.68 -24.29 2.63
C GLY D 844 -36.69 -24.19 1.49
N PHE D 845 -37.13 -24.54 0.28
CA PHE D 845 -36.27 -24.57 -0.90
C PHE D 845 -36.67 -23.49 -1.90
N GLY D 846 -35.77 -23.20 -2.85
CA GLY D 846 -36.10 -22.30 -3.95
C GLY D 846 -35.33 -22.59 -5.23
N LEU D 847 -35.42 -23.82 -5.74
CA LEU D 847 -34.68 -24.22 -6.93
C LEU D 847 -35.49 -23.95 -8.19
N THR D 848 -36.44 -24.82 -8.53
CA THR D 848 -37.27 -24.60 -9.69
C THR D 848 -38.71 -24.39 -9.28
N GLY D 849 -39.47 -23.81 -10.21
CA GLY D 849 -40.89 -23.55 -9.96
C GLY D 849 -41.58 -23.04 -11.20
N GLY D 850 -42.85 -23.35 -11.35
CA GLY D 850 -43.58 -22.95 -12.53
C GLY D 850 -45.00 -22.54 -12.22
N ILE D 851 -45.57 -21.81 -13.15
CA ILE D 851 -46.99 -21.49 -13.15
C ILE D 851 -47.52 -21.83 -14.53
N HIS D 852 -48.74 -22.30 -14.57
CA HIS D 852 -49.48 -22.51 -15.81
C HIS D 852 -50.70 -21.62 -15.74
N SER D 853 -50.75 -20.63 -16.64
CA SER D 853 -51.86 -19.70 -16.74
C SER D 853 -51.74 -18.92 -18.04
N LEU D 854 -52.87 -18.77 -18.74
CA LEU D 854 -52.93 -17.91 -19.92
C LEU D 854 -53.36 -16.47 -19.60
N ASP D 855 -53.54 -16.13 -18.32
CA ASP D 855 -53.88 -14.79 -17.86
C ASP D 855 -52.60 -14.02 -17.58
N GLU D 856 -52.45 -12.85 -18.23
CA GLU D 856 -51.19 -12.09 -18.18
C GLU D 856 -50.93 -11.48 -16.81
N ASP D 857 -51.97 -11.00 -16.13
CA ASP D 857 -51.75 -10.36 -14.83
C ASP D 857 -51.29 -11.39 -13.80
N GLU D 858 -51.90 -12.58 -13.79
CA GLU D 858 -51.49 -13.65 -12.90
C GLU D 858 -50.03 -14.02 -13.12
N VAL D 859 -49.63 -14.05 -14.39
CA VAL D 859 -48.27 -14.43 -14.74
C VAL D 859 -47.29 -13.34 -14.35
N GLU D 860 -47.68 -12.06 -14.47
CA GLU D 860 -46.77 -11.00 -14.06
C GLU D 860 -46.63 -10.98 -12.54
N LEU D 861 -47.73 -11.17 -11.82
CA LEU D 861 -47.67 -11.29 -10.37
C LEU D 861 -46.76 -12.44 -9.97
N TRP D 862 -46.97 -13.62 -10.58
CA TRP D 862 -46.15 -14.78 -10.24
C TRP D 862 -44.67 -14.53 -10.51
N LYS D 863 -44.34 -13.94 -11.67
CA LYS D 863 -42.94 -13.65 -12.01
C LYS D 863 -42.27 -12.77 -10.97
N GLU D 864 -43.03 -11.88 -10.33
CA GLU D 864 -42.43 -10.96 -9.37
C GLU D 864 -42.34 -11.56 -7.97
N LYS D 865 -43.25 -12.46 -7.60
CA LYS D 865 -43.33 -12.90 -6.20
C LYS D 865 -42.73 -14.28 -5.96
N VAL D 866 -42.56 -15.10 -7.00
CA VAL D 866 -42.10 -16.47 -6.76
C VAL D 866 -40.62 -16.46 -6.43
N GLU D 867 -40.21 -17.32 -5.50
CA GLU D 867 -38.88 -17.23 -4.94
C GLU D 867 -38.13 -18.52 -5.29
N VAL D 868 -37.80 -18.64 -6.57
CA VAL D 868 -37.03 -19.75 -7.11
C VAL D 868 -35.97 -19.22 -8.08
N GLY D 869 -34.88 -19.98 -8.21
CA GLY D 869 -33.80 -19.59 -9.08
C GLY D 869 -34.15 -19.85 -10.54
N ASN D 870 -34.85 -20.94 -10.80
CA ASN D 870 -35.28 -21.29 -12.14
C ASN D 870 -36.80 -21.26 -12.18
N ALA D 871 -37.33 -20.20 -12.79
CA ALA D 871 -38.76 -20.01 -13.01
C ALA D 871 -39.11 -20.34 -14.45
N TYR D 872 -40.24 -21.02 -14.63
CA TYR D 872 -40.76 -21.42 -15.93
C TYR D 872 -42.24 -21.04 -16.00
N ILE D 873 -42.69 -20.61 -17.16
CA ILE D 873 -44.06 -20.19 -17.35
C ILE D 873 -44.65 -20.98 -18.51
N ASN D 874 -45.71 -21.73 -18.22
CA ASN D 874 -46.43 -22.56 -19.20
C ASN D 874 -45.51 -23.55 -19.94
N ARG D 875 -44.63 -24.19 -19.18
CA ARG D 875 -43.86 -25.32 -19.68
C ARG D 875 -43.37 -26.10 -18.47
N GLY D 876 -42.71 -27.21 -18.74
CA GLY D 876 -42.16 -28.02 -17.67
C GLY D 876 -41.04 -27.31 -16.95
N ILE D 877 -40.76 -27.75 -15.71
CA ILE D 877 -39.77 -27.10 -14.88
C ILE D 877 -38.46 -27.87 -14.85
N THR D 878 -38.30 -28.86 -15.75
CA THR D 878 -37.09 -29.67 -15.82
C THR D 878 -36.43 -29.52 -17.20
N GLY D 879 -35.21 -30.05 -17.35
CA GLY D 879 -34.56 -30.02 -18.64
C GLY D 879 -33.84 -28.75 -19.00
N ALA D 880 -33.25 -28.06 -18.02
CA ALA D 880 -32.61 -26.78 -18.27
C ALA D 880 -31.44 -26.96 -19.21
N ILE D 881 -31.42 -26.15 -20.26
CA ILE D 881 -30.42 -26.25 -21.31
C ILE D 881 -29.41 -25.13 -21.08
N VAL D 882 -28.13 -25.49 -21.15
CA VAL D 882 -27.01 -24.58 -20.96
C VAL D 882 -27.23 -23.25 -21.69
N GLN D 883 -26.99 -22.14 -20.98
CA GLN D 883 -27.12 -20.77 -21.46
C GLN D 883 -28.56 -20.31 -21.67
N ARG D 884 -29.44 -21.18 -22.15
CA ARG D 884 -30.86 -20.85 -22.21
C ARG D 884 -31.45 -20.67 -20.82
N GLN D 885 -31.25 -21.66 -19.96
CA GLN D 885 -31.70 -21.63 -18.57
C GLN D 885 -30.49 -21.98 -17.72
N PRO D 886 -29.68 -20.98 -17.37
CA PRO D 886 -28.68 -21.18 -16.32
C PRO D 886 -29.35 -21.76 -15.08
N PHE D 887 -28.69 -22.73 -14.45
CA PHE D 887 -29.35 -23.55 -13.46
C PHE D 887 -28.69 -23.42 -12.09
N GLY D 888 -29.52 -23.20 -11.06
CA GLY D 888 -29.07 -23.05 -9.69
C GLY D 888 -30.13 -22.43 -8.79
N GLY D 889 -30.12 -22.73 -7.48
CA GLY D 889 -31.23 -22.40 -6.61
C GLY D 889 -30.94 -21.35 -5.55
N TRP D 890 -32.00 -20.99 -4.83
CA TRP D 890 -31.96 -20.12 -3.66
C TRP D 890 -32.26 -20.97 -2.41
N LYS D 891 -32.15 -20.34 -1.24
CA LYS D 891 -32.54 -20.96 0.04
C LYS D 891 -31.77 -22.26 0.26
N ASN D 892 -32.43 -23.37 0.57
CA ASN D 892 -31.76 -24.64 0.86
C ASN D 892 -31.32 -25.38 -0.37
N SER D 893 -31.59 -24.85 -1.57
CA SER D 893 -31.17 -25.58 -2.76
C SER D 893 -29.71 -25.32 -3.10
N SER D 894 -29.09 -24.27 -2.55
CA SER D 894 -27.74 -23.87 -2.93
C SER D 894 -26.91 -23.59 -1.68
N VAL D 895 -25.61 -23.87 -1.76
CA VAL D 895 -24.64 -23.39 -0.78
C VAL D 895 -23.53 -22.61 -1.48
N GLY D 896 -23.29 -21.41 -1.02
CA GLY D 896 -22.24 -20.56 -1.54
C GLY D 896 -22.80 -19.28 -2.10
N VAL D 897 -21.91 -18.50 -2.70
CA VAL D 897 -22.31 -17.26 -3.36
C VAL D 897 -23.34 -17.56 -4.44
N GLY D 898 -23.20 -18.71 -5.11
CA GLY D 898 -24.30 -19.26 -5.86
C GLY D 898 -24.48 -18.86 -7.30
N ALA D 899 -23.41 -18.68 -8.05
CA ALA D 899 -23.64 -18.50 -9.48
C ALA D 899 -24.17 -19.78 -10.07
N LYS D 900 -25.00 -19.63 -11.10
CA LYS D 900 -25.65 -20.74 -11.78
C LYS D 900 -24.69 -21.47 -12.71
N ALA D 901 -24.70 -22.78 -12.67
CA ALA D 901 -24.03 -23.54 -13.71
C ALA D 901 -24.67 -23.24 -15.06
N GLY D 902 -23.83 -23.22 -16.09
CA GLY D 902 -24.33 -22.80 -17.37
C GLY D 902 -24.75 -21.37 -17.47
N GLY D 903 -24.26 -20.51 -16.57
CA GLY D 903 -24.50 -19.08 -16.66
C GLY D 903 -23.19 -18.32 -16.67
N PRO D 904 -23.23 -16.99 -16.89
CA PRO D 904 -21.99 -16.26 -17.18
C PRO D 904 -21.05 -16.07 -16.01
N ASN D 905 -21.48 -16.32 -14.78
CA ASN D 905 -20.66 -15.99 -13.62
C ASN D 905 -20.02 -17.20 -12.95
N TYR D 906 -20.25 -18.41 -13.46
CA TYR D 906 -19.86 -19.62 -12.76
C TYR D 906 -18.35 -19.82 -12.75
N VAL D 907 -17.73 -19.88 -13.93
CA VAL D 907 -16.29 -20.04 -13.98
C VAL D 907 -15.59 -19.03 -13.06
N ALA D 908 -16.02 -17.77 -13.12
CA ALA D 908 -15.41 -16.68 -12.34
C ALA D 908 -15.47 -16.88 -10.81
N GLN D 909 -16.22 -17.85 -10.31
CA GLN D 909 -16.15 -18.15 -8.88
C GLN D 909 -14.92 -18.96 -8.50
N LEU D 910 -14.30 -19.64 -9.46
CA LEU D 910 -13.29 -20.64 -9.13
C LEU D 910 -11.90 -20.02 -9.05
N GLY D 911 -11.87 -18.92 -8.28
CA GLY D 911 -10.64 -18.17 -8.08
C GLY D 911 -10.93 -16.98 -7.21
N THR D 912 -10.07 -15.98 -7.29
CA THR D 912 -10.23 -14.76 -6.50
C THR D 912 -9.98 -13.54 -7.38
N TRP D 913 -10.62 -12.42 -7.03
CA TRP D 913 -10.52 -11.16 -7.77
C TRP D 913 -9.87 -10.05 -6.93
N GLU D 914 -9.16 -9.15 -7.61
CA GLU D 914 -8.54 -8.01 -6.96
C GLU D 914 -8.76 -6.74 -7.79
N ASP D 915 -8.91 -5.61 -7.09
CA ASP D 915 -8.94 -4.34 -7.80
C ASP D 915 -7.60 -4.12 -8.50
N ILE D 916 -7.64 -3.50 -9.67
CA ILE D 916 -6.40 -3.05 -10.31
C ILE D 916 -6.47 -1.55 -10.51
N GLU D 917 -5.31 -0.95 -10.77
CA GLU D 917 -5.30 0.47 -11.08
C GLU D 917 -5.81 0.61 -12.50
N SER D 918 -6.81 1.48 -12.68
CA SER D 918 -7.37 1.71 -14.02
C SER D 918 -8.04 3.06 -14.01
N ASP D 919 -8.33 3.56 -15.21
CA ASP D 919 -9.06 4.80 -15.35
C ASP D 919 -10.54 4.53 -15.55
N VAL D 920 -11.36 5.21 -14.78
CA VAL D 920 -12.81 5.10 -14.84
C VAL D 920 -13.34 6.08 -15.88
N PRO D 921 -14.24 5.66 -16.75
CA PRO D 921 -14.81 6.58 -17.74
C PRO D 921 -15.77 7.56 -17.08
N SER D 922 -16.16 8.58 -17.84
CA SER D 922 -17.11 9.58 -17.35
C SER D 922 -18.50 8.97 -17.29
N VAL D 923 -19.03 8.76 -16.08
CA VAL D 923 -20.43 8.35 -15.93
C VAL D 923 -21.10 9.16 -14.85
N SER D 924 -22.35 9.51 -15.09
CA SER D 924 -23.16 10.27 -14.14
C SER D 924 -23.62 9.39 -12.98
N LEU D 925 -23.76 10.02 -11.81
CA LEU D 925 -24.19 9.38 -10.57
C LEU D 925 -25.39 10.10 -9.97
N PRO D 926 -26.43 9.39 -9.53
CA PRO D 926 -27.44 10.02 -8.69
C PRO D 926 -26.81 10.50 -7.41
N PRO D 927 -27.29 11.62 -6.85
CA PRO D 927 -26.50 12.30 -5.81
C PRO D 927 -26.48 11.55 -4.49
N ALA D 928 -27.47 10.72 -4.21
CA ALA D 928 -27.46 9.95 -2.97
C ALA D 928 -26.20 9.12 -2.86
N TYR D 929 -25.64 8.69 -3.98
CA TYR D 929 -24.41 7.92 -3.92
C TYR D 929 -23.21 8.81 -3.59
N ARG D 930 -23.12 9.99 -4.22
CA ARG D 930 -21.95 10.83 -3.97
C ARG D 930 -21.96 11.34 -2.54
N GLU D 931 -23.15 11.43 -1.93
CA GLU D 931 -23.25 11.72 -0.51
C GLU D 931 -22.45 10.71 0.33
N LEU D 932 -22.41 9.46 -0.09
CA LEU D 932 -21.62 8.46 0.61
C LEU D 932 -20.18 8.41 0.16
N ALA D 933 -19.90 8.72 -1.10
CA ALA D 933 -18.54 8.59 -1.63
C ALA D 933 -17.72 9.80 -1.17
N ASN D 934 -17.07 9.65 -0.01
CA ASN D 934 -16.21 10.68 0.57
C ASN D 934 -14.75 10.26 0.57
N THR D 935 -14.38 9.27 -0.24
CA THR D 935 -13.01 8.81 -0.36
C THR D 935 -12.69 8.57 -1.82
N GLU D 936 -11.39 8.57 -2.13
CA GLU D 936 -10.91 8.03 -3.39
C GLU D 936 -11.59 6.69 -3.67
N PHE D 937 -11.47 5.76 -2.73
CA PHE D 937 -11.97 4.40 -2.89
C PHE D 937 -13.49 4.38 -3.06
N LEU D 938 -14.21 5.16 -2.27
CA LEU D 938 -15.66 5.13 -2.37
C LEU D 938 -16.15 5.81 -3.65
N LYS D 939 -15.46 6.85 -4.09
CA LYS D 939 -15.82 7.44 -5.38
C LYS D 939 -15.55 6.46 -6.52
N ARG D 940 -14.48 5.68 -6.42
CA ARG D 940 -14.20 4.72 -7.48
C ARG D 940 -15.22 3.59 -7.48
N ALA D 941 -15.64 3.14 -6.29
CA ALA D 941 -16.62 2.07 -6.20
C ALA D 941 -18.01 2.55 -6.62
N ALA D 942 -18.35 3.80 -6.31
CA ALA D 942 -19.63 4.34 -6.75
C ALA D 942 -19.73 4.39 -8.26
N ALA D 943 -18.62 4.74 -8.92
CA ALA D 943 -18.61 4.82 -10.38
C ALA D 943 -18.68 3.43 -10.99
N LEU D 944 -17.91 2.50 -10.44
CA LEU D 944 -17.91 1.15 -10.97
C LEU D 944 -19.24 0.43 -10.73
N ASP D 945 -19.94 0.73 -9.63
CA ASP D 945 -21.29 0.21 -9.45
C ASP D 945 -22.21 0.69 -10.56
N GLU D 946 -22.16 1.99 -10.86
CA GLU D 946 -23.00 2.52 -11.93
C GLU D 946 -22.75 1.79 -13.24
N ILE D 947 -21.47 1.64 -13.62
CA ILE D 947 -21.12 1.00 -14.89
C ILE D 947 -21.58 -0.45 -14.92
N ALA D 948 -21.29 -1.18 -13.83
CA ALA D 948 -21.75 -2.56 -13.75
C ALA D 948 -23.27 -2.64 -13.80
N TRP D 949 -23.96 -1.69 -13.18
CA TRP D 949 -25.42 -1.77 -13.22
C TRP D 949 -25.93 -1.58 -14.64
N ARG D 950 -25.36 -0.61 -15.37
CA ARG D 950 -25.76 -0.39 -16.76
C ARG D 950 -25.42 -1.58 -17.65
N THR D 951 -24.29 -2.26 -17.37
CA THR D 951 -23.78 -3.30 -18.25
C THR D 951 -24.51 -4.63 -18.07
N GLU D 952 -24.68 -5.06 -16.83
CA GLU D 952 -25.11 -6.42 -16.57
C GLU D 952 -26.30 -6.40 -15.62
N PHE D 953 -26.08 -5.93 -14.39
CA PHE D 953 -26.97 -6.28 -13.28
C PHE D 953 -28.34 -5.65 -13.40
N GLY D 954 -28.44 -4.47 -13.98
CA GLY D 954 -29.76 -3.92 -14.15
C GLY D 954 -30.53 -4.39 -15.38
N VAL D 955 -29.99 -5.33 -16.16
CA VAL D 955 -30.57 -5.72 -17.44
C VAL D 955 -31.19 -7.11 -17.39
N GLU D 956 -32.36 -7.28 -18.02
CA GLU D 956 -32.91 -8.60 -18.28
C GLU D 956 -32.40 -9.10 -19.62
N GLN D 957 -31.65 -10.19 -19.60
CA GLN D 957 -30.84 -10.58 -20.75
C GLN D 957 -31.29 -11.90 -21.33
N ASP D 958 -31.75 -11.87 -22.58
CA ASP D 958 -32.11 -13.09 -23.28
C ASP D 958 -30.96 -13.39 -24.25
N PHE D 959 -30.04 -14.27 -23.81
CA PHE D 959 -28.85 -14.59 -24.60
C PHE D 959 -29.19 -15.42 -25.84
N THR D 960 -30.29 -16.18 -25.82
CA THR D 960 -30.54 -17.18 -26.84
C THR D 960 -31.47 -16.72 -27.95
N GLY D 961 -32.44 -15.87 -27.66
CA GLY D 961 -33.20 -15.20 -28.71
C GLY D 961 -34.11 -16.07 -29.55
N LEU D 962 -34.58 -17.19 -29.01
CA LEU D 962 -35.54 -18.06 -29.66
C LEU D 962 -36.86 -17.34 -29.88
N ARG D 963 -37.54 -17.66 -30.99
CA ARG D 963 -38.85 -17.10 -31.27
C ARG D 963 -39.91 -17.64 -30.32
N CYS D 964 -39.92 -18.95 -30.10
CA CYS D 964 -41.02 -19.64 -29.43
C CYS D 964 -40.89 -19.66 -27.91
N GLU D 965 -39.75 -19.22 -27.36
CA GLU D 965 -39.49 -19.32 -25.93
C GLU D 965 -38.61 -18.14 -25.52
N SER D 966 -39.15 -17.30 -24.66
CA SER D 966 -38.42 -16.22 -24.00
C SER D 966 -37.59 -16.79 -22.85
N ASN D 967 -36.27 -16.63 -22.92
CA ASN D 967 -35.37 -17.15 -21.89
C ASN D 967 -34.51 -16.02 -21.34
N VAL D 968 -34.88 -15.55 -20.15
CA VAL D 968 -34.34 -14.35 -19.54
C VAL D 968 -33.41 -14.70 -18.39
N PHE D 969 -32.29 -13.99 -18.32
CA PHE D 969 -31.31 -14.11 -17.25
C PHE D 969 -31.22 -12.76 -16.56
N ARG D 970 -31.58 -12.70 -15.29
CA ARG D 970 -31.67 -11.43 -14.58
C ARG D 970 -31.18 -11.61 -13.16
N TYR D 971 -30.91 -10.49 -12.50
CA TYR D 971 -30.44 -10.48 -11.12
C TYR D 971 -31.53 -9.93 -10.21
N ARG D 972 -31.79 -10.61 -9.12
CA ARG D 972 -32.77 -10.15 -8.14
C ARG D 972 -32.06 -9.71 -6.87
N PRO D 973 -32.60 -8.75 -6.14
CA PRO D 973 -31.88 -8.26 -4.96
C PRO D 973 -31.91 -9.25 -3.80
N LEU D 974 -30.74 -9.47 -3.21
CA LEU D 974 -30.62 -10.16 -1.94
C LEU D 974 -31.27 -9.34 -0.86
N GLU D 975 -32.19 -9.96 -0.11
CA GLU D 975 -32.99 -9.22 0.87
C GLU D 975 -32.15 -8.70 2.03
N THR D 976 -31.32 -9.56 2.63
CA THR D 976 -30.57 -9.21 3.83
C THR D 976 -29.14 -9.69 3.69
N LEU D 977 -28.19 -8.79 3.99
CA LEU D 977 -26.77 -9.10 4.05
C LEU D 977 -26.24 -8.85 5.45
N TYR D 978 -25.60 -9.87 6.02
CA TYR D 978 -24.96 -9.74 7.32
C TYR D 978 -23.50 -9.32 7.16
N VAL D 979 -23.04 -8.45 8.05
CA VAL D 979 -21.71 -7.88 7.96
C VAL D 979 -20.98 -8.16 9.26
N VAL D 980 -19.77 -8.74 9.17
CA VAL D 980 -18.96 -8.98 10.36
C VAL D 980 -17.64 -8.22 10.22
N GLY D 981 -17.32 -7.41 11.22
CA GLY D 981 -16.16 -6.55 11.25
C GLY D 981 -16.54 -5.10 11.47
N ASP D 982 -15.51 -4.30 11.70
CA ASP D 982 -15.65 -2.86 11.94
C ASP D 982 -14.69 -2.15 11.00
N ASP D 983 -15.24 -1.38 10.08
CA ASP D 983 -14.40 -0.61 9.17
C ASP D 983 -15.29 0.41 8.47
N GLU D 984 -15.22 1.68 8.88
CA GLU D 984 -16.18 2.66 8.37
C GLU D 984 -16.10 2.76 6.85
N GLU D 985 -14.88 2.77 6.30
CA GLU D 985 -14.73 2.94 4.85
C GLU D 985 -15.35 1.76 4.09
N GLN D 986 -14.98 0.53 4.46
CA GLN D 986 -15.57 -0.63 3.80
C GLN D 986 -17.05 -0.72 4.07
N PHE D 987 -17.49 -0.41 5.28
CA PHE D 987 -18.92 -0.45 5.55
C PHE D 987 -19.67 0.56 4.69
N ASN D 988 -19.07 1.72 4.43
CA ASN D 988 -19.69 2.68 3.52
C ASN D 988 -19.73 2.14 2.09
N ARG D 989 -18.69 1.42 1.67
CA ARG D 989 -18.74 0.81 0.36
C ARG D 989 -19.92 -0.16 0.24
N LEU D 990 -20.17 -0.95 1.30
CA LEU D 990 -21.32 -1.84 1.27
C LEU D 990 -22.63 -1.07 1.34
N LYS D 991 -22.63 0.11 1.95
CA LYS D 991 -23.85 0.90 1.99
C LYS D 991 -24.20 1.41 0.60
N LEU D 992 -23.17 1.79 -0.18
CA LEU D 992 -23.37 2.16 -1.57
C LEU D 992 -24.10 1.09 -2.34
N ALA D 993 -23.57 -0.13 -2.30
CA ALA D 993 -24.19 -1.27 -2.98
C ALA D 993 -25.61 -1.50 -2.50
N ALA D 994 -25.83 -1.42 -1.19
CA ALA D 994 -27.15 -1.70 -0.62
C ALA D 994 -28.17 -0.64 -1.00
N LEU D 995 -27.73 0.61 -1.18
CA LEU D 995 -28.65 1.66 -1.61
C LEU D 995 -29.18 1.36 -2.99
N ARG D 996 -28.39 0.68 -3.81
CA ARG D 996 -28.71 0.39 -5.19
C ARG D 996 -29.48 -0.91 -5.34
N THR D 997 -29.22 -1.90 -4.49
CA THR D 997 -29.96 -3.14 -4.61
C THR D 997 -31.19 -3.20 -3.72
N GLY D 998 -31.28 -2.31 -2.72
CA GLY D 998 -32.31 -2.36 -1.72
C GLY D 998 -32.04 -3.28 -0.55
N THR D 999 -30.87 -3.92 -0.53
CA THR D 999 -30.53 -4.90 0.49
C THR D 999 -30.44 -4.23 1.86
N GLU D 1000 -30.81 -4.97 2.90
CA GLU D 1000 -30.66 -4.51 4.27
C GLU D 1000 -29.34 -5.02 4.83
N LEU D 1001 -28.54 -4.11 5.38
CA LEU D 1001 -27.31 -4.51 6.07
C LEU D 1001 -27.64 -4.73 7.54
N ARG D 1002 -27.21 -5.88 8.09
CA ARG D 1002 -27.32 -6.18 9.51
C ARG D 1002 -25.92 -6.50 10.04
N LYS D 1003 -25.43 -5.70 10.98
CA LYS D 1003 -24.14 -6.01 11.59
C LYS D 1003 -24.30 -7.20 12.53
N LEU D 1004 -23.29 -8.08 12.54
CA LEU D 1004 -23.36 -9.39 13.20
C LEU D 1004 -22.13 -9.57 14.07
N GLU D 1005 -22.34 -9.98 15.33
CA GLU D 1005 -21.26 -10.25 16.27
C GLU D 1005 -21.04 -11.76 16.40
N THR D 1006 -19.99 -12.13 17.13
CA THR D 1006 -19.77 -13.54 17.45
C THR D 1006 -20.87 -14.05 18.37
N HIS D 1007 -21.22 -15.32 18.21
CA HIS D 1007 -22.26 -15.97 19.00
C HIS D 1007 -23.62 -15.29 18.83
N GLU D 1008 -23.76 -14.38 17.87
CA GLU D 1008 -25.07 -13.86 17.49
C GLU D 1008 -25.62 -14.75 16.38
N TRP D 1009 -26.81 -15.28 16.59
CA TRP D 1009 -27.42 -16.19 15.63
C TRP D 1009 -27.73 -15.46 14.33
N PHE D 1010 -27.84 -16.25 13.26
CA PHE D 1010 -28.22 -15.79 11.93
C PHE D 1010 -28.94 -16.94 11.23
N PRO D 1011 -29.81 -16.65 10.27
CA PRO D 1011 -30.69 -17.69 9.71
C PRO D 1011 -29.92 -18.66 8.83
N PRO D 1012 -30.51 -19.82 8.53
CA PRO D 1012 -29.89 -20.70 7.54
C PRO D 1012 -29.83 -20.00 6.19
N HIS D 1013 -28.77 -20.29 5.43
CA HIS D 1013 -28.56 -19.81 4.06
C HIS D 1013 -28.32 -18.31 3.95
N SER D 1014 -27.86 -17.70 5.02
CA SER D 1014 -27.51 -16.29 5.02
C SER D 1014 -26.22 -16.08 4.24
N ARG D 1015 -26.01 -14.84 3.83
CA ARG D 1015 -24.71 -14.40 3.32
C ARG D 1015 -24.08 -13.46 4.33
N ILE D 1016 -22.82 -13.70 4.66
CA ILE D 1016 -22.12 -12.93 5.69
C ILE D 1016 -20.90 -12.30 5.07
N ARG D 1017 -20.87 -10.95 4.98
CA ARG D 1017 -19.77 -10.20 4.39
C ARG D 1017 -18.73 -9.82 5.42
N ALA D 1018 -17.48 -10.12 5.14
CA ALA D 1018 -16.39 -9.82 6.05
C ALA D 1018 -15.76 -8.50 5.67
N ILE D 1019 -15.68 -7.59 6.64
CA ILE D 1019 -14.97 -6.33 6.49
C ILE D 1019 -13.93 -6.20 7.59
N GLY D 1020 -12.86 -5.48 7.29
CA GLY D 1020 -11.83 -5.15 8.26
C GLY D 1020 -10.58 -6.00 8.14
N ASP D 1021 -9.64 -5.71 9.05
CA ASP D 1021 -8.33 -6.36 9.04
C ASP D 1021 -8.28 -7.61 9.88
N ALA D 1022 -9.25 -7.79 10.80
CA ALA D 1022 -9.27 -8.93 11.69
C ALA D 1022 -9.81 -10.16 10.97
N PRO D 1023 -9.43 -11.35 11.40
CA PRO D 1023 -10.06 -12.56 10.87
C PRO D 1023 -11.53 -12.58 11.21
N VAL D 1024 -12.26 -13.39 10.45
CA VAL D 1024 -13.61 -13.74 10.88
C VAL D 1024 -13.51 -14.64 12.10
N PRO D 1025 -14.29 -14.40 13.14
CA PRO D 1025 -14.29 -15.33 14.28
C PRO D 1025 -14.71 -16.75 13.87
N THR D 1026 -13.99 -17.74 14.40
CA THR D 1026 -14.18 -19.14 14.01
C THR D 1026 -15.62 -19.60 14.19
N THR D 1027 -16.28 -19.13 15.25
CA THR D 1027 -17.62 -19.60 15.53
C THR D 1027 -18.59 -19.28 14.40
N ILE D 1028 -18.39 -18.16 13.70
CA ILE D 1028 -19.26 -17.83 12.58
C ILE D 1028 -19.06 -18.82 11.43
N TYR D 1029 -17.80 -19.17 11.13
CA TYR D 1029 -17.55 -20.20 10.11
C TYR D 1029 -18.21 -21.52 10.49
N GLU D 1030 -18.08 -21.93 11.75
CA GLU D 1030 -18.63 -23.21 12.18
C GLU D 1030 -20.16 -23.21 12.12
N TRP D 1031 -20.78 -22.08 12.47
CA TRP D 1031 -22.23 -22.01 12.40
C TRP D 1031 -22.70 -21.91 10.98
N ALA D 1032 -21.94 -21.19 10.14
CA ALA D 1032 -22.26 -21.10 8.73
C ALA D 1032 -22.29 -22.48 8.11
N ALA D 1033 -21.33 -23.33 8.48
CA ALA D 1033 -21.30 -24.67 7.92
C ALA D 1033 -22.49 -25.51 8.38
N LEU D 1034 -23.02 -25.27 9.58
CA LEU D 1034 -24.18 -26.05 10.05
C LEU D 1034 -25.47 -25.64 9.35
N ASN D 1035 -25.71 -24.35 9.13
CA ASN D 1035 -26.96 -23.92 8.56
C ASN D 1035 -26.83 -23.50 7.09
N GLY D 1036 -25.76 -23.93 6.42
CA GLY D 1036 -25.62 -23.67 5.00
C GLY D 1036 -25.50 -22.22 4.57
N SER D 1037 -25.03 -21.33 5.45
CA SER D 1037 -24.72 -19.94 5.10
C SER D 1037 -23.31 -19.89 4.50
N VAL D 1038 -22.94 -18.72 3.96
CA VAL D 1038 -21.63 -18.53 3.35
C VAL D 1038 -20.94 -17.27 3.86
N VAL D 1039 -19.71 -17.43 4.35
CA VAL D 1039 -18.93 -16.30 4.82
C VAL D 1039 -18.12 -15.78 3.64
N ILE D 1040 -18.47 -14.60 3.14
CA ILE D 1040 -17.76 -13.94 2.03
C ILE D 1040 -16.62 -13.13 2.65
N ASP D 1041 -15.41 -13.68 2.59
CA ASP D 1041 -14.30 -13.18 3.41
C ASP D 1041 -13.13 -12.65 2.58
N GLY D 1042 -13.32 -12.44 1.28
CA GLY D 1042 -12.31 -11.81 0.47
C GLY D 1042 -12.26 -10.31 0.71
N PRO D 1043 -11.27 -9.67 0.10
CA PRO D 1043 -11.20 -8.21 0.19
C PRO D 1043 -12.43 -7.58 -0.44
N VAL D 1044 -12.86 -6.45 0.14
CA VAL D 1044 -13.95 -5.67 -0.42
C VAL D 1044 -13.45 -4.95 -1.67
N LEU D 1045 -14.07 -5.22 -2.83
CA LEU D 1045 -13.61 -4.66 -4.10
C LEU D 1045 -14.37 -3.39 -4.44
N ALA D 1046 -13.65 -2.40 -4.95
CA ALA D 1046 -14.32 -1.26 -5.55
C ALA D 1046 -15.12 -1.68 -6.78
N ASP D 1047 -14.57 -2.60 -7.58
CA ASP D 1047 -15.22 -2.99 -8.83
C ASP D 1047 -16.53 -3.69 -8.50
N GLY D 1048 -17.64 -2.98 -8.71
CA GLY D 1048 -18.96 -3.54 -8.49
C GLY D 1048 -19.29 -4.68 -9.43
N ARG D 1049 -18.61 -4.74 -10.59
CA ARG D 1049 -18.79 -5.90 -11.45
C ARG D 1049 -18.51 -7.18 -10.69
N ARG D 1050 -17.64 -7.13 -9.66
CA ARG D 1050 -17.43 -8.26 -8.76
C ARG D 1050 -18.20 -8.14 -7.45
N GLU D 1051 -18.15 -6.96 -6.80
CA GLU D 1051 -18.68 -6.83 -5.46
C GLU D 1051 -20.20 -6.94 -5.45
N LEU D 1052 -20.87 -6.41 -6.46
CA LEU D 1052 -22.33 -6.46 -6.46
C LEU D 1052 -22.90 -7.88 -6.55
N LEU D 1053 -22.11 -8.90 -6.91
CA LEU D 1053 -22.66 -10.25 -6.91
C LEU D 1053 -23.09 -10.66 -5.50
N HIS D 1054 -22.41 -10.13 -4.50
CA HIS D 1054 -22.74 -10.38 -3.11
C HIS D 1054 -24.09 -9.81 -2.69
N PHE D 1055 -24.67 -8.91 -3.50
CA PHE D 1055 -25.93 -8.29 -3.18
C PHE D 1055 -27.08 -8.77 -4.08
N LEU D 1056 -26.85 -9.81 -4.89
CA LEU D 1056 -27.79 -10.21 -5.93
C LEU D 1056 -27.93 -11.73 -5.99
N LYS D 1057 -29.12 -12.16 -6.38
CA LYS D 1057 -29.43 -13.55 -6.64
C LYS D 1057 -29.75 -13.71 -8.11
N GLU D 1058 -29.05 -14.64 -8.78
CA GLU D 1058 -29.31 -14.86 -10.20
C GLU D 1058 -30.62 -15.61 -10.41
N GLN D 1059 -31.30 -15.33 -11.54
CA GLN D 1059 -32.58 -15.98 -11.82
C GLN D 1059 -32.80 -16.13 -13.32
N ALA D 1060 -33.30 -17.29 -13.72
CA ALA D 1060 -33.69 -17.55 -15.10
C ALA D 1060 -35.21 -17.62 -15.19
N VAL D 1061 -35.81 -16.82 -16.07
CA VAL D 1061 -37.26 -16.83 -16.25
C VAL D 1061 -37.56 -17.25 -17.68
N SER D 1062 -38.15 -18.43 -17.83
CA SER D 1062 -38.37 -19.05 -19.14
C SER D 1062 -39.86 -19.13 -19.44
N THR D 1063 -40.29 -18.49 -20.52
CA THR D 1063 -41.71 -18.33 -20.84
C THR D 1063 -41.99 -18.85 -22.25
N THR D 1064 -42.93 -19.80 -22.35
CA THR D 1064 -43.42 -20.22 -23.67
C THR D 1064 -44.03 -18.99 -24.36
N ASN D 1065 -43.67 -18.76 -25.63
CA ASN D 1065 -44.07 -17.53 -26.30
C ASN D 1065 -45.26 -17.70 -27.23
N HIS D 1066 -45.62 -18.93 -27.53
CA HIS D 1066 -46.62 -19.25 -28.54
C HIS D 1066 -47.85 -19.84 -27.88
N ARG D 1067 -48.97 -19.77 -28.60
CA ARG D 1067 -50.20 -20.46 -28.23
C ARG D 1067 -50.42 -21.53 -29.31
N PHE D 1068 -49.91 -22.73 -29.05
CA PHE D 1068 -49.89 -23.78 -30.06
C PHE D 1068 -49.21 -23.32 -31.34
N GLY D 1069 -48.11 -22.56 -31.19
CA GLY D 1069 -47.27 -22.16 -32.29
C GLY D 1069 -47.47 -20.74 -32.82
N TYR D 1070 -48.51 -20.03 -32.39
CA TYR D 1070 -48.87 -18.73 -32.94
C TYR D 1070 -48.34 -17.60 -32.06
N ILE D 1071 -47.58 -16.68 -32.67
CA ILE D 1071 -46.92 -15.60 -31.94
C ILE D 1071 -47.08 -14.27 -32.69
#